data_8VKL
#
_entry.id   8VKL
#
_cell.length_a   1.00
_cell.length_b   1.00
_cell.length_c   1.00
_cell.angle_alpha   90.00
_cell.angle_beta   90.00
_cell.angle_gamma   90.00
#
_symmetry.space_group_name_H-M   'P 1'
#
loop_
_entity.id
_entity.type
_entity.pdbx_description
1 polymer 'Spike glycoprotein'
2 polymer 'Angiotensin-converting enzyme 2'
3 branched 2-acetamido-2-deoxy-beta-D-glucopyranose-(1-4)-2-acetamido-2-deoxy-beta-D-glucopyranose
4 branched beta-D-mannopyranose-(1-4)-2-acetamido-2-deoxy-beta-D-glucopyranose-(1-4)-2-acetamido-2-deoxy-beta-D-glucopyranose
5 non-polymer 2-acetamido-2-deoxy-beta-D-glucopyranose
#
loop_
_entity_poly.entity_id
_entity_poly.type
_entity_poly.pdbx_seq_one_letter_code
_entity_poly.pdbx_strand_id
1 'polypeptide(L)'
;MFVFLVLLPLVSSQCVNLITRTQSYTNSFTRGVYYPDKVFRSSVLHSTQDLFLPFFSNVTWFHAIHVSGTNGTKRFDNPA
LPFNDGVYFASTEKSNIIRGWIFGTTLDSKTQSLLIVNNATNVVIKVCEFQFCNDPFLDVYQKNNKSWMESEFRVYSSAN
NCTFEYVSQPFLMDLEGKEGNFKNLREFVFKNIDGYFKIYSKHTPINLERDLPQGFSALEPLVDLPIGINITRFQTLLAL
HRSYLTPVDSSSGWTAGAAAYYVGYLQPRTFLLKYNENGTITDAVDCALDPLSETKCTLKSFTVEKGIYQTSNFRVQPTE
SIVRFPNITNLCPFHEVFNATTFASVYAWNRKRISNCVADYSVIYNFAPFFAFKCYGVSPTKLNDLCFTNVYADSFVIRG
NEVSQIAPGQTGNIADYNYKLPDDFTGCVIAWNSNKLDSKPSGNYNYLYRLFRKSKLKPFERDISTEIYQAGNKPCNGVA
GPNCYSPLQSYGFRPTYGVGHQPYRVVVLSFELLHAPATVCGPKKSTNLVKNKCVNFNFNGLTGTGVLTESNKKFLPFQQ
FGRDIADTTDAVRDPQTLEILDITPCSFGGVSVITPGTNTSNQVAVLYQGVNCTEVPVAIHADQLTPTWRVYSTGSNVFQ
TRAGCLIGAEYVNNSYECDIPIGAGICASYQTQTKSHGSASSVASQSIIAYTMSLGAENSVAYSNNSIAIPTNFTISVTT
EILPVSMTKTSVDCTMYICGDSTECSNLLLQYGSFCTQLKRALTGIAVEQDKNTQEVFAQVKQIYKTPPIKYFGGFNFSQ
ILPDPSKPSKRSPIEDLLFNKVTLADAGFIKQYGDCLGDIAARDLICAQKFNGLTVLPPLLTDEMIAQYTSALLAGTITS
GWTFGAGPALQIPFPMQMAYRFNGIGVTQNVLYENQKLIANQFNSAIGKIQDSLSSTPSALGKLQDVVNHNAQALNTLVK
QLSSKFGAISSVLNDILSRLDPPEAEVQIDRLITGRLQSLQTYVTQQLIRAAEIRASANLAATKMSECVLGQSKRVDFCG
KGYHLMSFPQSAPHGVVFLHVTYVPAQEKNFTTAPAICHDGKAHFPREGVFVSNGTHWFVTQRNFYEPQIITTDNTFVSG
NCDVVIGIVNNTVYDPLQPELDSFKEELDKYFKNHTSPDVDLGDISGINASVVNIQKEIDRLNEVAKNLNESLIDLQELG
KYEQGSGYIPEAPRDGQAYVRKDGEWVLLSTFLGRSLEVLFQGPGHHHHHHHHSAWSHPQFEKGGGSGGGGSGGSAWSHP
QFEK
;
A,B,C
2 'polypeptide(L)'
;MSSSSWLLLSLVAVTTAQSLTEENAKTFLNNFNQEAEDLSYQSSLASWNYNTNITEENAQKMSEAAAKWSAFYEEQSKTA
QSFSLQEIQTPIIKRQLQALQQSGSSALSADKNKQLNTILNTMSTIYSTGKVCNPKNPQECLLLEPGLDEIMATSTDYNS
RLWAWEGWRAEVGKQLRPLYEEYVVLKNEMARANNYNDYGDYWRGDYEAEGADGYNYNRNQLIEDVERTFAEIKPLYEHL
HAYVRRKLMDTYPSYISPTGCLPAHLLGDMWGRFWTNLYPLTVPFAQKPNIDVTDAMMNQGWDAERIFQEAEKFFVSVGL
PHMTQGFWANSMLTEPADGRKVVCHPTAWDLGHGDFRIKMCTKVTMDNFLTAHHEMGHIQYDMAYARQPFLLRNGANEGF
HEAVGEIMSLSAATPKHLKSIGLLPSDFQEDSETEINFLLKQALTIVGTLPFTYMLEKWRWMVFRGEIPKEQWMKKWWEM
KREIVGVVEPLPHDETYCDPASLFHVSNDYSFIRYYTRTIYQFQFQEALCQAAKYNGSLHKCDISNSTEAGQKLLKMLSL
GNSEPWTKALENVVGARNMDVKPLLNYFQPLFDWLKEQNRNSFVGWNTEWSPYADHHHHHH
;
D,F
#
loop_
_chem_comp.id
_chem_comp.type
_chem_comp.name
_chem_comp.formula
BMA D-saccharide, beta linking beta-D-mannopyranose 'C6 H12 O6'
NAG D-saccharide, beta linking 2-acetamido-2-deoxy-beta-D-glucopyranose 'C8 H15 N O6'
#
# COMPACT_ATOMS: atom_id res chain seq x y z
N GLN A 14 4.07 -15.92 -48.67
CA GLN A 14 5.27 -16.20 -49.44
C GLN A 14 6.38 -16.73 -48.53
N CYS A 15 6.00 -17.45 -47.49
CA CYS A 15 6.97 -17.95 -46.53
C CYS A 15 7.69 -19.16 -47.12
N VAL A 16 9.01 -19.05 -47.28
CA VAL A 16 9.83 -20.12 -47.84
C VAL A 16 10.98 -20.42 -46.88
N ASN A 17 11.33 -21.69 -46.77
CA ASN A 17 12.42 -22.12 -45.89
C ASN A 17 13.69 -22.21 -46.74
N LEU A 18 14.65 -21.33 -46.47
CA LEU A 18 15.85 -21.26 -47.29
C LEU A 18 17.15 -21.30 -46.51
N ILE A 19 17.14 -21.00 -45.22
CA ILE A 19 18.36 -20.85 -44.42
C ILE A 19 18.59 -22.10 -43.59
N THR A 20 19.81 -22.65 -43.64
CA THR A 20 20.19 -23.72 -42.73
C THR A 20 21.23 -23.14 -41.78
N ARG A 21 21.25 -23.64 -40.55
CA ARG A 21 22.12 -23.04 -39.54
C ARG A 21 22.88 -24.10 -38.77
N THR A 22 24.20 -23.90 -38.65
CA THR A 22 25.08 -24.73 -37.84
C THR A 22 25.60 -23.91 -36.67
N GLN A 23 25.99 -24.58 -35.61
CA GLN A 23 26.42 -23.87 -34.41
C GLN A 23 27.64 -24.52 -33.79
N SER A 24 28.55 -23.67 -33.31
CA SER A 24 29.77 -24.06 -32.61
C SER A 24 29.82 -23.26 -31.32
N TYR A 25 30.81 -23.55 -30.48
CA TYR A 25 30.93 -22.86 -29.20
C TYR A 25 32.30 -22.19 -29.09
N THR A 26 32.31 -20.95 -28.61
CA THR A 26 33.53 -20.18 -28.43
C THR A 26 33.51 -19.50 -27.06
N ASN A 27 34.57 -18.75 -26.80
CA ASN A 27 34.79 -18.08 -25.53
C ASN A 27 34.46 -16.60 -25.68
N SER A 28 33.81 -16.03 -24.67
CA SER A 28 33.42 -14.63 -24.72
C SER A 28 34.59 -13.68 -24.47
N PHE A 29 35.63 -14.14 -23.78
CA PHE A 29 36.79 -13.35 -23.32
C PHE A 29 36.25 -12.25 -22.41
N THR A 30 36.56 -10.98 -22.67
CA THR A 30 36.03 -9.87 -21.87
C THR A 30 35.09 -8.97 -22.68
N ARG A 31 34.43 -9.54 -23.69
CA ARG A 31 33.50 -8.75 -24.50
C ARG A 31 32.16 -8.61 -23.79
N GLY A 32 31.40 -7.60 -24.20
CA GLY A 32 30.03 -7.44 -23.74
C GLY A 32 29.80 -6.42 -22.66
N VAL A 33 30.81 -5.66 -22.26
CA VAL A 33 30.60 -4.64 -21.24
C VAL A 33 29.96 -3.43 -21.89
N TYR A 34 28.95 -2.87 -21.22
CA TYR A 34 28.25 -1.69 -21.69
C TYR A 34 28.12 -0.69 -20.56
N TYR A 35 27.73 0.53 -20.91
CA TYR A 35 27.50 1.55 -19.90
C TYR A 35 26.16 1.28 -19.22
N PRO A 36 26.14 0.99 -17.92
CA PRO A 36 24.88 0.58 -17.28
C PRO A 36 23.88 1.72 -17.12
N ASP A 37 24.32 2.96 -17.25
CA ASP A 37 23.44 4.11 -17.12
C ASP A 37 24.02 5.26 -17.95
N LYS A 38 23.38 6.41 -17.87
CA LYS A 38 23.76 7.59 -18.63
C LYS A 38 24.38 8.63 -17.70
N VAL A 39 25.17 8.16 -16.73
CA VAL A 39 25.76 9.03 -15.71
C VAL A 39 27.25 9.16 -16.00
N PHE A 40 27.73 10.40 -16.05
CA PHE A 40 29.15 10.66 -16.27
C PHE A 40 29.92 10.39 -14.99
N ARG A 41 30.90 9.49 -15.06
CA ARG A 41 31.81 9.23 -13.95
C ARG A 41 33.23 9.33 -14.49
N SER A 42 34.10 10.07 -13.80
CA SER A 42 35.45 10.26 -14.29
C SER A 42 36.47 9.88 -13.23
N SER A 43 37.42 9.00 -13.62
CA SER A 43 38.55 8.56 -12.76
C SER A 43 38.05 7.95 -11.45
N VAL A 44 37.08 7.05 -11.55
CA VAL A 44 36.53 6.37 -10.38
C VAL A 44 36.33 4.89 -10.65
N LEU A 45 36.15 4.13 -9.58
CA LEU A 45 35.81 2.72 -9.68
C LEU A 45 34.37 2.58 -9.23
N HIS A 46 33.49 2.17 -10.14
CA HIS A 46 32.07 2.05 -9.84
C HIS A 46 31.60 0.61 -9.95
N SER A 47 30.99 0.10 -8.89
CA SER A 47 30.47 -1.26 -8.86
C SER A 47 28.97 -1.23 -9.14
N THR A 48 28.54 -1.92 -10.19
CA THR A 48 27.13 -1.96 -10.53
C THR A 48 26.69 -3.42 -10.67
N GLN A 49 25.46 -3.70 -10.24
CA GLN A 49 24.87 -5.03 -10.42
C GLN A 49 23.84 -4.91 -11.52
N ASP A 50 24.05 -5.62 -12.62
CA ASP A 50 23.14 -5.51 -13.76
C ASP A 50 23.22 -6.79 -14.58
N LEU A 51 22.48 -6.83 -15.67
CA LEU A 51 22.52 -7.98 -16.57
C LEU A 51 23.74 -7.81 -17.47
N PHE A 52 24.80 -8.55 -17.18
CA PHE A 52 26.04 -8.47 -17.95
C PHE A 52 26.37 -9.82 -18.53
N LEU A 53 27.15 -9.82 -19.61
CA LEU A 53 27.65 -11.06 -20.16
C LEU A 53 28.88 -11.47 -19.36
N PRO A 54 28.89 -12.65 -18.73
CA PRO A 54 30.03 -13.03 -17.89
C PRO A 54 31.32 -13.20 -18.69
N PHE A 55 32.44 -12.96 -18.02
CA PHE A 55 33.73 -13.05 -18.69
C PHE A 55 34.09 -14.51 -18.95
N PHE A 56 34.65 -14.77 -20.14
CA PHE A 56 35.08 -16.10 -20.59
C PHE A 56 33.92 -17.10 -20.57
N SER A 57 32.73 -16.63 -20.91
CA SER A 57 31.54 -17.46 -20.95
C SER A 57 31.39 -18.16 -22.29
N ASN A 58 30.54 -19.17 -22.31
CA ASN A 58 30.28 -19.96 -23.51
C ASN A 58 29.34 -19.20 -24.42
N VAL A 59 29.82 -18.82 -25.61
CA VAL A 59 29.03 -18.08 -26.57
C VAL A 59 28.84 -18.96 -27.79
N THR A 60 27.62 -18.98 -28.33
CA THR A 60 27.34 -19.84 -29.48
C THR A 60 27.61 -19.07 -30.77
N TRP A 61 28.43 -19.66 -31.63
CA TRP A 61 28.73 -19.09 -32.95
C TRP A 61 27.85 -19.78 -33.98
N PHE A 62 26.98 -19.01 -34.62
CA PHE A 62 26.05 -19.53 -35.61
C PHE A 62 26.53 -19.18 -37.02
N HIS A 63 26.57 -20.18 -37.89
CA HIS A 63 26.81 -20.00 -39.31
C HIS A 63 25.51 -20.31 -40.04
N ALA A 64 24.96 -19.30 -40.73
CA ALA A 64 23.73 -19.44 -41.49
C ALA A 64 24.09 -19.45 -42.96
N ILE A 65 23.79 -20.56 -43.63
CA ILE A 65 24.14 -20.75 -45.04
C ILE A 65 22.86 -20.94 -45.84
N HIS A 66 22.75 -20.23 -46.96
CA HIS A 66 21.70 -20.47 -47.94
C HIS A 66 22.38 -20.93 -49.22
N VAL A 67 22.02 -22.13 -49.69
CA VAL A 67 22.55 -22.69 -50.92
C VAL A 67 21.49 -22.64 -52.01
N SER A 68 21.93 -22.45 -53.24
CA SER A 68 21.02 -22.32 -54.37
C SER A 68 21.12 -23.54 -55.28
N ARG A 75 13.61 -27.77 -46.25
CA ARG A 75 13.21 -28.04 -44.88
C ARG A 75 13.61 -26.90 -43.94
N PHE A 76 12.93 -26.82 -42.80
CA PHE A 76 13.15 -25.74 -41.84
C PHE A 76 14.31 -26.11 -40.92
N ASP A 77 15.44 -25.42 -41.06
CA ASP A 77 16.60 -25.68 -40.23
C ASP A 77 17.18 -24.37 -39.67
N ASN A 78 16.32 -23.39 -39.38
CA ASN A 78 16.76 -22.12 -38.81
C ASN A 78 15.87 -21.75 -37.64
N PRO A 79 15.99 -22.43 -36.50
CA PRO A 79 15.05 -22.25 -35.40
C PRO A 79 15.20 -20.89 -34.71
N ALA A 80 14.19 -20.54 -33.93
CA ALA A 80 14.15 -19.27 -33.23
C ALA A 80 14.87 -19.42 -31.89
N LEU A 81 15.75 -18.49 -31.59
CA LEU A 81 16.53 -18.61 -30.38
C LEU A 81 15.78 -18.02 -29.19
N PRO A 82 16.00 -18.53 -27.98
CA PRO A 82 15.42 -17.91 -26.79
C PRO A 82 16.10 -16.57 -26.49
N PHE A 83 15.39 -15.73 -25.75
CA PHE A 83 15.93 -14.42 -25.40
C PHE A 83 16.51 -14.36 -23.99
N ASN A 84 15.93 -15.11 -23.05
CA ASN A 84 16.36 -15.22 -21.64
C ASN A 84 16.27 -13.82 -21.02
N ASP A 85 17.34 -13.29 -20.44
CA ASP A 85 17.31 -12.00 -19.74
C ASP A 85 17.94 -10.89 -20.56
N GLY A 86 18.34 -11.18 -21.79
CA GLY A 86 19.04 -10.25 -22.65
C GLY A 86 20.04 -11.01 -23.49
N VAL A 87 20.40 -10.43 -24.62
CA VAL A 87 21.21 -11.12 -25.62
C VAL A 87 22.38 -10.24 -26.03
N TYR A 88 23.58 -10.82 -26.07
CA TYR A 88 24.75 -10.19 -26.63
C TYR A 88 24.90 -10.72 -28.05
N PHE A 89 24.97 -9.82 -29.02
CA PHE A 89 25.09 -10.16 -30.42
C PHE A 89 26.39 -9.59 -30.97
N ALA A 90 27.07 -10.36 -31.80
CA ALA A 90 28.28 -9.88 -32.44
C ALA A 90 28.31 -10.38 -33.87
N SER A 91 28.94 -9.60 -34.75
CA SER A 91 29.11 -10.05 -36.13
C SER A 91 30.34 -9.41 -36.75
N THR A 92 31.05 -10.19 -37.55
CA THR A 92 32.19 -9.68 -38.29
C THR A 92 31.80 -9.40 -39.75
N GLU A 93 30.57 -9.72 -40.13
CA GLU A 93 30.10 -9.57 -41.49
C GLU A 93 29.95 -8.09 -41.86
N LYS A 94 29.75 -7.85 -43.15
CA LYS A 94 29.53 -6.50 -43.64
C LYS A 94 28.13 -6.03 -43.25
N SER A 95 27.87 -4.73 -43.41
CA SER A 95 26.63 -4.14 -42.92
C SER A 95 25.40 -4.56 -43.72
N ASN A 96 25.58 -5.12 -44.92
CA ASN A 96 24.44 -5.42 -45.78
C ASN A 96 23.90 -6.83 -45.62
N ILE A 97 24.68 -7.77 -45.08
CA ILE A 97 24.20 -9.16 -45.01
C ILE A 97 23.23 -9.34 -43.85
N ILE A 98 23.62 -8.93 -42.66
CA ILE A 98 22.73 -8.98 -41.49
C ILE A 98 21.97 -7.67 -41.47
N ARG A 99 20.63 -7.74 -41.49
CA ARG A 99 19.84 -6.53 -41.66
C ARG A 99 18.88 -6.24 -40.52
N GLY A 100 19.06 -6.84 -39.36
CA GLY A 100 18.13 -6.55 -38.30
C GLY A 100 17.73 -7.81 -37.55
N TRP A 101 16.73 -7.65 -36.69
CA TRP A 101 16.32 -8.71 -35.78
C TRP A 101 14.81 -8.69 -35.58
N ILE A 102 14.33 -9.77 -34.96
CA ILE A 102 12.92 -9.98 -34.65
C ILE A 102 12.83 -10.36 -33.17
N PHE A 103 11.90 -9.73 -32.44
CA PHE A 103 11.72 -10.02 -31.03
C PHE A 103 10.24 -10.26 -30.74
N GLY A 104 9.97 -11.19 -29.82
CA GLY A 104 8.60 -11.45 -29.40
C GLY A 104 8.53 -12.75 -28.61
N THR A 105 7.32 -13.25 -28.46
CA THR A 105 7.08 -14.52 -27.78
C THR A 105 6.57 -15.60 -28.73
N THR A 106 5.42 -15.39 -29.35
CA THR A 106 4.81 -16.39 -30.21
C THR A 106 5.14 -16.20 -31.68
N LEU A 107 5.58 -15.00 -32.06
CA LEU A 107 5.96 -14.64 -33.44
C LEU A 107 4.83 -14.85 -34.44
N ASP A 108 3.59 -14.65 -34.01
CA ASP A 108 2.44 -14.73 -34.90
C ASP A 108 1.47 -13.58 -34.69
N SER A 109 0.30 -13.64 -35.32
CA SER A 109 -0.63 -12.52 -35.30
C SER A 109 -1.34 -12.33 -33.96
N LYS A 110 -1.16 -13.21 -32.98
CA LYS A 110 -1.93 -13.12 -31.75
C LYS A 110 -1.25 -12.29 -30.68
N THR A 111 0.05 -12.02 -30.80
CA THR A 111 0.79 -11.23 -29.83
C THR A 111 1.56 -10.17 -30.58
N GLN A 112 1.95 -9.12 -29.84
CA GLN A 112 2.75 -8.06 -30.43
C GLN A 112 4.17 -8.53 -30.66
N SER A 113 4.84 -7.93 -31.64
CA SER A 113 6.22 -8.27 -31.94
C SER A 113 6.96 -7.04 -32.42
N LEU A 114 8.28 -7.10 -32.28
CA LEU A 114 9.18 -6.02 -32.62
C LEU A 114 10.06 -6.43 -33.81
N LEU A 115 10.07 -5.59 -34.85
CA LEU A 115 10.87 -5.83 -36.04
C LEU A 115 11.86 -4.70 -36.20
N ILE A 116 13.15 -5.02 -36.27
CA ILE A 116 14.19 -4.02 -36.50
C ILE A 116 14.80 -4.32 -37.85
N VAL A 117 14.63 -3.39 -38.80
CA VAL A 117 15.15 -3.56 -40.16
C VAL A 117 16.05 -2.38 -40.51
N ASN A 118 17.28 -2.68 -40.88
CA ASN A 118 18.24 -1.70 -41.33
C ASN A 118 18.39 -1.79 -42.84
N ASN A 119 18.63 -0.65 -43.49
CA ASN A 119 18.97 -0.66 -44.90
C ASN A 119 20.09 0.37 -45.08
N ALA A 120 20.38 0.71 -46.34
CA ALA A 120 21.52 1.58 -46.63
C ALA A 120 21.32 3.01 -46.11
N THR A 121 20.07 3.45 -45.97
CA THR A 121 19.84 4.84 -45.62
C THR A 121 19.46 5.07 -44.16
N ASN A 122 18.61 4.22 -43.59
CA ASN A 122 18.12 4.44 -42.22
C ASN A 122 17.73 3.12 -41.59
N VAL A 123 17.28 3.19 -40.34
CA VAL A 123 16.79 2.02 -39.60
C VAL A 123 15.33 2.29 -39.26
N VAL A 124 14.51 1.26 -39.43
CA VAL A 124 13.10 1.29 -39.07
C VAL A 124 12.88 0.26 -37.98
N ILE A 125 12.41 0.72 -36.83
CA ILE A 125 12.11 -0.15 -35.70
C ILE A 125 10.60 -0.06 -35.55
N LYS A 126 9.91 -1.20 -35.61
CA LYS A 126 8.47 -1.10 -35.67
C LYS A 126 7.83 -2.25 -34.90
N VAL A 127 6.90 -1.94 -34.03
CA VAL A 127 6.23 -2.93 -33.21
C VAL A 127 4.79 -3.05 -33.67
N CYS A 128 4.45 -4.20 -34.24
CA CYS A 128 3.11 -4.48 -34.75
C CYS A 128 2.76 -5.93 -34.44
N GLU A 129 1.59 -6.35 -34.92
CA GLU A 129 1.16 -7.73 -34.83
C GLU A 129 1.51 -8.45 -36.14
N PHE A 130 2.79 -8.80 -36.27
CA PHE A 130 3.30 -9.44 -37.47
C PHE A 130 2.98 -10.92 -37.46
N GLN A 131 2.58 -11.44 -38.62
CA GLN A 131 2.45 -12.89 -38.80
C GLN A 131 3.75 -13.31 -39.46
N PHE A 132 4.76 -13.61 -38.64
CA PHE A 132 6.09 -13.88 -39.15
C PHE A 132 6.18 -15.24 -39.82
N CYS A 133 7.06 -15.30 -40.83
CA CYS A 133 7.36 -16.55 -41.52
C CYS A 133 8.32 -17.38 -40.67
N ASN A 134 8.37 -18.68 -40.95
CA ASN A 134 9.24 -19.56 -40.17
C ASN A 134 10.72 -19.24 -40.42
N ASP A 135 11.08 -18.92 -41.67
CA ASP A 135 12.44 -18.56 -42.04
C ASP A 135 12.41 -17.17 -42.65
N PRO A 136 12.37 -16.12 -41.82
CA PRO A 136 12.24 -14.76 -42.36
C PRO A 136 13.57 -14.22 -42.86
N PHE A 137 13.52 -13.60 -44.05
CA PHE A 137 14.70 -12.95 -44.61
C PHE A 137 14.24 -11.82 -45.50
N LEU A 138 15.05 -10.76 -45.55
CA LEU A 138 14.79 -9.62 -46.43
C LEU A 138 15.40 -9.92 -47.79
N ASP A 139 14.59 -9.87 -48.83
CA ASP A 139 15.07 -10.09 -50.20
C ASP A 139 15.17 -8.77 -50.97
N VAL A 140 16.29 -8.59 -51.66
CA VAL A 140 16.50 -7.38 -52.45
C VAL A 140 16.26 -7.67 -53.93
N MET A 149 15.17 -2.64 -55.06
CA MET A 149 14.26 -2.41 -53.95
C MET A 149 14.23 -3.59 -52.99
N GLU A 150 13.68 -3.37 -51.80
CA GLU A 150 13.66 -4.36 -50.74
C GLU A 150 12.21 -4.67 -50.37
N SER A 151 11.92 -5.96 -50.18
CA SER A 151 10.57 -6.43 -49.90
C SER A 151 10.53 -7.17 -48.58
N GLU A 152 9.49 -6.91 -47.79
CA GLU A 152 9.29 -7.56 -46.50
C GLU A 152 8.23 -8.65 -46.56
N PHE A 153 7.87 -9.09 -47.76
CA PHE A 153 6.88 -10.16 -47.93
C PHE A 153 7.43 -11.52 -47.53
N ARG A 154 8.75 -11.69 -47.49
CA ARG A 154 9.34 -12.92 -46.99
C ARG A 154 9.65 -12.86 -45.50
N VAL A 155 9.49 -11.70 -44.88
CA VAL A 155 9.66 -11.57 -43.43
C VAL A 155 8.37 -11.91 -42.71
N TYR A 156 7.26 -11.34 -43.17
CA TYR A 156 5.95 -11.58 -42.58
C TYR A 156 4.91 -11.60 -43.69
N SER A 157 3.76 -12.18 -43.38
CA SER A 157 2.64 -12.22 -44.33
C SER A 157 1.59 -11.14 -44.07
N SER A 158 1.49 -10.67 -42.83
CA SER A 158 0.53 -9.64 -42.46
C SER A 158 1.10 -8.89 -41.26
N ALA A 159 0.63 -7.65 -41.08
CA ALA A 159 1.02 -6.86 -39.92
C ALA A 159 -0.15 -5.99 -39.52
N ASN A 160 -0.83 -6.34 -38.43
CA ASN A 160 -2.02 -5.60 -38.02
C ASN A 160 -1.86 -5.08 -36.59
N ASN A 161 -2.73 -4.12 -36.25
CA ASN A 161 -2.80 -3.46 -34.94
C ASN A 161 -1.44 -2.89 -34.53
N CYS A 162 -0.79 -2.21 -35.47
CA CYS A 162 0.56 -1.76 -35.24
C CYS A 162 0.58 -0.56 -34.30
N THR A 163 1.36 -0.67 -33.21
CA THR A 163 1.33 0.32 -32.16
C THR A 163 2.63 1.12 -31.99
N PHE A 164 3.71 0.80 -32.71
CA PHE A 164 4.89 1.62 -32.53
C PHE A 164 5.72 1.69 -33.81
N GLU A 165 6.29 2.86 -34.09
CA GLU A 165 7.19 3.03 -35.23
C GLU A 165 8.23 4.07 -34.86
N TYR A 166 9.49 3.81 -35.23
CA TYR A 166 10.60 4.70 -34.91
C TYR A 166 11.62 4.57 -36.05
N VAL A 167 11.84 5.64 -36.80
CA VAL A 167 12.80 5.64 -37.89
C VAL A 167 13.93 6.59 -37.50
N SER A 168 15.17 6.13 -37.63
CA SER A 168 16.31 6.96 -37.29
C SER A 168 17.51 6.55 -38.12
N GLN A 169 18.66 7.18 -37.86
CA GLN A 169 19.88 6.84 -38.56
C GLN A 169 20.29 5.40 -38.25
N PRO A 170 20.87 4.68 -39.22
CA PRO A 170 21.14 3.25 -39.00
C PRO A 170 22.33 3.02 -38.09
N PHE A 171 22.34 1.84 -37.46
CA PHE A 171 23.45 1.44 -36.60
C PHE A 171 24.20 0.24 -37.15
N LEU A 172 23.99 -0.09 -38.43
CA LEU A 172 24.81 -1.07 -39.13
C LEU A 172 25.42 -0.34 -40.33
N MET A 173 26.58 0.28 -40.11
CA MET A 173 27.26 1.03 -41.15
C MET A 173 28.65 0.46 -41.39
N ASP A 174 29.29 0.95 -42.44
CA ASP A 174 30.63 0.51 -42.80
C ASP A 174 31.67 1.52 -42.33
N LYS A 183 36.24 -7.50 -40.97
CA LYS A 183 37.13 -6.36 -40.78
C LYS A 183 36.65 -5.51 -39.61
N ASN A 184 35.36 -5.19 -39.59
CA ASN A 184 34.77 -4.36 -38.56
C ASN A 184 33.83 -5.23 -37.73
N LEU A 185 34.12 -5.35 -36.44
CA LEU A 185 33.27 -6.15 -35.56
C LEU A 185 32.18 -5.28 -34.98
N ARG A 186 30.94 -5.72 -35.11
CA ARG A 186 29.78 -4.99 -34.64
C ARG A 186 29.18 -5.73 -33.46
N GLU A 187 29.07 -5.05 -32.31
CA GLU A 187 28.57 -5.67 -31.09
C GLU A 187 27.34 -4.93 -30.63
N PHE A 188 26.34 -5.70 -30.19
CA PHE A 188 25.08 -5.18 -29.70
C PHE A 188 24.70 -5.90 -28.42
N VAL A 189 23.99 -5.19 -27.54
CA VAL A 189 23.43 -5.76 -26.33
C VAL A 189 21.96 -5.38 -26.31
N PHE A 190 21.08 -6.39 -26.25
CA PHE A 190 19.64 -6.17 -26.17
C PHE A 190 19.14 -6.55 -24.80
N LYS A 191 18.44 -5.64 -24.14
CA LYS A 191 17.80 -5.89 -22.86
C LYS A 191 16.34 -5.47 -22.94
N ASN A 192 15.47 -6.17 -22.22
CA ASN A 192 14.06 -5.84 -22.15
C ASN A 192 13.74 -5.65 -20.67
N ILE A 193 13.91 -4.44 -20.16
CA ILE A 193 13.75 -4.17 -18.73
C ILE A 193 12.61 -3.18 -18.53
N ASP A 194 11.66 -3.57 -17.66
CA ASP A 194 10.48 -2.81 -17.16
C ASP A 194 9.78 -1.95 -18.22
N GLY A 195 9.53 -2.55 -19.38
CA GLY A 195 8.78 -1.91 -20.42
C GLY A 195 9.63 -1.32 -21.53
N TYR A 196 10.91 -1.08 -21.27
CA TYR A 196 11.81 -0.43 -22.21
C TYR A 196 12.76 -1.46 -22.80
N PHE A 197 12.87 -1.43 -24.12
CA PHE A 197 13.83 -2.26 -24.85
C PHE A 197 15.09 -1.42 -25.08
N LYS A 198 16.18 -1.81 -24.43
CA LYS A 198 17.43 -1.07 -24.51
C LYS A 198 18.37 -1.77 -25.49
N ILE A 199 18.89 -1.00 -26.43
CA ILE A 199 19.87 -1.47 -27.41
C ILE A 199 21.15 -0.69 -27.19
N TYR A 200 22.25 -1.42 -27.03
CA TYR A 200 23.59 -0.89 -26.86
C TYR A 200 24.44 -1.36 -28.04
N SER A 201 25.36 -0.52 -28.51
CA SER A 201 26.16 -0.90 -29.68
C SER A 201 27.57 -0.35 -29.58
N LYS A 202 28.51 -1.08 -30.20
CA LYS A 202 29.89 -0.64 -30.35
C LYS A 202 30.46 -1.24 -31.63
N HIS A 203 31.33 -0.49 -32.32
CA HIS A 203 32.01 -1.00 -33.49
C HIS A 203 33.52 -1.02 -33.24
N THR A 204 34.20 -2.04 -33.75
CA THR A 204 35.63 -2.13 -33.45
C THR A 204 36.40 -2.43 -34.73
N PRO A 205 37.53 -1.73 -35.00
CA PRO A 205 38.41 -2.01 -36.15
C PRO A 205 39.33 -3.22 -35.98
N ILE A 206 38.75 -4.42 -35.80
CA ILE A 206 39.56 -5.62 -35.56
C ILE A 206 40.43 -5.95 -36.78
N ASN A 207 41.51 -6.72 -36.54
CA ASN A 207 42.48 -7.07 -37.57
C ASN A 207 43.41 -8.19 -37.13
N LEU A 208 43.54 -9.19 -38.02
CA LEU A 208 44.39 -10.39 -37.92
C LEU A 208 44.33 -11.00 -36.51
N GLU A 209 43.11 -11.16 -36.02
CA GLU A 209 42.80 -11.72 -34.72
C GLU A 209 41.46 -12.42 -34.77
N ARG A 210 41.26 -13.36 -33.83
CA ARG A 210 39.98 -14.04 -33.65
C ARG A 210 38.90 -12.99 -33.44
N ASP A 211 37.76 -13.18 -34.14
CA ASP A 211 36.63 -12.24 -34.21
C ASP A 211 36.20 -11.64 -32.87
N LEU A 212 36.35 -12.37 -31.76
CA LEU A 212 36.10 -11.80 -30.44
C LEU A 212 37.48 -11.40 -29.92
N PRO A 213 37.88 -10.13 -30.03
CA PRO A 213 39.26 -9.76 -29.70
C PRO A 213 39.47 -9.59 -28.20
N GLN A 214 40.73 -9.39 -27.83
CA GLN A 214 41.03 -9.10 -26.44
C GLN A 214 40.75 -7.62 -26.16
N GLY A 215 41.02 -7.20 -24.94
CA GLY A 215 40.90 -5.80 -24.58
C GLY A 215 39.47 -5.43 -24.29
N PHE A 216 39.27 -4.16 -23.93
CA PHE A 216 37.95 -3.65 -23.58
C PHE A 216 37.43 -2.69 -24.64
N SER A 217 36.18 -2.90 -25.05
CA SER A 217 35.46 -1.97 -25.92
C SER A 217 34.07 -1.83 -25.30
N ALA A 218 33.87 -0.81 -24.48
CA ALA A 218 32.61 -0.63 -23.78
C ALA A 218 31.54 -0.21 -24.78
N LEU A 219 30.37 -0.86 -24.72
CA LEU A 219 29.31 -0.57 -25.66
C LEU A 219 28.51 0.62 -25.16
N GLU A 220 28.13 1.46 -26.05
CA GLU A 220 27.44 2.67 -25.64
C GLU A 220 25.94 2.51 -25.85
N PRO A 221 25.14 3.11 -24.97
CA PRO A 221 23.67 3.07 -25.14
C PRO A 221 23.27 3.76 -26.43
N LEU A 222 22.55 3.02 -27.26
CA LEU A 222 22.16 3.47 -28.58
C LEU A 222 20.71 3.91 -28.63
N VAL A 223 19.79 3.12 -28.08
CA VAL A 223 18.39 3.56 -28.02
C VAL A 223 17.69 2.87 -26.86
N ASP A 224 16.75 3.59 -26.26
CA ASP A 224 15.84 3.05 -25.26
C ASP A 224 14.44 3.23 -25.82
N LEU A 225 13.74 2.12 -26.10
CA LEU A 225 12.46 2.20 -26.76
C LEU A 225 11.34 1.88 -25.79
N PRO A 226 10.35 2.75 -25.61
CA PRO A 226 9.21 2.44 -24.71
C PRO A 226 8.21 1.47 -25.32
N ILE A 227 8.59 0.19 -25.37
CA ILE A 227 7.78 -0.80 -26.07
C ILE A 227 6.70 -1.39 -25.17
N GLY A 228 7.10 -1.93 -24.03
CA GLY A 228 6.14 -2.55 -23.12
C GLY A 228 5.52 -3.85 -23.57
N ILE A 229 6.29 -4.72 -24.24
CA ILE A 229 5.79 -6.03 -24.65
C ILE A 229 6.64 -7.11 -23.99
N ASN A 230 6.13 -8.34 -24.06
CA ASN A 230 6.79 -9.51 -23.52
C ASN A 230 7.68 -10.10 -24.61
N ILE A 231 8.95 -10.29 -24.32
CA ILE A 231 9.92 -10.86 -25.26
C ILE A 231 10.57 -12.09 -24.64
N THR A 232 10.35 -13.26 -25.25
CA THR A 232 10.99 -14.49 -24.81
C THR A 232 11.82 -15.16 -25.89
N ARG A 233 11.66 -14.79 -27.16
CA ARG A 233 12.35 -15.45 -28.26
C ARG A 233 12.85 -14.39 -29.23
N PHE A 234 13.92 -14.71 -29.96
CA PHE A 234 14.43 -13.77 -30.96
C PHE A 234 15.03 -14.52 -32.13
N GLN A 235 15.19 -13.80 -33.24
CA GLN A 235 15.71 -14.37 -34.49
C GLN A 235 16.43 -13.28 -35.28
N THR A 236 17.50 -13.67 -35.98
CA THR A 236 18.30 -12.76 -36.78
C THR A 236 17.80 -12.70 -38.22
N LEU A 237 17.79 -11.50 -38.80
CA LEU A 237 17.36 -11.28 -40.18
C LEU A 237 18.55 -11.15 -41.11
N LEU A 238 18.53 -11.91 -42.21
CA LEU A 238 19.55 -11.83 -43.24
C LEU A 238 18.97 -11.30 -44.54
N ALA A 239 19.83 -10.78 -45.40
CA ALA A 239 19.44 -10.29 -46.73
C ALA A 239 19.90 -11.24 -47.82
N LEU A 240 18.99 -11.55 -48.74
CA LEU A 240 19.30 -12.40 -49.88
C LEU A 240 18.99 -11.67 -51.18
N HIS A 241 19.85 -11.85 -52.17
CA HIS A 241 19.71 -11.22 -53.47
C HIS A 241 19.05 -12.21 -54.42
N ARG A 242 18.19 -11.72 -55.32
CA ARG A 242 17.60 -12.59 -56.32
C ARG A 242 18.67 -13.03 -57.32
N SER A 243 18.51 -14.25 -57.85
CA SER A 243 19.54 -14.81 -58.70
C SER A 243 19.41 -14.34 -60.14
N TYR A 244 18.18 -14.42 -60.67
CA TYR A 244 17.83 -14.06 -62.07
C TYR A 244 18.56 -14.96 -63.06
N LEU A 245 18.61 -16.26 -62.76
CA LEU A 245 19.22 -17.24 -63.65
C LEU A 245 18.55 -18.61 -63.49
N SER A 252 16.75 -22.41 -56.91
CA SER A 252 17.89 -21.50 -56.93
C SER A 252 17.45 -20.07 -57.25
N GLY A 253 16.34 -19.64 -56.64
CA GLY A 253 15.82 -18.31 -56.88
C GLY A 253 16.64 -17.20 -56.26
N TRP A 254 17.42 -17.51 -55.21
CA TRP A 254 18.20 -16.51 -54.50
C TRP A 254 19.67 -16.87 -54.55
N THR A 255 20.53 -15.86 -54.49
CA THR A 255 21.96 -16.08 -54.53
C THR A 255 22.45 -16.74 -53.24
N ALA A 256 23.38 -17.68 -53.38
CA ALA A 256 23.95 -18.40 -52.24
C ALA A 256 24.75 -17.46 -51.34
N GLY A 257 24.58 -17.61 -50.03
CA GLY A 257 25.24 -16.70 -49.11
C GLY A 257 25.46 -17.33 -47.74
N ALA A 258 26.35 -16.71 -46.97
CA ALA A 258 26.68 -17.17 -45.63
C ALA A 258 26.82 -15.98 -44.70
N ALA A 259 26.42 -16.18 -43.44
CA ALA A 259 26.54 -15.16 -42.41
C ALA A 259 26.95 -15.80 -41.09
N ALA A 260 27.95 -15.23 -40.43
CA ALA A 260 28.42 -15.76 -39.16
C ALA A 260 28.16 -14.73 -38.06
N TYR A 261 27.54 -15.15 -36.97
CA TYR A 261 27.27 -14.25 -35.86
C TYR A 261 27.37 -14.98 -34.53
N TYR A 262 27.71 -14.25 -33.47
CA TYR A 262 27.88 -14.79 -32.13
C TYR A 262 26.74 -14.33 -31.24
N VAL A 263 26.19 -15.27 -30.47
CA VAL A 263 25.13 -14.99 -29.52
C VAL A 263 25.55 -15.46 -28.13
N GLY A 264 25.47 -14.55 -27.16
CA GLY A 264 25.69 -14.88 -25.77
C GLY A 264 24.49 -14.41 -24.95
N TYR A 265 24.38 -14.92 -23.73
CA TYR A 265 23.24 -14.57 -22.89
C TYR A 265 23.71 -13.85 -21.63
N LEU A 266 23.02 -12.76 -21.31
CA LEU A 266 23.33 -11.96 -20.14
C LEU A 266 22.80 -12.63 -18.87
N GLN A 267 23.52 -12.40 -17.77
CA GLN A 267 23.17 -12.96 -16.48
C GLN A 267 23.24 -11.84 -15.44
N PRO A 268 22.46 -11.94 -14.35
CA PRO A 268 22.59 -10.94 -13.28
C PRO A 268 23.95 -11.06 -12.59
N ARG A 269 24.83 -10.10 -12.86
CA ARG A 269 26.20 -10.16 -12.36
C ARG A 269 26.60 -8.79 -11.87
N THR A 270 27.52 -8.76 -10.91
CA THR A 270 28.07 -7.54 -10.38
C THR A 270 29.42 -7.30 -11.03
N PHE A 271 29.60 -6.13 -11.63
CA PHE A 271 30.84 -5.77 -12.29
C PHE A 271 31.41 -4.54 -11.61
N LEU A 272 32.73 -4.41 -11.66
CA LEU A 272 33.39 -3.21 -11.17
C LEU A 272 34.06 -2.56 -12.38
N LEU A 273 33.55 -1.40 -12.78
CA LEU A 273 33.99 -0.70 -13.96
C LEU A 273 34.96 0.43 -13.58
N LYS A 274 35.98 0.62 -14.42
CA LYS A 274 36.96 1.68 -14.23
C LYS A 274 36.62 2.82 -15.18
N TYR A 275 36.34 4.00 -14.63
CA TYR A 275 36.12 5.19 -15.44
C TYR A 275 37.37 6.05 -15.42
N ASN A 276 37.89 6.36 -16.61
CA ASN A 276 39.13 7.10 -16.75
C ASN A 276 38.86 8.61 -16.68
N GLU A 277 39.85 9.41 -17.10
CA GLU A 277 39.75 10.87 -17.02
C GLU A 277 38.62 11.42 -17.90
N ASN A 278 38.34 10.77 -19.02
CA ASN A 278 37.37 11.30 -19.97
C ASN A 278 36.01 10.61 -19.87
N GLY A 279 35.79 9.78 -18.86
CA GLY A 279 34.50 9.15 -18.67
C GLY A 279 34.31 7.84 -19.39
N THR A 280 35.36 7.32 -20.04
CA THR A 280 35.26 6.07 -20.79
C THR A 280 35.55 4.89 -19.88
N ILE A 281 34.79 3.82 -20.05
CA ILE A 281 35.06 2.58 -19.33
C ILE A 281 36.20 1.87 -20.04
N THR A 282 37.37 1.81 -19.39
CA THR A 282 38.55 1.22 -20.01
C THR A 282 38.87 -0.16 -19.47
N ASP A 283 38.24 -0.57 -18.38
CA ASP A 283 38.58 -1.83 -17.73
C ASP A 283 37.39 -2.25 -16.85
N ALA A 284 37.30 -3.54 -16.58
CA ALA A 284 36.29 -4.04 -15.66
C ALA A 284 36.73 -5.37 -15.07
N VAL A 285 36.24 -5.65 -13.87
CA VAL A 285 36.44 -6.97 -13.24
C VAL A 285 35.08 -7.58 -12.93
N ASP A 286 34.93 -8.85 -13.32
CA ASP A 286 33.76 -9.64 -12.97
C ASP A 286 33.95 -10.14 -11.55
N CYS A 287 33.04 -9.74 -10.65
CA CYS A 287 33.14 -10.02 -9.23
C CYS A 287 33.10 -11.51 -8.89
N ALA A 288 32.47 -12.34 -9.72
CA ALA A 288 32.32 -13.76 -9.42
C ALA A 288 33.09 -14.69 -10.34
N LEU A 289 34.07 -14.19 -11.09
CA LEU A 289 34.77 -15.05 -12.05
C LEU A 289 35.81 -15.92 -11.34
N ASP A 290 36.81 -15.30 -10.73
CA ASP A 290 37.93 -15.95 -10.06
C ASP A 290 38.12 -15.29 -8.70
N PRO A 291 38.85 -15.95 -7.77
CA PRO A 291 39.12 -15.30 -6.47
C PRO A 291 39.87 -13.98 -6.49
N LEU A 292 40.83 -13.79 -7.41
CA LEU A 292 41.54 -12.51 -7.48
C LEU A 292 40.59 -11.36 -7.82
N SER A 293 39.73 -11.57 -8.81
CA SER A 293 38.75 -10.55 -9.18
C SER A 293 37.76 -10.33 -8.06
N GLU A 294 37.38 -11.41 -7.36
CA GLU A 294 36.46 -11.28 -6.23
C GLU A 294 37.09 -10.43 -5.12
N THR A 295 38.39 -10.61 -4.90
CA THR A 295 39.11 -9.77 -3.93
C THR A 295 39.12 -8.32 -4.37
N LYS A 296 39.32 -8.10 -5.68
CA LYS A 296 39.30 -6.75 -6.24
C LYS A 296 37.93 -6.12 -6.07
N CYS A 297 36.88 -6.91 -6.28
CA CYS A 297 35.50 -6.47 -6.14
C CYS A 297 35.19 -6.11 -4.70
N THR A 298 35.66 -6.93 -3.75
CA THR A 298 35.44 -6.65 -2.34
C THR A 298 36.19 -5.40 -1.90
N LEU A 299 37.44 -5.24 -2.35
CA LEU A 299 38.26 -4.12 -1.91
C LEU A 299 37.97 -2.84 -2.71
N LYS A 300 37.19 -2.94 -3.78
CA LYS A 300 36.80 -1.84 -4.67
C LYS A 300 38.01 -1.18 -5.32
N SER A 301 39.04 -1.97 -5.62
CA SER A 301 40.24 -1.49 -6.29
C SER A 301 40.74 -2.51 -7.31
N PHE A 302 41.46 -2.03 -8.32
CA PHE A 302 42.06 -2.90 -9.33
C PHE A 302 43.44 -3.39 -8.93
N THR A 303 44.03 -2.83 -7.88
CA THR A 303 45.31 -3.28 -7.39
C THR A 303 45.09 -3.74 -5.95
N VAL A 304 45.60 -4.92 -5.64
CA VAL A 304 45.46 -5.53 -4.32
C VAL A 304 46.84 -5.62 -3.67
N GLU A 305 46.94 -5.08 -2.46
CA GLU A 305 48.19 -5.14 -1.72
C GLU A 305 48.37 -6.56 -1.19
N LYS A 306 49.61 -6.93 -0.87
CA LYS A 306 49.91 -8.27 -0.37
C LYS A 306 49.22 -8.51 0.97
N GLY A 307 48.58 -9.66 1.10
CA GLY A 307 47.93 -10.01 2.36
C GLY A 307 46.86 -11.06 2.11
N ILE A 308 46.12 -11.34 3.18
CA ILE A 308 45.00 -12.27 3.15
C ILE A 308 43.73 -11.48 3.36
N TYR A 309 42.76 -11.65 2.48
CA TYR A 309 41.51 -10.90 2.54
C TYR A 309 40.34 -11.88 2.61
N GLN A 310 39.45 -11.67 3.57
CA GLN A 310 38.27 -12.51 3.67
C GLN A 310 37.24 -11.98 2.67
N THR A 311 36.92 -12.78 1.66
CA THR A 311 36.08 -12.27 0.58
C THR A 311 34.73 -12.93 0.43
N SER A 312 34.53 -14.17 0.87
CA SER A 312 33.27 -14.82 0.55
C SER A 312 32.96 -15.86 1.61
N ASN A 313 31.75 -16.42 1.55
CA ASN A 313 31.42 -17.54 2.40
C ASN A 313 31.12 -18.77 1.55
N PHE A 314 31.88 -19.84 1.77
CA PHE A 314 31.68 -21.12 1.11
C PHE A 314 30.44 -21.79 1.67
N ARG A 315 29.67 -22.46 0.81
CA ARG A 315 28.51 -23.21 1.23
C ARG A 315 28.41 -24.52 0.45
N VAL A 316 27.82 -25.53 1.07
CA VAL A 316 27.55 -26.80 0.41
C VAL A 316 26.10 -26.74 -0.05
N GLN A 317 25.89 -26.72 -1.36
CA GLN A 317 24.54 -26.56 -1.90
C GLN A 317 23.68 -27.80 -1.60
N PRO A 318 22.39 -27.61 -1.30
CA PRO A 318 21.50 -28.76 -1.10
C PRO A 318 21.33 -29.55 -2.40
N THR A 319 21.39 -30.87 -2.29
CA THR A 319 21.32 -31.71 -3.49
C THR A 319 19.91 -32.22 -3.77
N GLU A 320 19.20 -32.67 -2.73
CA GLU A 320 17.89 -33.28 -2.90
C GLU A 320 16.93 -32.67 -1.90
N SER A 321 15.64 -32.85 -2.17
CA SER A 321 14.59 -32.42 -1.25
C SER A 321 13.95 -33.66 -0.64
N ILE A 322 13.95 -33.75 0.68
CA ILE A 322 13.37 -34.87 1.40
C ILE A 322 12.19 -34.35 2.23
N VAL A 323 11.00 -34.85 1.95
CA VAL A 323 9.82 -34.53 2.73
C VAL A 323 9.35 -35.81 3.40
N ARG A 324 9.32 -35.83 4.73
CA ARG A 324 8.86 -37.02 5.44
C ARG A 324 7.63 -36.66 6.25
N PHE A 325 6.55 -37.39 6.02
CA PHE A 325 5.26 -37.19 6.64
C PHE A 325 4.75 -38.52 7.19
N PRO A 326 3.88 -38.50 8.19
CA PRO A 326 3.38 -39.76 8.78
C PRO A 326 2.59 -40.59 7.76
N ASN A 327 2.48 -41.89 8.04
CA ASN A 327 1.87 -42.84 7.09
C ASN A 327 0.44 -42.44 6.78
N ILE A 328 0.05 -42.57 5.51
CA ILE A 328 -1.35 -42.34 5.17
C ILE A 328 -2.17 -43.43 5.84
N THR A 329 -3.23 -43.02 6.53
CA THR A 329 -4.11 -43.89 7.30
C THR A 329 -5.37 -43.09 7.57
N ASN A 330 -6.41 -43.80 8.04
CA ASN A 330 -7.69 -43.23 8.45
C ASN A 330 -8.27 -42.35 7.34
N LEU A 331 -8.24 -42.89 6.12
CA LEU A 331 -8.84 -42.19 4.99
C LEU A 331 -10.35 -42.05 5.17
N CYS A 332 -10.87 -40.95 4.64
CA CYS A 332 -12.29 -40.65 4.76
C CYS A 332 -13.11 -41.66 3.98
N PRO A 333 -14.28 -42.06 4.48
CA PRO A 333 -15.03 -43.16 3.83
C PRO A 333 -15.81 -42.67 2.62
N PHE A 334 -15.07 -42.31 1.57
CA PHE A 334 -15.68 -41.98 0.30
C PHE A 334 -16.27 -43.22 -0.38
N HIS A 335 -15.66 -44.39 -0.13
CA HIS A 335 -16.08 -45.64 -0.74
C HIS A 335 -17.46 -46.08 -0.24
N GLU A 336 -17.90 -45.59 0.92
CA GLU A 336 -19.22 -45.86 1.45
C GLU A 336 -20.24 -44.81 1.03
N VAL A 337 -19.82 -43.70 0.43
CA VAL A 337 -20.73 -42.69 -0.07
C VAL A 337 -20.96 -42.84 -1.57
N PHE A 338 -19.88 -43.04 -2.33
CA PHE A 338 -19.98 -43.12 -3.78
C PHE A 338 -20.19 -44.54 -4.29
N ASN A 339 -20.23 -45.53 -3.41
CA ASN A 339 -20.50 -46.90 -3.81
C ASN A 339 -21.44 -47.56 -2.78
N ALA A 340 -22.70 -47.15 -2.77
CA ALA A 340 -23.66 -47.67 -1.81
C ALA A 340 -24.60 -48.59 -2.54
N THR A 341 -25.05 -49.65 -1.84
CA THR A 341 -26.05 -50.54 -2.45
C THR A 341 -27.35 -49.80 -2.73
N THR A 342 -27.80 -48.95 -1.81
CA THR A 342 -29.05 -48.22 -1.93
C THR A 342 -28.77 -46.73 -1.79
N PHE A 343 -29.24 -45.94 -2.75
CA PHE A 343 -29.19 -44.50 -2.58
C PHE A 343 -30.51 -44.01 -1.99
N ALA A 344 -30.64 -42.70 -1.84
CA ALA A 344 -31.79 -42.12 -1.19
C ALA A 344 -32.57 -41.25 -2.18
N SER A 345 -33.84 -41.04 -1.86
CA SER A 345 -34.68 -40.15 -2.64
C SER A 345 -34.20 -38.71 -2.46
N VAL A 346 -34.42 -37.89 -3.49
CA VAL A 346 -33.94 -36.50 -3.45
C VAL A 346 -34.63 -35.70 -2.34
N TYR A 347 -35.92 -35.97 -2.06
CA TYR A 347 -36.60 -35.28 -0.97
C TYR A 347 -35.96 -35.62 0.39
N ALA A 348 -35.68 -36.89 0.62
CA ALA A 348 -34.98 -37.34 1.83
C ALA A 348 -33.51 -37.62 1.52
N TRP A 349 -32.81 -36.58 1.06
CA TRP A 349 -31.44 -36.73 0.60
C TRP A 349 -30.52 -37.06 1.77
N ASN A 350 -29.58 -37.99 1.55
CA ASN A 350 -28.75 -38.44 2.65
C ASN A 350 -27.59 -37.48 2.86
N ARG A 351 -27.33 -37.12 4.11
CA ARG A 351 -26.20 -36.28 4.46
C ARG A 351 -25.27 -37.04 5.39
N LYS A 352 -23.99 -37.07 5.04
CA LYS A 352 -22.97 -37.65 5.89
C LYS A 352 -21.98 -36.55 6.25
N ARG A 353 -21.75 -36.36 7.55
CA ARG A 353 -20.74 -35.41 7.97
C ARG A 353 -19.38 -36.11 7.92
N ILE A 354 -18.38 -35.39 7.43
CA ILE A 354 -17.02 -35.90 7.33
C ILE A 354 -16.10 -35.02 8.14
N SER A 355 -15.37 -35.64 9.07
CA SER A 355 -14.47 -34.98 9.99
C SER A 355 -13.44 -35.99 10.42
N ASN A 356 -12.30 -35.47 10.93
CA ASN A 356 -11.17 -36.22 11.53
C ASN A 356 -10.64 -37.34 10.64
N CYS A 357 -10.52 -37.08 9.33
CA CYS A 357 -9.93 -38.07 8.46
C CYS A 357 -9.21 -37.41 7.29
N VAL A 358 -8.37 -38.19 6.63
CA VAL A 358 -7.65 -37.72 5.45
C VAL A 358 -8.56 -37.86 4.22
N ALA A 359 -8.63 -36.81 3.41
CA ALA A 359 -9.52 -36.78 2.25
C ALA A 359 -8.72 -37.21 1.02
N ASP A 360 -8.89 -38.47 0.59
CA ASP A 360 -8.27 -38.94 -0.65
C ASP A 360 -9.26 -38.81 -1.81
N TYR A 361 -9.20 -37.67 -2.51
CA TYR A 361 -10.12 -37.42 -3.61
C TYR A 361 -9.82 -38.24 -4.87
N SER A 362 -8.64 -38.87 -4.96
CA SER A 362 -8.27 -39.64 -6.14
C SER A 362 -9.21 -40.82 -6.38
N VAL A 363 -9.64 -41.47 -5.29
CA VAL A 363 -10.61 -42.56 -5.39
C VAL A 363 -11.93 -42.03 -5.94
N ILE A 364 -12.35 -40.82 -5.53
CA ILE A 364 -13.55 -40.20 -6.08
C ILE A 364 -13.38 -39.99 -7.56
N TYR A 365 -12.17 -39.56 -7.99
CA TYR A 365 -11.90 -39.26 -9.39
C TYR A 365 -12.02 -40.50 -10.25
N ASN A 366 -11.51 -41.64 -9.77
CA ASN A 366 -11.46 -42.84 -10.59
C ASN A 366 -12.65 -43.77 -10.43
N PHE A 367 -13.66 -43.41 -9.62
CA PHE A 367 -14.77 -44.32 -9.33
C PHE A 367 -15.60 -44.69 -10.57
N ALA A 368 -15.92 -43.72 -11.42
CA ALA A 368 -16.79 -43.96 -12.56
C ALA A 368 -16.59 -42.83 -13.56
N PRO A 369 -17.08 -42.97 -14.80
CA PRO A 369 -17.11 -41.80 -15.70
C PRO A 369 -18.25 -40.89 -15.26
N PHE A 370 -17.95 -39.60 -15.14
CA PHE A 370 -18.89 -38.65 -14.56
C PHE A 370 -19.46 -37.72 -15.62
N PHE A 371 -20.79 -37.62 -15.63
CA PHE A 371 -21.51 -36.68 -16.49
C PHE A 371 -21.15 -35.25 -16.15
N ALA A 372 -21.04 -34.93 -14.87
CA ALA A 372 -20.59 -33.61 -14.43
C ALA A 372 -19.71 -33.75 -13.19
N PHE A 373 -18.60 -33.02 -13.16
CA PHE A 373 -17.76 -32.93 -11.97
C PHE A 373 -17.60 -31.45 -11.60
N LYS A 374 -18.64 -30.66 -11.85
CA LYS A 374 -18.55 -29.21 -11.67
C LYS A 374 -18.21 -28.85 -10.23
N CYS A 375 -17.21 -27.97 -10.06
CA CYS A 375 -16.77 -27.51 -8.76
C CYS A 375 -16.97 -26.00 -8.67
N TYR A 376 -17.68 -25.56 -7.63
CA TYR A 376 -18.01 -24.14 -7.49
C TYR A 376 -17.21 -23.53 -6.35
N GLY A 377 -16.39 -22.53 -6.70
CA GLY A 377 -15.60 -21.78 -5.76
C GLY A 377 -14.23 -22.36 -5.46
N VAL A 378 -13.93 -23.59 -5.92
CA VAL A 378 -12.60 -24.18 -5.82
C VAL A 378 -12.30 -24.94 -7.10
N SER A 379 -11.03 -24.94 -7.49
CA SER A 379 -10.59 -25.75 -8.61
C SER A 379 -10.45 -27.22 -8.19
N PRO A 380 -10.72 -28.16 -9.10
CA PRO A 380 -10.62 -29.60 -8.75
C PRO A 380 -9.23 -30.06 -8.35
N THR A 381 -8.18 -29.59 -9.05
CA THR A 381 -6.80 -30.02 -8.77
C THR A 381 -6.31 -29.61 -7.38
N LYS A 382 -6.64 -28.39 -6.93
CA LYS A 382 -6.11 -27.87 -5.66
C LYS A 382 -6.69 -28.57 -4.43
N LEU A 383 -7.75 -29.37 -4.60
CA LEU A 383 -8.52 -29.94 -3.49
C LEU A 383 -7.62 -30.76 -2.56
N ASN A 384 -6.73 -31.57 -3.14
CA ASN A 384 -5.82 -32.37 -2.33
C ASN A 384 -4.90 -31.50 -1.49
N ASP A 385 -4.45 -30.37 -2.03
CA ASP A 385 -3.52 -29.55 -1.25
C ASP A 385 -4.23 -28.60 -0.29
N LEU A 386 -5.55 -28.60 -0.28
CA LEU A 386 -6.35 -27.78 0.63
C LEU A 386 -6.81 -28.64 1.80
N CYS A 387 -6.90 -28.02 2.98
CA CYS A 387 -7.44 -28.68 4.16
C CYS A 387 -8.66 -27.91 4.66
N PHE A 388 -9.79 -28.61 4.82
CA PHE A 388 -11.05 -28.01 5.21
C PHE A 388 -11.46 -28.53 6.58
N THR A 389 -12.16 -27.69 7.35
CA THR A 389 -12.65 -28.10 8.65
C THR A 389 -13.72 -29.20 8.58
N ASN A 390 -14.72 -29.05 7.72
CA ASN A 390 -15.73 -30.09 7.58
C ASN A 390 -16.09 -30.35 6.13
N VAL A 391 -16.36 -31.62 5.80
CA VAL A 391 -16.84 -31.96 4.46
C VAL A 391 -18.20 -32.64 4.60
N TYR A 392 -19.20 -32.15 3.89
CA TYR A 392 -20.53 -32.73 3.91
C TYR A 392 -20.78 -33.45 2.59
N ALA A 393 -21.15 -34.73 2.66
CA ALA A 393 -21.47 -35.47 1.45
C ALA A 393 -22.97 -35.74 1.39
N ASP A 394 -23.64 -35.21 0.37
CA ASP A 394 -25.07 -35.34 0.20
C ASP A 394 -25.33 -36.24 -1.00
N SER A 395 -26.09 -37.31 -0.79
CA SER A 395 -26.31 -38.31 -1.83
C SER A 395 -27.79 -38.43 -2.14
N PHE A 396 -28.11 -38.43 -3.44
CA PHE A 396 -29.49 -38.59 -3.88
C PHE A 396 -29.49 -39.05 -5.34
N VAL A 397 -30.67 -39.42 -5.82
CA VAL A 397 -30.87 -39.82 -7.21
C VAL A 397 -31.88 -38.89 -7.85
N ILE A 398 -31.57 -38.37 -9.04
CA ILE A 398 -32.47 -37.50 -9.78
C ILE A 398 -32.46 -37.92 -11.24
N ARG A 399 -33.43 -37.41 -12.00
CA ARG A 399 -33.39 -37.64 -13.42
C ARG A 399 -32.31 -36.74 -14.04
N GLY A 400 -31.80 -37.15 -15.21
CA GLY A 400 -30.65 -36.48 -15.81
C GLY A 400 -30.90 -35.01 -16.13
N ASN A 401 -32.12 -34.69 -16.57
CA ASN A 401 -32.46 -33.32 -16.98
C ASN A 401 -32.32 -32.34 -15.82
N GLU A 402 -32.52 -32.83 -14.60
CA GLU A 402 -32.51 -31.99 -13.42
C GLU A 402 -31.13 -31.85 -12.80
N VAL A 403 -30.11 -32.53 -13.38
CA VAL A 403 -28.76 -32.46 -12.81
C VAL A 403 -28.24 -31.03 -12.88
N SER A 404 -28.61 -30.31 -13.94
CA SER A 404 -28.24 -28.91 -14.12
C SER A 404 -28.80 -28.04 -12.99
N GLN A 405 -29.98 -28.41 -12.48
CA GLN A 405 -30.60 -27.71 -11.36
C GLN A 405 -29.78 -27.77 -10.08
N ILE A 406 -28.94 -28.80 -9.91
CA ILE A 406 -28.12 -28.85 -8.70
C ILE A 406 -26.88 -27.99 -8.92
N ALA A 407 -27.08 -26.67 -8.83
CA ALA A 407 -26.03 -25.67 -8.95
C ALA A 407 -26.52 -24.40 -8.25
N PRO A 408 -25.62 -23.50 -7.85
CA PRO A 408 -26.07 -22.22 -7.28
C PRO A 408 -26.80 -21.40 -8.33
N GLY A 409 -27.86 -20.72 -7.90
CA GLY A 409 -28.58 -19.81 -8.76
C GLY A 409 -29.55 -20.44 -9.74
N GLN A 410 -29.88 -21.72 -9.55
CA GLN A 410 -30.73 -22.45 -10.49
C GLN A 410 -32.13 -22.64 -9.94
N THR A 411 -33.08 -22.86 -10.85
CA THR A 411 -34.48 -23.04 -10.50
C THR A 411 -35.02 -24.30 -11.14
N GLY A 412 -36.01 -24.89 -10.49
CA GLY A 412 -36.69 -26.06 -10.99
C GLY A 412 -37.52 -26.67 -9.88
N ASN A 413 -38.08 -27.85 -10.15
CA ASN A 413 -38.76 -28.58 -9.08
C ASN A 413 -37.78 -29.02 -8.00
N ILE A 414 -36.63 -29.56 -8.42
CA ILE A 414 -35.64 -30.09 -7.48
C ILE A 414 -35.02 -28.97 -6.65
N ALA A 415 -34.64 -27.87 -7.31
CA ALA A 415 -33.97 -26.77 -6.61
C ALA A 415 -34.92 -26.06 -5.63
N ASP A 416 -36.14 -25.77 -6.08
CA ASP A 416 -37.11 -25.10 -5.21
C ASP A 416 -37.61 -25.99 -4.08
N TYR A 417 -37.91 -27.26 -4.37
CA TYR A 417 -38.60 -28.08 -3.38
C TYR A 417 -37.85 -29.29 -2.83
N ASN A 418 -36.69 -29.67 -3.38
CA ASN A 418 -36.05 -30.90 -2.94
C ASN A 418 -34.65 -30.69 -2.38
N TYR A 419 -33.74 -30.11 -3.16
CA TYR A 419 -32.39 -29.81 -2.68
C TYR A 419 -31.97 -28.45 -3.20
N LYS A 420 -31.54 -27.57 -2.31
CA LYS A 420 -31.14 -26.21 -2.67
C LYS A 420 -29.71 -25.94 -2.25
N LEU A 421 -28.91 -25.38 -3.17
CA LEU A 421 -27.56 -24.95 -2.86
C LEU A 421 -27.50 -23.43 -2.73
N PRO A 422 -26.73 -22.92 -1.77
CA PRO A 422 -26.64 -21.46 -1.62
C PRO A 422 -25.84 -20.84 -2.75
N ASP A 423 -26.02 -19.52 -2.92
CA ASP A 423 -25.36 -18.79 -4.00
C ASP A 423 -23.84 -18.84 -3.85
N ASP A 424 -23.34 -18.80 -2.61
CA ASP A 424 -21.92 -18.73 -2.30
C ASP A 424 -21.29 -20.10 -2.04
N PHE A 425 -21.96 -21.16 -2.51
CA PHE A 425 -21.59 -22.55 -2.23
C PHE A 425 -20.15 -22.87 -2.60
N THR A 426 -19.43 -23.49 -1.66
CA THR A 426 -18.06 -23.94 -1.90
C THR A 426 -18.07 -25.46 -1.85
N GLY A 427 -17.83 -26.08 -3.00
CA GLY A 427 -17.89 -27.52 -3.09
C GLY A 427 -17.97 -27.95 -4.54
N CYS A 428 -18.27 -29.23 -4.71
CA CYS A 428 -18.34 -29.85 -6.02
C CYS A 428 -19.62 -30.66 -6.12
N VAL A 429 -20.15 -30.79 -7.35
CA VAL A 429 -21.29 -31.64 -7.62
C VAL A 429 -20.81 -32.75 -8.57
N ILE A 430 -21.10 -34.00 -8.22
CA ILE A 430 -20.68 -35.16 -8.98
C ILE A 430 -21.90 -35.97 -9.38
N ALA A 431 -22.03 -36.31 -10.66
CA ALA A 431 -23.16 -37.10 -11.11
C ALA A 431 -22.69 -38.21 -12.04
N TRP A 432 -23.33 -39.37 -11.95
CA TRP A 432 -23.02 -40.47 -12.88
C TRP A 432 -24.28 -41.26 -13.18
N ASN A 433 -24.27 -41.92 -14.35
CA ASN A 433 -25.40 -42.75 -14.76
C ASN A 433 -25.52 -43.98 -13.86
N SER A 434 -26.76 -44.34 -13.52
CA SER A 434 -27.06 -45.49 -12.68
C SER A 434 -28.17 -46.36 -13.26
N ASN A 435 -28.15 -46.62 -14.57
CA ASN A 435 -29.21 -47.43 -15.18
C ASN A 435 -29.24 -48.85 -14.63
N LYS A 436 -28.08 -49.50 -14.51
CA LYS A 436 -28.06 -50.89 -14.07
C LYS A 436 -28.56 -51.03 -12.63
N LEU A 437 -28.07 -50.15 -11.75
CA LEU A 437 -28.45 -50.16 -10.34
C LEU A 437 -29.89 -49.74 -10.08
N ASP A 438 -30.40 -48.71 -10.76
CA ASP A 438 -31.69 -48.17 -10.37
C ASP A 438 -32.86 -48.35 -11.36
N SER A 439 -32.69 -49.08 -12.46
CA SER A 439 -33.79 -49.20 -13.41
C SER A 439 -34.32 -50.63 -13.41
N LYS A 440 -35.63 -50.76 -13.39
CA LYS A 440 -36.33 -52.04 -13.50
C LYS A 440 -37.33 -51.97 -14.64
N PRO A 441 -37.55 -53.08 -15.37
CA PRO A 441 -38.56 -53.06 -16.44
C PRO A 441 -39.97 -52.81 -15.93
N SER A 442 -40.33 -53.39 -14.79
CA SER A 442 -41.62 -53.08 -14.16
C SER A 442 -41.70 -51.64 -13.70
N GLY A 443 -40.55 -51.04 -13.37
CA GLY A 443 -40.46 -49.69 -12.89
C GLY A 443 -40.02 -49.61 -11.44
N ASN A 444 -39.01 -48.79 -11.17
CA ASN A 444 -38.49 -48.62 -9.82
C ASN A 444 -39.28 -47.47 -9.19
N TYR A 445 -40.14 -47.80 -8.23
CA TYR A 445 -41.01 -46.81 -7.60
C TYR A 445 -40.55 -46.42 -6.21
N ASN A 446 -39.31 -46.75 -5.84
CA ASN A 446 -38.77 -46.43 -4.53
C ASN A 446 -38.01 -45.12 -4.49
N TYR A 447 -37.92 -44.41 -5.62
CA TYR A 447 -37.29 -43.09 -5.67
C TYR A 447 -38.37 -42.04 -5.82
N LEU A 448 -38.39 -41.07 -4.92
CA LEU A 448 -39.46 -40.09 -4.84
C LEU A 448 -38.89 -38.68 -4.89
N TYR A 449 -39.73 -37.73 -5.31
CA TYR A 449 -39.36 -36.33 -5.35
C TYR A 449 -40.54 -35.51 -4.85
N ARG A 450 -40.26 -34.31 -4.36
CA ARG A 450 -41.34 -33.43 -3.91
C ARG A 450 -41.72 -32.51 -5.05
N LEU A 451 -42.95 -32.63 -5.53
CA LEU A 451 -43.41 -31.79 -6.62
C LEU A 451 -44.09 -30.52 -6.15
N PHE A 452 -44.74 -30.58 -4.99
CA PHE A 452 -45.56 -29.48 -4.48
C PHE A 452 -45.12 -29.09 -3.07
N ARG A 453 -44.80 -27.83 -2.88
CA ARG A 453 -44.49 -27.30 -1.56
C ARG A 453 -44.99 -25.87 -1.48
N LYS A 454 -45.42 -25.45 -0.28
CA LYS A 454 -45.97 -24.11 -0.09
C LYS A 454 -44.95 -23.02 -0.38
N SER A 455 -43.71 -23.21 0.05
CA SER A 455 -42.65 -22.22 -0.13
C SER A 455 -41.39 -22.93 -0.59
N LYS A 456 -40.51 -22.17 -1.23
CA LYS A 456 -39.26 -22.75 -1.71
C LYS A 456 -38.37 -23.14 -0.53
N LEU A 457 -37.57 -24.18 -0.74
CA LEU A 457 -36.64 -24.62 0.29
C LEU A 457 -35.49 -23.64 0.44
N LYS A 458 -35.05 -23.45 1.68
CA LYS A 458 -33.83 -22.70 1.93
C LYS A 458 -32.64 -23.60 1.63
N PRO A 459 -31.45 -23.04 1.41
CA PRO A 459 -30.28 -23.89 1.12
C PRO A 459 -29.95 -24.83 2.28
N PHE A 460 -29.58 -26.06 1.91
CA PHE A 460 -29.23 -27.15 2.85
C PHE A 460 -30.37 -27.45 3.82
N GLU A 461 -31.61 -27.42 3.33
CA GLU A 461 -32.78 -27.76 4.12
C GLU A 461 -33.44 -29.01 3.57
N ARG A 462 -34.01 -29.81 4.47
CA ARG A 462 -34.75 -31.02 4.08
C ARG A 462 -36.14 -30.97 4.71
N ASP A 463 -37.14 -31.37 3.93
CA ASP A 463 -38.50 -31.53 4.42
C ASP A 463 -38.87 -33.00 4.25
N ILE A 464 -39.23 -33.68 5.35
CA ILE A 464 -39.69 -35.05 5.25
C ILE A 464 -41.20 -35.19 5.35
N SER A 465 -41.93 -34.08 5.46
CA SER A 465 -43.37 -34.11 5.65
C SER A 465 -44.09 -34.72 4.45
N THR A 466 -45.12 -35.53 4.70
CA THR A 466 -45.90 -36.09 3.62
C THR A 466 -47.29 -35.46 3.55
N GLU A 467 -47.48 -34.32 4.24
CA GLU A 467 -48.77 -33.66 4.36
C GLU A 467 -49.31 -33.26 2.98
N ILE A 468 -50.62 -33.47 2.78
CA ILE A 468 -51.25 -33.23 1.48
C ILE A 468 -51.17 -31.75 1.14
N TYR A 469 -50.74 -31.43 -0.09
CA TYR A 469 -50.52 -30.05 -0.48
C TYR A 469 -51.86 -29.40 -0.78
N GLN A 470 -52.16 -28.30 -0.08
CA GLN A 470 -53.45 -27.63 -0.20
C GLN A 470 -53.32 -26.48 -1.18
N ALA A 471 -53.81 -26.69 -2.41
CA ALA A 471 -53.73 -25.69 -3.47
C ALA A 471 -54.99 -24.83 -3.57
N GLY A 472 -56.01 -25.16 -2.79
CA GLY A 472 -57.30 -24.53 -2.91
C GLY A 472 -57.77 -24.04 -1.56
N ASN A 473 -58.74 -23.12 -1.59
CA ASN A 473 -59.22 -22.47 -0.37
C ASN A 473 -59.81 -23.48 0.61
N LYS A 474 -60.54 -24.47 0.09
CA LYS A 474 -61.18 -25.48 0.93
C LYS A 474 -60.13 -26.33 1.63
N PRO A 475 -60.35 -26.71 2.91
CA PRO A 475 -59.40 -27.59 3.58
C PRO A 475 -59.38 -28.99 2.97
N CYS A 476 -58.17 -29.54 2.83
CA CYS A 476 -58.01 -30.91 2.33
C CYS A 476 -58.59 -31.95 3.28
N ASN A 477 -58.36 -31.77 4.60
CA ASN A 477 -58.77 -32.60 5.76
C ASN A 477 -57.89 -33.84 5.89
N GLY A 478 -56.76 -33.89 5.19
CA GLY A 478 -55.79 -34.96 5.30
C GLY A 478 -56.11 -36.19 4.48
N VAL A 479 -57.17 -36.14 3.67
CA VAL A 479 -57.56 -37.19 2.75
C VAL A 479 -57.42 -36.60 1.35
N ALA A 480 -56.84 -37.35 0.41
CA ALA A 480 -56.70 -36.84 -0.94
C ALA A 480 -58.06 -36.57 -1.57
N GLY A 481 -58.15 -35.43 -2.24
CA GLY A 481 -59.40 -34.93 -2.77
C GLY A 481 -59.12 -33.99 -3.93
N PRO A 482 -60.16 -33.60 -4.68
CA PRO A 482 -59.95 -32.71 -5.84
C PRO A 482 -59.33 -31.40 -5.36
N ASN A 483 -58.29 -30.94 -6.06
CA ASN A 483 -57.49 -29.72 -5.83
C ASN A 483 -56.53 -29.95 -4.66
N CYS A 484 -56.43 -31.19 -4.17
CA CYS A 484 -55.51 -31.57 -3.10
C CYS A 484 -54.66 -32.73 -3.60
N TYR A 485 -53.36 -32.52 -3.68
CA TYR A 485 -52.44 -33.48 -4.28
C TYR A 485 -51.35 -33.82 -3.28
N SER A 486 -51.04 -35.11 -3.16
CA SER A 486 -49.93 -35.55 -2.33
C SER A 486 -48.63 -35.00 -2.90
N PRO A 487 -47.76 -34.39 -2.07
CA PRO A 487 -46.57 -33.73 -2.60
C PRO A 487 -45.54 -34.66 -3.22
N LEU A 488 -45.33 -35.84 -2.65
CA LEU A 488 -44.26 -36.72 -3.11
C LEU A 488 -44.73 -37.59 -4.27
N GLN A 489 -44.08 -37.45 -5.41
CA GLN A 489 -44.37 -38.20 -6.62
C GLN A 489 -43.25 -39.19 -6.84
N SER A 490 -43.52 -40.24 -7.60
CA SER A 490 -42.58 -41.33 -7.78
C SER A 490 -41.85 -41.18 -9.11
N TYR A 491 -40.54 -41.42 -9.09
CA TYR A 491 -39.71 -41.42 -10.29
C TYR A 491 -39.75 -42.80 -10.90
N GLY A 492 -40.63 -43.04 -11.86
CA GLY A 492 -40.81 -44.39 -12.34
C GLY A 492 -39.74 -44.74 -13.36
N PHE A 493 -38.54 -45.07 -12.87
CA PHE A 493 -37.40 -45.30 -13.74
C PHE A 493 -37.55 -46.60 -14.51
N ARG A 494 -37.23 -46.55 -15.81
CA ARG A 494 -37.27 -47.72 -16.68
C ARG A 494 -36.02 -47.72 -17.55
N PRO A 495 -35.50 -48.89 -17.93
CA PRO A 495 -34.22 -48.96 -18.66
C PRO A 495 -34.24 -48.33 -20.05
N THR A 496 -35.40 -48.25 -20.70
CA THR A 496 -35.51 -47.81 -22.08
C THR A 496 -35.78 -46.31 -22.21
N TYR A 497 -35.72 -45.56 -21.11
CA TYR A 497 -35.98 -44.13 -21.14
C TYR A 497 -34.85 -43.40 -21.87
N GLY A 498 -35.16 -42.19 -22.33
CA GLY A 498 -34.16 -41.36 -22.96
C GLY A 498 -33.17 -40.87 -21.93
N VAL A 499 -31.98 -40.46 -22.41
CA VAL A 499 -30.85 -40.10 -21.55
C VAL A 499 -31.19 -38.97 -20.58
N GLY A 500 -32.06 -38.05 -21.00
CA GLY A 500 -32.52 -36.99 -20.12
C GLY A 500 -33.27 -37.51 -18.90
N HIS A 501 -34.02 -38.60 -19.06
CA HIS A 501 -34.84 -39.16 -17.99
C HIS A 501 -34.26 -40.39 -17.28
N GLN A 502 -33.08 -40.87 -17.66
CA GLN A 502 -32.51 -42.03 -16.97
C GLN A 502 -32.06 -41.62 -15.55
N PRO A 503 -32.10 -42.54 -14.58
CA PRO A 503 -31.67 -42.17 -13.22
C PRO A 503 -30.18 -41.87 -13.17
N TYR A 504 -29.85 -40.77 -12.48
CA TYR A 504 -28.49 -40.35 -12.26
C TYR A 504 -28.24 -40.21 -10.77
N ARG A 505 -27.13 -40.76 -10.28
CA ARG A 505 -26.79 -40.62 -8.87
C ARG A 505 -25.89 -39.40 -8.70
N VAL A 506 -26.27 -38.53 -7.78
CA VAL A 506 -25.57 -37.27 -7.54
C VAL A 506 -25.07 -37.25 -6.10
N VAL A 507 -23.78 -36.92 -5.94
CA VAL A 507 -23.17 -36.68 -4.65
C VAL A 507 -22.67 -35.24 -4.66
N VAL A 508 -23.08 -34.47 -3.66
CA VAL A 508 -22.66 -33.09 -3.52
C VAL A 508 -21.70 -33.00 -2.34
N LEU A 509 -20.49 -32.51 -2.60
CA LEU A 509 -19.49 -32.34 -1.56
C LEU A 509 -19.47 -30.86 -1.22
N SER A 510 -19.73 -30.54 0.04
CA SER A 510 -19.72 -29.17 0.52
C SER A 510 -18.59 -29.00 1.51
N PHE A 511 -17.71 -28.04 1.28
CA PHE A 511 -16.55 -27.85 2.13
C PHE A 511 -16.79 -26.60 2.97
N GLU A 512 -16.63 -26.70 4.28
CA GLU A 512 -16.78 -25.52 5.12
C GLU A 512 -15.57 -25.36 6.03
N LEU A 513 -15.17 -24.11 6.23
CA LEU A 513 -14.09 -23.75 7.13
C LEU A 513 -14.68 -22.97 8.30
N LEU A 514 -14.27 -23.32 9.51
CA LEU A 514 -14.76 -22.70 10.73
C LEU A 514 -13.56 -22.32 11.59
N HIS A 515 -13.83 -21.56 12.67
CA HIS A 515 -12.76 -21.09 13.55
C HIS A 515 -12.03 -22.26 14.24
N ALA A 516 -12.68 -23.42 14.35
CA ALA A 516 -12.07 -24.61 14.90
C ALA A 516 -10.96 -25.08 13.96
N PRO A 517 -9.92 -25.76 14.48
CA PRO A 517 -8.84 -26.22 13.59
C PRO A 517 -9.31 -27.22 12.54
N ALA A 518 -8.82 -27.04 11.32
CA ALA A 518 -9.27 -27.86 10.20
C ALA A 518 -8.65 -29.25 10.32
N THR A 519 -9.49 -30.28 10.35
CA THR A 519 -9.03 -31.65 10.54
C THR A 519 -9.26 -32.56 9.34
N VAL A 520 -9.72 -32.05 8.20
CA VAL A 520 -9.84 -32.85 6.99
C VAL A 520 -8.94 -32.25 5.92
N CYS A 521 -7.85 -32.96 5.61
CA CYS A 521 -6.86 -32.48 4.66
C CYS A 521 -6.42 -33.63 3.77
N GLY A 522 -5.83 -33.28 2.63
CA GLY A 522 -5.45 -34.24 1.62
C GLY A 522 -4.29 -35.13 2.02
N PRO A 523 -4.01 -36.17 1.22
CA PRO A 523 -2.97 -37.14 1.57
C PRO A 523 -1.58 -36.52 1.67
N LYS A 524 -0.78 -37.07 2.57
CA LYS A 524 0.56 -36.57 2.84
C LYS A 524 1.57 -37.50 2.18
N LYS A 525 2.50 -36.95 1.41
CA LYS A 525 3.39 -37.80 0.63
C LYS A 525 4.54 -38.28 1.51
N SER A 526 4.72 -39.60 1.57
CA SER A 526 5.85 -40.18 2.29
C SER A 526 7.19 -39.78 1.68
N THR A 527 7.24 -39.75 0.34
CA THR A 527 8.47 -39.51 -0.47
C THR A 527 9.46 -40.61 -0.06
N ASN A 528 10.69 -40.27 0.30
CA ASN A 528 11.72 -41.24 0.65
C ASN A 528 12.74 -40.52 1.52
N LEU A 529 13.56 -41.29 2.23
CA LEU A 529 14.55 -40.72 3.13
C LEU A 529 15.96 -40.96 2.62
N VAL A 530 16.72 -39.88 2.46
CA VAL A 530 18.11 -39.93 2.04
C VAL A 530 18.96 -39.41 3.19
N LYS A 531 20.01 -40.14 3.55
CA LYS A 531 20.86 -39.80 4.68
C LYS A 531 22.28 -39.56 4.19
N ASN A 532 23.06 -38.86 5.04
CA ASN A 532 24.49 -38.59 4.89
C ASN A 532 24.79 -37.55 3.81
N LYS A 533 23.79 -36.82 3.34
CA LYS A 533 24.02 -35.76 2.36
C LYS A 533 23.22 -34.52 2.78
N CYS A 534 23.59 -33.38 2.20
CA CYS A 534 22.94 -32.11 2.51
C CYS A 534 21.68 -32.01 1.68
N VAL A 535 20.54 -32.28 2.32
CA VAL A 535 19.23 -32.31 1.66
C VAL A 535 18.27 -31.41 2.41
N ASN A 536 17.44 -30.68 1.66
CA ASN A 536 16.40 -29.84 2.28
C ASN A 536 15.37 -30.76 2.94
N PHE A 537 15.11 -30.56 4.23
CA PHE A 537 14.26 -31.49 4.96
C PHE A 537 12.97 -30.80 5.37
N ASN A 538 11.85 -31.48 5.13
CA ASN A 538 10.54 -31.03 5.60
C ASN A 538 9.96 -32.16 6.45
N PHE A 539 10.10 -32.04 7.77
CA PHE A 539 9.61 -33.05 8.70
C PHE A 539 8.44 -32.46 9.47
N ASN A 540 7.23 -32.93 9.18
CA ASN A 540 5.99 -32.54 9.87
C ASN A 540 5.79 -31.03 9.87
N GLY A 541 6.14 -30.39 8.76
CA GLY A 541 6.00 -28.95 8.62
C GLY A 541 7.15 -28.14 9.15
N LEU A 542 8.19 -28.80 9.68
CA LEU A 542 9.41 -28.13 10.12
C LEU A 542 10.42 -28.22 8.99
N THR A 543 10.90 -27.07 8.53
CA THR A 543 11.74 -27.03 7.33
C THR A 543 13.15 -26.52 7.65
N GLY A 544 14.08 -26.90 6.77
CA GLY A 544 15.46 -26.50 6.92
C GLY A 544 16.28 -27.14 5.82
N THR A 545 17.60 -27.02 5.94
CA THR A 545 18.54 -27.75 5.09
C THR A 545 19.63 -28.37 5.94
N GLY A 546 19.75 -29.70 5.91
CA GLY A 546 20.81 -30.32 6.68
C GLY A 546 21.03 -31.77 6.32
N VAL A 547 22.23 -32.24 6.68
CA VAL A 547 22.58 -33.65 6.64
C VAL A 547 21.80 -34.35 7.76
N LEU A 548 21.39 -35.59 7.52
CA LEU A 548 20.71 -36.38 8.55
C LEU A 548 21.54 -37.61 8.91
N THR A 549 22.32 -37.53 9.98
CA THR A 549 23.18 -38.63 10.37
C THR A 549 22.45 -39.50 11.39
N GLU A 550 22.99 -40.69 11.66
CA GLU A 550 22.41 -41.55 12.67
C GLU A 550 22.58 -40.91 14.05
N SER A 551 21.61 -41.14 14.93
CA SER A 551 21.60 -40.54 16.25
C SER A 551 21.66 -41.58 17.36
N ASN A 552 22.44 -41.28 18.39
CA ASN A 552 22.52 -42.14 19.56
C ASN A 552 21.56 -41.70 20.65
N LYS A 553 20.79 -40.63 20.41
CA LYS A 553 19.92 -40.06 21.44
C LYS A 553 18.64 -40.86 21.55
N LYS A 554 18.28 -41.22 22.77
CA LYS A 554 17.09 -42.02 23.03
C LYS A 554 15.97 -41.05 23.39
N PHE A 555 15.07 -40.83 22.44
CA PHE A 555 13.95 -39.93 22.67
C PHE A 555 12.88 -40.62 23.50
N LEU A 556 12.10 -39.83 24.23
CA LEU A 556 10.93 -40.40 24.86
C LEU A 556 9.86 -40.53 23.78
N PRO A 557 8.84 -41.40 23.97
CA PRO A 557 7.86 -41.61 22.87
C PRO A 557 7.07 -40.38 22.44
N PHE A 558 6.67 -39.50 23.36
CA PHE A 558 5.96 -38.28 22.97
C PHE A 558 6.83 -37.35 22.12
N GLN A 559 8.12 -37.25 22.45
CA GLN A 559 8.99 -36.26 21.80
C GLN A 559 9.18 -36.52 20.31
N GLN A 560 9.15 -35.45 19.53
CA GLN A 560 9.30 -35.54 18.08
C GLN A 560 10.53 -34.81 17.56
N PHE A 561 10.94 -33.71 18.20
CA PHE A 561 12.03 -32.87 17.69
C PHE A 561 13.05 -32.73 18.82
N GLY A 562 14.24 -32.25 18.50
CA GLY A 562 15.24 -31.95 19.51
C GLY A 562 15.86 -30.59 19.29
N ARG A 563 16.34 -29.99 20.38
CA ARG A 563 16.93 -28.66 20.32
C ARG A 563 18.25 -28.59 21.07
N ASP A 564 19.09 -27.64 20.65
CA ASP A 564 20.41 -27.40 21.22
C ASP A 564 20.27 -26.58 22.50
N ILE A 565 21.42 -26.38 23.16
CA ILE A 565 21.46 -25.49 24.33
C ILE A 565 21.04 -24.08 23.89
N ALA A 566 21.43 -23.69 22.68
CA ALA A 566 21.20 -22.37 22.12
C ALA A 566 19.89 -22.30 21.32
N ASP A 567 18.98 -23.26 21.55
CA ASP A 567 17.65 -23.34 20.93
C ASP A 567 17.69 -23.46 19.41
N THR A 568 18.61 -24.28 18.89
CA THR A 568 18.69 -24.63 17.48
C THR A 568 18.49 -26.13 17.35
N THR A 569 17.71 -26.55 16.35
CA THR A 569 17.37 -27.97 16.22
C THR A 569 18.60 -28.83 15.95
N ASP A 570 18.77 -29.89 16.75
CA ASP A 570 19.91 -30.79 16.59
C ASP A 570 19.50 -32.24 16.35
N ALA A 571 18.21 -32.55 16.41
CA ALA A 571 17.76 -33.93 16.29
C ALA A 571 16.32 -33.90 15.84
N VAL A 572 15.86 -35.04 15.31
CA VAL A 572 14.47 -35.18 14.90
C VAL A 572 14.12 -36.68 14.89
N ARG A 573 12.83 -36.97 14.98
CA ARG A 573 12.31 -38.32 14.88
C ARG A 573 11.60 -38.42 13.54
N ASP A 574 11.93 -39.45 12.77
CA ASP A 574 11.29 -39.63 11.48
C ASP A 574 9.84 -40.07 11.67
N PRO A 575 8.89 -39.44 10.96
CA PRO A 575 7.49 -39.88 11.10
C PRO A 575 7.20 -41.26 10.53
N GLN A 576 7.77 -41.62 9.38
CA GLN A 576 7.48 -42.91 8.75
C GLN A 576 8.00 -44.07 9.58
N THR A 577 9.25 -43.98 10.04
CA THR A 577 9.88 -45.01 10.85
C THR A 577 10.35 -44.36 12.14
N LEU A 578 10.05 -44.99 13.28
CA LEU A 578 10.33 -44.32 14.55
C LEU A 578 11.81 -44.51 14.87
N GLU A 579 12.62 -43.68 14.23
CA GLU A 579 14.06 -43.64 14.42
C GLU A 579 14.48 -42.20 14.66
N ILE A 580 15.62 -42.02 15.32
CA ILE A 580 16.11 -40.70 15.67
C ILE A 580 17.27 -40.35 14.76
N LEU A 581 17.24 -39.15 14.18
CA LEU A 581 18.29 -38.69 13.29
C LEU A 581 18.90 -37.40 13.83
N ASP A 582 20.23 -37.29 13.72
CA ASP A 582 20.95 -36.08 14.13
C ASP A 582 21.04 -35.12 12.96
N ILE A 583 20.29 -34.03 13.04
CA ILE A 583 20.28 -33.04 11.96
C ILE A 583 21.51 -32.17 12.13
N THR A 584 22.36 -32.14 11.12
CA THR A 584 23.54 -31.29 11.17
C THR A 584 23.53 -30.40 9.93
N PRO A 585 23.58 -29.07 10.08
CA PRO A 585 23.56 -28.20 8.91
C PRO A 585 24.80 -28.38 8.03
N CYS A 586 24.62 -28.12 6.75
CA CYS A 586 25.67 -28.34 5.75
C CYS A 586 26.86 -27.42 6.00
N SER A 587 28.02 -27.86 5.56
CA SER A 587 29.28 -27.18 5.86
C SER A 587 29.32 -25.76 5.28
N PHE A 588 29.92 -24.87 6.06
CA PHE A 588 30.10 -23.47 5.67
C PHE A 588 31.55 -23.12 5.95
N GLY A 589 32.06 -22.14 5.22
CA GLY A 589 33.41 -21.70 5.51
C GLY A 589 33.64 -20.25 5.13
N GLY A 590 34.62 -19.64 5.76
CA GLY A 590 34.94 -18.30 5.30
C GLY A 590 36.00 -18.34 4.24
N VAL A 591 35.66 -17.99 3.01
CA VAL A 591 36.60 -18.04 1.91
C VAL A 591 37.49 -16.82 2.03
N SER A 592 38.79 -17.05 2.16
CA SER A 592 39.79 -16.01 2.27
C SER A 592 40.76 -16.16 1.10
N VAL A 593 41.16 -15.06 0.50
CA VAL A 593 42.05 -15.12 -0.66
C VAL A 593 43.40 -14.61 -0.21
N ILE A 594 44.43 -15.43 -0.39
CA ILE A 594 45.79 -15.08 -0.03
C ILE A 594 46.51 -14.72 -1.32
N THR A 595 46.96 -13.49 -1.42
CA THR A 595 47.62 -13.05 -2.63
C THR A 595 48.77 -12.11 -2.30
N PRO A 596 49.83 -12.14 -3.10
CA PRO A 596 50.85 -11.10 -2.98
C PRO A 596 50.38 -9.88 -3.76
N GLY A 597 51.21 -8.85 -3.87
CA GLY A 597 50.81 -7.68 -4.65
C GLY A 597 50.58 -8.05 -6.10
N THR A 598 49.58 -7.41 -6.72
CA THR A 598 49.17 -7.75 -8.10
C THR A 598 50.32 -7.51 -9.06
N ASN A 599 51.07 -6.43 -8.85
CA ASN A 599 52.17 -6.07 -9.73
C ASN A 599 53.24 -7.16 -9.72
N THR A 600 53.55 -7.68 -8.53
CA THR A 600 54.51 -8.78 -8.42
C THR A 600 53.99 -10.05 -9.10
N SER A 601 52.74 -10.44 -8.83
CA SER A 601 52.18 -11.66 -9.40
C SER A 601 50.66 -11.63 -9.31
N ASN A 602 50.02 -12.47 -10.13
CA ASN A 602 48.57 -12.62 -10.11
C ASN A 602 48.13 -13.96 -9.53
N GLN A 603 49.06 -14.77 -9.01
CA GLN A 603 48.70 -16.04 -8.39
C GLN A 603 47.97 -15.82 -7.07
N VAL A 604 46.97 -16.66 -6.79
CA VAL A 604 46.21 -16.57 -5.56
C VAL A 604 46.07 -17.96 -4.95
N ALA A 605 45.84 -17.98 -3.65
CA ALA A 605 45.54 -19.20 -2.91
C ALA A 605 44.24 -18.98 -2.15
N VAL A 606 43.48 -20.04 -1.92
CA VAL A 606 42.18 -19.92 -1.27
C VAL A 606 42.20 -20.68 0.04
N LEU A 607 41.79 -20.03 1.12
CA LEU A 607 41.67 -20.66 2.42
C LEU A 607 40.19 -20.79 2.76
N TYR A 608 39.75 -22.01 3.02
CA TYR A 608 38.40 -22.26 3.49
C TYR A 608 38.50 -22.39 5.00
N GLN A 609 37.95 -21.43 5.73
CA GLN A 609 38.14 -21.40 7.17
C GLN A 609 37.19 -22.39 7.84
N GLY A 610 37.75 -23.28 8.66
CA GLY A 610 36.96 -24.21 9.44
C GLY A 610 36.49 -25.43 8.67
N VAL A 611 36.88 -25.59 7.42
CA VAL A 611 36.42 -26.66 6.55
C VAL A 611 37.55 -27.67 6.36
N ASN A 612 37.25 -28.94 6.63
CA ASN A 612 38.22 -29.99 6.39
C ASN A 612 38.44 -30.12 4.87
N CYS A 613 39.63 -30.56 4.48
CA CYS A 613 39.98 -30.62 3.06
C CYS A 613 39.14 -31.61 2.27
N THR A 614 38.57 -32.62 2.92
CA THR A 614 37.83 -33.65 2.22
C THR A 614 36.40 -33.25 1.94
N GLU A 615 35.96 -32.10 2.45
CA GLU A 615 34.57 -31.66 2.34
C GLU A 615 34.40 -30.49 1.39
N VAL A 616 35.40 -30.17 0.58
CA VAL A 616 35.29 -29.04 -0.34
C VAL A 616 35.27 -29.53 -1.77
N ASN A 637 48.20 -29.21 -4.74
CA ASN A 637 48.58 -28.13 -3.83
C ASN A 637 47.47 -27.87 -2.82
N VAL A 638 46.98 -28.93 -2.19
CA VAL A 638 45.97 -28.87 -1.14
C VAL A 638 46.61 -29.31 0.17
N PHE A 639 46.52 -28.45 1.18
CA PHE A 639 47.12 -28.70 2.49
C PHE A 639 46.07 -28.47 3.55
N GLN A 640 46.12 -29.27 4.61
CA GLN A 640 45.16 -29.16 5.70
C GLN A 640 45.81 -28.46 6.89
N THR A 641 45.16 -27.42 7.38
CA THR A 641 45.64 -26.63 8.50
C THR A 641 44.54 -26.60 9.56
N ARG A 642 44.93 -26.23 10.78
CA ARG A 642 43.97 -26.09 11.86
C ARG A 642 42.96 -25.00 11.52
N ALA A 643 43.43 -23.93 10.86
CA ALA A 643 42.57 -22.83 10.45
C ALA A 643 41.51 -23.30 9.45
N GLY A 644 41.90 -24.19 8.55
CA GLY A 644 41.01 -24.67 7.51
C GLY A 644 41.83 -25.30 6.40
N CYS A 645 41.19 -25.46 5.24
CA CYS A 645 41.85 -26.07 4.10
C CYS A 645 42.46 -24.99 3.22
N LEU A 646 43.76 -25.11 2.94
CA LEU A 646 44.45 -24.15 2.09
C LEU A 646 44.72 -24.80 0.74
N ILE A 647 44.20 -24.19 -0.32
CA ILE A 647 44.34 -24.71 -1.68
C ILE A 647 45.14 -23.71 -2.50
N GLY A 648 46.08 -24.22 -3.29
CA GLY A 648 46.94 -23.38 -4.09
C GLY A 648 48.27 -23.01 -3.46
N ALA A 649 48.57 -23.51 -2.26
CA ALA A 649 49.88 -23.29 -1.66
C ALA A 649 50.50 -24.63 -1.27
N GLU A 650 51.81 -24.73 -1.44
CA GLU A 650 52.55 -25.97 -1.17
C GLU A 650 53.27 -25.84 0.17
N TYR A 651 53.03 -26.81 1.05
CA TYR A 651 53.68 -26.80 2.36
C TYR A 651 55.18 -27.04 2.22
N VAL A 652 55.97 -26.23 2.91
CA VAL A 652 57.42 -26.36 2.93
C VAL A 652 57.86 -26.57 4.38
N ASN A 653 58.74 -27.55 4.59
CA ASN A 653 59.21 -27.87 5.95
C ASN A 653 59.98 -26.70 6.57
N ASN A 654 60.65 -25.90 5.74
CA ASN A 654 61.50 -24.81 6.21
C ASN A 654 60.69 -23.77 6.97
N SER A 655 61.33 -23.09 7.91
CA SER A 655 60.68 -22.07 8.72
C SER A 655 61.28 -20.71 8.38
N TYR A 656 60.40 -19.74 8.13
CA TYR A 656 60.79 -18.37 7.83
C TYR A 656 59.94 -17.42 8.66
N GLU A 657 60.25 -16.14 8.57
CA GLU A 657 59.44 -15.14 9.24
C GLU A 657 58.07 -15.05 8.56
N CYS A 658 57.08 -14.59 9.31
CA CYS A 658 55.72 -14.53 8.77
C CYS A 658 55.61 -13.41 7.75
N ASP A 659 55.06 -13.71 6.58
CA ASP A 659 54.81 -12.70 5.56
C ASP A 659 53.33 -12.43 5.41
N ILE A 660 52.53 -13.46 5.16
CA ILE A 660 51.08 -13.37 5.13
C ILE A 660 50.57 -14.34 6.18
N PRO A 661 49.86 -13.87 7.22
CA PRO A 661 49.43 -14.80 8.27
C PRO A 661 48.25 -15.66 7.83
N ILE A 662 48.37 -16.98 8.02
CA ILE A 662 47.27 -17.89 7.73
C ILE A 662 46.58 -18.28 9.03
N GLY A 663 47.21 -18.02 10.16
CA GLY A 663 46.68 -18.45 11.44
C GLY A 663 47.16 -19.82 11.83
N ALA A 664 46.99 -20.13 13.12
CA ALA A 664 47.27 -21.46 13.70
C ALA A 664 48.74 -21.84 13.50
N GLY A 665 49.60 -20.83 13.52
CA GLY A 665 51.02 -21.02 13.39
C GLY A 665 51.48 -21.12 11.97
N ILE A 666 50.56 -21.03 11.02
CA ILE A 666 50.84 -21.18 9.60
C ILE A 666 50.85 -19.79 8.99
N CYS A 667 51.86 -19.53 8.16
CA CYS A 667 52.04 -18.28 7.44
C CYS A 667 52.34 -18.60 5.99
N ALA A 668 52.07 -17.65 5.10
CA ALA A 668 52.28 -17.85 3.67
C ALA A 668 53.21 -16.80 3.10
N SER A 669 53.94 -17.17 2.05
CA SER A 669 54.85 -16.27 1.38
C SER A 669 54.90 -16.60 -0.10
N TYR A 670 55.41 -15.65 -0.88
CA TYR A 670 55.62 -15.85 -2.31
C TYR A 670 57.11 -15.93 -2.58
N GLN A 671 57.53 -16.95 -3.30
CA GLN A 671 58.94 -17.09 -3.67
C GLN A 671 59.10 -17.43 -5.14
N SER A 687 55.85 -19.40 -6.99
CA SER A 687 54.67 -20.02 -6.42
C SER A 687 54.47 -19.57 -4.97
N ILE A 688 53.31 -19.89 -4.40
CA ILE A 688 52.97 -19.50 -3.04
C ILE A 688 53.22 -20.70 -2.13
N ILE A 689 53.98 -20.47 -1.06
CA ILE A 689 54.34 -21.51 -0.11
C ILE A 689 53.75 -21.20 1.25
N ALA A 690 53.42 -22.26 2.00
CA ALA A 690 52.90 -22.16 3.34
C ALA A 690 53.85 -22.86 4.29
N TYR A 691 54.11 -22.26 5.45
CA TYR A 691 55.09 -22.82 6.36
C TYR A 691 54.74 -22.46 7.79
N THR A 692 55.35 -23.20 8.72
CA THR A 692 55.23 -22.85 10.13
C THR A 692 56.28 -21.77 10.41
N MET A 693 55.84 -20.64 10.94
CA MET A 693 56.73 -19.50 11.10
C MET A 693 57.79 -19.73 12.17
N SER A 694 58.99 -19.23 11.91
CA SER A 694 60.08 -19.32 12.86
C SER A 694 59.93 -18.18 13.86
N LEU A 695 59.92 -18.52 15.15
CA LEU A 695 59.86 -17.46 16.15
C LEU A 695 61.14 -16.62 16.18
N GLY A 696 62.30 -17.27 16.15
CA GLY A 696 63.53 -16.52 16.31
C GLY A 696 64.74 -17.30 15.88
N ALA A 697 65.85 -16.56 15.70
CA ALA A 697 67.13 -17.20 15.48
C ALA A 697 67.55 -17.86 16.79
N GLU A 698 68.15 -19.04 16.70
CA GLU A 698 68.42 -19.79 17.91
C GLU A 698 69.77 -19.41 18.49
N ASN A 699 69.78 -18.99 19.76
CA ASN A 699 70.98 -18.63 20.49
C ASN A 699 70.98 -19.36 21.83
N SER A 700 72.10 -19.98 22.17
CA SER A 700 72.25 -20.62 23.47
C SER A 700 73.26 -19.81 24.28
N VAL A 701 72.86 -19.33 25.45
CA VAL A 701 73.75 -18.49 26.24
C VAL A 701 74.69 -19.40 27.01
N ALA A 702 75.99 -19.08 26.98
CA ALA A 702 76.99 -19.95 27.60
C ALA A 702 77.10 -19.68 29.10
N TYR A 703 76.09 -20.12 29.83
CA TYR A 703 76.10 -19.95 31.28
C TYR A 703 77.05 -20.93 31.96
N SER A 704 77.88 -20.41 32.87
CA SER A 704 78.74 -21.21 33.72
C SER A 704 78.81 -20.48 35.06
N ASN A 705 79.13 -21.23 36.13
CA ASN A 705 79.14 -20.65 37.48
C ASN A 705 80.15 -19.51 37.62
N ASN A 706 81.33 -19.61 37.00
CA ASN A 706 82.36 -18.59 37.17
C ASN A 706 82.69 -17.75 35.92
N SER A 707 81.82 -17.64 34.93
CA SER A 707 82.13 -16.82 33.76
C SER A 707 81.13 -15.69 33.57
N ILE A 708 81.64 -14.50 33.23
CA ILE A 708 80.82 -13.34 32.96
C ILE A 708 81.25 -12.78 31.60
N ALA A 709 80.34 -12.06 30.96
CA ALA A 709 80.62 -11.40 29.69
C ALA A 709 80.53 -9.90 29.91
N ILE A 710 81.59 -9.17 29.54
CA ILE A 710 81.68 -7.74 29.77
C ILE A 710 81.76 -7.06 28.41
N PRO A 711 80.95 -6.03 28.14
CA PRO A 711 81.08 -5.29 26.87
C PRO A 711 82.37 -4.49 26.79
N THR A 712 82.98 -4.49 25.60
CA THR A 712 84.20 -3.73 25.38
C THR A 712 83.98 -2.55 24.44
N ASN A 713 82.76 -2.32 23.99
CA ASN A 713 82.47 -1.27 23.03
C ASN A 713 80.98 -0.96 23.09
N PHE A 714 80.57 0.08 22.39
CA PHE A 714 79.17 0.48 22.40
C PHE A 714 78.75 1.01 21.04
N THR A 715 77.44 0.99 20.81
CA THR A 715 76.83 1.54 19.62
C THR A 715 75.77 2.55 20.07
N ILE A 716 75.80 3.74 19.48
CA ILE A 716 74.78 4.73 19.78
C ILE A 716 73.66 4.52 18.77
N SER A 717 72.51 4.06 19.24
CA SER A 717 71.41 3.68 18.36
C SER A 717 70.27 4.69 18.49
N VAL A 718 69.82 5.21 17.35
CA VAL A 718 68.66 6.10 17.32
C VAL A 718 67.52 5.34 16.66
N THR A 719 66.38 5.28 17.33
CA THR A 719 65.23 4.53 16.84
C THR A 719 64.02 5.45 16.79
N THR A 720 63.07 5.11 15.93
CA THR A 720 61.90 5.95 15.72
C THR A 720 60.68 5.34 16.37
N GLU A 721 59.90 6.16 17.08
CA GLU A 721 58.62 5.74 17.63
C GLU A 721 57.56 6.71 17.13
N ILE A 722 56.53 6.19 16.46
CA ILE A 722 55.51 7.03 15.86
C ILE A 722 54.23 6.86 16.68
N LEU A 723 53.71 7.96 17.21
CA LEU A 723 52.49 7.89 18.02
C LEU A 723 51.43 8.86 17.51
N PRO A 724 50.21 8.38 17.23
CA PRO A 724 49.11 9.29 16.90
C PRO A 724 48.70 10.11 18.11
N VAL A 725 48.45 11.40 17.89
CA VAL A 725 48.07 12.30 18.97
C VAL A 725 46.63 12.80 18.83
N SER A 726 46.21 13.13 17.61
CA SER A 726 44.89 13.73 17.40
C SER A 726 44.25 13.17 16.14
N MET A 727 42.95 13.39 16.02
CA MET A 727 42.19 12.98 14.84
C MET A 727 41.63 14.22 14.16
N THR A 728 41.05 13.99 12.98
CA THR A 728 40.32 15.05 12.30
C THR A 728 39.09 15.40 13.13
N LYS A 729 38.83 16.70 13.28
CA LYS A 729 37.70 17.16 14.08
C LYS A 729 36.49 17.28 13.16
N THR A 730 35.42 16.56 13.46
CA THR A 730 34.28 16.51 12.57
C THR A 730 33.03 17.00 13.29
N SER A 731 32.23 17.80 12.59
CA SER A 731 30.95 18.28 13.11
C SER A 731 29.89 17.90 12.09
N VAL A 732 28.74 17.44 12.56
CA VAL A 732 27.66 17.01 11.68
C VAL A 732 26.41 17.81 12.00
N ASP A 733 25.79 18.37 10.98
CA ASP A 733 24.51 19.04 11.12
C ASP A 733 23.48 17.92 10.99
N CYS A 734 22.83 17.58 12.11
CA CYS A 734 21.93 16.42 12.14
C CYS A 734 20.72 16.63 11.25
N THR A 735 20.11 17.83 11.30
CA THR A 735 18.93 18.12 10.51
C THR A 735 19.24 18.13 9.02
N MET A 736 20.35 18.77 8.64
CA MET A 736 20.73 18.86 7.24
C MET A 736 21.11 17.49 6.68
N TYR A 737 21.83 16.69 7.47
CA TYR A 737 22.26 15.38 6.99
C TYR A 737 21.07 14.45 6.79
N ILE A 738 20.19 14.37 7.79
CA ILE A 738 19.06 13.45 7.68
C ILE A 738 18.02 13.94 6.66
N CYS A 739 17.71 15.24 6.67
CA CYS A 739 16.59 15.71 5.88
C CYS A 739 16.90 16.71 4.76
N GLY A 740 18.07 17.33 4.76
CA GLY A 740 18.36 18.37 3.78
C GLY A 740 17.41 19.56 3.87
N ASP A 741 16.82 19.91 2.73
CA ASP A 741 15.97 21.09 2.59
C ASP A 741 14.49 20.82 2.85
N SER A 742 14.12 19.59 3.22
CA SER A 742 12.71 19.24 3.35
C SER A 742 12.18 19.66 4.72
N THR A 743 11.17 20.53 4.72
CA THR A 743 10.51 20.93 5.96
C THR A 743 9.74 19.77 6.59
N GLU A 744 9.06 18.97 5.76
CA GLU A 744 8.24 17.88 6.27
C GLU A 744 9.09 16.84 6.99
N CYS A 745 10.27 16.57 6.41
CA CYS A 745 11.21 15.63 7.02
C CYS A 745 11.68 16.14 8.37
N SER A 746 11.95 17.44 8.48
CA SER A 746 12.39 18.01 9.75
C SER A 746 11.28 17.90 10.78
N ASN A 747 10.03 18.13 10.35
CA ASN A 747 8.89 18.05 11.27
C ASN A 747 8.74 16.62 11.79
N LEU A 748 8.89 15.63 10.91
CA LEU A 748 8.86 14.24 11.33
C LEU A 748 10.05 13.91 12.22
N LEU A 749 11.22 14.49 11.91
CA LEU A 749 12.43 14.24 12.68
C LEU A 749 12.29 14.75 14.11
N LEU A 750 11.54 15.84 14.30
CA LEU A 750 11.39 16.44 15.62
C LEU A 750 10.70 15.49 16.61
N GLN A 751 9.90 14.56 16.09
CA GLN A 751 9.20 13.58 16.92
C GLN A 751 10.17 12.68 17.67
N TYR A 752 11.34 12.41 17.08
CA TYR A 752 12.33 11.55 17.72
C TYR A 752 13.02 12.19 18.92
N GLY A 753 12.94 13.50 19.10
CA GLY A 753 13.50 14.04 20.31
C GLY A 753 14.90 14.60 20.20
N SER A 754 15.68 14.41 21.26
CA SER A 754 17.00 15.02 21.40
C SER A 754 18.13 14.13 20.92
N PHE A 755 17.87 13.26 19.94
CA PHE A 755 18.95 12.48 19.33
C PHE A 755 19.98 13.38 18.68
N CYS A 756 19.52 14.41 17.97
CA CYS A 756 20.40 15.33 17.25
C CYS A 756 21.30 16.07 18.23
N THR A 757 20.73 16.49 19.36
CA THR A 757 21.50 17.19 20.38
C THR A 757 22.58 16.29 20.95
N GLN A 758 22.24 15.00 21.18
CA GLN A 758 23.21 14.05 21.71
C GLN A 758 24.37 13.84 20.74
N LEU A 759 24.05 13.70 19.44
CA LEU A 759 25.12 13.48 18.45
C LEU A 759 26.02 14.70 18.33
N LYS A 760 25.42 15.90 18.32
CA LYS A 760 26.21 17.12 18.21
C LYS A 760 27.09 17.30 19.43
N ARG A 761 26.54 17.00 20.62
CA ARG A 761 27.29 17.15 21.86
C ARG A 761 28.46 16.18 21.90
N ALA A 762 28.24 14.93 21.46
CA ALA A 762 29.31 13.93 21.45
C ALA A 762 30.42 14.34 20.50
N LEU A 763 30.05 14.84 19.31
CA LEU A 763 31.05 15.28 18.34
C LEU A 763 31.82 16.48 18.87
N THR A 764 31.12 17.40 19.57
CA THR A 764 31.77 18.58 20.15
C THR A 764 32.78 18.14 21.21
N GLY A 765 32.41 17.13 22.01
CA GLY A 765 33.31 16.61 23.03
C GLY A 765 34.56 16.01 22.41
N ILE A 766 34.39 15.26 21.31
CA ILE A 766 35.54 14.69 20.61
C ILE A 766 36.42 15.81 20.04
N ALA A 767 35.78 16.84 19.48
CA ALA A 767 36.51 17.94 18.86
C ALA A 767 37.35 18.72 19.88
N VAL A 768 36.78 19.01 21.05
CA VAL A 768 37.57 19.66 22.11
C VAL A 768 38.65 18.71 22.61
N GLU A 769 38.36 17.40 22.67
CA GLU A 769 39.29 16.42 23.18
C GLU A 769 40.56 16.36 22.33
N GLN A 770 40.42 16.50 21.01
CA GLN A 770 41.58 16.45 20.11
C GLN A 770 42.52 17.61 20.39
N ASP A 771 41.97 18.81 20.59
CA ASP A 771 42.76 19.98 20.92
C ASP A 771 43.44 19.80 22.26
N LYS A 772 42.72 19.20 23.23
CA LYS A 772 43.30 18.94 24.54
C LYS A 772 44.46 17.96 24.42
N ASN A 773 44.32 16.96 23.55
CA ASN A 773 45.36 15.96 23.34
C ASN A 773 46.62 16.61 22.78
N THR A 774 46.43 17.51 21.80
CA THR A 774 47.56 18.22 21.21
C THR A 774 48.25 19.11 22.24
N GLN A 775 47.45 19.79 23.08
CA GLN A 775 48.02 20.64 24.13
C GLN A 775 48.82 19.82 25.12
N GLU A 776 48.28 18.66 25.51
CA GLU A 776 48.93 17.82 26.50
C GLU A 776 50.25 17.27 25.98
N VAL A 777 50.27 16.80 24.73
CA VAL A 777 51.50 16.25 24.16
C VAL A 777 52.54 17.33 23.91
N PHE A 778 52.15 18.45 23.27
CA PHE A 778 53.17 19.40 22.85
C PHE A 778 53.36 20.62 23.75
N ALA A 779 52.31 21.15 24.37
CA ALA A 779 52.44 22.38 25.15
C ALA A 779 52.84 22.05 26.59
N GLN A 780 54.05 21.52 26.73
CA GLN A 780 54.57 21.16 28.05
C GLN A 780 55.62 22.11 28.56
N VAL A 781 55.99 23.14 27.79
CA VAL A 781 56.93 24.16 28.22
C VAL A 781 56.27 25.52 28.05
N LYS A 782 56.40 26.36 29.05
CA LYS A 782 55.82 27.70 28.98
C LYS A 782 56.84 28.72 28.49
N GLN A 783 58.07 28.29 28.23
CA GLN A 783 59.12 29.14 27.69
C GLN A 783 59.48 28.60 26.31
N ILE A 784 59.53 29.47 25.31
CA ILE A 784 59.92 29.06 23.96
C ILE A 784 61.43 29.23 23.87
N TYR A 785 62.15 28.12 24.02
CA TYR A 785 63.60 28.14 24.00
C TYR A 785 64.12 28.23 22.57
N LYS A 786 65.28 28.85 22.41
CA LYS A 786 65.93 28.98 21.13
C LYS A 786 67.38 28.51 21.20
N THR A 787 67.83 27.91 20.09
CA THR A 787 69.20 27.44 20.00
C THR A 787 70.17 28.61 19.86
N PRO A 788 71.42 28.45 20.30
CA PRO A 788 72.40 29.52 20.08
C PRO A 788 72.70 29.67 18.60
N PRO A 789 73.12 30.87 18.16
CA PRO A 789 73.40 31.06 16.73
C PRO A 789 74.52 30.20 16.18
N ILE A 790 75.55 29.93 16.97
CA ILE A 790 76.64 29.04 16.56
C ILE A 790 76.24 27.62 16.95
N LYS A 791 75.97 26.79 15.95
CA LYS A 791 75.52 25.42 16.16
C LYS A 791 76.71 24.46 16.32
N TYR A 792 77.45 24.64 17.41
CA TYR A 792 78.51 23.70 17.75
C TYR A 792 78.19 23.08 19.09
N PHE A 793 78.10 21.74 19.13
CA PHE A 793 77.72 21.03 20.34
C PHE A 793 78.74 19.95 20.70
N GLY A 794 80.03 20.24 20.55
CA GLY A 794 81.04 19.23 20.83
C GLY A 794 81.12 18.14 19.79
N GLY A 795 80.79 18.45 18.55
CA GLY A 795 80.90 17.53 17.45
C GLY A 795 79.59 16.83 17.14
N PHE A 796 78.57 17.05 17.95
CA PHE A 796 77.24 16.52 17.70
C PHE A 796 76.52 17.41 16.70
N ASN A 797 75.89 16.78 15.71
CA ASN A 797 75.23 17.48 14.63
C ASN A 797 73.73 17.29 14.79
N PHE A 798 72.99 18.39 14.87
CA PHE A 798 71.54 18.35 15.04
C PHE A 798 70.81 19.02 13.88
N SER A 799 71.45 19.12 12.70
CA SER A 799 70.86 19.83 11.57
C SER A 799 69.57 19.17 11.11
N GLN A 800 69.54 17.83 11.11
CA GLN A 800 68.37 17.09 10.63
C GLN A 800 67.15 17.32 11.51
N ILE A 801 67.35 17.58 12.80
CA ILE A 801 66.22 17.75 13.72
C ILE A 801 65.96 19.21 14.10
N LEU A 802 66.93 20.10 13.94
CA LEU A 802 66.68 21.51 14.22
C LEU A 802 65.92 22.13 13.06
N PRO A 803 65.18 23.23 13.31
CA PRO A 803 64.45 23.89 12.22
C PRO A 803 65.37 24.47 11.15
N ASP A 804 64.91 24.39 9.91
CA ASP A 804 65.69 24.89 8.77
C ASP A 804 65.30 26.34 8.50
N PRO A 805 66.24 27.28 8.55
CA PRO A 805 65.91 28.67 8.20
C PRO A 805 65.47 28.85 6.75
N SER A 806 66.07 28.08 5.84
CA SER A 806 65.78 28.21 4.40
C SER A 806 64.33 27.92 4.08
N LYS A 807 63.74 26.92 4.73
CA LYS A 807 62.36 26.55 4.41
C LYS A 807 61.38 27.58 4.96
N PRO A 808 60.34 27.93 4.20
CA PRO A 808 59.30 28.84 4.73
C PRO A 808 58.55 28.30 5.93
N SER A 809 58.31 26.98 5.97
CA SER A 809 57.56 26.37 7.05
C SER A 809 58.31 26.36 8.37
N LYS A 810 59.64 26.58 8.36
CA LYS A 810 60.51 26.59 9.53
C LYS A 810 60.51 25.23 10.23
N ARG A 811 60.46 24.17 9.45
CA ARG A 811 60.46 22.80 9.95
C ARG A 811 61.81 22.17 9.72
N SER A 812 62.09 21.11 10.50
CA SER A 812 63.32 20.36 10.33
C SER A 812 63.22 19.52 9.06
N PRO A 813 64.37 19.06 8.53
CA PRO A 813 64.32 18.14 7.38
C PRO A 813 63.56 16.86 7.66
N ILE A 814 63.73 16.30 8.87
CA ILE A 814 62.98 15.12 9.26
C ILE A 814 61.48 15.45 9.35
N GLU A 815 61.14 16.61 9.93
CA GLU A 815 59.74 17.00 10.04
C GLU A 815 59.13 17.25 8.67
N ASP A 816 59.91 17.86 7.77
CA ASP A 816 59.46 18.12 6.41
C ASP A 816 59.18 16.81 5.69
N LEU A 817 60.08 15.83 5.88
CA LEU A 817 59.90 14.51 5.29
C LEU A 817 58.66 13.83 5.85
N LEU A 818 58.43 13.98 7.16
CA LEU A 818 57.27 13.37 7.81
C LEU A 818 55.98 13.95 7.26
N PHE A 819 55.96 15.28 7.07
CA PHE A 819 54.78 15.95 6.53
C PHE A 819 54.53 15.54 5.08
N ASN A 820 55.60 15.41 4.28
CA ASN A 820 55.46 14.99 2.89
C ASN A 820 54.95 13.56 2.80
N LYS A 821 55.43 12.67 3.67
CA LYS A 821 55.09 11.26 3.55
C LYS A 821 53.73 10.90 4.12
N VAL A 822 53.08 11.81 4.87
CA VAL A 822 51.75 11.58 5.39
C VAL A 822 50.79 12.48 4.63
N THR A 823 49.75 11.88 4.04
CA THR A 823 48.81 12.62 3.21
C THR A 823 47.38 12.41 3.68
N ASP A 844 36.91 14.90 -5.54
CA ASP A 844 35.82 15.74 -5.05
C ASP A 844 35.10 15.07 -3.89
N LEU A 845 35.80 14.12 -3.24
CA LEU A 845 35.25 13.43 -2.07
C LEU A 845 35.02 14.42 -0.93
N ILE A 846 35.98 15.32 -0.70
CA ILE A 846 35.89 16.32 0.36
C ILE A 846 34.73 17.27 0.10
N CYS A 847 34.55 17.64 -1.17
CA CYS A 847 33.49 18.56 -1.54
C CYS A 847 32.13 17.94 -1.27
N ALA A 848 31.97 16.65 -1.60
CA ALA A 848 30.71 15.93 -1.38
C ALA A 848 30.40 15.85 0.11
N GLN A 849 31.45 15.57 0.91
CA GLN A 849 31.28 15.46 2.36
C GLN A 849 30.82 16.81 2.92
N LYS A 850 31.42 17.89 2.40
CA LYS A 850 30.99 19.22 2.85
C LYS A 850 29.54 19.47 2.43
N PHE A 851 29.19 19.07 1.19
CA PHE A 851 27.86 19.34 0.64
C PHE A 851 26.76 18.62 1.39
N ASN A 852 27.10 17.57 2.15
CA ASN A 852 26.11 16.78 2.87
C ASN A 852 25.98 17.22 4.33
N GLY A 853 26.49 18.40 4.68
CA GLY A 853 26.33 18.92 6.02
C GLY A 853 27.36 18.46 7.03
N LEU A 854 28.43 17.82 6.60
CA LEU A 854 29.53 17.40 7.47
C LEU A 854 30.69 18.36 7.27
N THR A 855 31.21 18.90 8.37
CA THR A 855 32.27 19.91 8.29
C THR A 855 33.49 19.48 9.09
N VAL A 856 34.65 19.63 8.48
CA VAL A 856 35.91 19.39 9.14
C VAL A 856 36.32 20.70 9.83
N LEU A 857 36.71 20.61 11.09
CA LEU A 857 37.07 21.77 11.87
C LEU A 857 38.59 21.88 11.95
N PRO A 858 39.13 23.09 11.80
CA PRO A 858 40.57 23.26 11.82
C PRO A 858 41.14 22.96 13.20
N PRO A 859 42.35 22.40 13.27
CA PRO A 859 43.01 22.20 14.55
C PRO A 859 43.30 23.54 15.21
N LEU A 860 43.14 23.59 16.54
CA LEU A 860 43.40 24.83 17.27
C LEU A 860 44.87 25.23 17.16
N LEU A 861 45.78 24.27 17.27
CA LEU A 861 47.20 24.55 17.07
C LEU A 861 47.51 24.31 15.61
N THR A 862 48.07 25.32 14.95
CA THR A 862 48.47 25.13 13.56
C THR A 862 49.79 24.37 13.52
N ASP A 863 50.11 23.82 12.34
CA ASP A 863 51.32 23.01 12.16
C ASP A 863 52.59 23.79 12.47
N GLU A 864 52.63 25.07 12.10
CA GLU A 864 53.79 25.90 12.41
C GLU A 864 53.97 26.07 13.92
N MET A 865 52.88 26.28 14.66
CA MET A 865 52.96 26.39 16.11
C MET A 865 53.38 25.08 16.77
N ILE A 866 52.88 23.93 16.27
CA ILE A 866 53.32 22.64 16.79
C ILE A 866 54.80 22.45 16.53
N ALA A 867 55.26 22.86 15.34
CA ALA A 867 56.68 22.80 15.00
C ALA A 867 57.48 23.72 15.93
N GLN A 868 56.92 24.88 16.27
CA GLN A 868 57.57 25.81 17.19
C GLN A 868 57.70 25.20 18.57
N TYR A 869 56.66 24.49 19.02
CA TYR A 869 56.73 23.81 20.32
C TYR A 869 57.80 22.72 20.32
N THR A 870 57.87 21.94 19.23
CA THR A 870 58.91 20.92 19.12
C THR A 870 60.29 21.55 19.09
N SER A 871 60.42 22.69 18.41
CA SER A 871 61.69 23.41 18.35
C SER A 871 62.10 23.89 19.73
N ALA A 872 61.14 24.39 20.52
CA ALA A 872 61.41 24.85 21.87
C ALA A 872 61.86 23.69 22.75
N LEU A 873 61.21 22.52 22.61
CA LEU A 873 61.59 21.34 23.37
C LEU A 873 62.98 20.87 22.98
N LEU A 874 63.30 20.88 21.68
CA LEU A 874 64.62 20.48 21.21
C LEU A 874 65.69 21.43 21.71
N ALA A 875 65.40 22.73 21.68
CA ALA A 875 66.37 23.73 22.14
C ALA A 875 66.60 23.59 23.63
N GLY A 876 65.53 23.35 24.40
CA GLY A 876 65.68 23.15 25.83
C GLY A 876 66.48 21.91 26.16
N THR A 877 66.20 20.80 25.47
CA THR A 877 66.90 19.55 25.77
C THR A 877 68.38 19.67 25.38
N ILE A 878 68.68 20.23 24.21
CA ILE A 878 70.06 20.28 23.73
C ILE A 878 70.89 21.26 24.55
N THR A 879 70.39 22.49 24.77
CA THR A 879 71.13 23.46 25.56
C THR A 879 71.14 23.17 27.06
N SER A 880 70.02 22.70 27.61
CA SER A 880 69.89 22.58 29.06
C SER A 880 69.74 21.16 29.62
N GLY A 881 69.76 20.13 28.80
CA GLY A 881 69.52 18.77 29.27
C GLY A 881 68.12 18.58 29.86
N TRP A 882 68.05 18.01 31.06
CA TRP A 882 66.77 17.75 31.70
C TRP A 882 66.37 18.84 32.68
N THR A 883 67.20 19.87 32.85
CA THR A 883 66.93 20.92 33.84
C THR A 883 65.67 21.71 33.51
N PHE A 884 65.45 22.02 32.22
CA PHE A 884 64.33 22.85 31.81
C PHE A 884 62.99 22.19 32.13
N GLY A 885 62.93 20.86 32.01
CA GLY A 885 61.72 20.14 32.35
C GLY A 885 61.34 20.28 33.81
N ALA A 886 62.33 20.26 34.71
CA ALA A 886 62.09 20.26 36.15
C ALA A 886 62.12 21.65 36.78
N GLY A 887 62.29 22.70 35.99
CA GLY A 887 62.48 24.02 36.55
C GLY A 887 63.02 25.00 35.53
N PRO A 888 63.75 26.01 36.00
CA PRO A 888 64.40 26.95 35.09
C PRO A 888 65.44 26.23 34.24
N ALA A 889 65.60 26.69 33.01
CA ALA A 889 66.55 26.06 32.11
C ALA A 889 67.95 26.48 32.51
N LEU A 890 68.79 25.50 32.84
CA LEU A 890 70.15 25.76 33.26
C LEU A 890 71.06 25.28 32.15
N GLN A 891 71.91 26.17 31.63
CA GLN A 891 72.76 25.80 30.52
C GLN A 891 73.81 24.81 30.99
N ILE A 892 74.11 23.85 30.13
CA ILE A 892 75.20 22.92 30.41
C ILE A 892 75.81 22.61 29.06
N PRO A 893 77.14 22.43 28.98
CA PRO A 893 77.74 22.00 27.71
C PRO A 893 77.22 20.63 27.32
N PHE A 894 77.04 20.43 26.01
CA PHE A 894 76.45 19.17 25.56
C PHE A 894 77.31 17.95 25.86
N PRO A 895 78.66 17.98 25.75
CA PRO A 895 79.42 16.79 26.21
C PRO A 895 79.23 16.49 27.69
N MET A 896 79.16 17.51 28.54
CA MET A 896 78.90 17.27 29.96
C MET A 896 77.51 16.69 30.18
N GLN A 897 76.53 17.16 29.40
CA GLN A 897 75.19 16.61 29.48
C GLN A 897 75.17 15.14 29.08
N MET A 898 75.90 14.80 28.01
CA MET A 898 75.98 13.42 27.55
C MET A 898 76.68 12.56 28.60
N ALA A 899 77.70 13.13 29.27
CA ALA A 899 78.38 12.44 30.36
C ALA A 899 77.45 12.17 31.52
N TYR A 900 76.57 13.13 31.84
CA TYR A 900 75.57 12.93 32.89
C TYR A 900 74.62 11.80 32.52
N ARG A 901 74.22 11.76 31.24
CA ARG A 901 73.36 10.70 30.75
C ARG A 901 74.06 9.35 30.81
N PHE A 902 75.37 9.33 30.51
CA PHE A 902 76.17 8.12 30.61
C PHE A 902 76.23 7.64 32.05
N ASN A 903 76.35 8.58 33.01
CA ASN A 903 76.31 8.23 34.42
C ASN A 903 74.97 7.64 34.81
N GLY A 904 73.89 8.14 34.18
CA GLY A 904 72.56 7.66 34.50
C GLY A 904 72.40 6.18 34.20
N ILE A 905 73.01 5.70 33.13
CA ILE A 905 72.87 4.31 32.71
C ILE A 905 74.00 3.45 33.27
N GLY A 906 74.79 4.01 34.19
CA GLY A 906 75.82 3.23 34.85
C GLY A 906 77.19 3.19 34.20
N VAL A 907 77.49 4.08 33.27
CA VAL A 907 78.81 4.17 32.65
C VAL A 907 79.50 5.44 33.13
N THR A 908 80.79 5.35 33.44
CA THR A 908 81.52 6.47 34.00
C THR A 908 81.72 7.59 32.96
N GLN A 909 81.96 8.81 33.47
CA GLN A 909 82.13 9.99 32.63
C GLN A 909 83.34 9.88 31.69
N ASN A 910 84.42 9.23 32.15
CA ASN A 910 85.66 9.14 31.39
C ASN A 910 85.43 8.43 30.05
N VAL A 911 84.54 7.43 30.04
CA VAL A 911 84.25 6.67 28.84
C VAL A 911 83.66 7.56 27.77
N LEU A 912 82.74 8.45 28.16
CA LEU A 912 82.20 9.43 27.22
C LEU A 912 83.25 10.44 26.77
N TYR A 913 84.04 10.97 27.72
CA TYR A 913 84.98 12.03 27.36
C TYR A 913 86.11 11.53 26.47
N GLU A 914 86.64 10.34 26.75
CA GLU A 914 87.74 9.78 25.96
C GLU A 914 87.28 9.45 24.54
N ASN A 915 86.05 8.97 24.39
CA ASN A 915 85.52 8.50 23.12
C ASN A 915 84.50 9.48 22.53
N GLN A 916 84.66 10.78 22.83
CA GLN A 916 83.70 11.79 22.43
C GLN A 916 83.54 11.90 20.93
N LYS A 917 84.67 11.87 20.18
CA LYS A 917 84.60 11.99 18.72
C LYS A 917 83.89 10.79 18.11
N LEU A 918 84.19 9.58 18.62
CA LEU A 918 83.55 8.37 18.12
C LEU A 918 82.05 8.38 18.40
N ILE A 919 81.67 8.82 19.59
CA ILE A 919 80.26 8.87 19.99
C ILE A 919 79.51 9.89 19.13
N ALA A 920 80.15 11.05 18.87
CA ALA A 920 79.53 12.07 18.03
C ALA A 920 79.34 11.56 16.60
N ASN A 921 80.36 10.85 16.07
CA ASN A 921 80.28 10.30 14.73
C ASN A 921 79.17 9.26 14.65
N GLN A 922 79.06 8.40 15.67
CA GLN A 922 78.04 7.36 15.70
C GLN A 922 76.65 7.97 15.75
N PHE A 923 76.49 9.02 16.55
CA PHE A 923 75.19 9.70 16.66
C PHE A 923 74.80 10.35 15.35
N ASN A 924 75.75 11.01 14.68
CA ASN A 924 75.46 11.66 13.40
C ASN A 924 75.09 10.62 12.35
N SER A 925 75.81 9.50 12.33
CA SER A 925 75.54 8.43 11.37
C SER A 925 74.15 7.85 11.62
N ALA A 926 73.79 7.67 12.90
CA ALA A 926 72.49 7.10 13.25
C ALA A 926 71.36 8.03 12.83
N ILE A 927 71.55 9.34 13.02
CA ILE A 927 70.53 10.32 12.62
C ILE A 927 70.34 10.31 11.11
N GLY A 928 71.46 10.23 10.37
CA GLY A 928 71.37 10.13 8.91
C GLY A 928 70.67 8.87 8.46
N LYS A 929 70.95 7.75 9.14
CA LYS A 929 70.32 6.48 8.82
C LYS A 929 68.82 6.57 9.08
N ILE A 930 68.44 7.28 10.15
CA ILE A 930 67.02 7.44 10.50
C ILE A 930 66.29 8.20 9.41
N GLN A 931 66.92 9.26 8.89
CA GLN A 931 66.31 10.03 7.81
C GLN A 931 66.17 9.19 6.55
N ASP A 932 67.21 8.42 6.22
CA ASP A 932 67.17 7.55 5.03
C ASP A 932 66.11 6.47 5.20
N SER A 933 66.01 5.90 6.41
CA SER A 933 65.06 4.83 6.69
C SER A 933 63.62 5.32 6.55
N LEU A 934 63.34 6.52 7.07
CA LEU A 934 62.01 7.09 6.93
C LEU A 934 61.69 7.39 5.46
N SER A 935 62.67 7.96 4.74
CA SER A 935 62.45 8.31 3.34
C SER A 935 62.25 7.08 2.45
N SER A 936 62.95 5.99 2.74
CA SER A 936 62.94 4.80 1.90
C SER A 936 61.88 3.77 2.26
N THR A 937 61.11 3.95 3.34
CA THR A 937 60.15 2.93 3.72
C THR A 937 58.73 3.49 3.64
N PRO A 938 57.84 2.88 2.85
CA PRO A 938 56.45 3.34 2.81
C PRO A 938 55.68 3.13 4.10
N SER A 939 55.92 2.03 4.80
CA SER A 939 55.12 1.64 5.96
C SER A 939 55.65 2.17 7.28
N ALA A 940 56.68 3.04 7.25
CA ALA A 940 57.18 3.64 8.48
C ALA A 940 56.12 4.50 9.15
N LEU A 941 55.37 5.26 8.34
CA LEU A 941 54.40 6.23 8.84
C LEU A 941 52.99 5.69 8.72
N GLY A 942 52.86 4.37 8.76
CA GLY A 942 51.56 3.72 8.57
C GLY A 942 50.50 4.06 9.59
N LYS A 943 50.88 4.23 10.86
CA LYS A 943 49.91 4.46 11.92
C LYS A 943 49.13 5.77 11.76
N LEU A 944 49.84 6.87 11.47
CA LEU A 944 49.21 8.17 11.30
C LEU A 944 48.30 8.19 10.09
N GLN A 945 48.80 7.61 8.99
CA GLN A 945 48.03 7.56 7.75
C GLN A 945 46.79 6.73 7.96
N ASP A 946 46.90 5.65 8.77
CA ASP A 946 45.77 4.78 9.04
C ASP A 946 44.66 5.56 9.72
N VAL A 947 45.05 6.42 10.68
CA VAL A 947 44.07 7.24 11.39
C VAL A 947 43.38 8.18 10.44
N VAL A 948 44.16 8.80 9.55
CA VAL A 948 43.60 9.72 8.56
C VAL A 948 42.67 8.97 7.63
N ASN A 949 43.08 7.75 7.24
CA ASN A 949 42.29 6.93 6.35
C ASN A 949 40.96 6.57 6.98
N HIS A 950 40.99 6.22 8.29
CA HIS A 950 39.77 5.81 8.97
C HIS A 950 38.78 6.95 9.01
N ASN A 951 39.27 8.17 9.29
CA ASN A 951 38.38 9.31 9.40
C ASN A 951 37.72 9.59 8.07
N ALA A 952 38.52 9.56 7.00
CA ALA A 952 37.99 9.81 5.66
C ALA A 952 37.01 8.72 5.28
N GLN A 953 37.38 7.47 5.60
CA GLN A 953 36.54 6.33 5.26
C GLN A 953 35.21 6.41 5.99
N ALA A 954 35.25 6.83 7.26
CA ALA A 954 34.03 6.94 8.04
C ALA A 954 33.10 7.97 7.44
N LEU A 955 33.67 9.13 7.04
CA LEU A 955 32.88 10.17 6.42
C LEU A 955 32.31 9.71 5.10
N ASN A 956 33.12 8.97 4.33
CA ASN A 956 32.67 8.47 3.04
C ASN A 956 31.52 7.50 3.22
N THR A 957 31.62 6.64 4.23
CA THR A 957 30.56 5.67 4.51
C THR A 957 29.28 6.39 4.88
N LEU A 958 29.41 7.45 5.70
CA LEU A 958 28.26 8.20 6.15
C LEU A 958 27.58 8.88 4.98
N VAL A 959 28.39 9.43 4.07
CA VAL A 959 27.87 10.04 2.85
C VAL A 959 27.22 8.97 1.98
N LYS A 960 27.85 7.79 1.93
CA LYS A 960 27.35 6.68 1.13
C LYS A 960 25.99 6.26 1.64
N GLN A 961 25.79 6.35 2.97
CA GLN A 961 24.54 5.92 3.57
C GLN A 961 23.35 6.75 3.10
N LEU A 962 23.58 7.96 2.58
CA LEU A 962 22.47 8.74 2.02
C LEU A 962 21.86 8.08 0.79
N SER A 963 22.59 7.20 0.11
CA SER A 963 22.13 6.55 -1.11
C SER A 963 21.42 5.24 -0.83
N SER A 964 21.11 4.95 0.43
CA SER A 964 20.45 3.72 0.83
C SER A 964 18.96 3.93 0.98
N LYS A 965 18.18 3.06 0.34
CA LYS A 965 16.72 3.14 0.39
C LYS A 965 16.21 2.92 1.81
N PHE A 966 16.86 2.02 2.57
CA PHE A 966 16.48 1.64 3.95
C PHE A 966 15.09 1.04 3.99
N GLY A 967 14.74 0.27 2.97
CA GLY A 967 13.43 -0.36 2.93
C GLY A 967 12.33 0.52 2.39
N ALA A 968 12.67 1.66 1.80
CA ALA A 968 11.71 2.58 1.21
C ALA A 968 11.79 2.48 -0.31
N ILE A 969 10.78 3.06 -0.97
CA ILE A 969 10.71 3.02 -2.42
C ILE A 969 11.90 3.74 -3.08
N SER A 970 12.34 4.85 -2.50
CA SER A 970 13.43 5.62 -3.08
C SER A 970 14.30 6.21 -1.98
N SER A 971 15.53 6.54 -2.35
CA SER A 971 16.47 7.17 -1.43
C SER A 971 16.44 8.68 -1.49
N VAL A 972 15.63 9.26 -2.38
CA VAL A 972 15.55 10.71 -2.56
C VAL A 972 14.28 11.20 -1.90
N LEU A 973 14.42 12.14 -0.96
CA LEU A 973 13.26 12.69 -0.25
C LEU A 973 12.34 13.45 -1.18
N ASN A 974 12.93 14.20 -2.12
CA ASN A 974 12.15 15.02 -3.06
C ASN A 974 11.26 14.15 -3.94
N ASP A 975 11.78 12.99 -4.38
CA ASP A 975 10.99 12.05 -5.15
C ASP A 975 9.82 11.50 -4.34
N ILE A 976 10.07 11.19 -3.06
CA ILE A 976 9.04 10.67 -2.18
C ILE A 976 7.92 11.69 -1.98
N LEU A 977 8.30 12.96 -1.77
CA LEU A 977 7.29 14.02 -1.64
C LEU A 977 6.54 14.23 -2.95
N SER A 978 7.25 14.24 -4.08
CA SER A 978 6.64 14.51 -5.38
C SER A 978 5.67 13.41 -5.79
N ARG A 979 6.02 12.15 -5.53
CA ARG A 979 5.23 11.02 -6.01
C ARG A 979 4.16 10.53 -5.06
N LEU A 980 4.20 10.88 -3.77
CA LEU A 980 3.25 10.29 -2.85
C LEU A 980 2.54 11.34 -2.01
N ASP A 981 1.36 10.96 -1.54
CA ASP A 981 0.57 11.77 -0.64
C ASP A 981 1.18 11.72 0.76
N PRO A 982 0.89 12.71 1.62
CA PRO A 982 1.54 12.78 2.97
C PRO A 982 1.32 11.58 3.89
N PRO A 983 0.14 10.89 3.92
CA PRO A 983 0.05 9.69 4.78
C PRO A 983 1.04 8.57 4.49
N GLU A 984 1.30 8.27 3.21
CA GLU A 984 2.33 7.28 2.90
C GLU A 984 3.71 7.90 2.76
N ALA A 985 3.79 9.18 2.38
CA ALA A 985 5.08 9.86 2.33
C ALA A 985 5.68 9.92 3.72
N GLU A 986 4.83 10.10 4.75
CA GLU A 986 5.30 10.15 6.12
C GLU A 986 5.96 8.83 6.50
N VAL A 987 5.36 7.71 6.07
CA VAL A 987 5.92 6.38 6.34
C VAL A 987 7.27 6.22 5.64
N GLN A 988 7.35 6.64 4.36
CA GLN A 988 8.60 6.48 3.61
C GLN A 988 9.70 7.37 4.20
N ILE A 989 9.34 8.61 4.55
CA ILE A 989 10.29 9.54 5.16
C ILE A 989 10.73 8.99 6.50
N ASP A 990 9.81 8.36 7.24
CA ASP A 990 10.13 7.76 8.54
C ASP A 990 11.17 6.66 8.37
N ARG A 991 11.01 5.84 7.31
CA ARG A 991 11.97 4.77 7.05
C ARG A 991 13.34 5.35 6.71
N LEU A 992 13.36 6.41 5.89
CA LEU A 992 14.62 7.06 5.56
C LEU A 992 15.25 7.69 6.80
N ILE A 993 14.43 8.33 7.65
CA ILE A 993 14.94 9.00 8.84
C ILE A 993 15.53 7.99 9.80
N THR A 994 14.84 6.86 10.00
CA THR A 994 15.33 5.86 10.95
C THR A 994 16.63 5.24 10.44
N GLY A 995 16.72 4.95 9.13
CA GLY A 995 17.96 4.40 8.58
C GLY A 995 19.12 5.37 8.68
N ARG A 996 18.87 6.65 8.31
CA ARG A 996 19.92 7.66 8.36
C ARG A 996 20.35 7.95 9.80
N LEU A 997 19.37 8.00 10.71
CA LEU A 997 19.66 8.24 12.12
C LEU A 997 20.47 7.09 12.70
N GLN A 998 20.15 5.85 12.30
CA GLN A 998 20.91 4.68 12.75
C GLN A 998 22.33 4.77 12.22
N SER A 999 22.49 5.21 10.96
CA SER A 999 23.81 5.35 10.35
C SER A 999 24.62 6.40 11.09
N LEU A 1000 23.98 7.54 11.41
CA LEU A 1000 24.66 8.63 12.10
C LEU A 1000 25.06 8.22 13.50
N GLN A 1001 24.18 7.49 14.21
CA GLN A 1001 24.50 7.01 15.56
C GLN A 1001 25.65 6.03 15.50
N THR A 1002 25.67 5.17 14.47
CA THR A 1002 26.75 4.20 14.30
C THR A 1002 28.07 4.92 14.07
N TYR A 1003 28.03 5.98 13.25
CA TYR A 1003 29.23 6.76 12.96
C TYR A 1003 29.75 7.46 14.20
N VAL A 1004 28.84 8.03 15.00
CA VAL A 1004 29.22 8.70 16.24
C VAL A 1004 29.80 7.70 17.24
N THR A 1005 29.22 6.49 17.30
CA THR A 1005 29.71 5.45 18.21
C THR A 1005 31.13 5.02 17.84
N GLN A 1006 31.39 4.81 16.54
CA GLN A 1006 32.75 4.48 16.12
C GLN A 1006 33.69 5.64 16.38
N GLN A 1007 33.22 6.87 16.18
CA GLN A 1007 34.06 8.04 16.42
C GLN A 1007 34.44 8.13 17.89
N LEU A 1008 33.49 7.83 18.79
CA LEU A 1008 33.77 7.85 20.22
C LEU A 1008 34.78 6.79 20.62
N ILE A 1009 34.65 5.57 20.06
CA ILE A 1009 35.61 4.50 20.36
C ILE A 1009 36.99 4.87 19.85
N ARG A 1010 37.06 5.42 18.63
CA ARG A 1010 38.34 5.86 18.07
C ARG A 1010 38.91 7.00 18.89
N ALA A 1011 38.04 7.90 19.38
CA ALA A 1011 38.47 9.03 20.21
C ALA A 1011 39.10 8.52 21.49
N ALA A 1012 38.51 7.48 22.08
CA ALA A 1012 39.08 6.88 23.28
C ALA A 1012 40.45 6.28 22.98
N GLU A 1013 40.58 5.60 21.84
CA GLU A 1013 41.86 5.00 21.46
C GLU A 1013 42.93 6.07 21.23
N ILE A 1014 42.57 7.14 20.52
CA ILE A 1014 43.48 8.24 20.25
C ILE A 1014 43.84 8.96 21.54
N ARG A 1015 42.87 9.09 22.47
CA ARG A 1015 43.16 9.71 23.75
C ARG A 1015 44.16 8.89 24.55
N ALA A 1016 44.02 7.56 24.50
CA ALA A 1016 44.98 6.69 25.18
C ALA A 1016 46.37 6.84 24.55
N SER A 1017 46.42 6.89 23.21
CA SER A 1017 47.69 7.07 22.51
C SER A 1017 48.31 8.42 22.82
N ALA A 1018 47.48 9.47 22.88
CA ALA A 1018 47.94 10.80 23.23
C ALA A 1018 48.46 10.86 24.66
N ASN A 1019 47.79 10.18 25.58
CA ASN A 1019 48.26 10.14 26.97
C ASN A 1019 49.61 9.44 27.04
N LEU A 1020 49.77 8.36 26.25
CA LEU A 1020 51.04 7.67 26.18
C LEU A 1020 52.11 8.58 25.59
N ALA A 1021 51.75 9.34 24.55
CA ALA A 1021 52.68 10.25 23.89
C ALA A 1021 53.12 11.36 24.84
N ALA A 1022 52.19 11.87 25.64
CA ALA A 1022 52.51 12.88 26.63
C ALA A 1022 53.44 12.31 27.70
N THR A 1023 53.19 11.06 28.10
CA THR A 1023 54.05 10.39 29.07
C THR A 1023 55.46 10.20 28.51
N LYS A 1024 55.55 9.81 27.24
CA LYS A 1024 56.86 9.68 26.60
C LYS A 1024 57.57 11.02 26.48
N MET A 1025 56.81 12.08 26.16
CA MET A 1025 57.42 13.40 26.04
C MET A 1025 57.96 13.88 27.38
N SER A 1026 57.21 13.66 28.45
CA SER A 1026 57.67 14.02 29.78
C SER A 1026 58.85 13.16 30.22
N GLU A 1027 58.80 11.85 30.00
CA GLU A 1027 59.80 10.96 30.56
C GLU A 1027 61.00 10.70 29.64
N CYS A 1028 60.83 10.74 28.33
CA CYS A 1028 61.96 10.45 27.44
C CYS A 1028 62.66 11.72 26.97
N VAL A 1029 61.91 12.77 26.66
CA VAL A 1029 62.50 14.00 26.14
C VAL A 1029 62.92 14.94 27.26
N LEU A 1030 62.10 15.08 28.29
CA LEU A 1030 62.38 16.05 29.34
C LEU A 1030 63.21 15.46 30.48
N GLY A 1031 63.53 14.18 30.40
CA GLY A 1031 64.24 13.47 31.44
C GLY A 1031 64.89 12.25 30.84
N GLN A 1032 65.76 11.61 31.61
CA GLN A 1032 66.33 10.33 31.21
C GLN A 1032 65.56 9.26 31.97
N SER A 1033 65.10 8.25 31.25
CA SER A 1033 64.21 7.23 31.81
C SER A 1033 64.96 5.92 32.03
N LYS A 1034 64.76 5.33 33.20
CA LYS A 1034 65.35 4.04 33.51
C LYS A 1034 64.41 2.89 33.18
N ARG A 1035 63.21 3.19 32.69
CA ARG A 1035 62.25 2.17 32.32
C ARG A 1035 62.71 1.45 31.06
N VAL A 1036 62.64 0.12 31.07
CA VAL A 1036 63.19 -0.66 29.97
C VAL A 1036 62.16 -0.70 28.85
N ASP A 1037 62.59 -0.31 27.64
CA ASP A 1037 61.87 -0.35 26.35
C ASP A 1037 60.85 0.77 26.25
N PHE A 1038 60.70 1.61 27.28
CA PHE A 1038 59.82 2.76 27.21
C PHE A 1038 60.34 3.81 26.24
N CYS A 1039 61.65 4.03 26.19
CA CYS A 1039 62.22 5.07 25.36
C CYS A 1039 63.29 4.48 24.44
N GLY A 1040 62.86 3.58 23.56
CA GLY A 1040 63.76 2.92 22.65
C GLY A 1040 64.30 1.61 23.17
N LYS A 1041 64.87 0.84 22.26
CA LYS A 1041 65.54 -0.41 22.60
C LYS A 1041 66.96 -0.10 23.03
N GLY A 1042 67.36 -0.61 24.19
CA GLY A 1042 68.68 -0.33 24.71
C GLY A 1042 68.57 0.55 25.95
N TYR A 1043 69.73 0.90 26.50
CA TYR A 1043 69.75 1.75 27.67
C TYR A 1043 69.51 3.17 27.17
N HIS A 1044 68.46 3.81 27.66
CA HIS A 1044 68.04 5.09 27.12
C HIS A 1044 68.96 6.23 27.55
N LEU A 1045 69.36 7.05 26.59
CA LEU A 1045 70.16 8.23 26.87
C LEU A 1045 69.34 9.50 26.76
N MET A 1046 68.70 9.75 25.61
CA MET A 1046 67.91 10.97 25.45
C MET A 1046 66.95 10.78 24.28
N SER A 1047 66.00 11.69 24.15
CA SER A 1047 65.01 11.59 23.08
C SER A 1047 64.76 12.95 22.46
N PHE A 1048 64.35 12.94 21.19
CA PHE A 1048 64.07 14.16 20.46
C PHE A 1048 62.66 14.11 19.89
N PRO A 1049 61.83 15.13 20.13
CA PRO A 1049 60.49 15.15 19.54
C PRO A 1049 60.46 15.78 18.15
N GLN A 1050 59.71 15.16 17.24
CA GLN A 1050 59.49 15.73 15.92
C GLN A 1050 58.00 15.75 15.64
N SER A 1051 57.49 16.89 15.17
CA SER A 1051 56.09 16.99 14.82
C SER A 1051 55.78 16.20 13.56
N ALA A 1052 54.62 15.59 13.51
CA ALA A 1052 54.14 14.88 12.34
C ALA A 1052 52.64 15.16 12.24
N PRO A 1053 52.05 15.04 11.04
CA PRO A 1053 50.61 15.29 10.93
C PRO A 1053 49.84 14.31 11.80
N HIS A 1054 49.02 14.87 12.69
CA HIS A 1054 48.22 14.12 13.67
C HIS A 1054 49.09 13.27 14.59
N GLY A 1055 50.35 13.65 14.81
CA GLY A 1055 51.22 12.72 15.51
C GLY A 1055 52.51 13.32 16.00
N VAL A 1056 53.22 12.52 16.80
CA VAL A 1056 54.57 12.87 17.24
C VAL A 1056 55.48 11.69 16.91
N VAL A 1057 56.70 11.99 16.50
CA VAL A 1057 57.72 10.98 16.25
C VAL A 1057 58.85 11.23 17.24
N PHE A 1058 59.20 10.21 18.00
CA PHE A 1058 60.26 10.31 18.99
C PHE A 1058 61.50 9.64 18.45
N LEU A 1059 62.61 10.37 18.44
CA LEU A 1059 63.89 9.81 18.07
C LEU A 1059 64.57 9.44 19.38
N HIS A 1060 64.68 8.15 19.66
CA HIS A 1060 65.24 7.69 20.91
C HIS A 1060 66.71 7.40 20.70
N VAL A 1061 67.57 8.09 21.43
CA VAL A 1061 69.01 7.87 21.39
C VAL A 1061 69.31 7.00 22.59
N THR A 1062 69.83 5.80 22.32
CA THR A 1062 70.09 4.78 23.31
C THR A 1062 71.50 4.25 23.18
N TYR A 1063 72.00 3.67 24.26
CA TYR A 1063 73.33 3.10 24.34
C TYR A 1063 73.18 1.57 24.26
N VAL A 1064 73.80 0.95 23.28
CA VAL A 1064 73.72 -0.50 23.12
C VAL A 1064 75.11 -1.08 23.36
N PRO A 1065 75.30 -2.00 24.31
CA PRO A 1065 76.60 -2.64 24.48
C PRO A 1065 76.96 -3.51 23.28
N ALA A 1066 78.27 -3.56 22.97
CA ALA A 1066 78.73 -4.35 21.84
C ALA A 1066 80.14 -4.85 22.10
N GLN A 1067 80.55 -5.85 21.30
CA GLN A 1067 81.89 -6.46 21.34
C GLN A 1067 82.22 -7.04 22.72
N GLU A 1068 81.27 -7.77 23.28
CA GLU A 1068 81.45 -8.41 24.58
C GLU A 1068 82.55 -9.46 24.56
N LYS A 1069 83.24 -9.58 25.69
CA LYS A 1069 84.34 -10.52 25.85
C LYS A 1069 84.13 -11.33 27.13
N ASN A 1070 84.49 -12.61 27.08
CA ASN A 1070 84.40 -13.49 28.22
C ASN A 1070 85.47 -13.17 29.25
N PHE A 1071 85.13 -13.30 30.53
CA PHE A 1071 86.11 -13.16 31.60
C PHE A 1071 85.73 -14.14 32.71
N THR A 1072 86.71 -14.51 33.52
CA THR A 1072 86.45 -15.36 34.66
C THR A 1072 86.03 -14.48 35.83
N THR A 1073 84.93 -14.81 36.49
CA THR A 1073 84.43 -13.92 37.53
C THR A 1073 84.34 -14.62 38.88
N ALA A 1074 84.42 -13.83 39.94
CA ALA A 1074 84.29 -14.28 41.31
C ALA A 1074 83.38 -13.34 42.08
N PRO A 1075 82.62 -13.84 43.04
CA PRO A 1075 81.83 -12.93 43.90
C PRO A 1075 82.67 -12.02 44.77
N ALA A 1076 83.75 -12.53 45.37
CA ALA A 1076 84.56 -11.74 46.29
C ALA A 1076 86.03 -12.15 46.17
N ILE A 1077 86.90 -11.29 46.69
CA ILE A 1077 88.34 -11.55 46.74
C ILE A 1077 88.76 -11.74 48.18
N CYS A 1078 89.49 -12.82 48.47
CA CYS A 1078 89.95 -13.09 49.82
C CYS A 1078 91.37 -12.56 49.97
N HIS A 1079 91.54 -11.56 50.83
CA HIS A 1079 92.85 -11.01 51.14
C HIS A 1079 92.97 -10.83 52.65
N ASP A 1080 94.06 -11.34 53.23
CA ASP A 1080 94.40 -11.20 54.65
C ASP A 1080 93.27 -11.74 55.54
N GLY A 1081 92.61 -12.79 55.09
CA GLY A 1081 91.56 -13.40 55.85
C GLY A 1081 90.26 -12.62 55.84
N LYS A 1082 90.13 -11.66 54.92
CA LYS A 1082 88.96 -10.82 54.81
C LYS A 1082 88.40 -10.90 53.40
N ALA A 1083 87.08 -10.78 53.29
CA ALA A 1083 86.39 -10.83 52.00
C ALA A 1083 86.18 -9.42 51.49
N HIS A 1084 86.60 -9.16 50.26
CA HIS A 1084 86.48 -7.86 49.61
C HIS A 1084 85.44 -7.96 48.51
N PHE A 1085 84.52 -7.01 48.47
CA PHE A 1085 83.45 -6.96 47.48
C PHE A 1085 83.56 -5.65 46.71
N PRO A 1086 83.18 -5.64 45.43
CA PRO A 1086 83.31 -4.40 44.64
C PRO A 1086 82.32 -3.35 45.10
N ARG A 1087 82.80 -2.10 45.22
CA ARG A 1087 81.90 -1.00 45.54
C ARG A 1087 80.90 -0.74 44.43
N GLU A 1088 81.38 -0.68 43.19
CA GLU A 1088 80.52 -0.36 42.06
C GLU A 1088 80.68 -1.28 40.87
N GLY A 1089 81.65 -2.19 40.87
CA GLY A 1089 81.94 -2.97 39.70
C GLY A 1089 81.79 -4.47 39.85
N VAL A 1090 82.53 -5.22 39.05
CA VAL A 1090 82.55 -6.67 39.09
C VAL A 1090 84.01 -7.12 38.95
N PHE A 1091 84.35 -8.23 39.61
CA PHE A 1091 85.69 -8.78 39.51
C PHE A 1091 85.80 -9.62 38.25
N VAL A 1092 86.84 -9.38 37.46
CA VAL A 1092 87.07 -10.13 36.23
C VAL A 1092 88.52 -10.60 36.21
N SER A 1093 88.74 -11.70 35.50
CA SER A 1093 90.07 -12.25 35.30
C SER A 1093 90.26 -12.54 33.82
N ASN A 1094 91.41 -12.13 33.29
CA ASN A 1094 91.76 -12.38 31.90
C ASN A 1094 92.50 -13.70 31.73
N GLY A 1095 92.73 -14.41 32.82
CA GLY A 1095 93.35 -15.72 32.82
C GLY A 1095 94.34 -15.86 33.94
N THR A 1096 95.13 -14.82 34.20
CA THR A 1096 96.16 -14.86 35.23
C THR A 1096 96.02 -13.77 36.29
N HIS A 1097 95.46 -12.61 35.94
CA HIS A 1097 95.41 -11.47 36.84
C HIS A 1097 93.95 -11.09 37.10
N TRP A 1098 93.69 -10.59 38.30
CA TRP A 1098 92.35 -10.17 38.69
C TRP A 1098 92.25 -8.65 38.66
N PHE A 1099 91.13 -8.15 38.13
CA PHE A 1099 90.87 -6.72 38.06
C PHE A 1099 89.41 -6.48 38.44
N VAL A 1100 89.09 -5.22 38.73
CA VAL A 1100 87.71 -4.81 38.97
C VAL A 1100 87.32 -3.84 37.86
N THR A 1101 86.16 -4.05 37.25
CA THR A 1101 85.72 -3.20 36.16
C THR A 1101 84.26 -2.82 36.31
N GLN A 1102 83.87 -1.73 35.66
CA GLN A 1102 82.46 -1.33 35.65
C GLN A 1102 81.67 -2.37 34.87
N ARG A 1103 80.41 -2.59 35.29
CA ARG A 1103 79.60 -3.65 34.71
C ARG A 1103 79.28 -3.45 33.22
N ASN A 1104 79.00 -2.23 32.79
CA ASN A 1104 78.54 -2.04 31.41
C ASN A 1104 79.62 -1.69 30.41
N PHE A 1105 80.87 -1.52 30.83
CA PHE A 1105 81.97 -1.29 29.89
C PHE A 1105 83.21 -1.95 30.45
N TYR A 1106 84.10 -2.44 29.58
CA TYR A 1106 85.28 -3.13 30.11
C TYR A 1106 86.36 -2.09 30.32
N GLU A 1107 86.68 -1.84 31.59
CA GLU A 1107 87.76 -0.94 31.98
C GLU A 1107 88.46 -1.55 33.19
N PRO A 1108 89.43 -2.42 32.96
CA PRO A 1108 90.07 -3.12 34.08
C PRO A 1108 90.91 -2.18 34.94
N GLN A 1109 90.76 -2.31 36.25
CA GLN A 1109 91.53 -1.53 37.20
C GLN A 1109 92.07 -2.45 38.28
N ILE A 1110 93.19 -2.04 38.90
CA ILE A 1110 93.81 -2.85 39.93
C ILE A 1110 92.89 -2.90 41.15
N ILE A 1111 92.82 -4.06 41.80
CA ILE A 1111 91.92 -4.21 42.95
C ILE A 1111 92.59 -3.58 44.14
N THR A 1112 91.93 -2.59 44.74
CA THR A 1112 92.48 -1.80 45.84
C THR A 1112 91.44 -1.65 46.94
N THR A 1113 91.91 -1.15 48.08
CA THR A 1113 91.00 -0.83 49.17
C THR A 1113 90.03 0.29 48.79
N ASP A 1114 90.45 1.17 47.89
CA ASP A 1114 89.61 2.31 47.48
C ASP A 1114 88.33 1.87 46.79
N ASN A 1115 88.40 0.84 45.92
CA ASN A 1115 87.23 0.43 45.15
C ASN A 1115 86.59 -0.85 45.66
N THR A 1116 87.01 -1.38 46.81
CA THR A 1116 86.40 -2.54 47.41
C THR A 1116 86.07 -2.25 48.87
N PHE A 1117 85.10 -3.00 49.40
CA PHE A 1117 84.73 -2.88 50.81
C PHE A 1117 84.78 -4.26 51.44
N VAL A 1118 85.09 -4.29 52.73
CA VAL A 1118 85.30 -5.55 53.45
C VAL A 1118 84.06 -5.86 54.28
N SER A 1119 83.47 -7.03 54.04
CA SER A 1119 82.41 -7.54 54.91
C SER A 1119 82.69 -9.01 55.22
N GLY A 1120 83.05 -9.29 56.48
CA GLY A 1120 83.19 -10.66 56.92
C GLY A 1120 84.50 -11.32 56.52
N ASN A 1121 84.62 -12.58 56.94
CA ASN A 1121 85.72 -13.45 56.56
C ASN A 1121 85.43 -14.12 55.20
N CYS A 1122 86.49 -14.65 54.60
CA CYS A 1122 86.37 -15.35 53.32
C CYS A 1122 85.51 -16.62 53.38
N ASP A 1123 85.57 -17.36 54.50
CA ASP A 1123 84.95 -18.69 54.57
C ASP A 1123 83.44 -18.68 54.34
N VAL A 1124 82.73 -17.67 54.87
CA VAL A 1124 81.27 -17.62 54.74
C VAL A 1124 80.83 -17.49 53.28
N VAL A 1125 81.55 -16.67 52.50
CA VAL A 1125 81.25 -16.47 51.09
C VAL A 1125 81.57 -17.75 50.31
N ILE A 1126 80.77 -18.03 49.27
CA ILE A 1126 80.92 -19.23 48.46
C ILE A 1126 81.41 -18.81 47.08
N GLY A 1127 82.42 -19.52 46.58
CA GLY A 1127 83.07 -19.20 45.33
C GLY A 1127 84.16 -18.14 45.40
N ILE A 1128 84.54 -17.71 46.61
CA ILE A 1128 85.56 -16.68 46.78
C ILE A 1128 86.90 -17.20 46.30
N VAL A 1129 87.70 -16.33 45.68
CA VAL A 1129 89.02 -16.70 45.19
C VAL A 1129 90.06 -15.84 45.91
N ASN A 1130 91.29 -16.33 45.92
CA ASN A 1130 92.38 -15.68 46.61
C ASN A 1130 93.13 -14.76 45.66
N ASN A 1131 93.25 -13.48 46.02
CA ASN A 1131 94.03 -12.53 45.25
C ASN A 1131 94.50 -11.42 46.18
N THR A 1132 95.58 -10.76 45.81
CA THR A 1132 96.08 -9.63 46.58
C THR A 1132 95.19 -8.40 46.37
N VAL A 1133 95.09 -7.58 47.41
CA VAL A 1133 94.40 -6.30 47.33
C VAL A 1133 95.43 -5.22 47.63
N TYR A 1134 95.64 -4.32 46.68
CA TYR A 1134 96.68 -3.31 46.82
C TYR A 1134 96.26 -2.27 47.84
N ASP A 1135 97.24 -1.70 48.54
CA ASP A 1135 96.97 -0.61 49.46
C ASP A 1135 97.64 0.66 48.97
N PRO A 1136 96.89 1.74 48.76
CA PRO A 1136 97.52 3.01 48.35
C PRO A 1136 98.49 3.59 49.38
N LEU A 1137 98.16 3.46 50.67
CA LEU A 1137 99.00 4.00 51.75
C LEU A 1137 100.35 3.30 51.87
N GLN A 1138 100.46 2.06 51.39
CA GLN A 1138 101.67 1.27 51.64
C GLN A 1138 102.94 1.87 51.01
N PRO A 1139 102.97 2.36 49.75
CA PRO A 1139 104.17 3.06 49.29
C PRO A 1139 104.44 4.35 50.04
N GLU A 1140 103.39 5.09 50.40
CA GLU A 1140 103.58 6.39 51.04
C GLU A 1140 104.25 6.25 52.40
N LEU A 1141 103.77 5.31 53.23
CA LEU A 1141 104.43 5.12 54.53
C LEU A 1141 105.82 4.52 54.32
N ASP A 1142 105.94 3.59 53.35
CA ASP A 1142 107.21 2.91 53.11
C ASP A 1142 108.30 3.87 52.67
N SER A 1143 107.96 4.83 51.81
CA SER A 1143 108.96 5.76 51.28
C SER A 1143 109.13 6.97 52.20
N GLN B 14 -33.24 -41.50 34.15
CA GLN B 14 -32.85 -42.37 35.24
C GLN B 14 -31.87 -41.67 36.17
N CYS B 15 -32.00 -40.35 36.29
CA CYS B 15 -31.06 -39.58 37.10
C CYS B 15 -31.39 -39.74 38.58
N VAL B 16 -30.42 -40.20 39.36
CA VAL B 16 -30.59 -40.42 40.79
C VAL B 16 -29.45 -39.76 41.55
N ASN B 17 -29.75 -39.19 42.72
CA ASN B 17 -28.74 -38.51 43.53
C ASN B 17 -28.27 -39.51 44.58
N LEU B 18 -27.02 -39.97 44.46
CA LEU B 18 -26.48 -40.98 45.35
C LEU B 18 -25.19 -40.59 46.05
N ILE B 19 -24.50 -39.56 45.58
CA ILE B 19 -23.15 -39.24 46.05
C ILE B 19 -23.20 -38.00 46.94
N THR B 20 -22.58 -38.08 48.10
CA THR B 20 -22.39 -36.93 48.97
C THR B 20 -20.90 -36.63 48.98
N ARG B 21 -20.53 -35.35 49.04
CA ARG B 21 -19.12 -35.01 48.92
C ARG B 21 -18.67 -34.07 50.04
N THR B 22 -17.51 -34.36 50.60
CA THR B 22 -16.86 -33.55 51.62
C THR B 22 -15.52 -33.07 51.08
N GLN B 23 -15.05 -31.92 51.57
CA GLN B 23 -13.82 -31.34 51.05
C GLN B 23 -12.89 -30.89 52.17
N SER B 24 -11.60 -31.04 51.92
CA SER B 24 -10.52 -30.66 52.83
C SER B 24 -9.46 -29.95 52.01
N TYR B 25 -8.49 -29.33 52.68
CA TYR B 25 -7.45 -28.58 51.99
C TYR B 25 -6.07 -29.15 52.29
N THR B 26 -5.24 -29.27 51.26
CA THR B 26 -3.91 -29.83 51.39
C THR B 26 -2.92 -28.99 50.58
N ASN B 27 -1.65 -29.34 50.71
CA ASN B 27 -0.55 -28.63 50.04
C ASN B 27 -0.21 -29.35 48.75
N SER B 28 -0.06 -28.58 47.67
CA SER B 28 0.33 -29.17 46.39
C SER B 28 1.75 -29.72 46.39
N PHE B 29 2.64 -29.15 47.20
CA PHE B 29 4.09 -29.44 47.23
C PHE B 29 4.66 -29.09 45.85
N THR B 30 5.37 -30.00 45.18
CA THR B 30 5.89 -29.73 43.85
C THR B 30 5.21 -30.55 42.76
N ARG B 31 4.00 -31.05 43.02
CA ARG B 31 3.25 -31.82 42.04
C ARG B 31 2.68 -30.92 40.94
N GLY B 32 2.32 -31.55 39.82
CA GLY B 32 1.67 -30.87 38.72
C GLY B 32 2.56 -30.38 37.60
N VAL B 33 3.86 -30.65 37.64
CA VAL B 33 4.73 -30.30 36.52
C VAL B 33 4.49 -31.25 35.35
N TYR B 34 4.45 -30.69 34.13
CA TYR B 34 4.25 -31.47 32.92
C TYR B 34 5.23 -30.97 31.87
N TYR B 35 5.40 -31.75 30.80
CA TYR B 35 6.26 -31.33 29.71
C TYR B 35 5.54 -30.27 28.89
N PRO B 36 6.06 -29.05 28.79
CA PRO B 36 5.32 -27.98 28.11
C PRO B 36 5.21 -28.16 26.60
N ASP B 37 6.10 -28.93 25.98
CA ASP B 37 6.10 -29.12 24.54
C ASP B 37 6.67 -30.50 24.23
N LYS B 38 6.68 -30.84 22.95
CA LYS B 38 7.17 -32.13 22.49
C LYS B 38 8.65 -32.09 22.15
N VAL B 39 9.32 -30.97 22.37
CA VAL B 39 10.73 -30.83 22.00
C VAL B 39 11.61 -31.61 22.96
N PHE B 40 12.55 -32.40 22.42
CA PHE B 40 13.51 -33.11 23.26
C PHE B 40 14.60 -32.14 23.65
N ARG B 41 14.83 -32.01 24.95
CA ARG B 41 15.92 -31.18 25.45
C ARG B 41 16.76 -32.01 26.40
N SER B 42 18.07 -31.98 26.24
CA SER B 42 18.96 -32.79 27.07
C SER B 42 19.99 -31.92 27.76
N SER B 43 20.14 -32.11 29.08
CA SER B 43 21.15 -31.44 29.93
C SER B 43 21.07 -29.93 29.80
N VAL B 44 19.86 -29.38 29.86
CA VAL B 44 19.66 -27.94 29.79
C VAL B 44 18.66 -27.44 30.83
N LEU B 45 18.73 -26.15 31.11
CA LEU B 45 17.74 -25.49 31.93
C LEU B 45 16.87 -24.64 31.02
N HIS B 46 15.57 -24.96 30.94
CA HIS B 46 14.68 -24.27 30.02
C HIS B 46 13.60 -23.53 30.80
N SER B 47 13.47 -22.24 30.56
CA SER B 47 12.45 -21.44 31.22
C SER B 47 11.25 -21.26 30.30
N THR B 48 10.08 -21.70 30.75
CA THR B 48 8.88 -21.62 29.94
C THR B 48 7.77 -20.93 30.73
N GLN B 49 6.94 -20.15 30.05
CA GLN B 49 5.79 -19.53 30.67
C GLN B 49 4.55 -20.26 30.16
N ASP B 50 3.79 -20.87 31.06
CA ASP B 50 2.65 -21.68 30.66
C ASP B 50 1.69 -21.78 31.84
N LEU B 51 0.58 -22.48 31.64
CA LEU B 51 -0.36 -22.69 32.73
C LEU B 51 0.15 -23.85 33.57
N PHE B 52 0.65 -23.55 34.77
CA PHE B 52 1.24 -24.53 35.66
C PHE B 52 0.57 -24.45 37.01
N LEU B 53 0.60 -25.56 37.73
CA LEU B 53 0.11 -25.57 39.10
C LEU B 53 1.20 -25.00 40.00
N PRO B 54 0.93 -23.94 40.77
CA PRO B 54 1.98 -23.32 41.58
C PRO B 54 2.47 -24.23 42.69
N PHE B 55 3.76 -24.06 43.04
CA PHE B 55 4.34 -24.89 44.08
C PHE B 55 3.75 -24.53 45.43
N PHE B 56 3.46 -25.56 46.23
CA PHE B 56 2.90 -25.45 47.59
C PHE B 56 1.58 -24.70 47.58
N SER B 57 0.79 -24.88 46.53
CA SER B 57 -0.52 -24.25 46.42
C SER B 57 -1.58 -25.04 47.15
N ASN B 58 -2.70 -24.39 47.39
CA ASN B 58 -3.83 -24.98 48.09
C ASN B 58 -4.61 -25.87 47.13
N VAL B 59 -4.71 -27.16 47.47
CA VAL B 59 -5.37 -28.15 46.62
C VAL B 59 -6.54 -28.75 47.41
N THR B 60 -7.69 -28.90 46.76
CA THR B 60 -8.86 -29.39 47.46
C THR B 60 -8.93 -30.91 47.37
N TRP B 61 -9.08 -31.56 48.53
CA TRP B 61 -9.21 -33.01 48.62
C TRP B 61 -10.68 -33.33 48.80
N PHE B 62 -11.26 -34.07 47.86
CA PHE B 62 -12.67 -34.40 47.87
C PHE B 62 -12.85 -35.87 48.24
N HIS B 63 -13.73 -36.13 49.20
CA HIS B 63 -14.15 -37.47 49.56
C HIS B 63 -15.59 -37.62 49.10
N ALA B 64 -15.85 -38.56 48.20
CA ALA B 64 -17.18 -38.81 47.68
C ALA B 64 -17.65 -40.15 48.25
N ILE B 65 -18.76 -40.12 48.99
CA ILE B 65 -19.26 -41.30 49.68
C ILE B 65 -20.68 -41.58 49.20
N HIS B 66 -20.95 -42.84 48.86
CA HIS B 66 -22.28 -43.34 48.59
C HIS B 66 -22.60 -44.40 49.65
N VAL B 67 -23.68 -44.19 50.39
CA VAL B 67 -24.11 -45.11 51.44
C VAL B 67 -25.40 -45.80 51.00
N SER B 68 -25.53 -47.06 51.39
CA SER B 68 -26.69 -47.88 50.99
C SER B 68 -27.61 -48.13 52.18
N ARG B 75 -30.77 -36.45 48.41
CA ARG B 75 -30.50 -35.05 48.06
C ARG B 75 -29.20 -34.89 47.27
N PHE B 76 -29.09 -33.77 46.56
CA PHE B 76 -27.96 -33.50 45.68
C PHE B 76 -26.87 -32.81 46.50
N ASP B 77 -25.76 -33.52 46.72
CA ASP B 77 -24.63 -32.95 47.46
C ASP B 77 -23.32 -33.14 46.70
N ASN B 78 -23.36 -33.16 45.36
CA ASN B 78 -22.15 -33.34 44.55
C ASN B 78 -22.08 -32.29 43.45
N PRO B 79 -21.76 -31.04 43.79
CA PRO B 79 -21.83 -29.95 42.81
C PRO B 79 -20.75 -30.04 41.75
N ALA B 80 -21.01 -29.38 40.62
CA ALA B 80 -20.08 -29.34 39.51
C ALA B 80 -18.98 -28.31 39.76
N LEU B 81 -17.72 -28.73 39.57
CA LEU B 81 -16.57 -27.88 39.82
C LEU B 81 -16.28 -26.98 38.62
N PRO B 82 -15.76 -25.77 38.85
CA PRO B 82 -15.33 -24.91 37.73
C PRO B 82 -14.00 -25.37 37.17
N PHE B 83 -13.92 -25.46 35.83
CA PHE B 83 -12.68 -25.84 35.16
C PHE B 83 -11.59 -24.79 35.30
N ASN B 84 -11.96 -23.50 35.25
CA ASN B 84 -11.06 -22.33 35.32
C ASN B 84 -10.11 -22.40 34.12
N ASP B 85 -8.80 -22.32 34.30
CA ASP B 85 -7.86 -22.29 33.20
C ASP B 85 -7.23 -23.65 32.91
N GLY B 86 -7.63 -24.68 33.62
CA GLY B 86 -7.08 -26.01 33.55
C GLY B 86 -7.12 -26.65 34.90
N VAL B 87 -7.08 -27.98 34.92
CA VAL B 87 -7.30 -28.71 36.16
C VAL B 87 -6.20 -29.75 36.37
N TYR B 88 -5.68 -29.82 37.59
CA TYR B 88 -4.79 -30.88 38.01
C TYR B 88 -5.62 -31.85 38.82
N PHE B 89 -5.59 -33.12 38.43
CA PHE B 89 -6.36 -34.17 39.07
C PHE B 89 -5.42 -35.25 39.61
N ALA B 90 -5.66 -35.72 40.82
CA ALA B 90 -4.87 -36.82 41.35
C ALA B 90 -5.79 -37.78 42.08
N SER B 91 -5.44 -39.07 42.05
CA SER B 91 -6.16 -40.04 42.85
C SER B 91 -5.24 -41.18 43.28
N THR B 92 -5.46 -41.67 44.50
CA THR B 92 -4.74 -42.84 44.98
C THR B 92 -5.63 -44.08 44.88
N GLU B 93 -6.87 -43.92 44.45
CA GLU B 93 -7.80 -45.03 44.41
C GLU B 93 -7.44 -45.98 43.27
N LYS B 94 -8.00 -47.17 43.31
CA LYS B 94 -7.76 -48.14 42.25
C LYS B 94 -8.47 -47.69 40.97
N SER B 95 -8.05 -48.29 39.85
CA SER B 95 -8.51 -47.88 38.53
C SER B 95 -10.02 -48.03 38.36
N ASN B 96 -10.61 -49.08 38.92
CA ASN B 96 -12.04 -49.36 38.75
C ASN B 96 -12.95 -48.28 39.36
N ILE B 97 -12.62 -47.76 40.55
CA ILE B 97 -13.54 -46.84 41.25
C ILE B 97 -13.78 -45.55 40.45
N ILE B 98 -12.71 -44.93 39.94
CA ILE B 98 -12.83 -43.67 39.22
C ILE B 98 -12.75 -44.02 37.73
N ARG B 99 -13.79 -43.67 36.97
CA ARG B 99 -13.85 -44.14 35.59
C ARG B 99 -13.80 -43.05 34.52
N GLY B 100 -13.44 -41.83 34.86
CA GLY B 100 -13.43 -40.84 33.81
C GLY B 100 -13.96 -39.51 34.30
N TRP B 101 -14.17 -38.61 33.34
CA TRP B 101 -14.55 -37.25 33.66
C TRP B 101 -15.56 -36.71 32.64
N ILE B 102 -16.16 -35.59 33.01
CA ILE B 102 -17.13 -34.87 32.20
C ILE B 102 -16.64 -33.44 32.07
N PHE B 103 -16.65 -32.89 30.85
CA PHE B 103 -16.23 -31.51 30.61
C PHE B 103 -17.29 -30.77 29.79
N GLY B 104 -17.46 -29.49 30.08
CA GLY B 104 -18.39 -28.67 29.32
C GLY B 104 -18.64 -27.35 30.03
N THR B 105 -19.67 -26.65 29.57
CA THR B 105 -20.10 -25.40 30.20
C THR B 105 -21.44 -25.55 30.92
N THR B 106 -22.49 -25.92 30.18
CA THR B 106 -23.83 -26.01 30.75
C THR B 106 -24.20 -27.42 31.18
N LEU B 107 -23.49 -28.43 30.67
CA LEU B 107 -23.69 -29.86 30.97
C LEU B 107 -25.12 -30.32 30.65
N ASP B 108 -25.68 -29.80 29.55
CA ASP B 108 -27.02 -30.16 29.12
C ASP B 108 -27.03 -30.29 27.60
N SER B 109 -28.22 -30.63 27.07
CA SER B 109 -28.39 -30.92 25.65
C SER B 109 -28.04 -29.74 24.74
N LYS B 110 -28.27 -28.51 25.21
CA LYS B 110 -28.11 -27.31 24.38
C LYS B 110 -26.69 -27.13 23.87
N THR B 111 -25.69 -27.46 24.68
CA THR B 111 -24.30 -27.22 24.33
C THR B 111 -23.55 -28.54 24.22
N GLN B 112 -22.45 -28.51 23.48
CA GLN B 112 -21.60 -29.69 23.35
C GLN B 112 -20.88 -29.99 24.65
N SER B 113 -20.59 -31.27 24.87
CA SER B 113 -19.87 -31.70 26.05
C SER B 113 -18.94 -32.85 25.70
N LEU B 114 -17.92 -33.02 26.54
CA LEU B 114 -16.89 -34.04 26.39
C LEU B 114 -17.01 -35.07 27.51
N LEU B 115 -17.10 -36.34 27.14
CA LEU B 115 -17.21 -37.43 28.09
C LEU B 115 -16.01 -38.35 27.93
N ILE B 116 -15.26 -38.58 29.00
CA ILE B 116 -14.14 -39.51 28.98
C ILE B 116 -14.52 -40.68 29.88
N VAL B 117 -14.63 -41.88 29.30
CA VAL B 117 -15.02 -43.08 30.04
C VAL B 117 -13.97 -44.15 29.84
N ASN B 118 -13.47 -44.70 30.94
CA ASN B 118 -12.47 -45.75 30.92
C ASN B 118 -13.08 -47.05 31.39
N ASN B 119 -12.68 -48.15 30.75
CA ASN B 119 -12.99 -49.50 31.18
C ASN B 119 -11.68 -50.24 30.97
N ALA B 120 -11.56 -51.44 31.54
CA ALA B 120 -10.27 -52.13 31.58
C ALA B 120 -9.71 -52.39 30.18
N THR B 121 -10.55 -52.78 29.22
CA THR B 121 -10.06 -53.03 27.87
C THR B 121 -9.53 -51.76 27.16
N ASN B 122 -10.27 -50.65 27.24
CA ASN B 122 -9.91 -49.46 26.46
C ASN B 122 -10.53 -48.19 27.05
N VAL B 123 -10.17 -47.05 26.47
CA VAL B 123 -10.75 -45.77 26.86
C VAL B 123 -11.51 -45.22 25.66
N VAL B 124 -12.72 -44.72 25.92
CA VAL B 124 -13.54 -44.05 24.92
C VAL B 124 -13.69 -42.59 25.32
N ILE B 125 -13.29 -41.70 24.42
CA ILE B 125 -13.41 -40.27 24.61
C ILE B 125 -14.42 -39.82 23.57
N LYS B 126 -15.52 -39.20 23.98
CA LYS B 126 -16.55 -38.91 23.00
C LYS B 126 -17.17 -37.55 23.29
N VAL B 127 -17.32 -36.74 22.25
CA VAL B 127 -17.91 -35.41 22.39
C VAL B 127 -19.25 -35.38 21.69
N CYS B 128 -20.30 -35.13 22.46
CA CYS B 128 -21.68 -35.12 21.97
C CYS B 128 -22.46 -34.09 22.78
N GLU B 129 -23.72 -33.89 22.40
CA GLU B 129 -24.66 -33.07 23.16
C GLU B 129 -25.35 -33.93 24.20
N PHE B 130 -24.64 -34.19 25.30
CA PHE B 130 -25.15 -35.04 26.37
C PHE B 130 -26.07 -34.24 27.28
N GLN B 131 -27.21 -34.82 27.64
CA GLN B 131 -28.06 -34.23 28.69
C GLN B 131 -27.62 -34.93 29.97
N PHE B 132 -26.62 -34.37 30.64
CA PHE B 132 -26.04 -35.02 31.81
C PHE B 132 -26.97 -34.95 33.02
N CYS B 133 -26.93 -36.00 33.83
CA CYS B 133 -27.62 -36.05 35.11
C CYS B 133 -26.89 -35.21 36.15
N ASN B 134 -27.63 -34.82 37.19
CA ASN B 134 -27.04 -34.02 38.27
C ASN B 134 -25.94 -34.79 39.00
N ASP B 135 -26.12 -36.09 39.22
CA ASP B 135 -25.14 -36.92 39.90
C ASP B 135 -24.80 -38.08 38.98
N PRO B 136 -23.93 -37.86 37.99
CA PRO B 136 -23.63 -38.91 37.01
C PRO B 136 -22.66 -39.94 37.56
N PHE B 137 -22.97 -41.22 37.36
CA PHE B 137 -22.06 -42.29 37.75
C PHE B 137 -22.25 -43.47 36.80
N LEU B 138 -21.17 -44.21 36.57
CA LEU B 138 -21.22 -45.41 35.76
C LEU B 138 -21.57 -46.58 36.68
N ASP B 139 -22.62 -47.33 36.33
CA ASP B 139 -23.02 -48.49 37.12
C ASP B 139 -22.67 -49.79 36.41
N VAL B 140 -22.06 -50.71 37.15
CA VAL B 140 -21.71 -52.00 36.59
C VAL B 140 -22.73 -53.07 37.00
N MET B 149 -22.00 -56.22 32.87
CA MET B 149 -22.14 -55.18 31.86
C MET B 149 -22.17 -53.80 32.49
N GLU B 150 -21.84 -52.78 31.70
CA GLU B 150 -21.76 -51.40 32.17
C GLU B 150 -22.75 -50.56 31.38
N SER B 151 -23.50 -49.71 32.09
CA SER B 151 -24.55 -48.91 31.49
C SER B 151 -24.26 -47.42 31.69
N GLU B 152 -24.46 -46.64 30.64
CA GLU B 152 -24.24 -45.20 30.69
C GLU B 152 -25.54 -44.42 30.86
N PHE B 153 -26.66 -45.11 31.13
CA PHE B 153 -27.96 -44.46 31.26
C PHE B 153 -27.98 -43.49 32.44
N ARG B 154 -27.33 -43.89 33.54
CA ARG B 154 -27.20 -43.02 34.71
C ARG B 154 -26.39 -41.77 34.38
N VAL B 155 -25.32 -41.93 33.57
CA VAL B 155 -24.42 -40.81 33.28
C VAL B 155 -25.16 -39.71 32.51
N TYR B 156 -25.94 -40.09 31.50
CA TYR B 156 -26.71 -39.12 30.73
C TYR B 156 -28.03 -39.75 30.32
N SER B 157 -29.11 -38.96 30.36
CA SER B 157 -30.38 -39.42 29.82
C SER B 157 -30.35 -39.58 28.30
N SER B 158 -29.72 -38.64 27.60
CA SER B 158 -29.72 -38.63 26.15
C SER B 158 -28.42 -38.05 25.62
N ALA B 159 -28.03 -38.48 24.43
CA ALA B 159 -26.91 -37.87 23.71
C ALA B 159 -27.32 -37.62 22.27
N ASN B 160 -27.12 -36.40 21.79
CA ASN B 160 -27.56 -36.05 20.43
C ASN B 160 -26.51 -35.19 19.76
N ASN B 161 -26.56 -35.18 18.41
CA ASN B 161 -25.68 -34.36 17.56
C ASN B 161 -24.20 -34.64 17.85
N CYS B 162 -23.86 -35.91 18.04
CA CYS B 162 -22.52 -36.25 18.47
C CYS B 162 -21.50 -36.04 17.36
N THR B 163 -20.44 -35.29 17.66
CA THR B 163 -19.47 -34.90 16.65
C THR B 163 -18.08 -35.49 16.81
N PHE B 164 -17.74 -36.13 17.93
CA PHE B 164 -16.38 -36.66 18.02
C PHE B 164 -16.32 -37.98 18.77
N GLU B 165 -15.49 -38.90 18.30
CA GLU B 165 -15.22 -40.16 18.99
C GLU B 165 -13.74 -40.53 18.81
N TYR B 166 -13.08 -40.90 19.90
CA TYR B 166 -11.71 -41.39 19.89
C TYR B 166 -11.61 -42.57 20.84
N VAL B 167 -11.17 -43.73 20.34
CA VAL B 167 -11.01 -44.93 21.14
C VAL B 167 -9.53 -45.31 21.15
N SER B 168 -8.98 -45.58 22.34
CA SER B 168 -7.56 -45.89 22.44
C SER B 168 -7.31 -46.75 23.67
N GLN B 169 -6.04 -47.12 23.87
CA GLN B 169 -5.66 -47.90 25.04
C GLN B 169 -5.93 -47.11 26.31
N PRO B 170 -6.38 -47.74 27.40
CA PRO B 170 -6.80 -46.97 28.57
C PRO B 170 -5.62 -46.38 29.34
N PHE B 171 -5.87 -45.26 30.01
CA PHE B 171 -4.86 -44.62 30.83
C PHE B 171 -5.15 -44.74 32.32
N LEU B 172 -6.10 -45.57 32.72
CA LEU B 172 -6.31 -45.91 34.12
C LEU B 172 -6.09 -47.41 34.28
N MET B 173 -4.88 -47.79 34.70
CA MET B 173 -4.50 -49.20 34.75
C MET B 173 -3.85 -49.49 36.10
N ASP B 174 -3.77 -50.78 36.42
CA ASP B 174 -3.17 -51.20 37.68
C ASP B 174 -1.71 -51.60 37.48
N LYS B 183 -1.86 -47.09 46.70
CA LYS B 183 -0.53 -47.61 46.38
C LYS B 183 0.07 -46.86 45.19
N ASN B 184 -0.72 -46.71 44.14
CA ASN B 184 -0.31 -46.03 42.91
C ASN B 184 -1.09 -44.73 42.77
N LEU B 185 -0.39 -43.60 42.71
CA LEU B 185 -1.02 -42.31 42.56
C LEU B 185 -1.07 -41.98 41.08
N ARG B 186 -2.26 -41.62 40.60
CA ARG B 186 -2.48 -41.32 39.19
C ARG B 186 -2.74 -39.82 39.07
N GLU B 187 -1.95 -39.15 38.24
CA GLU B 187 -2.02 -37.71 38.09
C GLU B 187 -2.34 -37.36 36.64
N PHE B 188 -3.25 -36.42 36.47
CA PHE B 188 -3.65 -35.94 35.16
C PHE B 188 -3.67 -34.42 35.18
N VAL B 189 -3.35 -33.82 34.03
CA VAL B 189 -3.48 -32.38 33.85
C VAL B 189 -4.32 -32.17 32.60
N PHE B 190 -5.40 -31.40 32.73
CA PHE B 190 -6.28 -31.08 31.61
C PHE B 190 -6.15 -29.60 31.29
N LYS B 191 -5.89 -29.30 30.01
CA LYS B 191 -5.88 -27.93 29.55
C LYS B 191 -6.74 -27.80 28.30
N ASN B 192 -7.38 -26.65 28.14
CA ASN B 192 -8.18 -26.39 26.95
C ASN B 192 -7.62 -25.10 26.34
N ILE B 193 -6.65 -25.25 25.44
CA ILE B 193 -5.95 -24.11 24.85
C ILE B 193 -6.12 -24.19 23.35
N ASP B 194 -6.57 -23.07 22.74
CA ASP B 194 -6.69 -22.77 21.29
C ASP B 194 -7.45 -23.88 20.55
N GLY B 195 -8.52 -24.36 21.18
CA GLY B 195 -9.35 -25.36 20.54
C GLY B 195 -8.83 -26.77 20.64
N TYR B 196 -7.75 -26.99 21.38
CA TYR B 196 -7.21 -28.31 21.62
C TYR B 196 -7.29 -28.62 23.11
N PHE B 197 -7.83 -29.80 23.43
CA PHE B 197 -7.89 -30.35 24.79
C PHE B 197 -6.66 -31.22 25.04
N LYS B 198 -5.66 -30.64 25.69
CA LYS B 198 -4.42 -31.35 26.01
C LYS B 198 -4.56 -32.12 27.33
N ILE B 199 -4.27 -33.43 27.29
CA ILE B 199 -4.32 -34.28 28.47
C ILE B 199 -2.91 -34.81 28.72
N TYR B 200 -2.43 -34.62 29.95
CA TYR B 200 -1.12 -35.08 30.43
C TYR B 200 -1.33 -36.07 31.57
N SER B 201 -0.51 -37.13 31.64
CA SER B 201 -0.72 -38.13 32.69
C SER B 201 0.60 -38.66 33.22
N LYS B 202 0.57 -39.15 34.47
CA LYS B 202 1.67 -39.87 35.10
C LYS B 202 1.13 -40.87 36.12
N HIS B 203 1.83 -42.00 36.28
CA HIS B 203 1.51 -43.03 37.27
C HIS B 203 2.67 -43.19 38.25
N THR B 204 2.61 -42.52 39.40
CA THR B 204 3.70 -42.52 40.38
C THR B 204 3.40 -43.36 41.62
N PRO B 205 4.09 -44.48 41.84
CA PRO B 205 3.85 -45.27 43.06
C PRO B 205 4.17 -44.50 44.34
N ILE B 206 3.35 -44.69 45.38
CA ILE B 206 3.56 -44.04 46.67
C ILE B 206 3.40 -45.04 47.81
N ASN B 207 4.14 -44.80 48.90
CA ASN B 207 4.11 -45.67 50.08
C ASN B 207 3.18 -45.08 51.14
N LEU B 208 3.54 -45.21 52.44
CA LEU B 208 2.71 -44.70 53.53
C LEU B 208 2.55 -43.17 53.49
N GLU B 209 3.49 -42.48 52.81
CA GLU B 209 3.57 -41.03 52.72
C GLU B 209 2.31 -40.45 52.10
N ARG B 210 2.00 -39.20 52.48
CA ARG B 210 0.74 -38.54 52.11
C ARG B 210 0.58 -38.55 50.59
N ASP B 211 -0.69 -38.63 50.15
CA ASP B 211 -1.01 -38.89 48.74
C ASP B 211 -0.45 -37.85 47.77
N LEU B 212 -0.25 -36.61 48.21
CA LEU B 212 0.50 -35.67 47.37
C LEU B 212 1.95 -35.81 47.85
N PRO B 213 2.79 -36.58 47.17
CA PRO B 213 4.13 -36.86 47.69
C PRO B 213 5.12 -35.73 47.42
N GLN B 214 6.29 -35.86 48.04
CA GLN B 214 7.38 -34.95 47.73
C GLN B 214 8.03 -35.37 46.41
N GLY B 215 8.93 -34.54 45.93
CA GLY B 215 9.71 -34.88 44.76
C GLY B 215 9.00 -34.50 43.48
N PHE B 216 9.67 -34.80 42.37
CA PHE B 216 9.20 -34.39 41.05
C PHE B 216 8.86 -35.59 40.19
N SER B 217 7.62 -35.65 39.71
CA SER B 217 7.19 -36.62 38.72
C SER B 217 6.64 -35.85 37.52
N ALA B 218 7.43 -35.73 36.46
CA ALA B 218 6.99 -34.94 35.31
C ALA B 218 5.88 -35.69 34.61
N LEU B 219 4.88 -34.96 34.12
CA LEU B 219 3.73 -35.59 33.48
C LEU B 219 3.93 -35.62 31.98
N GLU B 220 3.99 -36.83 31.42
CA GLU B 220 4.16 -36.98 29.98
C GLU B 220 2.89 -36.56 29.25
N PRO B 221 3.02 -35.88 28.11
CA PRO B 221 1.82 -35.57 27.30
C PRO B 221 1.20 -36.88 26.84
N LEU B 222 -0.11 -36.99 27.01
CA LEU B 222 -0.77 -38.23 26.65
C LEU B 222 -1.65 -38.10 25.42
N VAL B 223 -2.68 -37.26 25.45
CA VAL B 223 -3.59 -37.16 24.31
C VAL B 223 -3.89 -35.69 24.02
N ASP B 224 -3.70 -35.25 22.78
CA ASP B 224 -4.06 -33.91 22.34
C ASP B 224 -5.27 -34.00 21.41
N LEU B 225 -6.41 -33.41 21.80
CA LEU B 225 -7.64 -33.61 21.05
C LEU B 225 -8.19 -32.32 20.43
N PRO B 226 -8.46 -32.27 19.13
CA PRO B 226 -8.96 -31.01 18.55
C PRO B 226 -10.48 -30.89 18.72
N ILE B 227 -10.91 -30.82 19.99
CA ILE B 227 -12.33 -30.70 20.32
C ILE B 227 -12.92 -29.38 19.85
N GLY B 228 -12.18 -28.28 20.03
CA GLY B 228 -12.66 -26.94 19.69
C GLY B 228 -13.94 -26.49 20.34
N ILE B 229 -14.14 -26.80 21.63
CA ILE B 229 -15.33 -26.43 22.37
C ILE B 229 -14.93 -25.64 23.61
N ASN B 230 -15.90 -24.91 24.15
CA ASN B 230 -15.71 -24.09 25.33
C ASN B 230 -15.97 -24.97 26.55
N ILE B 231 -15.02 -25.01 27.47
CA ILE B 231 -15.11 -25.78 28.71
C ILE B 231 -14.92 -24.85 29.90
N THR B 232 -15.95 -24.75 30.75
CA THR B 232 -15.85 -23.96 31.97
C THR B 232 -16.11 -24.76 33.24
N ARG B 233 -16.69 -25.96 33.15
CA ARG B 233 -17.03 -26.75 34.33
C ARG B 233 -16.64 -28.20 34.10
N PHE B 234 -16.35 -28.91 35.20
CA PHE B 234 -16.04 -30.32 35.06
C PHE B 234 -16.52 -31.10 36.28
N GLN B 235 -16.70 -32.40 36.08
CA GLN B 235 -17.15 -33.31 37.14
C GLN B 235 -16.46 -34.66 36.97
N THR B 236 -16.22 -35.34 38.10
CA THR B 236 -15.56 -36.64 38.11
C THR B 236 -16.60 -37.76 38.04
N LEU B 237 -16.30 -38.82 37.28
CA LEU B 237 -17.18 -39.98 37.15
C LEU B 237 -16.69 -41.12 38.04
N LEU B 238 -17.61 -41.67 38.83
CA LEU B 238 -17.34 -42.82 39.69
C LEU B 238 -18.12 -44.04 39.23
N ALA B 239 -17.63 -45.22 39.61
CA ALA B 239 -18.31 -46.48 39.30
C ALA B 239 -18.97 -47.06 40.55
N LEU B 240 -20.23 -47.46 40.40
CA LEU B 240 -20.97 -48.10 41.48
C LEU B 240 -21.47 -49.47 41.05
N HIS B 241 -21.38 -50.43 41.97
CA HIS B 241 -21.79 -51.80 41.73
C HIS B 241 -23.20 -52.00 42.26
N ARG B 242 -24.02 -52.76 41.54
CA ARG B 242 -25.35 -53.08 42.02
C ARG B 242 -25.25 -54.00 43.24
N SER B 243 -26.07 -53.73 44.25
CA SER B 243 -26.09 -54.57 45.45
C SER B 243 -26.61 -55.97 45.17
N TYR B 244 -27.70 -56.07 44.39
CA TYR B 244 -28.41 -57.33 44.11
C TYR B 244 -28.87 -58.03 45.39
N LEU B 245 -29.36 -57.25 46.35
CA LEU B 245 -29.90 -57.80 47.59
C LEU B 245 -31.03 -56.92 48.14
N SER B 252 -31.05 -49.08 48.97
CA SER B 252 -29.76 -49.77 48.93
C SER B 252 -29.59 -50.49 47.59
N GLY B 253 -29.92 -49.80 46.49
CA GLY B 253 -29.76 -50.36 45.17
C GLY B 253 -28.31 -50.63 44.79
N TRP B 254 -27.39 -49.79 45.24
CA TRP B 254 -25.99 -49.87 44.85
C TRP B 254 -25.11 -50.11 46.07
N THR B 255 -23.99 -50.80 45.86
CA THR B 255 -23.04 -51.08 46.93
C THR B 255 -22.38 -49.78 47.40
N ALA B 256 -22.18 -49.68 48.71
CA ALA B 256 -21.58 -48.49 49.32
C ALA B 256 -20.12 -48.32 48.89
N GLY B 257 -19.74 -47.08 48.59
CA GLY B 257 -18.39 -46.82 48.11
C GLY B 257 -17.87 -45.46 48.51
N ALA B 258 -16.54 -45.34 48.54
CA ALA B 258 -15.89 -44.07 48.79
C ALA B 258 -14.77 -43.87 47.77
N ALA B 259 -14.61 -42.63 47.31
CA ALA B 259 -13.52 -42.25 46.42
C ALA B 259 -12.88 -40.96 46.89
N ALA B 260 -11.55 -40.90 46.93
CA ALA B 260 -10.85 -39.69 47.31
C ALA B 260 -10.03 -39.18 46.13
N TYR B 261 -10.19 -37.89 45.81
CA TYR B 261 -9.39 -37.30 44.73
C TYR B 261 -9.01 -35.86 45.04
N TYR B 262 -7.90 -35.41 44.45
CA TYR B 262 -7.37 -34.06 44.65
C TYR B 262 -7.55 -33.24 43.39
N VAL B 263 -8.03 -32.00 43.55
CA VAL B 263 -8.19 -31.06 42.45
C VAL B 263 -7.39 -29.80 42.76
N GLY B 264 -6.59 -29.37 41.78
CA GLY B 264 -5.85 -28.13 41.87
C GLY B 264 -6.07 -27.35 40.59
N TYR B 265 -5.80 -26.05 40.65
CA TYR B 265 -6.05 -25.20 39.49
C TYR B 265 -4.77 -24.60 38.94
N LEU B 266 -4.59 -24.71 37.63
CA LEU B 266 -3.44 -24.14 36.95
C LEU B 266 -3.56 -22.62 36.87
N GLN B 267 -2.42 -21.95 36.93
CA GLN B 267 -2.33 -20.50 36.85
C GLN B 267 -1.24 -20.16 35.84
N PRO B 268 -1.29 -18.98 35.20
CA PRO B 268 -0.20 -18.63 34.28
C PRO B 268 1.05 -18.33 35.08
N ARG B 269 2.06 -19.18 34.94
CA ARG B 269 3.27 -19.07 35.74
C ARG B 269 4.48 -19.39 34.87
N THR B 270 5.61 -18.84 35.26
CA THR B 270 6.87 -19.10 34.58
C THR B 270 7.64 -20.12 35.41
N PHE B 271 8.06 -21.20 34.79
CA PHE B 271 8.78 -22.26 35.47
C PHE B 271 10.14 -22.44 34.81
N LEU B 272 11.13 -22.87 35.60
CA LEU B 272 12.42 -23.24 35.05
C LEU B 272 12.58 -24.74 35.25
N LEU B 273 12.70 -25.48 34.16
CA LEU B 273 12.72 -26.93 34.19
C LEU B 273 14.13 -27.45 33.90
N LYS B 274 14.52 -28.51 34.59
CA LYS B 274 15.83 -29.12 34.40
C LYS B 274 15.68 -30.36 33.54
N TYR B 275 16.34 -30.39 32.38
CA TYR B 275 16.36 -31.55 31.52
C TYR B 275 17.71 -32.25 31.69
N ASN B 276 17.66 -33.54 32.03
CA ASN B 276 18.87 -34.31 32.29
C ASN B 276 19.42 -34.85 30.98
N GLU B 277 20.37 -35.80 31.06
CA GLU B 277 21.01 -36.35 29.87
C GLU B 277 20.01 -37.04 28.94
N ASN B 278 19.01 -37.72 29.51
CA ASN B 278 18.08 -38.52 28.73
C ASN B 278 16.79 -37.78 28.36
N GLY B 279 16.70 -36.50 28.66
CA GLY B 279 15.53 -35.73 28.32
C GLY B 279 14.41 -35.73 29.34
N THR B 280 14.62 -36.32 30.50
CA THR B 280 13.58 -36.37 31.53
C THR B 280 13.66 -35.11 32.38
N ILE B 281 12.51 -34.57 32.74
CA ILE B 281 12.48 -33.42 33.64
C ILE B 281 12.58 -33.96 35.06
N THR B 282 13.72 -33.69 35.71
CA THR B 282 13.96 -34.21 37.05
C THR B 282 13.73 -33.17 38.13
N ASP B 283 13.64 -31.89 37.77
CA ASP B 283 13.53 -30.83 38.78
C ASP B 283 12.92 -29.61 38.12
N ALA B 284 12.34 -28.74 38.94
CA ALA B 284 11.84 -27.45 38.47
C ALA B 284 11.82 -26.44 39.61
N VAL B 285 11.91 -25.16 39.26
CA VAL B 285 11.71 -24.08 40.21
C VAL B 285 10.62 -23.15 39.70
N ASP B 286 9.70 -22.79 40.60
CA ASP B 286 8.64 -21.84 40.32
C ASP B 286 9.24 -20.45 40.61
N CYS B 287 9.33 -19.62 39.57
CA CYS B 287 10.05 -18.35 39.67
C CYS B 287 9.40 -17.38 40.66
N ALA B 288 8.07 -17.28 40.67
CA ALA B 288 7.43 -16.27 41.49
C ALA B 288 7.21 -16.69 42.94
N LEU B 289 7.45 -17.96 43.29
CA LEU B 289 7.09 -18.48 44.61
C LEU B 289 7.86 -17.81 45.75
N ASP B 290 9.18 -17.65 45.61
CA ASP B 290 10.02 -17.11 46.67
C ASP B 290 11.23 -16.42 46.05
N PRO B 291 11.93 -15.56 46.81
CA PRO B 291 13.13 -14.91 46.25
C PRO B 291 14.26 -15.83 45.81
N LEU B 292 14.52 -16.94 46.51
CA LEU B 292 15.59 -17.84 46.11
C LEU B 292 15.31 -18.46 44.75
N SER B 293 14.08 -18.91 44.53
CA SER B 293 13.70 -19.49 43.25
C SER B 293 13.73 -18.41 42.17
N GLU B 294 13.33 -17.18 42.52
CA GLU B 294 13.33 -16.08 41.57
C GLU B 294 14.76 -15.79 41.11
N THR B 295 15.72 -15.86 42.05
CA THR B 295 17.13 -15.69 41.71
C THR B 295 17.59 -16.82 40.80
N LYS B 296 17.15 -18.05 41.10
CA LYS B 296 17.50 -19.21 40.29
C LYS B 296 16.96 -19.06 38.87
N CYS B 297 15.72 -18.58 38.77
CA CYS B 297 15.06 -18.36 37.49
C CYS B 297 15.78 -17.27 36.69
N THR B 298 16.19 -16.20 37.37
CA THR B 298 16.87 -15.10 36.73
C THR B 298 18.24 -15.54 36.20
N LEU B 299 18.97 -16.33 36.99
CA LEU B 299 20.32 -16.73 36.61
C LEU B 299 20.34 -17.98 35.72
N LYS B 300 19.17 -18.62 35.53
CA LYS B 300 18.99 -19.83 34.73
C LYS B 300 19.86 -20.99 35.25
N SER B 301 20.00 -21.08 36.56
CA SER B 301 20.73 -22.17 37.18
C SER B 301 20.07 -22.60 38.48
N PHE B 302 20.27 -23.87 38.85
CA PHE B 302 19.76 -24.39 40.10
C PHE B 302 20.72 -24.18 41.26
N THR B 303 21.95 -23.75 40.99
CA THR B 303 22.90 -23.42 42.04
C THR B 303 23.22 -21.95 41.88
N VAL B 304 23.09 -21.21 42.97
CA VAL B 304 23.35 -19.78 42.98
C VAL B 304 24.58 -19.52 43.83
N GLU B 305 25.55 -18.81 43.27
CA GLU B 305 26.76 -18.51 44.02
C GLU B 305 26.49 -17.40 45.01
N LYS B 306 27.40 -17.25 45.97
CA LYS B 306 27.26 -16.22 46.99
C LYS B 306 27.32 -14.83 46.37
N GLY B 307 26.39 -13.98 46.74
CA GLY B 307 26.41 -12.60 46.28
C GLY B 307 25.01 -12.01 46.35
N ILE B 308 24.90 -10.79 45.81
CA ILE B 308 23.64 -10.07 45.76
C ILE B 308 23.20 -10.00 44.29
N TYR B 309 21.95 -10.37 44.03
CA TYR B 309 21.44 -10.41 42.66
C TYR B 309 20.16 -9.61 42.54
N GLN B 310 20.09 -8.76 41.51
CA GLN B 310 18.89 -7.97 41.23
C GLN B 310 17.90 -8.85 40.48
N THR B 311 16.71 -9.06 41.02
CA THR B 311 15.76 -9.98 40.41
C THR B 311 14.56 -9.32 39.76
N SER B 312 13.88 -8.40 40.44
CA SER B 312 12.64 -7.83 39.93
C SER B 312 12.43 -6.47 40.59
N ASN B 313 11.40 -5.76 40.16
CA ASN B 313 11.03 -4.50 40.80
C ASN B 313 9.70 -4.62 41.51
N PHE B 314 9.71 -4.38 42.81
CA PHE B 314 8.48 -4.39 43.60
C PHE B 314 7.70 -3.12 43.32
N ARG B 315 6.40 -3.23 43.04
CA ARG B 315 5.54 -2.08 42.88
C ARG B 315 4.17 -2.34 43.49
N VAL B 316 3.66 -1.38 44.25
CA VAL B 316 2.39 -1.57 44.94
C VAL B 316 1.26 -1.38 43.92
N GLN B 317 0.31 -2.30 43.91
CA GLN B 317 -0.77 -2.26 42.94
C GLN B 317 -1.86 -1.29 43.38
N PRO B 318 -2.63 -0.74 42.44
CA PRO B 318 -3.76 0.13 42.83
C PRO B 318 -4.90 -0.70 43.41
N THR B 319 -5.39 -0.27 44.58
CA THR B 319 -6.49 -0.97 45.23
C THR B 319 -7.80 -0.86 44.45
N GLU B 320 -8.14 0.33 43.94
CA GLU B 320 -9.41 0.45 43.23
C GLU B 320 -9.32 1.55 42.17
N SER B 321 -10.24 1.47 41.23
CA SER B 321 -10.33 2.43 40.13
C SER B 321 -11.37 3.48 40.45
N ILE B 322 -10.99 4.75 40.31
CA ILE B 322 -11.91 5.87 40.49
C ILE B 322 -12.05 6.60 39.17
N VAL B 323 -13.29 6.85 38.75
CA VAL B 323 -13.58 7.59 37.53
C VAL B 323 -14.22 8.91 37.95
N ARG B 324 -13.64 10.02 37.51
CA ARG B 324 -14.19 11.34 37.77
C ARG B 324 -14.56 11.97 36.44
N PHE B 325 -15.83 12.31 36.28
CA PHE B 325 -16.40 12.90 35.08
C PHE B 325 -17.25 14.09 35.51
N PRO B 326 -17.51 15.05 34.60
CA PRO B 326 -18.40 16.17 34.94
C PRO B 326 -19.81 15.71 35.32
N ASN B 327 -20.36 16.35 36.37
CA ASN B 327 -21.68 15.97 36.86
C ASN B 327 -22.78 16.28 35.85
N ILE B 328 -22.63 17.37 35.07
CA ILE B 328 -23.67 17.86 34.17
C ILE B 328 -24.02 16.83 33.11
N THR B 329 -25.32 16.61 32.93
CA THR B 329 -25.79 15.66 31.93
C THR B 329 -26.84 16.32 31.04
N ASN B 330 -26.51 16.45 29.76
CA ASN B 330 -27.43 16.95 28.74
C ASN B 330 -27.37 15.97 27.59
N LEU B 331 -28.53 15.53 27.11
CA LEU B 331 -28.55 14.62 25.95
C LEU B 331 -27.99 15.35 24.73
N CYS B 332 -27.08 14.69 24.03
CA CYS B 332 -26.43 15.40 22.95
C CYS B 332 -27.27 15.35 21.68
N PRO B 333 -27.37 16.45 20.92
CA PRO B 333 -28.27 16.46 19.76
C PRO B 333 -27.67 15.79 18.53
N PHE B 334 -27.47 14.47 18.61
CA PHE B 334 -27.02 13.72 17.45
C PHE B 334 -28.17 13.42 16.51
N HIS B 335 -29.40 13.51 17.01
CA HIS B 335 -30.59 13.29 16.19
C HIS B 335 -30.69 14.33 15.08
N GLU B 336 -30.36 15.58 15.41
CA GLU B 336 -30.46 16.66 14.44
C GLU B 336 -29.49 16.45 13.28
N VAL B 337 -28.25 16.09 13.61
CA VAL B 337 -27.25 15.86 12.56
C VAL B 337 -27.56 14.61 11.75
N PHE B 338 -27.91 13.50 12.41
CA PHE B 338 -28.01 12.23 11.70
C PHE B 338 -29.38 11.93 11.09
N ASN B 339 -30.47 12.54 11.56
CA ASN B 339 -31.81 12.18 11.09
C ASN B 339 -32.43 13.25 10.20
N ALA B 340 -31.62 14.24 9.78
CA ALA B 340 -32.13 15.37 9.01
C ALA B 340 -32.66 14.91 7.65
N THR B 341 -33.79 15.51 7.24
CA THR B 341 -34.36 15.23 5.92
C THR B 341 -33.44 15.69 4.79
N THR B 342 -32.83 16.86 4.93
CA THR B 342 -32.02 17.47 3.87
C THR B 342 -30.61 17.73 4.36
N PHE B 343 -29.64 17.43 3.51
CA PHE B 343 -28.23 17.70 3.80
C PHE B 343 -27.70 18.73 2.83
N ALA B 344 -26.64 19.41 3.23
CA ALA B 344 -26.02 20.42 2.39
C ALA B 344 -25.22 19.78 1.26
N SER B 345 -24.90 20.60 0.26
CA SER B 345 -24.06 20.18 -0.85
C SER B 345 -22.60 20.07 -0.38
N VAL B 346 -21.80 19.32 -1.15
CA VAL B 346 -20.39 19.12 -0.80
C VAL B 346 -19.59 20.43 -0.83
N TYR B 347 -19.87 21.33 -1.79
CA TYR B 347 -19.18 22.62 -1.83
C TYR B 347 -19.52 23.46 -0.60
N ALA B 348 -20.76 23.38 -0.13
CA ALA B 348 -21.22 24.19 1.00
C ALA B 348 -21.60 23.29 2.17
N TRP B 349 -20.70 22.38 2.54
CA TRP B 349 -20.96 21.37 3.58
C TRP B 349 -21.28 22.01 4.92
N ASN B 350 -22.24 21.42 5.64
CA ASN B 350 -22.71 21.99 6.88
C ASN B 350 -21.84 21.55 8.06
N ARG B 351 -21.39 22.50 8.87
CA ARG B 351 -20.58 22.20 10.04
C ARG B 351 -21.36 22.57 11.28
N LYS B 352 -21.53 21.61 12.19
CA LYS B 352 -22.19 21.87 13.47
C LYS B 352 -21.23 21.63 14.62
N ARG B 353 -21.18 22.58 15.54
CA ARG B 353 -20.36 22.46 16.74
C ARG B 353 -21.10 21.65 17.79
N ILE B 354 -20.42 20.70 18.42
CA ILE B 354 -20.99 19.93 19.53
C ILE B 354 -20.19 20.24 20.78
N SER B 355 -20.87 20.74 21.80
CA SER B 355 -20.23 21.09 23.07
C SER B 355 -21.25 21.04 24.20
N ASN B 356 -20.73 20.88 25.42
CA ASN B 356 -21.49 20.89 26.68
C ASN B 356 -22.61 19.83 26.66
N CYS B 357 -22.28 18.63 26.19
CA CYS B 357 -23.22 17.53 26.22
C CYS B 357 -22.49 16.25 26.57
N VAL B 358 -23.23 15.26 27.05
CA VAL B 358 -22.69 13.93 27.26
C VAL B 358 -23.20 13.10 26.10
N ALA B 359 -22.30 12.42 25.40
CA ALA B 359 -22.68 11.73 24.18
C ALA B 359 -22.73 10.23 24.40
N ASP B 360 -23.86 9.64 24.02
CA ASP B 360 -24.05 8.20 24.05
C ASP B 360 -23.92 7.71 22.60
N TYR B 361 -22.81 7.06 22.28
CA TYR B 361 -22.59 6.62 20.91
C TYR B 361 -23.23 5.26 20.65
N SER B 362 -23.74 4.63 21.71
CA SER B 362 -24.33 3.30 21.63
C SER B 362 -25.58 3.29 20.75
N VAL B 363 -26.39 4.36 20.83
CA VAL B 363 -27.61 4.45 20.03
C VAL B 363 -27.29 4.53 18.53
N ILE B 364 -26.16 5.16 18.16
CA ILE B 364 -25.76 5.23 16.74
C ILE B 364 -25.58 3.81 16.18
N TYR B 365 -24.98 2.93 16.97
CA TYR B 365 -24.89 1.52 16.64
C TYR B 365 -26.25 0.83 16.67
N ASN B 366 -27.10 1.17 17.66
CA ASN B 366 -28.37 0.46 17.86
C ASN B 366 -29.31 0.59 16.67
N PHE B 367 -29.46 1.78 16.12
CA PHE B 367 -30.22 1.96 14.88
C PHE B 367 -29.23 2.50 13.86
N ALA B 368 -28.89 1.69 12.85
CA ALA B 368 -28.00 2.20 11.85
C ALA B 368 -28.27 1.82 10.40
N PRO B 369 -28.34 2.80 9.50
CA PRO B 369 -28.36 2.53 8.05
C PRO B 369 -27.00 2.74 7.40
N PHE B 370 -25.94 2.87 8.19
CA PHE B 370 -24.62 3.29 7.73
C PHE B 370 -23.81 2.11 7.24
N PHE B 371 -23.65 2.01 5.91
CA PHE B 371 -22.84 0.97 5.32
C PHE B 371 -21.37 1.12 5.74
N ALA B 372 -20.88 2.36 5.78
CA ALA B 372 -19.48 2.62 6.15
C ALA B 372 -19.44 3.37 7.47
N PHE B 373 -18.71 2.83 8.44
CA PHE B 373 -18.50 3.44 9.76
C PHE B 373 -17.00 3.32 10.02
N LYS B 374 -16.19 4.21 9.44
CA LYS B 374 -14.75 4.06 9.52
C LYS B 374 -14.12 5.15 10.38
N CYS B 375 -13.33 4.75 11.39
CA CYS B 375 -12.72 5.70 12.30
C CYS B 375 -11.20 5.70 12.10
N TYR B 376 -10.59 6.87 12.15
CA TYR B 376 -9.16 6.97 11.89
C TYR B 376 -8.32 7.11 13.16
N GLY B 377 -8.64 8.06 14.02
CA GLY B 377 -7.80 8.31 15.18
C GLY B 377 -8.27 7.74 16.49
N VAL B 378 -9.40 7.05 16.53
CA VAL B 378 -9.96 6.57 17.79
C VAL B 378 -10.70 5.27 17.52
N SER B 379 -10.78 4.42 18.53
CA SER B 379 -11.52 3.18 18.40
C SER B 379 -13.02 3.46 18.44
N PRO B 380 -13.82 2.75 17.63
CA PRO B 380 -15.28 2.89 17.73
C PRO B 380 -15.86 2.44 19.06
N THR B 381 -15.38 1.32 19.61
CA THR B 381 -15.88 0.82 20.88
C THR B 381 -15.46 1.67 22.08
N LYS B 382 -14.38 2.45 21.98
CA LYS B 382 -13.86 3.18 23.12
C LYS B 382 -14.42 4.58 23.24
N LEU B 383 -15.32 4.98 22.33
CA LEU B 383 -15.85 6.35 22.32
C LEU B 383 -16.63 6.67 23.59
N ASN B 384 -17.34 5.66 24.13
CA ASN B 384 -18.10 5.85 25.36
C ASN B 384 -17.23 6.12 26.58
N ASP B 385 -15.97 5.73 26.57
CA ASP B 385 -15.12 5.85 27.75
C ASP B 385 -14.24 7.10 27.74
N LEU B 386 -14.37 7.97 26.74
CA LEU B 386 -13.47 9.09 26.56
C LEU B 386 -14.22 10.42 26.63
N CYS B 387 -13.46 11.48 26.90
CA CYS B 387 -13.97 12.84 26.93
C CYS B 387 -13.32 13.63 25.80
N PHE B 388 -14.10 14.49 25.14
CA PHE B 388 -13.59 15.24 24.02
C PHE B 388 -14.07 16.69 24.05
N THR B 389 -13.36 17.51 23.28
CA THR B 389 -13.72 18.90 23.02
C THR B 389 -13.35 19.15 21.57
N ASN B 390 -13.76 20.32 21.07
CA ASN B 390 -13.57 20.74 19.67
C ASN B 390 -14.26 19.75 18.74
N VAL B 391 -15.44 19.28 19.14
CA VAL B 391 -16.19 18.32 18.34
C VAL B 391 -16.98 19.04 17.26
N TYR B 392 -16.79 18.61 16.01
CA TYR B 392 -17.52 19.17 14.89
C TYR B 392 -18.08 18.05 14.02
N ALA B 393 -19.32 18.22 13.56
CA ALA B 393 -19.94 17.29 12.63
C ALA B 393 -20.11 17.98 11.28
N ASP B 394 -19.51 17.40 10.24
CA ASP B 394 -19.56 17.95 8.89
C ASP B 394 -20.45 17.05 8.03
N SER B 395 -21.54 17.60 7.51
CA SER B 395 -22.51 16.82 6.75
C SER B 395 -22.51 17.28 5.30
N PHE B 396 -22.48 16.31 4.37
CA PHE B 396 -22.56 16.62 2.95
C PHE B 396 -23.03 15.37 2.20
N VAL B 397 -23.34 15.56 0.92
CA VAL B 397 -23.78 14.48 0.04
C VAL B 397 -22.79 14.39 -1.12
N ILE B 398 -22.36 13.17 -1.45
CA ILE B 398 -21.37 12.91 -2.50
C ILE B 398 -21.81 11.68 -3.30
N ARG B 399 -21.01 11.32 -4.30
CA ARG B 399 -21.26 10.17 -5.15
C ARG B 399 -20.93 8.88 -4.40
N GLY B 400 -21.36 7.75 -4.97
CA GLY B 400 -21.01 6.45 -4.41
C GLY B 400 -19.52 6.16 -4.43
N ASN B 401 -18.84 6.54 -5.52
CA ASN B 401 -17.43 6.22 -5.69
C ASN B 401 -16.52 7.20 -4.97
N GLU B 402 -17.06 8.30 -4.47
CA GLU B 402 -16.25 9.36 -3.86
C GLU B 402 -16.07 9.20 -2.37
N VAL B 403 -16.65 8.15 -1.76
CA VAL B 403 -16.55 7.95 -0.32
C VAL B 403 -15.10 7.66 0.07
N SER B 404 -14.33 7.01 -0.81
CA SER B 404 -12.90 6.80 -0.57
C SER B 404 -12.14 8.12 -0.48
N GLN B 405 -12.56 9.10 -1.29
CA GLN B 405 -11.90 10.40 -1.32
C GLN B 405 -12.07 11.18 -0.03
N ILE B 406 -13.09 10.88 0.78
CA ILE B 406 -13.26 11.55 2.07
C ILE B 406 -12.37 10.83 3.07
N ALA B 407 -11.07 11.07 2.96
CA ALA B 407 -10.07 10.50 3.84
C ALA B 407 -8.88 11.45 3.85
N PRO B 408 -8.06 11.42 4.89
CA PRO B 408 -6.83 12.23 4.85
C PRO B 408 -5.91 11.77 3.74
N GLY B 409 -5.30 12.74 3.07
CA GLY B 409 -4.30 12.41 2.07
C GLY B 409 -4.80 11.91 0.74
N GLN B 410 -6.09 12.04 0.44
CA GLN B 410 -6.62 11.49 -0.79
C GLN B 410 -6.69 12.61 -1.83
N THR B 411 -6.33 12.29 -3.07
CA THR B 411 -6.46 13.25 -4.15
C THR B 411 -7.77 12.95 -4.86
N GLY B 412 -8.68 13.92 -4.81
CA GLY B 412 -9.96 13.84 -5.45
C GLY B 412 -10.37 15.23 -5.84
N ASN B 413 -11.24 15.34 -6.85
CA ASN B 413 -11.71 16.65 -7.28
C ASN B 413 -12.48 17.31 -6.13
N ILE B 414 -13.36 16.56 -5.47
CA ILE B 414 -14.03 17.07 -4.28
C ILE B 414 -13.02 17.27 -3.15
N ALA B 415 -12.02 16.38 -3.04
CA ALA B 415 -11.00 16.51 -2.02
C ALA B 415 -10.16 17.78 -2.18
N ASP B 416 -9.73 18.07 -3.41
CA ASP B 416 -9.00 19.31 -3.66
C ASP B 416 -9.89 20.55 -3.60
N TYR B 417 -11.07 20.53 -4.24
CA TYR B 417 -11.82 21.76 -4.39
C TYR B 417 -13.09 21.90 -3.56
N ASN B 418 -13.51 20.88 -2.80
CA ASN B 418 -14.77 20.99 -2.08
C ASN B 418 -14.59 20.80 -0.58
N TYR B 419 -14.13 19.63 -0.14
CA TYR B 419 -13.89 19.35 1.27
C TYR B 419 -12.51 18.75 1.42
N LYS B 420 -11.67 19.36 2.25
CA LYS B 420 -10.29 18.93 2.45
C LYS B 420 -10.10 18.43 3.87
N LEU B 421 -9.48 17.26 4.02
CA LEU B 421 -9.17 16.76 5.36
C LEU B 421 -7.69 16.98 5.66
N PRO B 422 -7.33 17.32 6.91
CA PRO B 422 -5.92 17.42 7.25
C PRO B 422 -5.25 16.06 7.35
N ASP B 423 -3.92 16.06 7.21
CA ASP B 423 -3.14 14.83 7.28
C ASP B 423 -3.24 14.17 8.65
N ASP B 424 -3.33 14.96 9.72
CA ASP B 424 -3.30 14.46 11.08
C ASP B 424 -4.69 14.29 11.67
N PHE B 425 -5.70 14.19 10.79
CA PHE B 425 -7.10 14.18 11.20
C PHE B 425 -7.44 12.99 12.11
N THR B 426 -8.20 13.27 13.16
CA THR B 426 -8.72 12.26 14.06
C THR B 426 -10.24 12.39 14.10
N GLY B 427 -10.92 11.26 14.10
CA GLY B 427 -12.37 11.25 14.10
C GLY B 427 -12.87 10.11 13.26
N CYS B 428 -14.17 10.14 12.96
CA CYS B 428 -14.79 9.06 12.21
C CYS B 428 -15.57 9.58 11.00
N VAL B 429 -15.48 8.87 9.88
CA VAL B 429 -16.26 9.18 8.69
C VAL B 429 -17.39 8.16 8.59
N ILE B 430 -18.61 8.66 8.40
CA ILE B 430 -19.81 7.84 8.28
C ILE B 430 -20.36 8.04 6.88
N ALA B 431 -20.58 6.94 6.15
CA ALA B 431 -21.18 7.02 4.82
C ALA B 431 -22.36 6.07 4.73
N TRP B 432 -23.50 6.56 4.22
CA TRP B 432 -24.64 5.70 3.99
C TRP B 432 -25.38 6.10 2.72
N ASN B 433 -25.99 5.11 2.08
CA ASN B 433 -26.75 5.34 0.85
C ASN B 433 -28.00 6.17 1.14
N SER B 434 -28.28 7.13 0.27
CA SER B 434 -29.44 7.99 0.42
C SER B 434 -30.26 8.04 -0.87
N ASN B 435 -30.39 6.89 -1.52
CA ASN B 435 -31.19 6.80 -2.75
C ASN B 435 -32.67 7.11 -2.48
N LYS B 436 -33.18 6.63 -1.34
CA LYS B 436 -34.60 6.79 -1.01
C LYS B 436 -35.01 8.26 -0.85
N LEU B 437 -34.15 9.07 -0.23
CA LEU B 437 -34.53 10.45 0.07
C LEU B 437 -33.86 11.50 -0.81
N ASP B 438 -32.64 11.27 -1.28
CA ASP B 438 -31.90 12.30 -1.99
C ASP B 438 -31.85 12.08 -3.50
N SER B 439 -32.76 11.29 -4.05
CA SER B 439 -32.82 11.06 -5.48
C SER B 439 -34.25 11.28 -5.98
N LYS B 440 -34.37 11.67 -7.25
CA LYS B 440 -35.64 11.84 -7.91
C LYS B 440 -35.58 11.15 -9.28
N PRO B 441 -36.74 10.67 -9.80
CA PRO B 441 -36.72 10.02 -11.12
C PRO B 441 -36.32 10.94 -12.27
N SER B 442 -36.77 12.19 -12.25
CA SER B 442 -36.43 13.15 -13.29
C SER B 442 -34.98 13.63 -13.18
N GLY B 443 -34.32 13.38 -12.05
CA GLY B 443 -32.99 13.86 -11.78
C GLY B 443 -32.99 14.88 -10.67
N ASN B 444 -32.30 14.57 -9.58
CA ASN B 444 -32.18 15.48 -8.45
C ASN B 444 -30.88 16.27 -8.62
N TYR B 445 -31.02 17.56 -8.94
CA TYR B 445 -29.87 18.40 -9.24
C TYR B 445 -29.59 19.40 -8.13
N ASN B 446 -30.16 19.19 -6.94
CA ASN B 446 -29.96 20.10 -5.83
C ASN B 446 -28.53 20.08 -5.29
N TYR B 447 -27.79 18.99 -5.50
CA TYR B 447 -26.45 18.83 -4.94
C TYR B 447 -25.42 19.20 -6.00
N LEU B 448 -24.54 20.13 -5.65
CA LEU B 448 -23.55 20.66 -6.59
C LEU B 448 -22.15 20.47 -6.03
N TYR B 449 -21.17 20.36 -6.93
CA TYR B 449 -19.77 20.25 -6.55
C TYR B 449 -18.95 21.27 -7.32
N ARG B 450 -17.83 21.66 -6.73
CA ARG B 450 -16.92 22.64 -7.33
C ARG B 450 -15.93 21.92 -8.23
N LEU B 451 -16.22 21.90 -9.53
CA LEU B 451 -15.31 21.30 -10.49
C LEU B 451 -14.01 22.08 -10.61
N PHE B 452 -14.09 23.41 -10.60
CA PHE B 452 -12.95 24.26 -10.88
C PHE B 452 -12.61 25.24 -9.76
N ARG B 453 -11.32 25.30 -9.43
CA ARG B 453 -10.79 26.30 -8.52
C ARG B 453 -9.33 26.50 -8.92
N LYS B 454 -8.80 27.70 -8.65
CA LYS B 454 -7.41 27.99 -8.95
C LYS B 454 -6.45 27.15 -8.11
N SER B 455 -6.76 26.98 -6.84
CA SER B 455 -5.87 26.31 -5.91
C SER B 455 -6.67 25.36 -5.04
N LYS B 456 -5.98 24.39 -4.44
CA LYS B 456 -6.60 23.46 -3.53
C LYS B 456 -7.00 24.16 -2.24
N LEU B 457 -8.09 23.68 -1.63
CA LEU B 457 -8.55 24.28 -0.39
C LEU B 457 -7.69 23.86 0.80
N LYS B 458 -7.79 24.65 1.86
CA LYS B 458 -7.20 24.31 3.14
C LYS B 458 -8.11 23.31 3.83
N PRO B 459 -7.59 22.54 4.80
CA PRO B 459 -8.47 21.68 5.61
C PRO B 459 -9.52 22.49 6.36
N PHE B 460 -10.75 21.95 6.39
CA PHE B 460 -11.91 22.54 7.08
C PHE B 460 -12.22 23.94 6.58
N GLU B 461 -12.04 24.17 5.28
CA GLU B 461 -12.39 25.44 4.65
C GLU B 461 -13.49 25.20 3.63
N ARG B 462 -14.47 26.10 3.62
CA ARG B 462 -15.61 26.03 2.73
C ARG B 462 -15.53 27.16 1.71
N ASP B 463 -15.73 26.83 0.43
CA ASP B 463 -15.76 27.83 -0.63
C ASP B 463 -17.15 27.84 -1.23
N ILE B 464 -17.85 28.97 -1.11
CA ILE B 464 -19.19 29.13 -1.67
C ILE B 464 -19.25 30.22 -2.73
N SER B 465 -18.10 30.69 -3.21
CA SER B 465 -18.08 31.81 -4.14
C SER B 465 -18.48 31.32 -5.53
N THR B 466 -19.55 31.89 -6.07
CA THR B 466 -20.02 31.52 -7.41
C THR B 466 -19.43 32.45 -8.47
N GLU B 467 -18.10 32.49 -8.52
CA GLU B 467 -17.41 33.30 -9.52
C GLU B 467 -16.97 32.41 -10.68
N ILE B 468 -16.87 33.01 -11.86
CA ILE B 468 -16.42 32.25 -13.02
C ILE B 468 -14.94 31.91 -12.89
N TYR B 469 -14.54 30.82 -13.52
CA TYR B 469 -13.15 30.39 -13.51
C TYR B 469 -12.60 30.57 -14.92
N GLN B 470 -11.35 30.96 -15.03
CA GLN B 470 -10.70 31.07 -16.33
C GLN B 470 -9.92 29.77 -16.60
N ALA B 471 -10.45 28.95 -17.50
CA ALA B 471 -9.83 27.68 -17.87
C ALA B 471 -8.97 27.77 -19.12
N GLY B 472 -8.94 28.95 -19.76
CA GLY B 472 -8.27 29.11 -21.03
C GLY B 472 -7.41 30.36 -20.98
N ASN B 473 -6.46 30.44 -21.91
CA ASN B 473 -5.52 31.56 -21.91
C ASN B 473 -6.26 32.89 -22.08
N LYS B 474 -7.29 32.90 -22.92
CA LYS B 474 -8.12 34.07 -23.13
C LYS B 474 -8.87 34.43 -21.83
N PRO B 475 -8.92 35.71 -21.46
CA PRO B 475 -9.71 36.10 -20.28
C PRO B 475 -11.20 35.95 -20.53
N CYS B 476 -11.90 35.33 -19.57
CA CYS B 476 -13.35 35.18 -19.67
C CYS B 476 -14.08 36.51 -19.55
N ASN B 477 -13.60 37.41 -18.68
CA ASN B 477 -14.21 38.71 -18.36
C ASN B 477 -15.62 38.55 -17.77
N GLY B 478 -15.85 37.44 -17.05
CA GLY B 478 -17.09 37.23 -16.35
C GLY B 478 -18.26 36.73 -17.19
N VAL B 479 -18.04 36.41 -18.46
CA VAL B 479 -19.10 35.96 -19.37
C VAL B 479 -18.73 34.56 -19.83
N ALA B 480 -19.70 33.64 -19.81
CA ALA B 480 -19.42 32.28 -20.26
C ALA B 480 -19.07 32.26 -21.75
N GLY B 481 -18.05 31.47 -22.07
CA GLY B 481 -17.53 31.35 -23.41
C GLY B 481 -16.79 30.04 -23.53
N PRO B 482 -16.48 29.59 -24.75
CA PRO B 482 -15.62 28.41 -24.90
C PRO B 482 -14.29 28.76 -24.25
N ASN B 483 -13.74 27.80 -23.47
CA ASN B 483 -12.53 27.86 -22.60
C ASN B 483 -12.90 28.47 -21.24
N CYS B 484 -14.16 28.81 -21.01
CA CYS B 484 -14.64 29.33 -19.74
C CYS B 484 -15.79 28.47 -19.24
N TYR B 485 -15.69 27.99 -18.00
CA TYR B 485 -16.69 27.08 -17.47
C TYR B 485 -17.11 27.51 -16.07
N SER B 486 -18.37 27.24 -15.73
CA SER B 486 -18.83 27.47 -14.38
C SER B 486 -18.20 26.44 -13.43
N PRO B 487 -17.71 26.88 -12.26
CA PRO B 487 -17.09 25.92 -11.32
C PRO B 487 -18.04 24.90 -10.73
N LEU B 488 -19.28 25.28 -10.45
CA LEU B 488 -20.22 24.42 -9.74
C LEU B 488 -21.10 23.68 -10.74
N GLN B 489 -21.09 22.35 -10.67
CA GLN B 489 -21.93 21.52 -11.50
C GLN B 489 -22.79 20.62 -10.62
N SER B 490 -24.04 20.44 -11.02
CA SER B 490 -24.96 19.58 -10.28
C SER B 490 -24.74 18.10 -10.61
N TYR B 491 -25.00 17.25 -9.61
CA TYR B 491 -24.96 15.81 -9.82
C TYR B 491 -26.25 15.33 -10.49
N GLY B 492 -26.12 14.41 -11.42
CA GLY B 492 -27.29 13.78 -12.01
C GLY B 492 -27.75 12.57 -11.23
N PHE B 493 -28.40 12.76 -10.08
CA PHE B 493 -28.78 11.64 -9.24
C PHE B 493 -30.10 11.04 -9.72
N ARG B 494 -30.09 9.76 -10.09
CA ARG B 494 -31.30 9.04 -10.48
C ARG B 494 -31.35 7.70 -9.76
N PRO B 495 -32.55 7.23 -9.38
CA PRO B 495 -32.65 5.93 -8.71
C PRO B 495 -32.26 4.73 -9.57
N THR B 496 -32.41 4.85 -10.90
CA THR B 496 -32.15 3.74 -11.82
C THR B 496 -30.69 3.29 -11.81
N TYR B 497 -29.75 4.19 -11.50
CA TYR B 497 -28.34 3.85 -11.59
C TYR B 497 -27.93 2.84 -10.53
N GLY B 498 -26.86 2.10 -10.82
CA GLY B 498 -26.34 1.10 -9.92
C GLY B 498 -25.47 1.73 -8.85
N VAL B 499 -24.96 0.87 -7.97
CA VAL B 499 -24.14 1.34 -6.85
C VAL B 499 -22.86 1.98 -7.37
N GLY B 500 -22.36 2.96 -6.63
CA GLY B 500 -21.19 3.70 -7.01
C GLY B 500 -21.48 5.03 -7.66
N HIS B 501 -22.73 5.26 -8.08
CA HIS B 501 -23.17 6.56 -8.55
C HIS B 501 -24.34 7.09 -7.75
N GLN B 502 -24.94 6.28 -6.88
CA GLN B 502 -26.08 6.67 -6.08
C GLN B 502 -25.64 7.73 -5.06
N PRO B 503 -26.53 8.65 -4.67
CA PRO B 503 -26.13 9.66 -3.69
C PRO B 503 -25.87 9.02 -2.33
N TYR B 504 -24.76 9.42 -1.71
CA TYR B 504 -24.37 8.94 -0.40
C TYR B 504 -24.23 10.11 0.55
N ARG B 505 -24.84 10.00 1.72
CA ARG B 505 -24.73 11.01 2.75
C ARG B 505 -23.53 10.67 3.63
N VAL B 506 -22.61 11.63 3.79
CA VAL B 506 -21.41 11.45 4.58
C VAL B 506 -21.40 12.47 5.71
N VAL B 507 -21.20 11.98 6.94
CA VAL B 507 -21.05 12.82 8.11
C VAL B 507 -19.66 12.54 8.69
N VAL B 508 -18.88 13.59 8.91
CA VAL B 508 -17.54 13.47 9.45
C VAL B 508 -17.53 14.03 10.86
N LEU B 509 -17.18 13.19 11.83
CA LEU B 509 -17.04 13.62 13.22
C LEU B 509 -15.56 13.91 13.47
N SER B 510 -15.26 15.13 13.91
CA SER B 510 -13.91 15.59 14.16
C SER B 510 -13.77 15.91 15.65
N PHE B 511 -12.68 15.46 16.25
CA PHE B 511 -12.42 15.65 17.68
C PHE B 511 -10.99 16.18 17.85
N GLU B 512 -10.67 16.62 19.06
CA GLU B 512 -9.30 16.97 19.41
C GLU B 512 -8.95 16.11 20.61
N LEU B 513 -7.70 15.67 20.71
CA LEU B 513 -7.33 14.75 21.78
C LEU B 513 -6.52 15.40 22.91
N LEU B 514 -7.21 15.68 24.03
CA LEU B 514 -6.65 16.01 25.34
C LEU B 514 -5.93 17.36 25.44
N HIS B 515 -5.95 18.19 24.40
CA HIS B 515 -5.13 19.40 24.43
C HIS B 515 -5.88 20.62 24.96
N ALA B 516 -7.10 20.44 25.43
CA ALA B 516 -7.91 21.55 25.93
C ALA B 516 -8.88 20.97 26.94
N PRO B 517 -9.53 21.81 27.78
CA PRO B 517 -10.58 21.26 28.66
C PRO B 517 -11.74 20.71 27.86
N ALA B 518 -12.23 19.55 28.29
CA ALA B 518 -13.24 18.82 27.54
C ALA B 518 -14.64 19.12 28.03
N THR B 519 -15.56 19.31 27.08
CA THR B 519 -16.96 19.56 27.38
C THR B 519 -17.87 18.44 26.90
N VAL B 520 -17.37 17.52 26.07
CA VAL B 520 -18.15 16.40 25.57
C VAL B 520 -17.55 15.14 26.18
N CYS B 521 -18.38 14.34 26.86
CA CYS B 521 -17.89 13.18 27.58
C CYS B 521 -18.80 11.98 27.35
N GLY B 522 -18.29 10.81 27.70
CA GLY B 522 -19.06 9.60 27.59
C GLY B 522 -20.03 9.41 28.75
N PRO B 523 -20.87 8.39 28.63
CA PRO B 523 -21.90 8.13 29.65
C PRO B 523 -21.39 7.65 31.01
N LYS B 524 -20.09 7.40 31.17
CA LYS B 524 -19.54 6.79 32.39
C LYS B 524 -19.85 7.60 33.64
N LYS B 525 -20.21 6.90 34.71
CA LYS B 525 -20.61 7.54 35.96
C LYS B 525 -19.40 7.98 36.79
N SER B 526 -19.54 9.15 37.42
CA SER B 526 -18.51 9.65 38.31
C SER B 526 -18.50 8.87 39.63
N THR B 527 -17.30 8.62 40.15
CA THR B 527 -17.12 7.88 41.39
C THR B 527 -16.59 8.87 42.44
N ASN B 528 -16.65 8.49 43.72
CA ASN B 528 -16.15 9.35 44.79
C ASN B 528 -14.62 9.41 44.75
N LEU B 529 -14.08 10.47 45.34
CA LEU B 529 -12.63 10.68 45.41
C LEU B 529 -12.06 10.10 46.69
N VAL B 530 -10.89 9.48 46.59
CA VAL B 530 -10.19 8.90 47.73
C VAL B 530 -8.79 9.51 47.82
N LYS B 531 -8.33 9.75 49.05
CA LYS B 531 -7.08 10.43 49.29
C LYS B 531 -6.04 9.50 49.92
N ASN B 532 -4.77 9.74 49.57
CA ASN B 532 -3.58 9.07 50.14
C ASN B 532 -3.56 7.57 49.90
N LYS B 533 -4.16 7.08 48.82
CA LYS B 533 -4.08 5.66 48.50
C LYS B 533 -3.77 5.47 47.02
N CYS B 534 -3.12 4.36 46.69
CA CYS B 534 -2.75 4.09 45.31
C CYS B 534 -4.00 3.63 44.58
N VAL B 535 -4.41 4.39 43.56
CA VAL B 535 -5.61 4.09 42.81
C VAL B 535 -5.38 4.31 41.33
N ASN B 536 -6.14 3.61 40.50
CA ASN B 536 -6.12 3.85 39.06
C ASN B 536 -7.31 4.74 38.72
N PHE B 537 -7.02 5.97 38.33
CA PHE B 537 -8.02 7.01 38.14
C PHE B 537 -8.19 7.31 36.65
N ASN B 538 -9.41 7.72 36.30
CA ASN B 538 -9.74 8.21 34.97
C ASN B 538 -10.30 9.62 35.14
N PHE B 539 -9.50 10.62 34.78
CA PHE B 539 -9.93 12.02 34.78
C PHE B 539 -10.07 12.47 33.34
N ASN B 540 -11.32 12.66 32.88
CA ASN B 540 -11.67 13.19 31.56
C ASN B 540 -11.02 12.40 30.42
N GLY B 541 -10.97 11.08 30.57
CA GLY B 541 -10.40 10.21 29.55
C GLY B 541 -8.90 10.00 29.70
N LEU B 542 -8.29 10.62 30.70
CA LEU B 542 -6.88 10.42 31.03
C LEU B 542 -6.77 9.39 32.15
N THR B 543 -6.14 8.26 31.87
CA THR B 543 -6.02 7.19 32.85
C THR B 543 -4.61 7.14 33.42
N GLY B 544 -4.51 7.08 34.74
CA GLY B 544 -3.21 6.98 35.39
C GLY B 544 -3.33 6.22 36.70
N THR B 545 -2.21 5.67 37.15
CA THR B 545 -2.14 5.01 38.45
C THR B 545 -1.25 5.81 39.39
N GLY B 546 -1.81 6.26 40.49
CA GLY B 546 -1.08 7.15 41.37
C GLY B 546 -1.80 7.33 42.70
N VAL B 547 -1.15 8.05 43.60
CA VAL B 547 -1.78 8.46 44.85
C VAL B 547 -2.19 9.92 44.69
N LEU B 548 -3.43 10.22 45.07
CA LEU B 548 -3.96 11.57 44.98
C LEU B 548 -3.87 12.21 46.36
N THR B 549 -3.25 13.38 46.43
CA THR B 549 -3.02 14.05 47.69
C THR B 549 -3.46 15.50 47.59
N GLU B 550 -3.62 16.14 48.74
CA GLU B 550 -3.93 17.56 48.75
C GLU B 550 -2.72 18.33 48.23
N SER B 551 -2.98 19.48 47.60
CA SER B 551 -1.89 20.24 47.00
C SER B 551 -1.87 21.68 47.52
N ASN B 552 -0.67 22.23 47.57
CA ASN B 552 -0.46 23.62 47.98
C ASN B 552 -0.06 24.47 46.79
N LYS B 553 -0.27 23.96 45.58
CA LYS B 553 0.15 24.62 44.35
C LYS B 553 -0.94 25.59 43.93
N LYS B 554 -0.59 26.85 43.74
CA LYS B 554 -1.58 27.87 43.46
C LYS B 554 -1.89 27.89 41.96
N PHE B 555 -2.84 27.04 41.57
CA PHE B 555 -3.27 27.00 40.17
C PHE B 555 -4.05 28.26 39.81
N LEU B 556 -3.85 28.73 38.59
CA LEU B 556 -4.61 29.85 38.10
C LEU B 556 -5.98 29.34 37.65
N PRO B 557 -7.00 30.21 37.57
CA PRO B 557 -8.37 29.72 37.24
C PRO B 557 -8.51 29.03 35.89
N PHE B 558 -7.84 29.52 34.85
CA PHE B 558 -7.86 28.83 33.56
C PHE B 558 -7.19 27.46 33.64
N GLN B 559 -6.12 27.35 34.43
CA GLN B 559 -5.29 26.14 34.47
C GLN B 559 -6.07 24.94 34.99
N GLN B 560 -5.89 23.80 34.31
CA GLN B 560 -6.49 22.54 34.72
C GLN B 560 -5.39 21.54 35.06
N PHE B 561 -4.63 21.08 34.08
CA PHE B 561 -3.60 20.08 34.28
C PHE B 561 -2.37 20.68 34.95
N GLY B 562 -1.48 19.79 35.37
CA GLY B 562 -0.24 20.18 35.99
C GLY B 562 0.88 19.43 35.28
N ARG B 563 2.11 19.88 35.51
CA ARG B 563 3.29 19.22 34.97
C ARG B 563 4.51 19.58 35.78
N ASP B 564 5.59 18.86 35.50
CA ASP B 564 6.86 18.98 36.21
C ASP B 564 7.99 19.30 35.22
N ILE B 565 9.25 19.09 35.63
CA ILE B 565 10.40 19.44 34.79
C ILE B 565 10.38 18.67 33.47
N ALA B 566 10.04 17.39 33.50
CA ALA B 566 10.08 16.52 32.33
C ALA B 566 8.73 16.35 31.66
N ASP B 567 7.80 17.29 31.85
CA ASP B 567 6.47 17.30 31.25
C ASP B 567 5.67 16.06 31.64
N THR B 568 5.80 15.67 32.91
CA THR B 568 5.05 14.57 33.52
C THR B 568 4.08 15.20 34.51
N THR B 569 2.80 14.85 34.41
CA THR B 569 1.77 15.49 35.22
C THR B 569 1.98 15.28 36.71
N ASP B 570 1.96 16.38 37.49
CA ASP B 570 2.03 16.31 38.93
C ASP B 570 0.68 16.51 39.62
N ALA B 571 -0.35 16.93 38.89
CA ALA B 571 -1.63 17.23 39.50
C ALA B 571 -2.72 17.33 38.43
N VAL B 572 -3.96 17.21 38.88
CA VAL B 572 -5.11 17.33 38.00
C VAL B 572 -6.18 18.18 38.71
N ARG B 573 -6.95 18.93 37.93
CA ARG B 573 -8.08 19.69 38.47
C ARG B 573 -9.36 19.02 37.98
N ASP B 574 -10.18 18.59 38.92
CA ASP B 574 -11.39 17.85 38.59
C ASP B 574 -12.48 18.79 38.10
N PRO B 575 -13.17 18.45 37.00
CA PRO B 575 -14.31 19.28 36.56
C PRO B 575 -15.48 19.28 37.53
N GLN B 576 -15.87 18.11 38.06
CA GLN B 576 -17.06 18.02 38.92
C GLN B 576 -16.90 18.80 40.22
N THR B 577 -15.75 18.67 40.88
CA THR B 577 -15.41 19.47 42.06
C THR B 577 -14.13 20.22 41.74
N LEU B 578 -14.15 21.54 41.85
CA LEU B 578 -13.00 22.34 41.42
C LEU B 578 -11.96 22.38 42.53
N GLU B 579 -11.21 21.29 42.64
CA GLU B 579 -10.12 21.18 43.58
C GLU B 579 -8.92 20.56 42.86
N ILE B 580 -7.72 20.83 43.38
CA ILE B 580 -6.50 20.38 42.74
C ILE B 580 -6.02 19.15 43.50
N LEU B 581 -5.84 18.04 42.80
CA LEU B 581 -5.32 16.81 43.39
C LEU B 581 -3.91 16.57 42.88
N ASP B 582 -2.92 16.62 43.79
CA ASP B 582 -1.56 16.30 43.40
C ASP B 582 -1.46 14.82 43.10
N ILE B 583 -0.77 14.48 42.00
CA ILE B 583 -0.60 13.10 41.59
C ILE B 583 0.85 12.67 41.84
N THR B 584 1.03 11.62 42.63
CA THR B 584 2.36 11.08 42.84
C THR B 584 2.37 9.60 42.46
N PRO B 585 3.31 9.13 41.64
CA PRO B 585 3.35 7.70 41.29
C PRO B 585 3.54 6.82 42.52
N CYS B 586 2.91 5.65 42.50
CA CYS B 586 2.94 4.77 43.66
C CYS B 586 4.35 4.22 43.88
N SER B 587 4.63 3.82 45.14
CA SER B 587 5.97 3.40 45.52
C SER B 587 6.45 2.17 44.75
N PHE B 588 7.68 2.22 44.28
CA PHE B 588 8.28 1.06 43.64
C PHE B 588 9.77 1.08 43.92
N GLY B 589 10.37 -0.10 43.99
CA GLY B 589 11.81 -0.16 44.14
C GLY B 589 12.35 -1.47 43.60
N GLY B 590 13.63 -1.47 43.26
CA GLY B 590 14.27 -2.71 42.87
C GLY B 590 14.44 -3.63 44.06
N VAL B 591 14.29 -4.94 43.81
CA VAL B 591 14.49 -5.97 44.81
C VAL B 591 15.79 -6.69 44.49
N SER B 592 16.68 -6.75 45.46
CA SER B 592 17.93 -7.49 45.33
C SER B 592 17.89 -8.63 46.33
N VAL B 593 18.22 -9.83 45.88
CA VAL B 593 18.18 -10.99 46.75
C VAL B 593 19.61 -11.30 47.18
N ILE B 594 19.88 -11.13 48.47
CA ILE B 594 21.19 -11.39 49.04
C ILE B 594 21.19 -12.84 49.49
N THR B 595 22.08 -13.64 48.94
CA THR B 595 22.12 -15.03 49.34
C THR B 595 23.54 -15.56 49.35
N PRO B 596 23.84 -16.47 50.26
CA PRO B 596 25.12 -17.19 50.19
C PRO B 596 24.94 -18.32 49.18
N GLY B 597 25.97 -19.15 49.04
CA GLY B 597 25.87 -20.28 48.13
C GLY B 597 24.78 -21.25 48.59
N THR B 598 24.10 -21.86 47.61
CA THR B 598 22.97 -22.73 47.89
C THR B 598 23.40 -23.93 48.72
N ASN B 599 24.59 -24.47 48.41
CA ASN B 599 25.10 -25.63 49.12
C ASN B 599 25.31 -25.32 50.60
N THR B 600 25.85 -24.13 50.90
CA THR B 600 26.04 -23.72 52.29
C THR B 600 24.70 -23.54 53.01
N SER B 601 23.75 -22.84 52.39
CA SER B 601 22.47 -22.57 53.01
C SER B 601 21.46 -22.16 51.96
N ASN B 602 20.18 -22.27 52.30
CA ASN B 602 19.10 -21.83 51.42
C ASN B 602 18.47 -20.51 51.87
N GLN B 603 18.99 -19.90 52.94
CA GLN B 603 18.43 -18.66 53.46
C GLN B 603 18.71 -17.48 52.53
N VAL B 604 17.73 -16.58 52.41
CA VAL B 604 17.89 -15.39 51.59
C VAL B 604 17.42 -14.18 52.36
N ALA B 605 17.93 -13.02 51.97
CA ALA B 605 17.49 -11.73 52.50
C ALA B 605 17.16 -10.85 51.31
N VAL B 606 16.24 -9.90 51.49
CA VAL B 606 15.83 -9.06 50.37
C VAL B 606 16.11 -7.60 50.69
N LEU B 607 16.66 -6.88 49.73
CA LEU B 607 16.92 -5.45 49.85
C LEU B 607 16.02 -4.71 48.87
N TYR B 608 15.24 -3.77 49.39
CA TYR B 608 14.42 -2.90 48.56
C TYR B 608 15.23 -1.62 48.39
N GLN B 609 15.67 -1.36 47.16
CA GLN B 609 16.57 -0.25 46.91
C GLN B 609 15.82 1.07 46.93
N GLY B 610 16.33 2.03 47.69
CA GLY B 610 15.80 3.39 47.71
C GLY B 610 14.40 3.49 48.23
N VAL B 611 13.97 2.54 49.05
CA VAL B 611 12.63 2.50 49.63
C VAL B 611 12.75 2.45 51.14
N ASN B 612 12.06 3.35 51.83
CA ASN B 612 12.09 3.37 53.29
C ASN B 612 11.35 2.15 53.81
N CYS B 613 11.74 1.71 55.02
CA CYS B 613 11.21 0.48 55.60
C CYS B 613 9.71 0.55 55.91
N THR B 614 9.15 1.74 56.09
CA THR B 614 7.76 1.85 56.51
C THR B 614 6.78 1.72 55.35
N GLU B 615 7.26 1.67 54.10
CA GLU B 615 6.41 1.58 52.93
C GLU B 615 6.45 0.21 52.26
N VAL B 616 6.96 -0.80 52.94
CA VAL B 616 6.96 -2.15 52.38
C VAL B 616 6.31 -3.14 53.34
N ASN B 637 13.62 -8.80 61.96
CA ASN B 637 14.86 -8.55 61.25
C ASN B 637 14.65 -7.55 60.12
N VAL B 638 14.36 -6.31 60.50
CA VAL B 638 14.20 -5.22 59.54
C VAL B 638 15.28 -4.18 59.85
N PHE B 639 16.09 -3.84 58.84
CA PHE B 639 17.15 -2.86 59.04
C PHE B 639 17.05 -1.79 57.96
N GLN B 640 17.16 -0.52 58.35
CA GLN B 640 17.10 0.58 57.41
C GLN B 640 18.50 1.02 57.03
N THR B 641 18.79 1.06 55.73
CA THR B 641 20.08 1.44 55.19
C THR B 641 19.87 2.55 54.17
N ARG B 642 20.97 3.25 53.86
CA ARG B 642 20.92 4.28 52.83
C ARG B 642 20.56 3.66 51.48
N ALA B 643 21.05 2.45 51.22
CA ALA B 643 20.75 1.72 49.99
C ALA B 643 19.26 1.43 49.88
N GLY B 644 18.63 1.09 51.00
CA GLY B 644 17.23 0.73 51.03
C GLY B 644 16.93 -0.03 52.30
N CYS B 645 15.78 -0.70 52.29
CA CYS B 645 15.34 -1.49 53.44
C CYS B 645 15.79 -2.93 53.27
N LEU B 646 16.44 -3.48 54.29
CA LEU B 646 16.93 -4.84 54.25
C LEU B 646 16.06 -5.70 55.16
N ILE B 647 15.48 -6.76 54.60
CA ILE B 647 14.59 -7.67 55.30
C ILE B 647 15.26 -9.03 55.37
N GLY B 648 15.23 -9.66 56.53
CA GLY B 648 15.82 -10.96 56.70
C GLY B 648 17.25 -11.00 57.20
N ALA B 649 17.89 -9.85 57.41
CA ALA B 649 19.22 -9.81 57.99
C ALA B 649 19.20 -9.02 59.29
N GLU B 650 19.97 -9.46 60.26
CA GLU B 650 20.07 -8.79 61.55
C GLU B 650 21.34 -7.98 61.59
N TYR B 651 21.21 -6.68 61.90
CA TYR B 651 22.38 -5.82 62.01
C TYR B 651 23.23 -6.23 63.20
N VAL B 652 24.55 -6.30 62.97
CA VAL B 652 25.51 -6.62 64.01
C VAL B 652 26.49 -5.45 64.12
N ASN B 653 26.71 -4.98 65.35
CA ASN B 653 27.61 -3.85 65.58
C ASN B 653 29.03 -4.19 65.15
N ASN B 654 29.45 -5.43 65.37
CA ASN B 654 30.82 -5.88 65.11
C ASN B 654 31.18 -5.70 63.63
N SER B 655 32.38 -5.21 63.38
CA SER B 655 32.83 -4.92 62.02
C SER B 655 33.70 -6.06 61.50
N TYR B 656 33.42 -6.49 60.27
CA TYR B 656 34.16 -7.56 59.61
C TYR B 656 34.48 -7.12 58.19
N GLU B 657 35.26 -7.93 57.49
CA GLU B 657 35.54 -7.65 56.10
C GLU B 657 34.30 -7.89 55.25
N CYS B 658 34.27 -7.26 54.09
CA CYS B 658 33.08 -7.35 53.25
C CYS B 658 32.99 -8.72 52.59
N ASP B 659 31.85 -9.37 52.73
CA ASP B 659 31.61 -10.66 52.11
C ASP B 659 30.64 -10.54 50.94
N ILE B 660 29.46 -9.98 51.18
CA ILE B 660 28.49 -9.67 50.14
C ILE B 660 28.27 -8.17 50.22
N PRO B 661 28.56 -7.41 49.16
CA PRO B 661 28.41 -5.95 49.25
C PRO B 661 26.95 -5.51 49.16
N ILE B 662 26.52 -4.72 50.13
CA ILE B 662 25.17 -4.17 50.13
C ILE B 662 25.17 -2.73 49.65
N GLY B 663 26.22 -2.00 50.01
CA GLY B 663 26.27 -0.59 49.67
C GLY B 663 26.18 0.31 50.90
N ALA B 664 26.66 1.55 50.71
CA ALA B 664 26.70 2.59 51.74
C ALA B 664 27.48 2.13 52.96
N GLY B 665 28.53 1.37 52.74
CA GLY B 665 29.38 0.91 53.82
C GLY B 665 28.85 -0.31 54.50
N ILE B 666 27.73 -0.85 54.04
CA ILE B 666 27.08 -2.01 54.65
C ILE B 666 27.37 -3.22 53.79
N CYS B 667 27.76 -4.31 54.45
CA CYS B 667 28.05 -5.57 53.79
C CYS B 667 27.32 -6.68 54.54
N ALA B 668 27.11 -7.81 53.88
CA ALA B 668 26.40 -8.92 54.48
C ALA B 668 27.23 -10.19 54.42
N SER B 669 26.98 -11.08 55.38
CA SER B 669 27.70 -12.34 55.46
C SER B 669 26.81 -13.40 56.09
N TYR B 670 27.22 -14.65 55.96
CA TYR B 670 26.53 -15.77 56.60
C TYR B 670 27.39 -16.32 57.73
N GLN B 671 26.81 -16.43 58.92
CA GLN B 671 27.53 -16.98 60.06
C GLN B 671 26.67 -17.99 60.82
N SER B 687 22.41 -17.80 60.33
CA SER B 687 21.64 -16.66 59.85
C SER B 687 22.53 -15.69 59.08
N ILE B 688 21.89 -14.80 58.31
CA ILE B 688 22.61 -13.80 57.53
C ILE B 688 22.67 -12.51 58.33
N ILE B 689 23.88 -11.97 58.50
CA ILE B 689 24.12 -10.78 59.28
C ILE B 689 24.54 -9.64 58.37
N ALA B 690 24.22 -8.42 58.77
CA ALA B 690 24.61 -7.21 58.07
C ALA B 690 25.45 -6.36 59.00
N TYR B 691 26.53 -5.79 58.49
CA TYR B 691 27.44 -5.03 59.34
C TYR B 691 28.09 -3.93 58.54
N THR B 692 28.72 -3.00 59.25
CA THR B 692 29.53 -1.98 58.61
C THR B 692 30.89 -2.60 58.34
N MET B 693 31.37 -2.49 57.10
CA MET B 693 32.61 -3.17 56.73
C MET B 693 33.82 -2.56 57.42
N SER B 694 34.76 -3.41 57.82
CA SER B 694 35.98 -2.96 58.47
C SER B 694 37.03 -2.72 57.39
N LEU B 695 37.59 -1.51 57.36
CA LEU B 695 38.61 -1.18 56.38
C LEU B 695 39.89 -2.00 56.60
N GLY B 696 40.29 -2.17 57.85
CA GLY B 696 41.44 -2.97 58.16
C GLY B 696 41.76 -2.88 59.64
N ALA B 697 42.83 -3.59 60.02
CA ALA B 697 43.28 -3.54 61.41
C ALA B 697 43.98 -2.21 61.68
N GLU B 698 43.71 -1.63 62.84
CA GLU B 698 44.41 -0.40 63.23
C GLU B 698 45.84 -0.73 63.62
N ASN B 699 46.79 0.03 63.08
CA ASN B 699 48.20 -0.10 63.46
C ASN B 699 48.76 1.30 63.69
N SER B 700 49.09 1.61 64.94
CA SER B 700 49.58 2.94 65.27
C SER B 700 51.10 2.90 65.25
N VAL B 701 51.70 3.63 64.33
CA VAL B 701 53.15 3.61 64.20
C VAL B 701 53.77 4.47 65.29
N ALA B 702 54.81 3.97 65.94
CA ALA B 702 55.41 4.65 67.08
C ALA B 702 56.39 5.71 66.58
N TYR B 703 55.84 6.84 66.13
CA TYR B 703 56.68 7.89 65.57
C TYR B 703 57.31 8.69 66.70
N SER B 704 58.64 8.80 66.69
CA SER B 704 59.38 9.57 67.66
C SER B 704 60.46 10.35 66.93
N ASN B 705 60.88 11.46 67.54
CA ASN B 705 61.88 12.32 66.94
C ASN B 705 63.22 11.62 66.77
N ASN B 706 63.61 10.81 67.75
CA ASN B 706 64.92 10.18 67.74
C ASN B 706 64.89 8.68 67.47
N SER B 707 63.78 8.12 67.00
CA SER B 707 63.62 6.66 66.90
C SER B 707 63.46 6.22 65.45
N ILE B 708 64.21 5.20 65.05
CA ILE B 708 64.10 4.62 63.71
C ILE B 708 63.95 3.11 63.87
N ALA B 709 63.31 2.47 62.88
CA ALA B 709 63.16 1.02 62.85
C ALA B 709 63.95 0.48 61.66
N ILE B 710 64.86 -0.45 61.91
CA ILE B 710 65.72 -1.00 60.88
C ILE B 710 65.40 -2.48 60.72
N PRO B 711 65.19 -2.97 59.50
CA PRO B 711 64.96 -4.41 59.30
C PRO B 711 66.20 -5.24 59.60
N THR B 712 66.00 -6.36 60.28
CA THR B 712 67.10 -7.26 60.57
C THR B 712 67.02 -8.55 59.76
N ASN B 713 66.04 -8.69 58.89
CA ASN B 713 65.85 -9.93 58.13
C ASN B 713 64.96 -9.62 56.93
N PHE B 714 64.79 -10.61 56.06
CA PHE B 714 63.99 -10.40 54.86
C PHE B 714 63.27 -11.67 54.47
N THR B 715 62.21 -11.49 53.69
CA THR B 715 61.42 -12.57 53.13
C THR B 715 61.39 -12.38 51.62
N ILE B 716 61.69 -13.45 50.88
CA ILE B 716 61.60 -13.40 49.42
C ILE B 716 60.19 -13.81 49.06
N SER B 717 59.40 -12.87 48.56
CA SER B 717 57.99 -13.12 48.30
C SER B 717 57.73 -13.17 46.81
N VAL B 718 57.04 -14.22 46.36
CA VAL B 718 56.66 -14.36 44.97
C VAL B 718 55.14 -14.20 44.91
N THR B 719 54.67 -13.31 44.03
CA THR B 719 53.25 -13.01 43.92
C THR B 719 52.81 -13.18 42.48
N THR B 720 51.52 -13.38 42.27
CA THR B 720 51.01 -13.66 40.94
C THR B 720 50.19 -12.47 40.44
N GLU B 721 50.41 -12.08 39.19
CA GLU B 721 49.60 -11.07 38.53
C GLU B 721 49.06 -11.67 37.23
N ILE B 722 47.75 -11.69 37.08
CA ILE B 722 47.12 -12.30 35.90
C ILE B 722 46.58 -11.18 35.02
N LEU B 723 47.03 -11.13 33.77
CA LEU B 723 46.58 -10.09 32.85
C LEU B 723 46.03 -10.71 31.56
N PRO B 724 44.80 -10.38 31.17
CA PRO B 724 44.30 -10.81 29.86
C PRO B 724 45.02 -10.09 28.74
N VAL B 725 45.34 -10.83 27.67
CA VAL B 725 46.07 -10.27 26.55
C VAL B 725 45.23 -10.25 25.27
N SER B 726 44.43 -11.30 25.04
CA SER B 726 43.69 -11.42 23.78
C SER B 726 42.29 -11.94 24.05
N MET B 727 41.43 -11.79 23.04
CA MET B 727 40.06 -12.28 23.09
C MET B 727 39.85 -13.31 22.00
N THR B 728 38.70 -13.95 22.05
CA THR B 728 38.29 -14.84 20.98
C THR B 728 38.07 -14.02 19.71
N LYS B 729 38.60 -14.51 18.60
CA LYS B 729 38.51 -13.79 17.34
C LYS B 729 37.26 -14.26 16.61
N THR B 730 36.33 -13.35 16.33
CA THR B 730 35.06 -13.73 15.75
C THR B 730 34.85 -13.04 14.41
N SER B 731 34.34 -13.80 13.44
CA SER B 731 33.99 -13.28 12.14
C SER B 731 32.52 -13.61 11.91
N VAL B 732 31.76 -12.63 11.42
CA VAL B 732 30.33 -12.80 11.24
C VAL B 732 29.99 -12.59 9.77
N ASP B 733 29.25 -13.53 9.18
CA ASP B 733 28.76 -13.38 7.83
C ASP B 733 27.44 -12.63 7.99
N CYS B 734 27.41 -11.37 7.54
CA CYS B 734 26.25 -10.51 7.76
C CYS B 734 25.02 -11.04 7.01
N THR B 735 25.22 -11.42 5.74
CA THR B 735 24.12 -11.91 4.92
C THR B 735 23.57 -13.23 5.43
N MET B 736 24.45 -14.17 5.80
CA MET B 736 24.00 -15.47 6.28
C MET B 736 23.30 -15.36 7.62
N TYR B 737 23.83 -14.51 8.52
CA TYR B 737 23.24 -14.39 9.84
C TYR B 737 21.85 -13.76 9.75
N ILE B 738 21.72 -12.65 9.02
CA ILE B 738 20.43 -11.96 8.97
C ILE B 738 19.43 -12.74 8.11
N CYS B 739 19.86 -13.24 6.95
CA CYS B 739 18.92 -13.80 6.00
C CYS B 739 18.98 -15.30 5.75
N GLY B 740 19.99 -16.00 6.24
CA GLY B 740 20.15 -17.42 5.93
C GLY B 740 20.34 -17.64 4.43
N ASP B 741 19.52 -18.52 3.87
CA ASP B 741 19.61 -18.91 2.46
C ASP B 741 18.57 -18.21 1.58
N SER B 742 17.85 -17.23 2.11
CA SER B 742 16.76 -16.60 1.37
C SER B 742 17.29 -15.53 0.43
N THR B 743 17.05 -15.71 -0.88
CA THR B 743 17.46 -14.71 -1.86
C THR B 743 16.68 -13.41 -1.72
N GLU B 744 15.38 -13.50 -1.42
CA GLU B 744 14.53 -12.31 -1.29
C GLU B 744 14.99 -11.45 -0.13
N CYS B 745 15.38 -12.09 0.98
CA CYS B 745 15.87 -11.37 2.14
C CYS B 745 17.16 -10.65 1.82
N SER B 746 18.06 -11.29 1.06
CA SER B 746 19.32 -10.65 0.67
C SER B 746 19.05 -9.44 -0.21
N ASN B 747 18.08 -9.58 -1.13
CA ASN B 747 17.74 -8.48 -2.03
C ASN B 747 17.20 -7.30 -1.24
N LEU B 748 16.35 -7.56 -0.24
CA LEU B 748 15.86 -6.50 0.64
C LEU B 748 17.01 -5.91 1.46
N LEU B 749 17.93 -6.76 1.91
CA LEU B 749 19.05 -6.35 2.75
C LEU B 749 20.00 -5.40 2.01
N LEU B 750 20.16 -5.60 0.70
CA LEU B 750 21.09 -4.79 -0.09
C LEU B 750 20.70 -3.32 -0.10
N GLN B 751 19.41 -3.03 0.07
CA GLN B 751 18.91 -1.65 0.06
C GLN B 751 19.47 -0.84 1.23
N TYR B 752 19.80 -1.50 2.35
CA TYR B 752 20.29 -0.84 3.55
C TYR B 752 21.71 -0.31 3.42
N GLY B 753 22.46 -0.71 2.40
CA GLY B 753 23.78 -0.12 2.24
C GLY B 753 24.95 -0.90 2.79
N SER B 754 25.94 -0.16 3.29
CA SER B 754 27.24 -0.71 3.68
C SER B 754 27.31 -1.03 5.17
N PHE B 755 26.18 -1.37 5.81
CA PHE B 755 26.22 -1.81 7.20
C PHE B 755 27.02 -3.09 7.35
N CYS B 756 26.81 -4.04 6.43
CA CYS B 756 27.49 -5.33 6.48
C CYS B 756 28.99 -5.16 6.33
N THR B 757 29.41 -4.27 5.42
CA THR B 757 30.82 -3.99 5.20
C THR B 757 31.44 -3.39 6.46
N GLN B 758 30.71 -2.48 7.12
CA GLN B 758 31.19 -1.85 8.33
C GLN B 758 31.40 -2.88 9.44
N LEU B 759 30.44 -3.79 9.60
CA LEU B 759 30.55 -4.80 10.65
C LEU B 759 31.71 -5.75 10.38
N LYS B 760 31.87 -6.16 9.11
CA LYS B 760 32.96 -7.06 8.76
C LYS B 760 34.31 -6.39 8.97
N ARG B 761 34.41 -5.10 8.60
CA ARG B 761 35.65 -4.35 8.75
C ARG B 761 36.02 -4.20 10.21
N ALA B 762 35.02 -3.91 11.06
CA ALA B 762 35.26 -3.74 12.49
C ALA B 762 35.72 -5.04 13.13
N LEU B 763 35.06 -6.16 12.77
CA LEU B 763 35.44 -7.46 13.32
C LEU B 763 36.83 -7.86 12.85
N THR B 764 37.16 -7.55 11.59
CA THR B 764 38.48 -7.85 11.05
C THR B 764 39.54 -7.06 11.80
N GLY B 765 39.24 -5.80 12.13
CA GLY B 765 40.15 -4.98 12.90
C GLY B 765 40.39 -5.55 14.29
N ILE B 766 39.32 -6.03 14.93
CA ILE B 766 39.46 -6.63 16.26
C ILE B 766 40.30 -7.92 16.16
N ALA B 767 40.05 -8.71 15.11
CA ALA B 767 40.76 -9.98 14.93
C ALA B 767 42.26 -9.77 14.71
N VAL B 768 42.64 -8.81 13.88
CA VAL B 768 44.06 -8.50 13.72
C VAL B 768 44.63 -7.92 15.00
N GLU B 769 43.82 -7.13 15.73
CA GLU B 769 44.26 -6.46 16.95
C GLU B 769 44.66 -7.47 18.02
N GLN B 770 43.91 -8.58 18.13
CA GLN B 770 44.20 -9.59 19.16
C GLN B 770 45.56 -10.24 18.89
N ASP B 771 45.84 -10.55 17.63
CA ASP B 771 47.13 -11.11 17.25
C ASP B 771 48.25 -10.12 17.51
N LYS B 772 47.99 -8.83 17.23
CA LYS B 772 48.98 -7.78 17.48
C LYS B 772 49.28 -7.69 18.98
N ASN B 773 48.23 -7.84 19.80
CA ASN B 773 48.38 -7.79 21.25
C ASN B 773 49.28 -8.91 21.73
N THR B 774 49.05 -10.12 21.16
CA THR B 774 49.85 -11.29 21.54
C THR B 774 51.31 -11.08 21.15
N GLN B 775 51.57 -10.51 19.96
CA GLN B 775 52.95 -10.27 19.53
C GLN B 775 53.62 -9.24 20.44
N GLU B 776 52.89 -8.19 20.82
CA GLU B 776 53.46 -7.13 21.67
C GLU B 776 53.83 -7.66 23.06
N VAL B 777 52.94 -8.45 23.67
CA VAL B 777 53.25 -9.00 24.99
C VAL B 777 54.34 -10.06 24.93
N PHE B 778 54.24 -11.02 24.00
CA PHE B 778 55.16 -12.15 24.07
C PHE B 778 56.36 -12.07 23.14
N ALA B 779 56.22 -11.56 21.92
CA ALA B 779 57.34 -11.56 20.97
C ALA B 779 58.19 -10.30 21.15
N GLN B 780 58.82 -10.22 22.32
CA GLN B 780 59.69 -9.08 22.65
C GLN B 780 61.16 -9.41 22.49
N VAL B 781 61.49 -10.65 22.11
CA VAL B 781 62.87 -11.05 21.85
C VAL B 781 62.92 -11.69 20.47
N LYS B 782 63.96 -11.36 19.71
CA LYS B 782 64.12 -11.93 18.38
C LYS B 782 65.03 -13.14 18.38
N GLN B 783 65.58 -13.50 19.54
CA GLN B 783 66.45 -14.66 19.68
C GLN B 783 65.81 -15.62 20.67
N ILE B 784 65.74 -16.90 20.33
CA ILE B 784 65.15 -17.89 21.21
C ILE B 784 66.27 -18.44 22.10
N TYR B 785 66.31 -17.97 23.34
CA TYR B 785 67.33 -18.39 24.28
C TYR B 785 66.99 -19.77 24.85
N LYS B 786 68.03 -20.53 25.19
CA LYS B 786 67.86 -21.83 25.80
C LYS B 786 68.68 -21.91 27.08
N THR B 787 68.14 -22.63 28.05
CA THR B 787 68.83 -22.83 29.31
C THR B 787 69.98 -23.82 29.12
N PRO B 788 71.02 -23.76 29.96
CA PRO B 788 72.07 -24.78 29.89
C PRO B 788 71.53 -26.14 30.28
N PRO B 789 72.12 -27.23 29.77
CA PRO B 789 71.66 -28.57 30.17
C PRO B 789 71.80 -28.88 31.65
N ILE B 790 72.88 -28.44 32.29
CA ILE B 790 73.04 -28.63 33.74
C ILE B 790 72.35 -27.45 34.41
N LYS B 791 71.13 -27.66 34.89
CA LYS B 791 70.33 -26.57 35.44
C LYS B 791 70.64 -26.37 36.93
N TYR B 792 71.84 -25.88 37.20
CA TYR B 792 72.23 -25.49 38.56
C TYR B 792 72.51 -24.00 38.56
N PHE B 793 71.74 -23.25 39.32
CA PHE B 793 71.82 -21.79 39.30
C PHE B 793 72.11 -21.23 40.69
N GLY B 794 73.03 -21.85 41.42
CA GLY B 794 73.38 -21.33 42.72
C GLY B 794 72.44 -21.75 43.82
N GLY B 795 71.76 -22.88 43.65
CA GLY B 795 70.83 -23.39 44.63
C GLY B 795 69.42 -22.92 44.40
N PHE B 796 69.19 -22.12 43.37
CA PHE B 796 67.87 -21.65 42.99
C PHE B 796 67.24 -22.70 42.09
N ASN B 797 65.98 -23.02 42.34
CA ASN B 797 65.28 -24.08 41.63
C ASN B 797 64.22 -23.42 40.75
N PHE B 798 64.28 -23.71 39.44
CA PHE B 798 63.35 -23.15 38.48
C PHE B 798 62.53 -24.21 37.77
N SER B 799 62.39 -25.40 38.37
CA SER B 799 61.72 -26.52 37.70
C SER B 799 60.26 -26.20 37.42
N GLN B 800 59.60 -25.52 38.36
CA GLN B 800 58.18 -25.19 38.23
C GLN B 800 57.93 -24.24 37.07
N ILE B 801 58.85 -23.32 36.80
CA ILE B 801 58.65 -22.37 35.71
C ILE B 801 59.37 -22.74 34.41
N LEU B 802 60.37 -23.61 34.45
CA LEU B 802 61.03 -24.00 33.21
C LEU B 802 60.18 -25.05 32.49
N PRO B 803 60.33 -25.18 31.17
CA PRO B 803 59.56 -26.20 30.44
C PRO B 803 59.91 -27.62 30.84
N ASP B 804 58.88 -28.48 30.83
CA ASP B 804 59.04 -29.88 31.18
C ASP B 804 59.29 -30.69 29.92
N PRO B 805 60.42 -31.37 29.79
CA PRO B 805 60.65 -32.23 28.61
C PRO B 805 59.66 -33.39 28.51
N SER B 806 59.25 -33.95 29.65
CA SER B 806 58.37 -35.12 29.68
C SER B 806 57.01 -34.85 29.04
N LYS B 807 56.46 -33.66 29.28
CA LYS B 807 55.15 -33.35 28.71
C LYS B 807 55.25 -33.07 27.22
N PRO B 808 54.28 -33.54 26.43
CA PRO B 808 54.29 -33.27 24.97
C PRO B 808 54.18 -31.80 24.61
N SER B 809 53.42 -31.03 25.38
CA SER B 809 53.20 -29.62 25.10
C SER B 809 54.42 -28.74 25.37
N LYS B 810 55.44 -29.27 26.06
CA LYS B 810 56.68 -28.57 26.40
C LYS B 810 56.40 -27.34 27.27
N ARG B 811 55.46 -27.48 28.18
CA ARG B 811 55.08 -26.38 29.07
C ARG B 811 55.56 -26.65 30.49
N SER B 812 55.66 -25.58 31.25
CA SER B 812 56.06 -25.67 32.65
C SER B 812 54.92 -26.28 33.47
N PRO B 813 55.22 -26.80 34.67
CA PRO B 813 54.13 -27.27 35.55
C PRO B 813 53.13 -26.18 35.91
N ILE B 814 53.61 -24.97 36.17
CA ILE B 814 52.72 -23.84 36.44
C ILE B 814 51.88 -23.52 35.22
N GLU B 815 52.50 -23.52 34.03
CA GLU B 815 51.76 -23.21 32.79
C GLU B 815 50.73 -24.28 32.50
N ASP B 816 51.08 -25.55 32.74
CA ASP B 816 50.16 -26.65 32.51
C ASP B 816 48.98 -26.54 33.46
N LEU B 817 49.24 -26.14 34.71
CA LEU B 817 48.18 -25.92 35.68
C LEU B 817 47.26 -24.79 35.23
N LEU B 818 47.86 -23.72 34.67
CA LEU B 818 47.07 -22.56 34.23
C LEU B 818 46.15 -22.97 33.07
N PHE B 819 46.68 -23.76 32.14
CA PHE B 819 45.88 -24.22 31.00
C PHE B 819 44.77 -25.16 31.45
N ASN B 820 45.05 -26.03 32.42
CA ASN B 820 44.01 -26.91 32.95
C ASN B 820 42.91 -26.13 33.67
N LYS B 821 43.28 -25.09 34.41
CA LYS B 821 42.30 -24.38 35.23
C LYS B 821 41.42 -23.42 34.44
N VAL B 822 41.74 -23.13 33.19
CA VAL B 822 40.91 -22.28 32.34
C VAL B 822 40.22 -23.17 31.32
N THR B 823 38.89 -23.07 31.24
CA THR B 823 38.11 -23.90 30.33
C THR B 823 37.35 -23.05 29.31
N ASP B 844 28.06 -27.96 22.76
CA ASP B 844 27.12 -27.83 21.65
C ASP B 844 26.91 -26.37 21.27
N LEU B 845 27.36 -25.46 22.15
CA LEU B 845 27.26 -24.03 21.89
C LEU B 845 28.07 -23.62 20.67
N ILE B 846 29.29 -24.16 20.53
CA ILE B 846 30.16 -23.82 19.41
C ILE B 846 29.55 -24.24 18.09
N CYS B 847 28.96 -25.43 18.05
CA CYS B 847 28.32 -25.93 16.83
C CYS B 847 27.14 -25.03 16.45
N ALA B 848 26.35 -24.63 17.45
CA ALA B 848 25.17 -23.79 17.21
C ALA B 848 25.58 -22.44 16.65
N GLN B 849 26.67 -21.86 17.18
CA GLN B 849 27.18 -20.60 16.65
C GLN B 849 27.67 -20.78 15.21
N LYS B 850 28.37 -21.89 14.95
CA LYS B 850 28.93 -22.12 13.62
C LYS B 850 27.82 -22.29 12.58
N PHE B 851 26.72 -22.95 12.94
CA PHE B 851 25.65 -23.26 11.99
C PHE B 851 25.01 -22.00 11.41
N ASN B 852 24.94 -20.93 12.21
CA ASN B 852 24.25 -19.70 11.83
C ASN B 852 25.17 -18.68 11.18
N GLY B 853 26.38 -19.07 10.80
CA GLY B 853 27.28 -18.17 10.09
C GLY B 853 28.27 -17.41 10.94
N LEU B 854 28.37 -17.71 12.23
CA LEU B 854 29.36 -17.09 13.10
C LEU B 854 30.55 -18.04 13.23
N THR B 855 31.74 -17.53 12.93
CA THR B 855 32.92 -18.39 12.92
C THR B 855 33.98 -17.83 13.85
N VAL B 856 34.70 -18.73 14.53
CA VAL B 856 35.79 -18.34 15.42
C VAL B 856 37.11 -18.55 14.70
N LEU B 857 37.82 -17.46 14.43
CA LEU B 857 39.10 -17.58 13.76
C LEU B 857 40.16 -18.06 14.74
N PRO B 858 41.05 -18.94 14.32
CA PRO B 858 42.09 -19.43 15.22
C PRO B 858 43.11 -18.35 15.52
N PRO B 859 43.68 -18.34 16.72
CA PRO B 859 44.75 -17.40 17.04
C PRO B 859 45.98 -17.68 16.17
N LEU B 860 46.65 -16.61 15.75
CA LEU B 860 47.81 -16.75 14.87
C LEU B 860 48.94 -17.49 15.57
N LEU B 861 49.17 -17.19 16.84
CA LEU B 861 50.20 -17.85 17.63
C LEU B 861 49.54 -18.98 18.40
N THR B 862 50.07 -20.19 18.25
CA THR B 862 49.54 -21.33 18.98
C THR B 862 50.05 -21.29 20.41
N ASP B 863 49.47 -22.14 21.26
CA ASP B 863 49.86 -22.20 22.67
C ASP B 863 51.32 -22.62 22.81
N GLU B 864 51.77 -23.55 21.96
CA GLU B 864 53.14 -24.04 22.00
C GLU B 864 54.14 -22.93 21.70
N MET B 865 53.87 -22.11 20.68
CA MET B 865 54.76 -21.00 20.34
C MET B 865 54.78 -19.93 21.43
N ILE B 866 53.64 -19.62 22.04
CA ILE B 866 53.62 -18.65 23.14
C ILE B 866 54.41 -19.21 24.32
N ALA B 867 54.28 -20.52 24.57
CA ALA B 867 55.06 -21.17 25.62
C ALA B 867 56.55 -21.09 25.30
N GLN B 868 56.89 -21.26 24.02
CA GLN B 868 58.28 -21.16 23.57
C GLN B 868 58.83 -19.75 23.78
N TYR B 869 58.00 -18.73 23.51
CA TYR B 869 58.41 -17.35 23.75
C TYR B 869 58.64 -17.09 25.24
N THR B 870 57.76 -17.61 26.09
CA THR B 870 57.96 -17.47 27.54
C THR B 870 59.22 -18.20 27.97
N SER B 871 59.48 -19.37 27.37
CA SER B 871 60.69 -20.14 27.69
C SER B 871 61.94 -19.36 27.30
N ALA B 872 61.89 -18.70 26.14
CA ALA B 872 63.03 -17.90 25.70
C ALA B 872 63.27 -16.73 26.63
N LEU B 873 62.18 -16.09 27.08
CA LEU B 873 62.30 -14.96 28.01
C LEU B 873 62.86 -15.44 29.35
N LEU B 874 62.40 -16.59 29.83
CA LEU B 874 62.88 -17.16 31.08
C LEU B 874 64.36 -17.52 30.98
N ALA B 875 64.76 -18.11 29.86
CA ALA B 875 66.15 -18.49 29.66
C ALA B 875 67.04 -17.26 29.60
N GLY B 876 66.58 -16.21 28.91
CA GLY B 876 67.35 -14.98 28.84
C GLY B 876 67.48 -14.31 30.19
N THR B 877 66.38 -14.25 30.97
CA THR B 877 66.46 -13.58 32.25
C THR B 877 67.35 -14.37 33.23
N ILE B 878 67.19 -15.69 33.28
CA ILE B 878 67.94 -16.50 34.24
C ILE B 878 69.43 -16.53 33.91
N THR B 879 69.79 -16.83 32.65
CA THR B 879 71.20 -16.84 32.27
C THR B 879 71.82 -15.44 32.17
N SER B 880 71.11 -14.45 31.63
CA SER B 880 71.73 -13.18 31.31
C SER B 880 71.23 -11.96 32.11
N GLY B 881 70.33 -12.14 33.06
CA GLY B 881 69.76 -11.00 33.77
C GLY B 881 68.98 -10.05 32.85
N TRP B 882 69.26 -8.76 32.97
CA TRP B 882 68.58 -7.76 32.16
C TRP B 882 69.36 -7.38 30.91
N THR B 883 70.53 -7.98 30.68
CA THR B 883 71.38 -7.62 29.56
C THR B 883 70.72 -7.93 28.21
N PHE B 884 70.03 -9.07 28.13
CA PHE B 884 69.44 -9.51 26.86
C PHE B 884 68.36 -8.54 26.40
N GLY B 885 67.59 -7.99 27.34
CA GLY B 885 66.50 -7.09 26.98
C GLY B 885 66.97 -5.83 26.29
N ALA B 886 68.09 -5.27 26.75
CA ALA B 886 68.59 -4.00 26.24
C ALA B 886 69.71 -4.16 25.22
N GLY B 887 70.03 -5.38 24.80
CA GLY B 887 71.17 -5.59 23.95
C GLY B 887 71.49 -7.05 23.74
N PRO B 888 72.74 -7.34 23.36
CA PRO B 888 73.17 -8.73 23.25
C PRO B 888 73.15 -9.40 24.62
N ALA B 889 72.87 -10.70 24.64
CA ALA B 889 72.75 -11.40 25.90
C ALA B 889 74.16 -11.67 26.45
N LEU B 890 74.41 -11.15 27.65
CA LEU B 890 75.70 -11.31 28.31
C LEU B 890 75.53 -12.26 29.47
N GLN B 891 76.28 -13.35 29.48
CA GLN B 891 76.12 -14.32 30.54
C GLN B 891 76.64 -13.75 31.85
N ILE B 892 75.90 -14.05 32.93
CA ILE B 892 76.33 -13.68 34.28
C ILE B 892 75.89 -14.77 35.22
N PRO B 893 76.70 -15.06 36.24
CA PRO B 893 76.27 -16.04 37.25
C PRO B 893 75.01 -15.57 37.98
N PHE B 894 74.14 -16.51 38.29
CA PHE B 894 72.86 -16.16 38.92
C PHE B 894 73.03 -15.55 40.32
N PRO B 895 73.92 -16.03 41.21
CA PRO B 895 74.11 -15.30 42.48
C PRO B 895 74.59 -13.89 42.27
N MET B 896 75.51 -13.66 41.32
CA MET B 896 75.94 -12.31 41.01
C MET B 896 74.81 -11.47 40.44
N GLN B 897 73.93 -12.08 39.64
CA GLN B 897 72.76 -11.38 39.13
C GLN B 897 71.83 -10.98 40.28
N MET B 898 71.63 -11.90 41.23
CA MET B 898 70.80 -11.62 42.39
C MET B 898 71.42 -10.54 43.25
N ALA B 899 72.75 -10.54 43.36
CA ALA B 899 73.47 -9.48 44.06
C ALA B 899 73.29 -8.14 43.37
N TYR B 900 73.29 -8.12 42.04
CA TYR B 900 73.06 -6.88 41.29
C TYR B 900 71.65 -6.37 41.56
N ARG B 901 70.69 -7.27 41.59
CA ARG B 901 69.30 -6.92 41.91
C ARG B 901 69.18 -6.42 43.33
N PHE B 902 69.93 -7.02 44.25
CA PHE B 902 69.96 -6.55 45.64
C PHE B 902 70.54 -5.14 45.71
N ASN B 903 71.58 -4.86 44.92
CA ASN B 903 72.15 -3.52 44.84
C ASN B 903 71.12 -2.53 44.30
N GLY B 904 70.29 -2.99 43.36
CA GLY B 904 69.30 -2.11 42.76
C GLY B 904 68.30 -1.58 43.77
N ILE B 905 67.92 -2.41 44.74
CA ILE B 905 66.93 -2.04 45.75
C ILE B 905 67.61 -1.47 46.99
N GLY B 906 68.91 -1.21 46.91
CA GLY B 906 69.60 -0.55 48.00
C GLY B 906 70.20 -1.43 49.08
N VAL B 907 70.36 -2.73 48.84
CA VAL B 907 70.99 -3.63 49.80
C VAL B 907 72.33 -4.08 49.22
N THR B 908 73.37 -4.10 50.05
CA THR B 908 74.71 -4.43 49.59
C THR B 908 74.80 -5.89 49.16
N GLN B 909 75.71 -6.17 48.23
CA GLN B 909 75.86 -7.52 47.66
C GLN B 909 76.28 -8.55 48.69
N ASN B 910 77.01 -8.13 49.73
CA ASN B 910 77.51 -9.06 50.75
C ASN B 910 76.35 -9.76 51.45
N VAL B 911 75.23 -9.03 51.63
CA VAL B 911 74.04 -9.58 52.27
C VAL B 911 73.49 -10.73 51.44
N LEU B 912 73.49 -10.59 50.11
CA LEU B 912 73.08 -11.68 49.23
C LEU B 912 74.04 -12.86 49.31
N TYR B 913 75.36 -12.58 49.28
CA TYR B 913 76.33 -13.68 49.25
C TYR B 913 76.37 -14.46 50.56
N GLU B 914 76.31 -13.78 51.70
CA GLU B 914 76.35 -14.43 53.00
C GLU B 914 75.11 -15.30 53.23
N ASN B 915 73.95 -14.85 52.76
CA ASN B 915 72.68 -15.52 53.03
C ASN B 915 72.14 -16.24 51.80
N GLN B 916 73.04 -16.70 50.91
CA GLN B 916 72.65 -17.28 49.62
C GLN B 916 71.80 -18.52 49.78
N LYS B 917 72.15 -19.40 50.72
CA LYS B 917 71.36 -20.62 50.96
C LYS B 917 69.97 -20.28 51.45
N LEU B 918 69.87 -19.32 52.39
CA LEU B 918 68.57 -18.94 52.95
C LEU B 918 67.69 -18.31 51.87
N ILE B 919 68.27 -17.45 51.04
CA ILE B 919 67.53 -16.77 49.98
C ILE B 919 67.05 -17.78 48.94
N ALA B 920 67.90 -18.76 48.60
CA ALA B 920 67.52 -19.78 47.63
C ALA B 920 66.38 -20.64 48.18
N ASN B 921 66.47 -21.01 49.46
CA ASN B 921 65.43 -21.81 50.09
C ASN B 921 64.11 -21.06 50.14
N GLN B 922 64.17 -19.77 50.48
CA GLN B 922 62.98 -18.93 50.55
C GLN B 922 62.32 -18.80 49.18
N PHE B 923 63.14 -18.63 48.14
CA PHE B 923 62.62 -18.51 46.78
C PHE B 923 61.94 -19.81 46.34
N ASN B 924 62.56 -20.96 46.64
CA ASN B 924 62.00 -22.25 46.26
C ASN B 924 60.68 -22.49 46.98
N SER B 925 60.63 -22.14 48.28
CA SER B 925 59.43 -22.31 49.08
C SER B 925 58.31 -21.44 48.53
N ALA B 926 58.65 -20.19 48.16
CA ALA B 926 57.65 -19.26 47.65
C ALA B 926 57.07 -19.75 46.33
N ILE B 927 57.93 -20.31 45.46
CA ILE B 927 57.49 -20.83 44.17
C ILE B 927 56.54 -22.01 44.38
N GLY B 928 56.87 -22.90 45.34
CA GLY B 928 56.00 -24.02 45.65
C GLY B 928 54.66 -23.54 46.20
N LYS B 929 54.70 -22.52 47.06
CA LYS B 929 53.47 -21.97 47.63
C LYS B 929 52.61 -21.37 46.53
N ILE B 930 53.24 -20.73 45.54
CA ILE B 930 52.52 -20.11 44.43
C ILE B 930 51.78 -21.17 43.62
N GLN B 931 52.46 -22.31 43.38
CA GLN B 931 51.81 -23.39 42.63
C GLN B 931 50.63 -23.96 43.42
N ASP B 932 50.81 -24.16 44.73
CA ASP B 932 49.74 -24.67 45.57
C ASP B 932 48.57 -23.70 45.63
N SER B 933 48.87 -22.40 45.74
CA SER B 933 47.85 -21.37 45.82
C SER B 933 47.02 -21.29 44.55
N LEU B 934 47.69 -21.39 43.39
CA LEU B 934 46.96 -21.41 42.13
C LEU B 934 46.10 -22.66 42.00
N SER B 935 46.64 -23.82 42.39
CA SER B 935 45.90 -25.07 42.28
C SER B 935 44.68 -25.10 43.20
N SER B 936 44.82 -24.56 44.42
CA SER B 936 43.78 -24.67 45.44
C SER B 936 42.71 -23.59 45.38
N THR B 937 42.86 -22.55 44.56
CA THR B 937 41.88 -21.48 44.58
C THR B 937 41.12 -21.44 43.27
N PRO B 938 39.78 -21.54 43.30
CA PRO B 938 39.00 -21.44 42.05
C PRO B 938 39.04 -20.06 41.40
N SER B 939 39.04 -19.00 42.19
CA SER B 939 38.90 -17.65 41.66
C SER B 939 40.22 -16.96 41.35
N ALA B 940 41.34 -17.68 41.43
CA ALA B 940 42.64 -17.09 41.08
C ALA B 940 42.68 -16.66 39.63
N LEU B 941 42.14 -17.49 38.73
CA LEU B 941 42.21 -17.26 37.30
C LEU B 941 40.87 -16.79 36.74
N GLY B 942 40.11 -16.08 37.57
CA GLY B 942 38.78 -15.62 37.18
C GLY B 942 38.77 -14.67 35.99
N LYS B 943 39.76 -13.79 35.91
CA LYS B 943 39.78 -12.72 34.90
C LYS B 943 39.81 -13.26 33.49
N LEU B 944 40.69 -14.24 33.23
CA LEU B 944 40.75 -14.86 31.92
C LEU B 944 39.47 -15.60 31.62
N GLN B 945 38.95 -16.27 32.65
CA GLN B 945 37.73 -17.04 32.51
C GLN B 945 36.57 -16.12 32.18
N ASP B 946 36.58 -14.91 32.80
CA ASP B 946 35.53 -13.93 32.55
C ASP B 946 35.52 -13.51 31.11
N VAL B 947 36.72 -13.33 30.53
CA VAL B 947 36.82 -12.88 29.15
C VAL B 947 36.24 -13.92 28.23
N VAL B 948 36.56 -15.21 28.50
CA VAL B 948 36.05 -16.31 27.70
C VAL B 948 34.55 -16.39 27.85
N ASN B 949 34.08 -16.22 29.10
CA ASN B 949 32.66 -16.30 29.41
C ASN B 949 31.90 -15.21 28.69
N HIS B 950 32.47 -13.98 28.70
CA HIS B 950 31.77 -12.86 28.08
C HIS B 950 31.64 -13.08 26.59
N ASN B 951 32.71 -13.59 25.96
CA ASN B 951 32.70 -13.79 24.53
C ASN B 951 31.66 -14.84 24.17
N ALA B 952 31.66 -15.93 24.95
CA ALA B 952 30.72 -17.02 24.69
C ALA B 952 29.30 -16.55 24.95
N GLN B 953 29.12 -15.76 26.02
CA GLN B 953 27.80 -15.27 26.37
C GLN B 953 27.28 -14.35 25.29
N ALA B 954 28.17 -13.51 24.74
CA ALA B 954 27.77 -12.59 23.69
C ALA B 954 27.34 -13.36 22.46
N LEU B 955 28.10 -14.41 22.12
CA LEU B 955 27.76 -15.23 20.96
C LEU B 955 26.45 -15.95 21.21
N ASN B 956 26.25 -16.44 22.44
CA ASN B 956 25.05 -17.18 22.78
C ASN B 956 23.85 -16.26 22.64
N THR B 957 23.99 -15.00 23.11
CA THR B 957 22.90 -14.03 23.03
C THR B 957 22.58 -13.74 21.58
N LEU B 958 23.62 -13.65 20.75
CA LEU B 958 23.45 -13.35 19.34
C LEU B 958 22.67 -14.48 18.65
N VAL B 959 22.97 -15.74 19.02
CA VAL B 959 22.20 -16.87 18.50
C VAL B 959 20.76 -16.79 18.99
N LYS B 960 20.57 -16.38 20.25
CA LYS B 960 19.24 -16.26 20.82
C LYS B 960 18.43 -15.21 20.06
N GLN B 961 19.12 -14.19 19.54
CA GLN B 961 18.44 -13.12 18.83
C GLN B 961 17.78 -13.61 17.56
N LEU B 962 18.25 -14.73 16.98
CA LEU B 962 17.59 -15.28 15.79
C LEU B 962 16.17 -15.75 16.10
N SER B 963 15.89 -16.10 17.35
CA SER B 963 14.59 -16.65 17.73
C SER B 963 13.63 -15.58 18.21
N SER B 964 13.90 -14.31 17.91
CA SER B 964 13.03 -13.20 18.26
C SER B 964 12.21 -12.77 17.05
N LYS B 965 10.88 -12.70 17.24
CA LYS B 965 9.98 -12.29 16.17
C LYS B 965 10.22 -10.85 15.75
N PHE B 966 10.55 -9.97 16.71
CA PHE B 966 10.76 -8.53 16.54
C PHE B 966 9.49 -7.83 16.06
N GLY B 967 8.33 -8.32 16.48
CA GLY B 967 7.08 -7.73 16.08
C GLY B 967 6.52 -8.24 14.76
N ALA B 968 7.09 -9.30 14.20
CA ALA B 968 6.55 -9.94 13.02
C ALA B 968 5.70 -11.14 13.42
N ILE B 969 4.99 -11.70 12.43
CA ILE B 969 4.15 -12.87 12.67
C ILE B 969 4.99 -14.08 13.11
N SER B 970 6.19 -14.23 12.54
CA SER B 970 7.02 -15.39 12.84
C SER B 970 8.48 -14.97 12.76
N SER B 971 9.33 -15.75 13.43
CA SER B 971 10.76 -15.52 13.40
C SER B 971 11.46 -16.29 12.28
N VAL B 972 10.71 -17.08 11.52
CA VAL B 972 11.25 -17.94 10.48
C VAL B 972 10.90 -17.31 9.12
N LEU B 973 11.92 -17.07 8.30
CA LEU B 973 11.69 -16.49 6.97
C LEU B 973 10.89 -17.42 6.09
N ASN B 974 11.14 -18.74 6.19
CA ASN B 974 10.48 -19.73 5.36
C ASN B 974 8.96 -19.71 5.58
N ASP B 975 8.54 -19.58 6.84
CA ASP B 975 7.12 -19.56 7.17
C ASP B 975 6.44 -18.34 6.55
N ILE B 976 7.11 -17.19 6.61
CA ILE B 976 6.57 -15.96 6.03
C ILE B 976 6.47 -16.09 4.52
N LEU B 977 7.49 -16.67 3.87
CA LEU B 977 7.46 -16.84 2.42
C LEU B 977 6.36 -17.80 1.99
N SER B 978 6.23 -18.93 2.70
CA SER B 978 5.21 -19.92 2.36
C SER B 978 3.80 -19.42 2.63
N ARG B 979 3.57 -18.70 3.73
CA ARG B 979 2.22 -18.32 4.12
C ARG B 979 1.78 -16.94 3.68
N LEU B 980 2.68 -16.09 3.21
CA LEU B 980 2.31 -14.71 2.88
C LEU B 980 2.75 -14.33 1.48
N ASP B 981 1.91 -13.53 0.82
CA ASP B 981 2.21 -13.02 -0.51
C ASP B 981 3.30 -11.96 -0.39
N PRO B 982 4.03 -11.66 -1.47
CA PRO B 982 5.22 -10.75 -1.38
C PRO B 982 4.96 -9.35 -0.83
N PRO B 983 3.84 -8.64 -1.12
CA PRO B 983 3.70 -7.29 -0.52
C PRO B 983 3.73 -7.23 1.01
N GLU B 984 2.99 -8.14 1.69
CA GLU B 984 3.12 -8.29 3.13
C GLU B 984 4.45 -8.91 3.54
N ALA B 985 4.95 -9.85 2.72
CA ALA B 985 6.18 -10.57 3.04
C ALA B 985 7.36 -9.62 3.13
N GLU B 986 7.42 -8.60 2.25
CA GLU B 986 8.52 -7.65 2.28
C GLU B 986 8.55 -6.89 3.60
N VAL B 987 7.37 -6.52 4.10
CA VAL B 987 7.26 -5.84 5.39
C VAL B 987 7.74 -6.76 6.52
N GLN B 988 7.32 -8.03 6.50
CA GLN B 988 7.70 -8.95 7.58
C GLN B 988 9.21 -9.22 7.57
N ILE B 989 9.78 -9.46 6.37
CA ILE B 989 11.22 -9.66 6.25
C ILE B 989 11.96 -8.39 6.66
N ASP B 990 11.39 -7.22 6.34
CA ASP B 990 12.01 -5.95 6.71
C ASP B 990 12.09 -5.81 8.22
N ARG B 991 11.03 -6.22 8.94
CA ARG B 991 11.04 -6.19 10.39
C ARG B 991 12.09 -7.14 10.95
N LEU B 992 12.17 -8.34 10.37
CA LEU B 992 13.18 -9.31 10.82
C LEU B 992 14.59 -8.79 10.53
N ILE B 993 14.80 -8.18 9.36
CA ILE B 993 16.11 -7.68 8.97
C ILE B 993 16.55 -6.56 9.90
N THR B 994 15.63 -5.63 10.22
CA THR B 994 16.01 -4.51 11.08
C THR B 994 16.33 -5.02 12.49
N GLY B 995 15.54 -5.96 13.01
CA GLY B 995 15.81 -6.47 14.35
C GLY B 995 17.12 -7.22 14.44
N ARG B 996 17.39 -8.09 13.45
CA ARG B 996 18.65 -8.85 13.43
C ARG B 996 19.84 -7.93 13.20
N LEU B 997 19.71 -6.94 12.32
CA LEU B 997 20.78 -5.99 12.06
C LEU B 997 21.09 -5.18 13.31
N GLN B 998 20.05 -4.77 14.06
CA GLN B 998 20.24 -4.04 15.30
C GLN B 998 20.97 -4.91 16.32
N SER B 999 20.61 -6.21 16.38
CA SER B 999 21.26 -7.13 17.30
C SER B 999 22.73 -7.30 16.94
N LEU B 1000 23.03 -7.42 15.65
CA LEU B 1000 24.41 -7.59 15.18
C LEU B 1000 25.22 -6.33 15.46
N GLN B 1001 24.63 -5.15 15.25
CA GLN B 1001 25.31 -3.90 15.53
C GLN B 1001 25.62 -3.78 17.01
N THR B 1002 24.67 -4.21 17.86
CA THR B 1002 24.86 -4.16 19.30
C THR B 1002 26.01 -5.06 19.70
N TYR B 1003 26.07 -6.26 19.09
CA TYR B 1003 27.12 -7.22 19.40
C TYR B 1003 28.48 -6.68 18.99
N VAL B 1004 28.56 -6.07 17.79
CA VAL B 1004 29.82 -5.52 17.29
C VAL B 1004 30.28 -4.37 18.17
N THR B 1005 29.35 -3.52 18.62
CA THR B 1005 29.70 -2.40 19.51
C THR B 1005 30.24 -2.91 20.84
N GLN B 1006 29.61 -3.95 21.40
CA GLN B 1006 30.10 -4.55 22.64
C GLN B 1006 31.48 -5.13 22.43
N GLN B 1007 31.70 -5.77 21.27
CA GLN B 1007 32.99 -6.37 20.97
C GLN B 1007 34.07 -5.30 20.87
N LEU B 1008 33.73 -4.15 20.27
CA LEU B 1008 34.69 -3.06 20.13
C LEU B 1008 35.08 -2.50 21.49
N ILE B 1009 34.11 -2.32 22.39
CA ILE B 1009 34.42 -1.83 23.73
C ILE B 1009 35.27 -2.83 24.51
N ARG B 1010 34.93 -4.13 24.41
CA ARG B 1010 35.71 -5.16 25.08
C ARG B 1010 37.11 -5.24 24.49
N ALA B 1011 37.22 -5.06 23.16
CA ALA B 1011 38.50 -5.08 22.48
C ALA B 1011 39.38 -3.94 22.97
N ALA B 1012 38.77 -2.77 23.20
CA ALA B 1012 39.51 -1.63 23.74
C ALA B 1012 40.02 -1.94 25.14
N GLU B 1013 39.19 -2.58 25.97
CA GLU B 1013 39.59 -2.91 27.34
C GLU B 1013 40.73 -3.93 27.34
N ILE B 1014 40.62 -4.96 26.50
CA ILE B 1014 41.64 -5.98 26.38
C ILE B 1014 42.92 -5.40 25.78
N ARG B 1015 42.80 -4.47 24.83
CA ARG B 1015 43.97 -3.81 24.26
C ARG B 1015 44.71 -3.02 25.32
N ALA B 1016 43.97 -2.33 26.20
CA ALA B 1016 44.60 -1.59 27.29
C ALA B 1016 45.30 -2.55 28.25
N SER B 1017 44.65 -3.68 28.54
CA SER B 1017 45.25 -4.69 29.42
C SER B 1017 46.50 -5.30 28.79
N ALA B 1018 46.45 -5.55 27.48
CA ALA B 1018 47.60 -6.08 26.75
C ALA B 1018 48.75 -5.08 26.72
N ASN B 1019 48.44 -3.79 26.58
CA ASN B 1019 49.48 -2.76 26.62
C ASN B 1019 50.12 -2.73 27.99
N LEU B 1020 49.31 -2.88 29.05
CA LEU B 1020 49.83 -2.95 30.41
C LEU B 1020 50.72 -4.18 30.57
N ALA B 1021 50.29 -5.31 30.01
CA ALA B 1021 51.04 -6.56 30.11
C ALA B 1021 52.38 -6.45 29.38
N ALA B 1022 52.39 -5.79 28.23
CA ALA B 1022 53.63 -5.55 27.49
C ALA B 1022 54.55 -4.64 28.29
N THR B 1023 53.99 -3.63 28.95
CA THR B 1023 54.78 -2.74 29.79
C THR B 1023 55.39 -3.50 30.96
N LYS B 1024 54.62 -4.40 31.57
CA LYS B 1024 55.15 -5.23 32.66
C LYS B 1024 56.24 -6.17 32.13
N MET B 1025 56.04 -6.72 30.93
CA MET B 1025 57.02 -7.65 30.37
C MET B 1025 58.34 -6.94 30.11
N SER B 1026 58.28 -5.73 29.55
CA SER B 1026 59.49 -4.95 29.34
C SER B 1026 60.12 -4.49 30.64
N GLU B 1027 59.31 -4.02 31.60
CA GLU B 1027 59.87 -3.39 32.80
C GLU B 1027 60.01 -4.29 34.01
N CYS B 1028 59.27 -5.39 34.11
CA CYS B 1028 59.46 -6.29 35.25
C CYS B 1028 60.31 -7.50 34.90
N VAL B 1029 60.12 -8.07 33.71
CA VAL B 1029 60.84 -9.28 33.32
C VAL B 1029 62.18 -8.96 32.69
N LEU B 1030 62.23 -7.95 31.82
CA LEU B 1030 63.43 -7.65 31.08
C LEU B 1030 64.32 -6.65 31.81
N GLY B 1031 63.88 -6.17 32.97
CA GLY B 1031 64.61 -5.16 33.73
C GLY B 1031 64.15 -5.22 35.17
N GLN B 1032 64.88 -4.51 36.02
CA GLN B 1032 64.46 -4.34 37.41
C GLN B 1032 63.80 -2.97 37.54
N SER B 1033 62.61 -2.95 38.11
CA SER B 1033 61.79 -1.74 38.16
C SER B 1033 61.81 -1.10 39.54
N LYS B 1034 62.00 0.22 39.58
CA LYS B 1034 61.96 0.94 40.83
C LYS B 1034 60.57 1.51 41.10
N ARG B 1035 59.63 1.28 40.20
CA ARG B 1035 58.25 1.74 40.39
C ARG B 1035 57.58 0.93 41.49
N VAL B 1036 56.95 1.62 42.43
CA VAL B 1036 56.38 0.94 43.60
C VAL B 1036 55.07 0.30 43.20
N ASP B 1037 54.93 -1.01 43.45
CA ASP B 1037 53.74 -1.87 43.30
C ASP B 1037 53.48 -2.21 41.84
N PHE B 1038 54.31 -1.73 40.92
CA PHE B 1038 54.17 -2.11 39.51
C PHE B 1038 54.50 -3.58 39.29
N CYS B 1039 55.52 -4.10 39.99
CA CYS B 1039 55.98 -5.45 39.75
C CYS B 1039 55.97 -6.24 41.07
N GLY B 1040 54.79 -6.38 41.65
CA GLY B 1040 54.64 -7.09 42.90
C GLY B 1040 54.68 -6.17 44.11
N LYS B 1041 54.20 -6.69 45.23
CA LYS B 1041 54.24 -5.96 46.49
C LYS B 1041 55.62 -6.16 47.11
N GLY B 1042 56.27 -5.07 47.49
CA GLY B 1042 57.60 -5.13 48.04
C GLY B 1042 58.60 -4.53 47.07
N TYR B 1043 59.87 -4.53 47.48
CA TYR B 1043 60.91 -4.02 46.61
C TYR B 1043 61.14 -5.08 45.54
N HIS B 1044 61.01 -4.70 44.28
CA HIS B 1044 61.04 -5.68 43.18
C HIS B 1044 62.45 -6.16 42.87
N LEU B 1045 62.60 -7.47 42.75
CA LEU B 1045 63.87 -8.09 42.37
C LEU B 1045 63.85 -8.60 40.94
N MET B 1046 62.87 -9.44 40.58
CA MET B 1046 62.79 -9.97 39.22
C MET B 1046 61.37 -10.47 38.97
N SER B 1047 61.08 -10.77 37.71
CA SER B 1047 59.77 -11.31 37.37
C SER B 1047 59.93 -12.43 36.35
N PHE B 1048 58.98 -13.37 36.36
CA PHE B 1048 59.00 -14.49 35.44
C PHE B 1048 57.68 -14.57 34.69
N PRO B 1049 57.70 -14.62 33.36
CA PRO B 1049 56.45 -14.74 32.59
C PRO B 1049 56.01 -16.18 32.41
N GLN B 1050 54.70 -16.40 32.51
CA GLN B 1050 54.10 -17.71 32.24
C GLN B 1050 52.92 -17.52 31.30
N SER B 1051 52.84 -18.35 30.27
CA SER B 1051 51.70 -18.29 29.35
C SER B 1051 50.45 -18.81 30.02
N ALA B 1052 49.31 -18.22 29.68
CA ALA B 1052 48.01 -18.66 30.16
C ALA B 1052 47.03 -18.49 29.01
N PRO B 1053 45.91 -19.22 29.02
CA PRO B 1053 44.94 -19.05 27.92
C PRO B 1053 44.42 -17.63 27.90
N HIS B 1054 44.63 -16.98 26.74
CA HIS B 1054 44.26 -15.59 26.49
C HIS B 1054 44.93 -14.64 27.48
N GLY B 1055 46.10 -15.01 28.01
CA GLY B 1055 46.64 -14.20 29.09
C GLY B 1055 48.09 -14.48 29.41
N VAL B 1056 48.63 -13.63 30.27
CA VAL B 1056 49.97 -13.83 30.81
C VAL B 1056 49.87 -13.76 32.33
N VAL B 1057 50.66 -14.59 33.01
CA VAL B 1057 50.78 -14.57 34.46
C VAL B 1057 52.20 -14.21 34.81
N PHE B 1058 52.37 -13.17 35.61
CA PHE B 1058 53.69 -12.73 36.02
C PHE B 1058 53.94 -13.18 37.44
N LEU B 1059 55.04 -13.88 37.65
CA LEU B 1059 55.47 -14.26 38.99
C LEU B 1059 56.47 -13.22 39.42
N HIS B 1060 56.08 -12.36 40.36
CA HIS B 1060 56.94 -11.27 40.78
C HIS B 1060 57.71 -11.70 42.02
N VAL B 1061 59.03 -11.67 41.92
CA VAL B 1061 59.91 -12.00 43.03
C VAL B 1061 60.35 -10.68 43.61
N THR B 1062 60.00 -10.46 44.88
CA THR B 1062 60.22 -9.20 45.57
C THR B 1062 60.88 -9.45 46.92
N TYR B 1063 61.53 -8.42 47.42
CA TYR B 1063 62.23 -8.45 48.70
C TYR B 1063 61.34 -7.73 49.70
N VAL B 1064 60.95 -8.40 50.77
CA VAL B 1064 60.12 -7.80 51.81
C VAL B 1064 60.94 -7.72 53.09
N PRO B 1065 61.11 -6.53 53.68
CA PRO B 1065 61.80 -6.45 54.97
C PRO B 1065 61.01 -7.12 56.08
N ALA B 1066 61.72 -7.71 57.04
CA ALA B 1066 61.06 -8.37 58.16
C ALA B 1066 61.95 -8.30 59.39
N GLN B 1067 61.34 -8.58 60.55
CA GLN B 1067 62.00 -8.62 61.86
C GLN B 1067 62.70 -7.31 62.19
N GLU B 1068 61.98 -6.21 62.01
CA GLU B 1068 62.52 -4.88 62.31
C GLU B 1068 62.77 -4.69 63.80
N LYS B 1069 63.77 -3.86 64.11
CA LYS B 1069 64.16 -3.56 65.47
C LYS B 1069 64.29 -2.04 65.65
N ASN B 1070 63.91 -1.56 66.83
CA ASN B 1070 64.03 -0.15 67.17
C ASN B 1070 65.48 0.23 67.41
N PHE B 1071 65.86 1.44 67.01
CA PHE B 1071 67.16 2.00 67.31
C PHE B 1071 67.00 3.51 67.53
N THR B 1072 67.92 4.09 68.29
CA THR B 1072 67.93 5.54 68.46
C THR B 1072 68.68 6.17 67.29
N THR B 1073 68.11 7.19 66.67
CA THR B 1073 68.75 7.74 65.49
C THR B 1073 69.07 9.23 65.66
N ALA B 1074 70.07 9.68 64.91
CA ALA B 1074 70.46 11.08 64.88
C ALA B 1074 70.73 11.50 63.44
N PRO B 1075 70.46 12.76 63.08
CA PRO B 1075 70.81 13.22 61.73
C PRO B 1075 72.31 13.27 61.45
N ALA B 1076 73.12 13.72 62.40
CA ALA B 1076 74.55 13.88 62.17
C ALA B 1076 75.32 13.59 63.44
N ILE B 1077 76.62 13.37 63.29
CA ILE B 1077 77.52 13.12 64.42
C ILE B 1077 78.49 14.29 64.54
N CYS B 1078 78.62 14.86 65.73
CA CYS B 1078 79.52 15.98 65.95
C CYS B 1078 80.85 15.45 66.48
N HIS B 1079 81.91 15.63 65.69
CA HIS B 1079 83.25 15.26 66.10
C HIS B 1079 84.20 16.39 65.73
N ASP B 1080 84.99 16.84 66.73
CA ASP B 1080 86.02 17.88 66.56
C ASP B 1080 85.43 19.17 66.00
N GLY B 1081 84.20 19.48 66.40
CA GLY B 1081 83.56 20.70 65.96
C GLY B 1081 83.07 20.63 64.53
N LYS B 1082 83.01 19.44 63.95
CA LYS B 1082 82.55 19.22 62.59
C LYS B 1082 81.38 18.26 62.59
N ALA B 1083 80.47 18.44 61.63
CA ALA B 1083 79.30 17.59 61.49
C ALA B 1083 79.57 16.53 60.43
N HIS B 1084 79.34 15.27 60.79
CA HIS B 1084 79.53 14.14 59.90
C HIS B 1084 78.18 13.57 59.53
N PHE B 1085 77.98 13.31 58.24
CA PHE B 1085 76.74 12.78 57.71
C PHE B 1085 77.03 11.45 57.01
N PRO B 1086 76.10 10.49 57.04
CA PRO B 1086 76.37 9.19 56.44
C PRO B 1086 76.45 9.28 54.93
N ARG B 1087 77.48 8.64 54.34
CA ARG B 1087 77.60 8.66 52.88
C ARG B 1087 76.47 7.87 52.23
N GLU B 1088 76.18 6.67 52.74
CA GLU B 1088 75.13 5.85 52.15
C GLU B 1088 74.15 5.28 53.15
N GLY B 1089 74.40 5.41 54.46
CA GLY B 1089 73.56 4.74 55.43
C GLY B 1089 72.81 5.66 56.37
N VAL B 1090 72.58 5.17 57.59
CA VAL B 1090 71.90 5.92 58.64
C VAL B 1090 72.62 5.64 59.95
N PHE B 1091 72.63 6.64 60.85
CA PHE B 1091 73.22 6.45 62.16
C PHE B 1091 72.20 5.81 63.09
N VAL B 1092 72.61 4.74 63.77
CA VAL B 1092 71.74 4.03 64.70
C VAL B 1092 72.49 3.82 66.01
N SER B 1093 71.75 3.75 67.10
CA SER B 1093 72.29 3.50 68.41
C SER B 1093 71.49 2.38 69.07
N ASN B 1094 72.19 1.42 69.66
CA ASN B 1094 71.56 0.31 70.37
C ASN B 1094 71.37 0.63 71.84
N GLY B 1095 71.78 1.81 72.28
CA GLY B 1095 71.59 2.28 73.63
C GLY B 1095 72.84 2.96 74.17
N THR B 1096 74.01 2.40 73.88
CA THR B 1096 75.25 2.96 74.38
C THR B 1096 76.26 3.33 73.30
N HIS B 1097 76.21 2.69 72.13
CA HIS B 1097 77.19 2.90 71.09
C HIS B 1097 76.50 3.34 69.80
N TRP B 1098 77.23 4.11 68.99
CA TRP B 1098 76.71 4.61 67.73
C TRP B 1098 77.36 3.87 66.56
N PHE B 1099 76.55 3.52 65.57
CA PHE B 1099 77.02 2.82 64.38
C PHE B 1099 76.33 3.40 63.15
N VAL B 1100 76.87 3.09 61.97
CA VAL B 1100 76.23 3.46 60.71
C VAL B 1100 75.87 2.17 59.99
N THR B 1101 74.63 2.08 59.50
CA THR B 1101 74.17 0.89 58.82
C THR B 1101 73.40 1.25 57.57
N GLN B 1102 73.30 0.29 56.64
CA GLN B 1102 72.49 0.49 55.44
C GLN B 1102 71.02 0.56 55.86
N ARG B 1103 70.25 1.36 55.11
CA ARG B 1103 68.86 1.62 55.48
C ARG B 1103 67.96 0.38 55.44
N ASN B 1104 68.13 -0.51 54.47
CA ASN B 1104 67.18 -1.60 54.32
C ASN B 1104 67.60 -2.91 54.97
N PHE B 1105 68.77 -2.97 55.61
CA PHE B 1105 69.17 -4.16 56.34
C PHE B 1105 70.03 -3.74 57.52
N TYR B 1106 69.96 -4.47 58.62
CA TYR B 1106 70.72 -4.04 59.80
C TYR B 1106 72.11 -4.66 59.71
N GLU B 1107 73.11 -3.83 59.46
CA GLU B 1107 74.50 -4.24 59.41
C GLU B 1107 75.34 -3.16 60.08
N PRO B 1108 75.43 -3.18 61.41
CA PRO B 1108 76.11 -2.08 62.10
C PRO B 1108 77.62 -2.07 61.84
N GLN B 1109 78.14 -0.88 61.55
CA GLN B 1109 79.55 -0.69 61.28
C GLN B 1109 80.05 0.52 62.06
N ILE B 1110 81.34 0.53 62.37
CA ILE B 1110 81.92 1.60 63.16
C ILE B 1110 81.89 2.89 62.34
N ILE B 1111 81.65 4.02 63.00
CA ILE B 1111 81.56 5.28 62.29
C ILE B 1111 82.98 5.77 62.02
N THR B 1112 83.31 5.95 60.74
CA THR B 1112 84.65 6.28 60.31
C THR B 1112 84.60 7.43 59.31
N THR B 1113 85.78 7.95 58.99
CA THR B 1113 85.89 8.99 57.97
C THR B 1113 85.44 8.45 56.60
N ASP B 1114 85.72 7.17 56.33
CA ASP B 1114 85.45 6.58 55.02
C ASP B 1114 83.97 6.57 54.67
N ASN B 1115 83.09 6.29 55.62
CA ASN B 1115 81.67 6.16 55.34
C ASN B 1115 80.86 7.40 55.70
N THR B 1116 81.51 8.49 56.11
CA THR B 1116 80.83 9.74 56.43
C THR B 1116 81.51 10.89 55.70
N PHE B 1117 80.75 11.98 55.50
CA PHE B 1117 81.30 13.17 54.88
C PHE B 1117 81.03 14.37 55.79
N VAL B 1118 81.91 15.36 55.72
CA VAL B 1118 81.85 16.52 56.60
C VAL B 1118 81.30 17.71 55.83
N SER B 1119 80.23 18.31 56.34
CA SER B 1119 79.72 19.58 55.81
C SER B 1119 79.37 20.51 56.96
N GLY B 1120 80.20 21.51 57.21
CA GLY B 1120 79.88 22.51 58.21
C GLY B 1120 80.18 22.12 59.65
N ASN B 1121 79.88 23.05 60.55
CA ASN B 1121 79.98 22.83 61.98
C ASN B 1121 78.72 22.15 62.52
N CYS B 1122 78.86 21.64 63.76
CA CYS B 1122 77.76 20.94 64.42
C CYS B 1122 76.54 21.81 64.71
N ASP B 1123 76.75 23.10 65.04
CA ASP B 1123 75.69 23.95 65.57
C ASP B 1123 74.48 24.11 64.64
N VAL B 1124 74.71 24.21 63.32
CA VAL B 1124 73.62 24.46 62.38
C VAL B 1124 72.60 23.32 62.38
N VAL B 1125 73.06 22.07 62.43
CA VAL B 1125 72.18 20.92 62.33
C VAL B 1125 71.39 20.75 63.62
N ILE B 1126 70.08 20.53 63.49
CA ILE B 1126 69.20 20.36 64.65
C ILE B 1126 69.17 18.88 65.04
N GLY B 1127 69.39 18.60 66.31
CA GLY B 1127 69.39 17.23 66.80
C GLY B 1127 70.70 16.47 66.68
N ILE B 1128 71.80 17.14 66.32
CA ILE B 1128 73.10 16.49 66.25
C ILE B 1128 73.55 16.03 67.63
N VAL B 1129 74.18 14.85 67.69
CA VAL B 1129 74.64 14.27 68.94
C VAL B 1129 76.15 14.12 68.87
N ASN B 1130 76.78 14.08 70.04
CA ASN B 1130 78.23 14.01 70.14
C ASN B 1130 78.66 12.55 70.20
N ASN B 1131 79.54 12.17 69.27
CA ASN B 1131 80.13 10.84 69.28
C ASN B 1131 81.47 10.92 68.58
N THR B 1132 82.35 9.97 68.90
CA THR B 1132 83.65 9.93 68.25
C THR B 1132 83.51 9.38 66.82
N VAL B 1133 84.39 9.84 65.94
CA VAL B 1133 84.48 9.32 64.59
C VAL B 1133 85.89 8.78 64.40
N TYR B 1134 86.00 7.49 64.10
CA TYR B 1134 87.30 6.84 63.99
C TYR B 1134 87.99 7.27 62.70
N ASP B 1135 89.31 7.33 62.74
CA ASP B 1135 90.08 7.59 61.53
C ASP B 1135 90.93 6.38 61.19
N PRO B 1136 90.80 5.79 60.00
CA PRO B 1136 91.68 4.67 59.63
C PRO B 1136 93.15 5.06 59.55
N LEU B 1137 93.44 6.25 59.02
CA LEU B 1137 94.82 6.72 58.88
C LEU B 1137 95.50 6.95 60.22
N GLN B 1138 94.73 7.21 61.28
CA GLN B 1138 95.31 7.61 62.56
C GLN B 1138 96.23 6.56 63.19
N PRO B 1139 95.89 5.25 63.25
CA PRO B 1139 96.90 4.28 63.74
C PRO B 1139 98.12 4.18 62.84
N GLU B 1140 97.93 4.25 61.53
CA GLU B 1140 99.02 4.09 60.58
C GLU B 1140 100.05 5.20 60.70
N LEU B 1141 99.61 6.47 60.74
CA LEU B 1141 100.58 7.55 60.97
C LEU B 1141 101.11 7.50 62.40
N ASP B 1142 100.24 7.14 63.36
CA ASP B 1142 100.64 7.10 64.77
C ASP B 1142 101.73 6.06 65.01
N SER B 1143 101.64 4.90 64.38
CA SER B 1143 102.62 3.84 64.60
C SER B 1143 103.79 3.98 63.63
N GLN C 14 -27.10 55.51 9.94
CA GLN C 14 -26.63 56.59 10.82
C GLN C 14 -25.11 56.59 10.89
N CYS C 15 -24.47 56.12 9.83
CA CYS C 15 -23.02 56.10 9.77
C CYS C 15 -22.49 57.51 9.53
N VAL C 16 -21.71 58.04 10.47
CA VAL C 16 -21.11 59.36 10.36
C VAL C 16 -19.60 59.23 10.58
N ASN C 17 -18.83 60.03 9.85
CA ASN C 17 -17.37 60.00 9.94
C ASN C 17 -16.96 61.09 10.92
N LEU C 18 -16.44 60.69 12.08
CA LEU C 18 -16.11 61.63 13.14
C LEU C 18 -14.69 61.51 13.69
N ILE C 19 -14.01 60.39 13.49
CA ILE C 19 -12.72 60.13 14.11
C ILE C 19 -11.60 60.35 13.09
N THR C 20 -10.59 61.12 13.47
CA THR C 20 -9.40 61.24 12.64
C THR C 20 -8.28 60.54 13.41
N ARG C 21 -7.32 59.96 12.69
CA ARG C 21 -6.30 59.17 13.35
C ARG C 21 -4.91 59.48 12.82
N THR C 22 -3.97 59.70 13.74
CA THR C 22 -2.57 59.87 13.42
C THR C 22 -1.80 58.69 13.98
N GLN C 23 -0.64 58.41 13.40
CA GLN C 23 0.13 57.24 13.81
C GLN C 23 1.61 57.56 13.94
N SER C 24 2.22 57.00 14.98
CA SER C 24 3.64 57.09 15.25
C SER C 24 4.17 55.67 15.47
N TYR C 25 5.47 55.54 15.62
CA TYR C 25 6.09 54.23 15.79
C TYR C 25 6.90 54.19 17.08
N THR C 26 6.75 53.11 17.84
CA THR C 26 7.46 52.93 19.10
C THR C 26 8.03 51.52 19.17
N ASN C 27 8.67 51.23 20.29
CA ASN C 27 9.36 49.97 20.51
C ASN C 27 8.51 49.10 21.43
N SER C 28 8.44 47.80 21.12
CA SER C 28 7.63 46.89 21.91
C SER C 28 8.27 46.50 23.24
N PHE C 29 9.60 46.61 23.34
CA PHE C 29 10.40 46.17 24.50
C PHE C 29 10.18 44.67 24.68
N THR C 30 9.73 44.20 25.85
CA THR C 30 9.47 42.78 26.05
C THR C 30 8.00 42.52 26.37
N ARG C 31 7.11 43.37 25.85
CA ARG C 31 5.68 43.21 26.05
C ARG C 31 5.12 42.18 25.07
N GLY C 32 3.95 41.64 25.41
CA GLY C 32 3.22 40.76 24.52
C GLY C 32 3.28 39.29 24.85
N VAL C 33 3.95 38.92 25.93
CA VAL C 33 4.11 37.50 26.27
C VAL C 33 2.85 37.01 26.97
N TYR C 34 2.40 35.81 26.61
CA TYR C 34 1.23 35.19 27.22
C TYR C 34 1.52 33.75 27.57
N TYR C 35 0.63 33.17 28.37
CA TYR C 35 0.74 31.78 28.75
C TYR C 35 0.30 30.92 27.56
N PRO C 36 1.18 30.08 27.01
CA PRO C 36 0.82 29.37 25.77
C PRO C 36 -0.17 28.23 25.96
N ASP C 37 -0.39 27.76 27.18
CA ASP C 37 -1.33 26.67 27.43
C ASP C 37 -1.90 26.84 28.84
N LYS C 38 -2.71 25.86 29.26
CA LYS C 38 -3.38 25.89 30.55
C LYS C 38 -2.77 24.87 31.50
N VAL C 39 -1.46 24.68 31.43
CA VAL C 39 -0.75 23.72 32.25
C VAL C 39 0.06 24.49 33.28
N PHE C 40 -0.09 24.14 34.56
CA PHE C 40 0.69 24.80 35.59
C PHE C 40 2.13 24.28 35.56
N ARG C 41 3.09 25.18 35.42
CA ARG C 41 4.50 24.83 35.50
C ARG C 41 5.18 25.74 36.51
N SER C 42 5.95 25.16 37.42
CA SER C 42 6.60 25.92 38.48
C SER C 42 8.10 25.68 38.47
N SER C 43 8.88 26.77 38.48
CA SER C 43 10.36 26.74 38.55
C SER C 43 10.98 25.92 37.42
N VAL C 44 10.54 26.18 36.19
CA VAL C 44 11.09 25.48 35.03
C VAL C 44 11.37 26.44 33.89
N LEU C 45 12.16 25.97 32.93
CA LEU C 45 12.39 26.70 31.71
C LEU C 45 11.70 25.92 30.61
N HIS C 46 10.68 26.51 29.99
CA HIS C 46 9.90 25.82 28.98
C HIS C 46 10.02 26.54 27.64
N SER C 47 10.43 25.80 26.60
CA SER C 47 10.53 26.37 25.27
C SER C 47 9.28 26.02 24.49
N THR C 48 8.58 27.04 24.00
CA THR C 48 7.35 26.84 23.24
C THR C 48 7.44 27.62 21.93
N GLN C 49 6.87 27.05 20.87
CA GLN C 49 6.78 27.73 19.58
C GLN C 49 5.33 28.14 19.39
N ASP C 50 5.09 29.45 19.27
CA ASP C 50 3.72 29.93 19.13
C ASP C 50 3.73 31.29 18.44
N LEU C 51 2.55 31.88 18.29
CA LEU C 51 2.46 33.22 17.71
C LEU C 51 2.72 34.23 18.82
N PHE C 52 3.91 34.81 18.84
CA PHE C 52 4.29 35.77 19.86
C PHE C 52 4.67 37.09 19.21
N LEU C 53 4.54 38.16 19.99
CA LEU C 53 5.00 39.46 19.52
C LEU C 53 6.50 39.53 19.73
N PRO C 54 7.29 39.74 18.67
CA PRO C 54 8.76 39.74 18.83
C PRO C 54 9.25 40.88 19.73
N PHE C 55 10.38 40.63 20.37
CA PHE C 55 10.93 41.60 21.31
C PHE C 55 11.52 42.78 20.55
N PHE C 56 11.30 43.99 21.09
CA PHE C 56 11.80 45.25 20.54
C PHE C 56 11.31 45.47 19.10
N SER C 57 10.08 45.03 18.83
CA SER C 57 9.50 45.16 17.51
C SER C 57 8.84 46.53 17.33
N ASN C 58 8.58 46.86 16.08
CA ASN C 58 7.98 48.13 15.73
C ASN C 58 6.48 48.06 15.98
N VAL C 59 5.99 48.84 16.93
CA VAL C 59 4.58 48.84 17.29
C VAL C 59 4.01 50.22 16.92
N THR C 60 2.83 50.22 16.30
CA THR C 60 2.25 51.48 15.86
C THR C 60 1.39 52.09 16.96
N TRP C 61 1.68 53.34 17.31
CA TRP C 61 0.93 54.09 18.29
C TRP C 61 -0.08 54.98 17.57
N PHE C 62 -1.36 54.72 17.78
CA PHE C 62 -2.43 55.46 17.13
C PHE C 62 -3.04 56.45 18.09
N HIS C 63 -3.17 57.69 17.64
CA HIS C 63 -3.91 58.73 18.36
C HIS C 63 -5.18 59.02 17.57
N ALA C 64 -6.33 58.74 18.18
CA ALA C 64 -7.63 58.96 17.55
C ALA C 64 -8.27 60.17 18.21
N ILE C 65 -8.52 61.22 17.44
CA ILE C 65 -9.05 62.48 17.95
C ILE C 65 -10.37 62.75 17.26
N HIS C 66 -11.40 63.11 18.04
CA HIS C 66 -12.65 63.62 17.51
C HIS C 66 -12.80 65.05 17.99
N VAL C 67 -12.91 65.99 17.06
CA VAL C 67 -13.11 67.40 17.37
C VAL C 67 -14.54 67.80 17.02
N SER C 68 -15.08 68.73 17.78
CA SER C 68 -16.47 69.15 17.61
C SER C 68 -16.55 70.56 17.02
N ARG C 75 -14.82 63.98 6.87
CA ARG C 75 -14.26 62.98 5.97
C ARG C 75 -13.74 61.76 6.72
N PHE C 76 -13.60 60.66 5.99
CA PHE C 76 -13.21 59.38 6.57
C PHE C 76 -11.69 59.32 6.66
N ASP C 77 -11.16 59.36 7.88
CA ASP C 77 -9.72 59.27 8.11
C ASP C 77 -9.40 58.27 9.22
N ASN C 78 -10.18 57.18 9.30
CA ASN C 78 -9.97 56.14 10.30
C ASN C 78 -10.03 54.77 9.64
N PRO C 79 -9.02 54.40 8.86
CA PRO C 79 -9.09 53.16 8.08
C PRO C 79 -9.04 51.91 8.95
N ALA C 80 -9.42 50.79 8.34
CA ALA C 80 -9.49 49.51 9.03
C ALA C 80 -8.12 48.85 9.00
N LEU C 81 -7.67 48.35 10.16
CA LEU C 81 -6.34 47.79 10.19
C LEU C 81 -6.37 46.32 9.83
N PRO C 82 -5.29 45.79 9.25
CA PRO C 82 -5.21 44.34 9.02
C PRO C 82 -5.02 43.59 10.33
N PHE C 83 -5.38 42.31 10.31
CA PHE C 83 -5.26 41.45 11.49
C PHE C 83 -4.02 40.58 11.47
N ASN C 84 -3.58 40.14 10.28
CA ASN C 84 -2.40 39.30 10.05
C ASN C 84 -2.59 37.99 10.80
N ASP C 85 -1.67 37.58 11.68
CA ASP C 85 -1.76 36.29 12.36
C ASP C 85 -2.20 36.44 13.80
N GLY C 86 -2.57 37.64 14.20
CA GLY C 86 -2.92 37.95 15.57
C GLY C 86 -2.48 39.36 15.89
N VAL C 87 -3.13 39.96 16.90
CA VAL C 87 -2.92 41.37 17.20
C VAL C 87 -2.65 41.55 18.69
N TYR C 88 -1.63 42.34 19.01
CA TYR C 88 -1.37 42.78 20.36
C TYR C 88 -1.93 44.20 20.49
N PHE C 89 -2.77 44.42 21.49
CA PHE C 89 -3.41 45.70 21.72
C PHE C 89 -3.04 46.21 23.11
N ALA C 90 -2.75 47.50 23.22
CA ALA C 90 -2.48 48.08 24.52
C ALA C 90 -3.12 49.45 24.59
N SER C 91 -3.51 49.84 25.81
CA SER C 91 -4.04 51.18 26.03
C SER C 91 -3.81 51.62 27.47
N THR C 92 -3.49 52.90 27.65
CA THR C 92 -3.34 53.48 28.97
C THR C 92 -4.59 54.26 29.37
N GLU C 93 -5.57 54.37 28.46
CA GLU C 93 -6.78 55.14 28.70
C GLU C 93 -7.65 54.46 29.75
N LYS C 94 -8.65 55.19 30.23
CA LYS C 94 -9.59 54.64 31.19
C LYS C 94 -10.51 53.64 30.51
N SER C 95 -11.26 52.90 31.33
CA SER C 95 -12.05 51.78 30.82
C SER C 95 -13.25 52.21 29.98
N ASN C 96 -13.64 53.48 30.04
CA ASN C 96 -14.86 53.93 29.37
C ASN C 96 -14.61 54.45 27.96
N ILE C 97 -13.39 54.84 27.61
CA ILE C 97 -13.16 55.45 26.30
C ILE C 97 -13.13 54.39 25.21
N ILE C 98 -12.29 53.37 25.36
CA ILE C 98 -12.23 52.26 24.42
C ILE C 98 -13.23 51.23 24.90
N ARG C 99 -14.19 50.85 24.04
CA ARG C 99 -15.28 50.01 24.48
C ARG C 99 -15.39 48.68 23.74
N GLY C 100 -14.36 48.26 23.05
CA GLY C 100 -14.45 46.99 22.37
C GLY C 100 -13.83 47.07 21.00
N TRP C 101 -14.05 46.00 20.24
CA TRP C 101 -13.38 45.86 18.94
C TRP C 101 -14.32 45.21 17.93
N ILE C 102 -13.89 45.24 16.68
CA ILE C 102 -14.61 44.67 15.54
C ILE C 102 -13.64 43.78 14.77
N PHE C 103 -14.07 42.57 14.42
CA PHE C 103 -13.23 41.65 13.67
C PHE C 103 -14.01 41.08 12.48
N GLY C 104 -13.29 40.87 11.38
CA GLY C 104 -13.91 40.25 10.22
C GLY C 104 -13.00 40.40 9.00
N THR C 105 -13.59 40.17 7.83
CA THR C 105 -12.89 40.32 6.56
C THR C 105 -13.40 41.51 5.77
N THR C 106 -14.68 41.50 5.39
CA THR C 106 -15.25 42.52 4.53
C THR C 106 -15.98 43.60 5.31
N LEU C 107 -16.34 43.32 6.56
CA LEU C 107 -17.02 44.24 7.47
C LEU C 107 -18.37 44.74 6.93
N ASP C 108 -19.07 43.89 6.17
CA ASP C 108 -20.40 44.23 5.70
C ASP C 108 -21.32 43.02 5.90
N SER C 109 -22.52 43.10 5.33
CA SER C 109 -23.56 42.11 5.56
C SER C 109 -23.33 40.78 4.85
N LYS C 110 -22.29 40.65 4.03
CA LYS C 110 -22.13 39.45 3.22
C LYS C 110 -21.30 38.38 3.91
N THR C 111 -20.55 38.73 4.95
CA THR C 111 -19.73 37.78 5.68
C THR C 111 -20.02 37.94 7.17
N GLN C 112 -19.68 36.91 7.94
CA GLN C 112 -19.85 36.98 9.38
C GLN C 112 -18.81 37.91 9.99
N SER C 113 -19.16 38.49 11.13
CA SER C 113 -18.25 39.38 11.82
C SER C 113 -18.45 39.27 13.32
N LEU C 114 -17.41 39.64 14.07
CA LEU C 114 -17.37 39.56 15.51
C LEU C 114 -17.34 40.96 16.12
N LEU C 115 -18.26 41.23 17.04
CA LEU C 115 -18.34 42.50 17.72
C LEU C 115 -18.17 42.27 19.21
N ILE C 116 -17.18 42.93 19.81
CA ILE C 116 -16.95 42.84 21.25
C ILE C 116 -17.25 44.21 21.84
N VAL C 117 -18.29 44.29 22.68
CA VAL C 117 -18.70 45.56 23.30
C VAL C 117 -18.70 45.39 24.81
N ASN C 118 -17.95 46.27 25.49
CA ASN C 118 -17.89 46.32 26.94
C ASN C 118 -18.67 47.53 27.43
N ASN C 119 -19.29 47.39 28.60
CA ASN C 119 -19.92 48.53 29.25
C ASN C 119 -19.61 48.42 30.74
N ALA C 120 -20.30 49.21 31.56
CA ALA C 120 -19.98 49.29 32.98
C ALA C 120 -20.27 47.99 33.73
N THR C 121 -21.22 47.19 33.26
CA THR C 121 -21.64 46.01 34.01
C THR C 121 -21.09 44.70 33.47
N ASN C 122 -21.06 44.51 32.15
CA ASN C 122 -20.67 43.23 31.58
C ASN C 122 -20.08 43.43 30.18
N VAL C 123 -19.65 42.34 29.56
CA VAL C 123 -19.16 42.35 28.19
C VAL C 123 -20.07 41.45 27.36
N VAL C 124 -20.40 41.93 26.16
CA VAL C 124 -21.18 41.15 25.20
C VAL C 124 -20.31 40.93 23.98
N ILE C 125 -20.10 39.66 23.65
CA ILE C 125 -19.33 39.25 22.49
C ILE C 125 -20.33 38.59 21.56
N LYS C 126 -20.44 39.10 20.33
CA LYS C 126 -21.52 38.60 19.50
C LYS C 126 -21.08 38.55 18.05
N VAL C 127 -21.30 37.40 17.41
CA VAL C 127 -20.91 37.18 16.03
C VAL C 127 -22.17 37.11 15.18
N CYS C 128 -22.35 38.11 14.32
CA CYS C 128 -23.51 38.21 13.44
C CYS C 128 -23.05 38.73 12.07
N GLU C 129 -24.03 38.94 11.20
CA GLU C 129 -23.77 39.56 9.90
C GLU C 129 -24.07 41.05 10.01
N PHE C 130 -23.12 41.77 10.60
CA PHE C 130 -23.25 43.20 10.85
C PHE C 130 -22.92 43.97 9.58
N GLN C 131 -23.70 45.00 9.28
CA GLN C 131 -23.35 45.94 8.21
C GLN C 131 -22.67 47.09 8.95
N PHE C 132 -21.36 46.97 9.13
CA PHE C 132 -20.61 47.94 9.93
C PHE C 132 -20.44 49.26 9.21
N CYS C 133 -20.43 50.34 10.00
CA CYS C 133 -20.17 51.67 9.49
C CYS C 133 -18.69 51.86 9.24
N ASN C 134 -18.35 52.84 8.39
CA ASN C 134 -16.95 53.11 8.07
C ASN C 134 -16.19 53.59 9.29
N ASP C 135 -16.82 54.42 10.13
CA ASP C 135 -16.20 54.94 11.35
C ASP C 135 -17.10 54.56 12.52
N PRO C 136 -17.01 53.32 13.00
CA PRO C 136 -17.93 52.85 14.04
C PRO C 136 -17.52 53.34 15.41
N PHE C 137 -18.50 53.83 16.18
CA PHE C 137 -18.25 54.26 17.54
C PHE C 137 -19.53 54.10 18.35
N LEU C 138 -19.35 53.76 19.63
CA LEU C 138 -20.46 53.65 20.56
C LEU C 138 -20.75 55.02 21.15
N ASP C 139 -21.97 55.50 21.02
CA ASP C 139 -22.36 56.78 21.58
C ASP C 139 -23.18 56.62 22.85
N VAL C 140 -22.84 57.38 23.88
CA VAL C 140 -23.58 57.32 25.14
C VAL C 140 -24.52 58.52 25.25
N MET C 149 -27.71 56.04 28.71
CA MET C 149 -27.99 54.87 27.88
C MET C 149 -27.01 54.81 26.71
N GLU C 150 -26.86 53.63 26.13
CA GLU C 150 -25.90 53.39 25.06
C GLU C 150 -26.62 52.89 23.82
N SER C 151 -26.20 53.39 22.66
CA SER C 151 -26.81 53.03 21.38
C SER C 151 -25.75 52.47 20.45
N GLU C 152 -26.11 51.40 19.72
CA GLU C 152 -25.21 50.78 18.75
C GLU C 152 -25.55 51.16 17.31
N PHE C 153 -26.37 52.20 17.12
CA PHE C 153 -26.77 52.61 15.77
C PHE C 153 -25.65 53.28 15.00
N ARG C 154 -24.62 53.79 15.68
CA ARG C 154 -23.47 54.33 14.97
C ARG C 154 -22.38 53.29 14.75
N VAL C 155 -22.53 52.10 15.32
CA VAL C 155 -21.60 51.01 15.08
C VAL C 155 -21.95 50.26 13.81
N TYR C 156 -23.22 49.90 13.65
CA TYR C 156 -23.69 49.19 12.48
C TYR C 156 -25.10 49.66 12.13
N SER C 157 -25.50 49.41 10.89
CA SER C 157 -26.82 49.78 10.42
C SER C 157 -27.81 48.61 10.47
N SER C 158 -27.31 47.38 10.39
CA SER C 158 -28.15 46.18 10.43
C SER C 158 -27.30 45.04 10.97
N ALA C 159 -27.96 44.04 11.52
CA ALA C 159 -27.27 42.83 11.99
C ALA C 159 -28.20 41.65 11.79
N ASN C 160 -27.89 40.81 10.79
CA ASN C 160 -28.77 39.69 10.47
C ASN C 160 -28.00 38.38 10.51
N ASN C 161 -28.76 37.27 10.53
CA ASN C 161 -28.24 35.89 10.52
C ASN C 161 -27.22 35.66 11.63
N CYS C 162 -27.54 36.15 12.82
CA CYS C 162 -26.58 36.11 13.92
C CYS C 162 -26.43 34.71 14.49
N THR C 163 -25.19 34.24 14.58
CA THR C 163 -24.93 32.86 14.95
C THR C 163 -24.19 32.67 16.27
N PHE C 164 -23.72 33.73 16.93
CA PHE C 164 -23.05 33.49 18.21
C PHE C 164 -23.27 34.64 19.18
N GLU C 165 -23.43 34.32 20.45
CA GLU C 165 -23.56 35.33 21.51
C GLU C 165 -22.96 34.77 22.79
N TYR C 166 -22.22 35.62 23.52
CA TYR C 166 -21.58 35.24 24.77
C TYR C 166 -21.50 36.46 25.67
N VAL C 167 -22.18 36.43 26.81
CA VAL C 167 -22.18 37.54 27.76
C VAL C 167 -21.45 37.08 29.01
N SER C 168 -20.51 37.88 29.48
CA SER C 168 -19.76 37.51 30.69
C SER C 168 -19.31 38.79 31.41
N GLN C 169 -18.55 38.60 32.50
CA GLN C 169 -18.01 39.72 33.25
C GLN C 169 -17.04 40.51 32.39
N PRO C 170 -16.99 41.84 32.54
CA PRO C 170 -16.18 42.65 31.61
C PRO C 170 -14.69 42.55 31.90
N PHE C 171 -13.90 42.81 30.87
CA PHE C 171 -12.44 42.80 30.99
C PHE C 171 -11.84 44.18 30.75
N LEU C 172 -12.64 45.24 30.78
CA LEU C 172 -12.16 46.61 30.78
C LEU C 172 -12.69 47.27 32.05
N MET C 173 -11.93 47.13 33.13
CA MET C 173 -12.30 47.69 34.43
C MET C 173 -11.22 48.66 34.89
N ASP C 174 -11.52 49.37 35.98
CA ASP C 174 -10.59 50.33 36.55
C ASP C 174 -9.89 49.74 37.78
N LYS C 183 -2.42 55.52 33.76
CA LYS C 183 -2.01 54.95 35.04
C LYS C 183 -2.00 53.42 34.98
N ASN C 184 -3.07 52.85 34.44
CA ASN C 184 -3.20 51.40 34.31
C ASN C 184 -3.13 51.02 32.84
N LEU C 185 -2.12 50.23 32.49
CA LEU C 185 -1.96 49.77 31.11
C LEU C 185 -2.72 48.46 30.94
N ARG C 186 -3.55 48.41 29.91
CA ARG C 186 -4.38 47.26 29.60
C ARG C 186 -3.84 46.63 28.32
N GLU C 187 -3.49 45.34 28.41
CA GLU C 187 -2.90 44.63 27.28
C GLU C 187 -3.78 43.44 26.92
N PHE C 188 -3.96 43.25 25.61
CA PHE C 188 -4.75 42.16 25.08
C PHE C 188 -3.99 41.51 23.94
N VAL C 189 -4.21 40.22 23.76
CA VAL C 189 -3.65 39.48 22.63
C VAL C 189 -4.81 38.72 22.00
N PHE C 190 -5.05 38.95 20.72
CA PHE C 190 -6.08 38.27 19.97
C PHE C 190 -5.44 37.33 18.97
N LYS C 191 -5.84 36.05 19.01
CA LYS C 191 -5.40 35.07 18.03
C LYS C 191 -6.61 34.36 17.45
N ASN C 192 -6.51 34.00 16.17
CA ASN C 192 -7.57 33.25 15.51
C ASN C 192 -6.95 31.97 14.96
N ILE C 193 -6.94 30.93 15.79
CA ILE C 193 -6.26 29.68 15.47
C ILE C 193 -7.30 28.57 15.44
N ASP C 194 -7.33 27.82 14.34
CA ASP C 194 -8.14 26.60 14.05
C ASP C 194 -9.58 26.69 14.57
N GLY C 195 -10.22 27.83 14.29
CA GLY C 195 -11.61 28.02 14.61
C GLY C 195 -11.87 28.79 15.88
N TYR C 196 -10.87 28.92 16.76
CA TYR C 196 -11.02 29.57 18.05
C TYR C 196 -10.33 30.94 18.08
N PHE C 197 -11.09 31.92 18.56
CA PHE C 197 -10.63 33.28 18.85
C PHE C 197 -10.14 33.34 20.30
N LYS C 198 -8.88 32.96 20.47
CA LYS C 198 -8.20 33.02 21.77
C LYS C 198 -7.93 34.47 22.16
N ILE C 199 -8.44 34.89 23.32
CA ILE C 199 -8.21 36.24 23.85
C ILE C 199 -7.46 36.09 25.16
N TYR C 200 -6.33 36.80 25.26
CA TYR C 200 -5.48 36.88 26.43
C TYR C 200 -5.47 38.31 26.93
N SER C 201 -5.42 38.52 28.26
CA SER C 201 -5.47 39.88 28.77
C SER C 201 -4.61 40.02 30.02
N LYS C 202 -4.25 41.27 30.32
CA LYS C 202 -3.49 41.62 31.52
C LYS C 202 -3.69 43.10 31.84
N HIS C 203 -3.74 43.42 33.14
CA HIS C 203 -3.82 44.79 33.61
C HIS C 203 -2.59 45.05 34.48
N THR C 204 -1.79 46.05 34.11
CA THR C 204 -0.55 46.36 34.84
C THR C 204 -0.45 47.85 35.13
N PRO C 205 -0.53 48.26 36.40
CA PRO C 205 -0.34 49.69 36.73
C PRO C 205 1.05 50.19 36.33
N ILE C 206 1.10 51.36 35.69
CA ILE C 206 2.36 51.93 35.23
C ILE C 206 2.52 53.35 35.79
N ASN C 207 3.76 53.76 36.01
CA ASN C 207 4.05 55.11 36.50
C ASN C 207 3.96 56.13 35.35
N LEU C 208 4.41 57.37 35.60
CA LEU C 208 4.43 58.40 34.57
C LEU C 208 5.69 58.22 33.71
N GLU C 209 5.63 57.20 32.85
CA GLU C 209 6.74 56.86 31.97
C GLU C 209 6.10 56.20 30.75
N ARG C 210 6.94 55.87 29.74
CA ARG C 210 6.62 55.17 28.48
C ARG C 210 5.54 54.13 28.72
N ASP C 211 4.39 54.30 28.06
CA ASP C 211 3.22 53.45 28.26
C ASP C 211 3.56 51.96 28.15
N LEU C 212 4.35 51.57 27.15
CA LEU C 212 4.90 50.22 27.03
C LEU C 212 6.10 50.15 27.96
N PRO C 213 5.99 49.59 29.18
CA PRO C 213 7.11 49.67 30.13
C PRO C 213 8.08 48.51 30.02
N GLN C 214 9.12 48.53 30.83
CA GLN C 214 10.07 47.43 30.83
C GLN C 214 9.48 46.28 31.64
N GLY C 215 10.23 45.19 31.76
CA GLY C 215 9.79 44.09 32.58
C GLY C 215 8.81 43.20 31.85
N PHE C 216 8.38 42.14 32.54
CA PHE C 216 7.46 41.15 32.00
C PHE C 216 6.11 41.20 32.71
N SER C 217 5.04 41.25 31.93
CA SER C 217 3.67 41.09 32.44
C SER C 217 2.98 40.03 31.56
N ALA C 218 2.99 38.77 32.00
CA ALA C 218 2.45 37.71 31.16
C ALA C 218 0.93 37.82 31.09
N LEU C 219 0.38 37.54 29.91
CA LEU C 219 -1.06 37.67 29.70
C LEU C 219 -1.76 36.34 29.96
N GLU C 220 -2.65 36.33 30.94
CA GLU C 220 -3.38 35.11 31.27
C GLU C 220 -4.42 34.81 30.20
N PRO C 221 -4.61 33.53 29.83
CA PRO C 221 -5.68 33.16 28.91
C PRO C 221 -7.05 33.49 29.48
N LEU C 222 -7.73 34.43 28.85
CA LEU C 222 -8.99 34.91 29.37
C LEU C 222 -10.20 34.20 28.77
N VAL C 223 -10.40 34.32 27.45
CA VAL C 223 -11.60 33.75 26.83
C VAL C 223 -11.21 33.06 25.53
N ASP C 224 -11.54 31.78 25.40
CA ASP C 224 -11.31 30.98 24.18
C ASP C 224 -12.62 30.80 23.41
N LEU C 225 -12.95 31.79 22.57
CA LEU C 225 -14.25 31.80 21.88
C LEU C 225 -14.31 30.82 20.70
N PRO C 226 -15.27 29.89 20.67
CA PRO C 226 -15.38 28.95 19.51
C PRO C 226 -16.09 29.58 18.31
N ILE C 227 -15.41 30.47 17.61
CA ILE C 227 -16.10 31.24 16.57
C ILE C 227 -16.15 30.47 15.25
N GLY C 228 -15.00 30.06 14.74
CA GLY C 228 -14.89 29.40 13.44
C GLY C 228 -15.17 30.27 12.23
N ILE C 229 -14.79 31.56 12.28
CA ILE C 229 -14.92 32.45 11.15
C ILE C 229 -13.54 32.93 10.71
N ASN C 230 -13.50 33.48 9.50
CA ASN C 230 -12.27 33.97 8.89
C ASN C 230 -12.14 35.44 9.25
N ILE C 231 -11.00 35.82 9.84
CA ILE C 231 -10.73 37.18 10.28
C ILE C 231 -9.44 37.67 9.63
N THR C 232 -9.54 38.72 8.82
CA THR C 232 -8.36 39.32 8.19
C THR C 232 -8.17 40.79 8.51
N ARG C 233 -9.19 41.49 9.03
CA ARG C 233 -9.10 42.91 9.30
C ARG C 233 -9.76 43.20 10.64
N PHE C 234 -9.35 44.30 11.28
CA PHE C 234 -9.94 44.62 12.57
C PHE C 234 -9.95 46.14 12.77
N GLN C 235 -10.78 46.57 13.72
CA GLN C 235 -10.95 47.99 14.02
C GLN C 235 -11.32 48.15 15.49
N THR C 236 -10.86 49.25 16.09
CA THR C 236 -11.11 49.54 17.50
C THR C 236 -12.37 50.39 17.67
N LEU C 237 -13.14 50.11 18.71
CA LEU C 237 -14.36 50.86 19.02
C LEU C 237 -14.09 51.86 20.14
N LEU C 238 -14.46 53.11 19.91
CA LEU C 238 -14.37 54.16 20.91
C LEU C 238 -15.76 54.60 21.34
N ALA C 239 -15.84 55.24 22.51
CA ALA C 239 -17.08 55.80 23.03
C ALA C 239 -17.05 57.31 22.92
N LEU C 240 -18.14 57.88 22.42
CA LEU C 240 -18.31 59.32 22.34
C LEU C 240 -19.56 59.76 23.09
N HIS C 241 -19.45 60.90 23.77
CA HIS C 241 -20.54 61.44 24.57
C HIS C 241 -21.27 62.50 23.76
N ARG C 242 -22.59 62.55 23.89
CA ARG C 242 -23.34 63.61 23.22
C ARG C 242 -23.05 64.96 23.88
N SER C 243 -23.11 66.02 23.06
CA SER C 243 -22.67 67.32 23.54
C SER C 243 -23.79 68.05 24.29
N TYR C 244 -24.99 68.07 23.70
CA TYR C 244 -26.18 68.76 24.22
C TYR C 244 -25.94 70.27 24.32
N LEU C 245 -25.31 70.82 23.28
CA LEU C 245 -25.06 72.26 23.21
C LEU C 245 -25.04 72.74 21.76
N SER C 252 -21.27 69.88 15.86
CA SER C 252 -20.70 69.62 17.18
C SER C 252 -21.66 68.77 18.03
N GLY C 253 -22.16 67.68 17.43
CA GLY C 253 -23.12 66.85 18.11
C GLY C 253 -22.53 65.98 19.22
N TRP C 254 -21.24 65.68 19.14
CA TRP C 254 -20.59 64.82 20.11
C TRP C 254 -19.45 65.57 20.79
N THR C 255 -19.18 65.19 22.04
CA THR C 255 -18.11 65.84 22.80
C THR C 255 -16.74 65.46 22.24
N ALA C 256 -15.83 66.45 22.22
CA ALA C 256 -14.48 66.24 21.72
C ALA C 256 -13.69 65.28 22.62
N GLY C 257 -12.94 64.37 22.00
CA GLY C 257 -12.23 63.37 22.79
C GLY C 257 -11.02 62.83 22.07
N ALA C 258 -10.15 62.19 22.85
CA ALA C 258 -8.93 61.59 22.31
C ALA C 258 -8.70 60.23 22.95
N ALA C 259 -8.11 59.32 22.17
CA ALA C 259 -7.78 57.97 22.64
C ALA C 259 -6.45 57.54 22.03
N ALA C 260 -5.54 57.04 22.85
CA ALA C 260 -4.26 56.56 22.37
C ALA C 260 -4.16 55.06 22.61
N TYR C 261 -3.80 54.31 21.56
CA TYR C 261 -3.62 52.86 21.71
C TYR C 261 -2.49 52.35 20.83
N TYR C 262 -1.89 51.24 21.27
CA TYR C 262 -0.77 50.61 20.58
C TYR C 262 -1.21 49.30 19.94
N VAL C 263 -0.79 49.10 18.69
CA VAL C 263 -1.07 47.88 17.95
C VAL C 263 0.24 47.26 17.47
N GLY C 264 0.43 45.97 17.79
CA GLY C 264 1.55 45.20 17.29
C GLY C 264 1.03 43.91 16.67
N TYR C 265 1.88 43.25 15.89
CA TYR C 265 1.47 42.04 15.20
C TYR C 265 2.29 40.84 15.65
N LEU C 266 1.59 39.74 15.94
CA LEU C 266 2.23 38.50 16.35
C LEU C 266 2.84 37.78 15.15
N GLN C 267 3.94 37.08 15.42
CA GLN C 267 4.65 36.31 14.40
C GLN C 267 4.93 34.92 14.94
N PRO C 268 5.06 33.90 14.07
CA PRO C 268 5.43 32.57 14.56
C PRO C 268 6.86 32.58 15.08
N ARG C 269 7.02 32.52 16.40
CA ARG C 269 8.33 32.65 17.03
C ARG C 269 8.45 31.61 18.13
N THR C 270 9.69 31.20 18.39
CA THR C 270 9.98 30.28 19.48
C THR C 270 10.48 31.09 20.67
N PHE C 271 9.84 30.91 21.82
CA PHE C 271 10.21 31.61 23.03
C PHE C 271 10.63 30.61 24.09
N LEU C 272 11.50 31.04 24.99
CA LEU C 272 11.87 30.25 26.15
C LEU C 272 11.38 31.03 27.38
N LEU C 273 10.37 30.48 28.06
CA LEU C 273 9.74 31.13 29.19
C LEU C 273 10.27 30.58 30.50
N LYS C 274 10.44 31.47 31.49
CA LYS C 274 10.88 31.10 32.83
C LYS C 274 9.65 31.08 33.75
N TYR C 275 9.35 29.92 34.32
CA TYR C 275 8.30 29.79 35.31
C TYR C 275 8.93 29.78 36.69
N ASN C 276 8.49 30.68 37.56
CA ASN C 276 9.07 30.83 38.89
C ASN C 276 8.43 29.85 39.86
N GLU C 277 8.63 30.07 41.17
CA GLU C 277 8.12 29.17 42.21
C GLU C 277 6.60 29.12 42.22
N ASN C 278 5.93 30.23 41.88
CA ASN C 278 4.49 30.32 41.98
C ASN C 278 3.80 30.13 40.64
N GLY C 279 4.54 29.76 39.59
CA GLY C 279 3.94 29.46 38.31
C GLY C 279 3.81 30.65 37.38
N THR C 280 4.34 31.81 37.75
CA THR C 280 4.23 33.01 36.92
C THR C 280 5.39 33.07 35.93
N ILE C 281 5.08 33.48 34.71
CA ILE C 281 6.13 33.71 33.71
C ILE C 281 6.78 35.05 34.05
N THR C 282 8.02 35.00 34.53
CA THR C 282 8.71 36.21 34.96
C THR C 282 9.76 36.69 33.97
N ASP C 283 10.13 35.87 32.98
CA ASP C 283 11.17 36.23 32.03
C ASP C 283 10.98 35.39 30.79
N ALA C 284 11.49 35.88 29.65
CA ALA C 284 11.49 35.09 28.43
C ALA C 284 12.61 35.54 27.51
N VAL C 285 13.09 34.63 26.66
CA VAL C 285 14.03 34.98 25.60
C VAL C 285 13.47 34.56 24.24
N ASP C 286 13.53 35.49 23.30
CA ASP C 286 13.18 35.27 21.89
C ASP C 286 14.37 34.65 21.17
N CYS C 287 14.21 33.42 20.64
CA CYS C 287 15.31 32.68 20.05
C CYS C 287 15.84 33.25 18.74
N ALA C 288 15.10 34.10 18.04
CA ALA C 288 15.58 34.64 16.77
C ALA C 288 15.90 36.13 16.79
N LEU C 289 15.95 36.77 17.97
CA LEU C 289 16.14 38.22 17.99
C LEU C 289 17.59 38.65 17.79
N ASP C 290 18.58 37.77 18.09
CA ASP C 290 20.02 38.07 18.09
C ASP C 290 20.77 36.79 18.44
N PRO C 291 22.09 36.71 18.15
CA PRO C 291 22.87 35.53 18.55
C PRO C 291 22.95 35.19 20.04
N LEU C 292 23.00 36.19 20.93
CA LEU C 292 23.04 35.88 22.37
C LEU C 292 21.77 35.19 22.85
N SER C 293 20.61 35.68 22.43
CA SER C 293 19.35 35.04 22.81
C SER C 293 19.23 33.66 22.15
N GLU C 294 19.72 33.54 20.91
CA GLU C 294 19.69 32.25 20.22
C GLU C 294 20.54 31.24 20.96
N THR C 295 21.70 31.67 21.47
CA THR C 295 22.55 30.79 22.27
C THR C 295 21.86 30.39 23.58
N LYS C 296 21.17 31.35 24.21
CA LYS C 296 20.44 31.06 25.44
C LYS C 296 19.31 30.05 25.19
N CYS C 297 18.60 30.24 24.07
CA CYS C 297 17.51 29.34 23.68
C CYS C 297 18.03 27.95 23.36
N THR C 298 19.17 27.86 22.66
CA THR C 298 19.78 26.57 22.33
C THR C 298 20.25 25.86 23.59
N LEU C 299 20.86 26.58 24.52
CA LEU C 299 21.42 25.95 25.71
C LEU C 299 20.38 25.72 26.78
N LYS C 300 19.15 26.24 26.58
CA LYS C 300 18.00 26.11 27.48
C LYS C 300 18.29 26.71 28.86
N SER C 301 19.07 27.79 28.88
CA SER C 301 19.39 28.50 30.11
C SER C 301 19.40 30.00 29.86
N PHE C 302 19.16 30.78 30.92
CA PHE C 302 19.18 32.23 30.82
C PHE C 302 20.56 32.82 31.07
N THR C 303 21.52 32.02 31.53
CA THR C 303 22.89 32.46 31.73
C THR C 303 23.79 31.58 30.88
N VAL C 304 24.70 32.20 30.15
CA VAL C 304 25.62 31.49 29.26
C VAL C 304 27.03 31.69 29.79
N GLU C 305 27.75 30.59 29.98
CA GLU C 305 29.12 30.63 30.45
C GLU C 305 30.02 31.09 29.30
N LYS C 306 31.21 31.59 29.63
CA LYS C 306 32.15 32.05 28.61
C LYS C 306 32.60 30.89 27.72
N GLY C 307 32.58 31.11 26.42
CA GLY C 307 33.05 30.12 25.48
C GLY C 307 32.46 30.37 24.12
N ILE C 308 32.70 29.43 23.22
CA ILE C 308 32.15 29.47 21.86
C ILE C 308 31.15 28.33 21.74
N TYR C 309 29.94 28.64 21.29
CA TYR C 309 28.87 27.68 21.19
C TYR C 309 28.37 27.62 19.75
N GLN C 310 28.27 26.42 19.20
CA GLN C 310 27.73 26.25 17.86
C GLN C 310 26.22 26.27 17.98
N THR C 311 25.56 27.28 17.41
CA THR C 311 24.13 27.46 17.63
C THR C 311 23.26 27.31 16.40
N SER C 312 23.77 27.53 15.19
CA SER C 312 22.86 27.53 14.05
C SER C 312 23.62 27.13 12.79
N ASN C 313 22.88 26.96 11.70
CA ASN C 313 23.54 26.74 10.41
C ASN C 313 23.13 27.83 9.43
N PHE C 314 24.13 28.54 8.91
CA PHE C 314 23.93 29.55 7.88
C PHE C 314 23.60 28.85 6.56
N ARG C 315 22.69 29.44 5.79
CA ARG C 315 22.36 28.93 4.46
C ARG C 315 22.14 30.07 3.51
N VAL C 316 22.42 29.84 2.23
CA VAL C 316 22.13 30.81 1.18
C VAL C 316 20.80 30.40 0.56
N GLN C 317 19.77 31.21 0.75
CA GLN C 317 18.44 30.85 0.31
C GLN C 317 18.35 30.82 -1.22
N PRO C 318 17.60 29.87 -1.79
CA PRO C 318 17.38 29.86 -3.24
C PRO C 318 16.60 31.09 -3.69
N THR C 319 17.04 31.71 -4.78
CA THR C 319 16.40 32.93 -5.24
C THR C 319 15.36 32.69 -6.32
N GLU C 320 15.65 31.82 -7.29
CA GLU C 320 14.77 31.60 -8.43
C GLU C 320 14.59 30.11 -8.63
N SER C 321 13.55 29.75 -9.37
CA SER C 321 13.30 28.37 -9.76
C SER C 321 13.57 28.24 -11.25
N ILE C 322 14.46 27.32 -11.62
CA ILE C 322 14.82 27.05 -13.00
C ILE C 322 14.40 25.63 -13.34
N VAL C 323 13.52 25.48 -14.32
CA VAL C 323 13.11 24.18 -14.83
C VAL C 323 13.56 24.11 -16.27
N ARG C 324 14.41 23.14 -16.60
CA ARG C 324 14.86 22.99 -17.98
C ARG C 324 14.43 21.63 -18.49
N PHE C 325 13.70 21.63 -19.59
CA PHE C 325 13.14 20.45 -20.24
C PHE C 325 13.49 20.48 -21.72
N PRO C 326 13.52 19.33 -22.40
CA PRO C 326 13.88 19.31 -23.83
C PRO C 326 12.86 20.06 -24.67
N ASN C 327 13.30 20.47 -25.87
CA ASN C 327 12.49 21.32 -26.74
C ASN C 327 11.17 20.66 -27.10
N ILE C 328 10.08 21.44 -27.10
CA ILE C 328 8.82 20.89 -27.58
C ILE C 328 8.97 20.59 -29.07
N THR C 329 8.55 19.39 -29.46
CA THR C 329 8.67 18.88 -30.82
C THR C 329 7.73 17.70 -30.92
N ASN C 330 7.49 17.27 -32.16
CA ASN C 330 6.66 16.09 -32.48
C ASN C 330 5.29 16.20 -31.83
N LEU C 331 4.66 17.37 -31.99
CA LEU C 331 3.32 17.58 -31.49
C LEU C 331 2.31 16.68 -32.20
N CYS C 332 1.30 16.27 -31.44
CA CYS C 332 0.28 15.37 -31.94
C CYS C 332 -0.54 16.06 -33.03
N PRO C 333 -0.95 15.33 -34.07
CA PRO C 333 -1.61 15.99 -35.22
C PRO C 333 -3.09 16.26 -34.96
N PHE C 334 -3.33 17.21 -34.05
CA PHE C 334 -4.69 17.68 -33.82
C PHE C 334 -5.20 18.50 -35.00
N HIS C 335 -4.30 19.19 -35.70
CA HIS C 335 -4.66 20.04 -36.83
C HIS C 335 -5.19 19.24 -38.01
N GLU C 336 -4.88 17.95 -38.08
CA GLU C 336 -5.40 17.06 -39.09
C GLU C 336 -6.68 16.35 -38.67
N VAL C 337 -7.08 16.47 -37.40
CA VAL C 337 -8.33 15.90 -36.93
C VAL C 337 -9.42 16.96 -36.88
N PHE C 338 -9.12 18.14 -36.34
CA PHE C 338 -10.12 19.18 -36.17
C PHE C 338 -10.20 20.12 -37.37
N ASN C 339 -9.36 19.94 -38.39
CA ASN C 339 -9.42 20.74 -39.60
C ASN C 339 -9.22 19.86 -40.82
N ALA C 340 -10.21 19.04 -41.14
CA ALA C 340 -10.10 18.11 -42.24
C ALA C 340 -10.99 18.61 -43.37
N THR C 341 -10.56 18.39 -44.62
CA THR C 341 -11.42 18.76 -45.75
C THR C 341 -12.73 17.97 -45.74
N THR C 342 -12.66 16.68 -45.44
CA THR C 342 -13.82 15.81 -45.45
C THR C 342 -13.95 15.13 -44.09
N PHE C 343 -15.13 15.23 -43.48
CA PHE C 343 -15.39 14.43 -42.30
C PHE C 343 -16.09 13.14 -42.69
N ALA C 344 -16.46 12.34 -41.71
CA ALA C 344 -17.03 11.02 -41.96
C ALA C 344 -18.46 10.96 -41.46
N SER C 345 -19.21 10.03 -42.02
CA SER C 345 -20.57 9.76 -41.57
C SER C 345 -20.53 9.16 -40.17
N VAL C 346 -21.60 9.40 -39.39
CA VAL C 346 -21.62 8.92 -38.01
C VAL C 346 -21.59 7.40 -37.94
N TYR C 347 -22.24 6.70 -38.89
CA TYR C 347 -22.19 5.24 -38.90
C TYR C 347 -20.77 4.73 -39.14
N ALA C 348 -20.06 5.33 -40.09
CA ALA C 348 -18.65 5.00 -40.34
C ALA C 348 -17.75 6.07 -39.75
N TRP C 349 -17.84 6.24 -38.43
CA TRP C 349 -17.12 7.32 -37.74
C TRP C 349 -15.62 7.07 -37.81
N ASN C 350 -14.85 8.13 -38.04
CA ASN C 350 -13.42 7.96 -38.20
C ASN C 350 -12.73 7.91 -36.85
N ARG C 351 -11.83 6.94 -36.68
CA ARG C 351 -11.04 6.84 -35.47
C ARG C 351 -9.56 6.98 -35.81
N LYS C 352 -8.88 7.88 -35.12
CA LYS C 352 -7.43 8.03 -35.26
C LYS C 352 -6.79 7.72 -33.91
N ARG C 353 -5.84 6.79 -33.92
CA ARG C 353 -5.09 6.52 -32.71
C ARG C 353 -3.98 7.55 -32.57
N ILE C 354 -3.77 8.02 -31.35
CA ILE C 354 -2.74 8.98 -31.05
C ILE C 354 -1.81 8.39 -30.01
N SER C 355 -0.52 8.34 -30.34
CA SER C 355 0.53 7.75 -29.52
C SER C 355 1.84 8.41 -29.92
N ASN C 356 2.82 8.32 -29.00
CA ASN C 356 4.22 8.76 -29.17
C ASN C 356 4.35 10.21 -29.62
N CYS C 357 3.53 11.10 -29.05
CA CYS C 357 3.66 12.51 -29.39
C CYS C 357 3.25 13.36 -28.20
N VAL C 358 3.63 14.63 -28.26
CA VAL C 358 3.27 15.61 -27.24
C VAL C 358 1.86 16.13 -27.53
N ALA C 359 1.01 16.17 -26.51
CA ALA C 359 -0.39 16.57 -26.69
C ALA C 359 -0.52 18.06 -26.36
N ASP C 360 -0.58 18.90 -27.39
CA ASP C 360 -0.84 20.34 -27.21
C ASP C 360 -2.34 20.61 -27.36
N TYR C 361 -3.07 20.58 -26.24
CA TYR C 361 -4.51 20.79 -26.29
C TYR C 361 -4.92 22.25 -26.56
N SER C 362 -3.99 23.20 -26.44
CA SER C 362 -4.31 24.62 -26.65
C SER C 362 -4.79 24.89 -28.06
N VAL C 363 -4.20 24.22 -29.06
CA VAL C 363 -4.66 24.35 -30.44
C VAL C 363 -6.09 23.84 -30.57
N ILE C 364 -6.44 22.74 -29.87
CA ILE C 364 -7.81 22.24 -29.87
C ILE C 364 -8.74 23.30 -29.29
N TYR C 365 -8.29 23.97 -28.21
CA TYR C 365 -9.11 24.95 -27.52
C TYR C 365 -9.42 26.15 -28.41
N ASN C 366 -8.43 26.62 -29.18
CA ASN C 366 -8.58 27.83 -29.95
C ASN C 366 -9.07 27.62 -31.39
N PHE C 367 -9.35 26.37 -31.80
CA PHE C 367 -9.69 26.11 -33.20
C PHE C 367 -10.98 26.80 -33.67
N ALA C 368 -12.03 26.80 -32.85
CA ALA C 368 -13.31 27.34 -33.27
C ALA C 368 -14.14 27.61 -32.02
N PRO C 369 -15.25 28.37 -32.14
CA PRO C 369 -16.18 28.45 -30.99
C PRO C 369 -16.96 27.14 -30.92
N PHE C 370 -17.04 26.57 -29.72
CA PHE C 370 -17.60 25.24 -29.54
C PHE C 370 -18.95 25.29 -28.85
N PHE C 371 -19.92 24.62 -29.47
CA PHE C 371 -21.25 24.48 -28.87
C PHE C 371 -21.19 23.67 -27.57
N ALA C 372 -20.37 22.63 -27.54
CA ALA C 372 -20.14 21.88 -26.31
C ALA C 372 -18.68 21.46 -26.25
N PHE C 373 -18.08 21.59 -25.06
CA PHE C 373 -16.74 21.07 -24.81
C PHE C 373 -16.79 20.17 -23.58
N LYS C 374 -17.92 19.46 -23.40
CA LYS C 374 -18.15 18.68 -22.19
C LYS C 374 -17.07 17.60 -22.03
N CYS C 375 -16.49 17.51 -20.84
CA CYS C 375 -15.47 16.51 -20.54
C CYS C 375 -15.98 15.60 -19.43
N TYR C 376 -15.96 14.30 -19.68
CA TYR C 376 -16.50 13.32 -18.73
C TYR C 376 -15.37 12.53 -18.10
N GLY C 377 -15.27 12.62 -16.79
CA GLY C 377 -14.30 11.89 -16.01
C GLY C 377 -12.94 12.54 -15.85
N VAL C 378 -12.67 13.64 -16.57
CA VAL C 378 -11.45 14.42 -16.37
C VAL C 378 -11.82 15.90 -16.51
N SER C 379 -11.15 16.73 -15.74
CA SER C 379 -11.31 18.17 -15.92
C SER C 379 -10.52 18.67 -17.13
N PRO C 380 -11.04 19.67 -17.83
CA PRO C 380 -10.33 20.21 -19.01
C PRO C 380 -8.96 20.83 -18.72
N THR C 381 -8.83 21.56 -17.61
CA THR C 381 -7.57 22.24 -17.27
C THR C 381 -6.42 21.26 -17.00
N LYS C 382 -6.69 20.16 -16.30
CA LYS C 382 -5.63 19.24 -15.89
C LYS C 382 -5.03 18.46 -17.05
N LEU C 383 -5.67 18.48 -18.23
CA LEU C 383 -5.29 17.60 -19.35
C LEU C 383 -3.84 17.81 -19.74
N ASN C 384 -3.40 19.07 -19.80
CA ASN C 384 -2.02 19.37 -20.15
C ASN C 384 -1.05 18.78 -19.12
N ASP C 385 -1.41 18.83 -17.83
CA ASP C 385 -0.48 18.32 -16.84
C ASP C 385 -0.59 16.81 -16.64
N LEU C 386 -1.52 16.15 -17.33
CA LEU C 386 -1.70 14.71 -17.29
C LEU C 386 -1.01 14.07 -18.49
N CYS C 387 -0.47 12.87 -18.28
CA CYS C 387 0.11 12.09 -19.36
C CYS C 387 -0.64 10.76 -19.48
N PHE C 388 -1.13 10.47 -20.68
CA PHE C 388 -1.95 9.28 -20.96
C PHE C 388 -1.21 8.36 -21.91
N THR C 389 -1.45 7.05 -21.76
CA THR C 389 -0.85 6.07 -22.67
C THR C 389 -1.37 6.19 -24.10
N ASN C 390 -2.70 6.29 -24.29
CA ASN C 390 -3.24 6.44 -25.64
C ASN C 390 -4.37 7.47 -25.69
N VAL C 391 -4.43 8.21 -26.80
CA VAL C 391 -5.55 9.14 -27.03
C VAL C 391 -6.24 8.75 -28.33
N TYR C 392 -7.55 8.54 -28.28
CA TYR C 392 -8.31 8.19 -29.47
C TYR C 392 -9.15 9.39 -29.90
N ALA C 393 -9.02 9.81 -31.15
CA ALA C 393 -9.84 10.90 -31.67
C ALA C 393 -10.85 10.35 -32.67
N ASP C 394 -12.14 10.52 -32.36
CA ASP C 394 -13.22 10.03 -33.18
C ASP C 394 -13.93 11.22 -33.82
N SER C 395 -14.04 11.22 -35.14
CA SER C 395 -14.59 12.36 -35.86
C SER C 395 -15.80 11.92 -36.67
N PHE C 396 -16.88 12.71 -36.58
CA PHE C 396 -18.10 12.44 -37.33
C PHE C 396 -18.91 13.72 -37.42
N VAL C 397 -19.97 13.68 -38.24
CA VAL C 397 -20.90 14.78 -38.38
C VAL C 397 -22.30 14.30 -38.00
N ILE C 398 -22.99 15.07 -37.17
CA ILE C 398 -24.35 14.76 -36.76
C ILE C 398 -25.18 16.03 -36.80
N ARG C 399 -26.49 15.87 -36.74
CA ARG C 399 -27.34 17.04 -36.60
C ARG C 399 -27.23 17.56 -35.17
N GLY C 400 -27.52 18.86 -35.00
CA GLY C 400 -27.31 19.51 -33.71
C GLY C 400 -28.09 18.90 -32.56
N ASN C 401 -29.34 18.48 -32.85
CA ASN C 401 -30.23 17.94 -31.82
C ASN C 401 -29.64 16.69 -31.18
N GLU C 402 -28.86 15.94 -31.94
CA GLU C 402 -28.32 14.67 -31.49
C GLU C 402 -26.98 14.83 -30.78
N VAL C 403 -26.45 16.06 -30.68
CA VAL C 403 -25.15 16.26 -30.03
C VAL C 403 -25.24 15.85 -28.56
N SER C 404 -26.41 16.10 -27.95
CA SER C 404 -26.65 15.74 -26.56
C SER C 404 -26.57 14.23 -26.37
N GLN C 405 -26.96 13.46 -27.41
CA GLN C 405 -26.88 12.01 -27.38
C GLN C 405 -25.45 11.48 -27.28
N ILE C 406 -24.45 12.26 -27.71
CA ILE C 406 -23.07 11.80 -27.57
C ILE C 406 -22.58 12.10 -26.16
N ALA C 407 -23.03 11.28 -25.21
CA ALA C 407 -22.65 11.35 -23.81
C ALA C 407 -22.88 9.98 -23.20
N PRO C 408 -22.22 9.65 -22.08
CA PRO C 408 -22.53 8.39 -21.40
C PRO C 408 -23.95 8.35 -20.85
N GLY C 409 -24.59 7.19 -20.96
CA GLY C 409 -25.89 6.99 -20.39
C GLY C 409 -27.05 7.55 -21.19
N GLN C 410 -26.84 7.91 -22.45
CA GLN C 410 -27.85 8.53 -23.28
C GLN C 410 -28.40 7.54 -24.30
N THR C 411 -29.61 7.85 -24.77
CA THR C 411 -30.32 7.01 -25.72
C THR C 411 -30.79 7.84 -26.92
N GLY C 412 -30.88 7.18 -28.06
CA GLY C 412 -31.38 7.81 -29.27
C GLY C 412 -31.06 6.91 -30.45
N ASN C 413 -31.31 7.44 -31.65
CA ASN C 413 -30.87 6.72 -32.84
C ASN C 413 -29.35 6.64 -32.92
N ILE C 414 -28.68 7.76 -32.66
CA ILE C 414 -27.22 7.84 -32.78
C ILE C 414 -26.54 7.00 -31.72
N ALA C 415 -27.00 7.09 -30.47
CA ALA C 415 -26.37 6.37 -29.37
C ALA C 415 -26.58 4.86 -29.50
N ASP C 416 -27.80 4.43 -29.79
CA ASP C 416 -28.09 3.01 -29.92
C ASP C 416 -27.46 2.40 -31.17
N TYR C 417 -27.53 3.10 -32.32
CA TYR C 417 -27.15 2.46 -33.57
C TYR C 417 -25.94 3.02 -34.29
N ASN C 418 -25.38 4.16 -33.89
CA ASN C 418 -24.31 4.77 -34.68
C ASN C 418 -23.01 4.93 -33.89
N TYR C 419 -23.03 5.63 -32.77
CA TYR C 419 -21.85 5.78 -31.93
C TYR C 419 -22.27 5.69 -30.48
N LYS C 420 -21.63 4.80 -29.71
CA LYS C 420 -21.97 4.59 -28.31
C LYS C 420 -20.77 4.83 -27.43
N LEU C 421 -20.96 5.58 -26.35
CA LEU C 421 -19.92 5.80 -25.36
C LEU C 421 -20.21 4.98 -24.10
N PRO C 422 -19.19 4.40 -23.48
CA PRO C 422 -19.42 3.61 -22.26
C PRO C 422 -19.77 4.50 -21.08
N ASP C 423 -20.38 3.87 -20.06
CA ASP C 423 -20.82 4.62 -18.88
C ASP C 423 -19.65 5.26 -18.14
N ASP C 424 -18.49 4.59 -18.13
CA ASP C 424 -17.32 5.00 -17.38
C ASP C 424 -16.33 5.80 -18.23
N PHE C 425 -16.81 6.37 -19.34
CA PHE C 425 -15.97 7.03 -20.35
C PHE C 425 -15.11 8.15 -19.77
N THR C 426 -13.82 8.12 -20.09
CA THR C 426 -12.89 9.17 -19.68
C THR C 426 -12.45 9.89 -20.95
N GLY C 427 -12.86 11.14 -21.08
CA GLY C 427 -12.57 11.89 -22.28
C GLY C 427 -13.44 13.12 -22.37
N CYS C 428 -13.41 13.73 -23.55
CA CYS C 428 -14.12 14.96 -23.82
C CYS C 428 -14.88 14.83 -25.14
N VAL C 429 -16.00 15.55 -25.24
CA VAL C 429 -16.75 15.63 -26.49
C VAL C 429 -16.71 17.09 -26.93
N ILE C 430 -16.34 17.31 -28.20
CA ILE C 430 -16.20 18.64 -28.77
C ILE C 430 -17.11 18.74 -29.99
N ALA C 431 -17.92 19.79 -30.06
CA ALA C 431 -18.81 19.97 -31.20
C ALA C 431 -18.76 21.42 -31.67
N TRP C 432 -18.85 21.61 -32.98
CA TRP C 432 -18.93 22.96 -33.53
C TRP C 432 -19.80 22.98 -34.78
N ASN C 433 -20.36 24.16 -35.07
CA ASN C 433 -21.21 24.32 -36.25
C ASN C 433 -20.38 24.18 -37.52
N SER C 434 -20.96 23.52 -38.53
CA SER C 434 -20.30 23.32 -39.82
C SER C 434 -21.22 23.65 -40.99
N ASN C 435 -21.96 24.76 -40.91
CA ASN C 435 -22.88 25.10 -42.01
C ASN C 435 -22.15 25.37 -43.32
N LYS C 436 -21.06 26.13 -43.28
CA LYS C 436 -20.36 26.49 -44.51
C LYS C 436 -19.75 25.26 -45.18
N LEU C 437 -19.10 24.41 -44.38
CA LEU C 437 -18.45 23.20 -44.89
C LEU C 437 -19.43 22.13 -45.36
N ASP C 438 -20.54 21.90 -44.63
CA ASP C 438 -21.36 20.74 -44.94
C ASP C 438 -22.75 21.01 -45.51
N SER C 439 -23.13 22.25 -45.81
CA SER C 439 -24.48 22.49 -46.31
C SER C 439 -24.43 22.93 -47.76
N LYS C 440 -25.31 22.35 -48.57
CA LYS C 440 -25.48 22.72 -49.96
C LYS C 440 -26.94 23.08 -50.21
N PRO C 441 -27.21 24.05 -51.10
CA PRO C 441 -28.61 24.37 -51.42
C PRO C 441 -29.37 23.22 -52.06
N SER C 442 -28.71 22.47 -52.96
CA SER C 442 -29.31 21.27 -53.52
C SER C 442 -29.52 20.20 -52.47
N GLY C 443 -28.69 20.20 -51.43
CA GLY C 443 -28.73 19.23 -50.37
C GLY C 443 -27.51 18.34 -50.37
N ASN C 444 -26.86 18.21 -49.21
CA ASN C 444 -25.67 17.38 -49.07
C ASN C 444 -26.12 15.97 -48.68
N TYR C 445 -26.00 15.02 -49.61
CA TYR C 445 -26.46 13.66 -49.41
C TYR C 445 -25.33 12.69 -49.12
N ASN C 446 -24.13 13.19 -48.83
CA ASN C 446 -22.98 12.36 -48.56
C ASN C 446 -22.78 12.04 -47.07
N TYR C 447 -23.65 12.55 -46.20
CA TYR C 447 -23.60 12.23 -44.77
C TYR C 447 -24.75 11.30 -44.43
N LEU C 448 -24.43 10.15 -43.84
CA LEU C 448 -25.41 9.09 -43.61
C LEU C 448 -25.43 8.71 -42.13
N TYR C 449 -26.56 8.14 -41.71
CA TYR C 449 -26.73 7.64 -40.35
C TYR C 449 -27.46 6.32 -40.41
N ARG C 450 -27.29 5.49 -39.39
CA ARG C 450 -28.01 4.22 -39.33
C ARG C 450 -29.28 4.41 -38.54
N LEU C 451 -30.43 4.22 -39.20
CA LEU C 451 -31.71 4.39 -38.51
C LEU C 451 -32.23 3.08 -37.95
N PHE C 452 -31.90 1.96 -38.57
CA PHE C 452 -32.44 0.66 -38.21
C PHE C 452 -31.31 -0.33 -37.95
N ARG C 453 -31.29 -0.95 -36.78
CA ARG C 453 -30.35 -2.00 -36.48
C ARG C 453 -31.04 -3.03 -35.58
N LYS C 454 -30.65 -4.29 -35.72
CA LYS C 454 -31.27 -5.37 -34.96
C LYS C 454 -31.03 -5.23 -33.46
N SER C 455 -29.81 -4.85 -33.07
CA SER C 455 -29.46 -4.72 -31.67
C SER C 455 -28.68 -3.43 -31.47
N LYS C 456 -28.68 -2.94 -30.23
CA LYS C 456 -27.96 -1.72 -29.91
C LYS C 456 -26.46 -1.94 -30.02
N LEU C 457 -25.74 -0.89 -30.38
CA LEU C 457 -24.29 -0.96 -30.47
C LEU C 457 -23.64 -1.04 -29.09
N LYS C 458 -22.57 -1.81 -28.99
CA LYS C 458 -21.73 -1.82 -27.81
C LYS C 458 -20.84 -0.58 -27.86
N PRO C 459 -20.27 -0.16 -26.71
CA PRO C 459 -19.41 1.04 -26.73
C PRO C 459 -18.19 0.85 -27.62
N PHE C 460 -17.84 1.92 -28.35
CA PHE C 460 -16.70 1.96 -29.29
C PHE C 460 -16.82 0.88 -30.36
N GLU C 461 -18.03 0.64 -30.86
CA GLU C 461 -18.26 -0.32 -31.93
C GLU C 461 -18.75 0.41 -33.17
N ARG C 462 -18.37 -0.11 -34.34
CA ARG C 462 -18.81 0.41 -35.62
C ARG C 462 -19.40 -0.72 -36.45
N ASP C 463 -20.53 -0.43 -37.11
CA ASP C 463 -21.13 -1.36 -38.06
C ASP C 463 -21.12 -0.69 -39.42
N ILE C 464 -20.48 -1.33 -40.41
CA ILE C 464 -20.50 -0.81 -41.77
C ILE C 464 -21.46 -1.56 -42.69
N SER C 465 -22.23 -2.51 -42.15
CA SER C 465 -23.11 -3.33 -42.97
C SER C 465 -24.22 -2.51 -43.60
N THR C 466 -24.54 -2.82 -44.86
CA THR C 466 -25.64 -2.14 -45.54
C THR C 466 -26.84 -3.08 -45.72
N GLU C 467 -26.83 -4.22 -45.01
CA GLU C 467 -27.84 -5.26 -45.17
C GLU C 467 -29.23 -4.72 -44.86
N ILE C 468 -30.22 -5.11 -45.67
CA ILE C 468 -31.58 -4.59 -45.54
C ILE C 468 -32.16 -5.03 -44.19
N TYR C 469 -32.76 -4.08 -43.46
CA TYR C 469 -33.23 -4.37 -42.12
C TYR C 469 -34.56 -5.11 -42.21
N GLN C 470 -34.62 -6.28 -41.61
CA GLN C 470 -35.82 -7.13 -41.70
C GLN C 470 -36.70 -6.93 -40.47
N ALA C 471 -37.77 -6.15 -40.64
CA ALA C 471 -38.68 -5.85 -39.54
C ALA C 471 -39.88 -6.78 -39.51
N GLY C 472 -40.00 -7.66 -40.50
CA GLY C 472 -41.17 -8.48 -40.67
C GLY C 472 -40.76 -9.93 -40.84
N ASN C 473 -41.74 -10.82 -40.63
CA ASN C 473 -41.49 -12.26 -40.64
C ASN C 473 -40.95 -12.72 -42.00
N LYS C 474 -41.49 -12.15 -43.08
CA LYS C 474 -41.08 -12.53 -44.43
C LYS C 474 -39.62 -12.18 -44.67
N PRO C 475 -38.85 -13.03 -45.36
CA PRO C 475 -37.47 -12.66 -45.69
C PRO C 475 -37.44 -11.51 -46.68
N CYS C 476 -36.52 -10.57 -46.45
CA CYS C 476 -36.35 -9.45 -47.38
C CYS C 476 -35.84 -9.90 -48.75
N ASN C 477 -34.87 -10.84 -48.76
CA ASN C 477 -34.18 -11.46 -49.92
C ASN C 477 -33.13 -10.52 -50.49
N GLY C 478 -32.80 -9.44 -49.77
CA GLY C 478 -31.75 -8.52 -50.14
C GLY C 478 -32.18 -7.48 -51.14
N VAL C 479 -33.47 -7.43 -51.48
CA VAL C 479 -34.07 -6.43 -52.35
C VAL C 479 -35.05 -5.66 -51.49
N ALA C 480 -35.05 -4.32 -51.61
CA ALA C 480 -35.99 -3.53 -50.83
C ALA C 480 -37.43 -3.87 -51.19
N GLY C 481 -38.26 -3.99 -50.16
CA GLY C 481 -39.62 -4.46 -50.29
C GLY C 481 -40.43 -3.96 -49.12
N PRO C 482 -41.76 -4.10 -49.16
CA PRO C 482 -42.60 -3.61 -48.06
C PRO C 482 -42.20 -4.31 -46.77
N ASN C 483 -42.04 -3.53 -45.69
CA ASN C 483 -41.64 -3.93 -44.32
C ASN C 483 -40.14 -4.22 -44.28
N CYS C 484 -39.42 -3.91 -45.36
CA CYS C 484 -37.96 -4.06 -45.44
C CYS C 484 -37.37 -2.72 -45.85
N TYR C 485 -36.55 -2.14 -44.97
CA TYR C 485 -36.04 -0.79 -45.14
C TYR C 485 -34.52 -0.82 -45.07
N SER C 486 -33.87 -0.12 -46.00
CA SER C 486 -32.43 0.01 -45.96
C SER C 486 -32.03 0.77 -44.69
N PRO C 487 -31.05 0.27 -43.93
CA PRO C 487 -30.73 0.89 -42.63
C PRO C 487 -30.15 2.29 -42.72
N LEU C 488 -29.31 2.57 -43.71
CA LEU C 488 -28.61 3.85 -43.78
C LEU C 488 -29.46 4.90 -44.47
N GLN C 489 -29.78 5.97 -43.75
CA GLN C 489 -30.56 7.09 -44.23
C GLN C 489 -29.63 8.28 -44.42
N SER C 490 -30.03 9.23 -45.25
CA SER C 490 -29.17 10.34 -45.61
C SER C 490 -29.54 11.58 -44.82
N TYR C 491 -28.52 12.30 -44.34
CA TYR C 491 -28.72 13.57 -43.64
C TYR C 491 -28.75 14.67 -44.69
N GLY C 492 -29.94 15.07 -45.12
CA GLY C 492 -29.98 16.00 -46.23
C GLY C 492 -29.79 17.42 -45.76
N PHE C 493 -28.54 17.79 -45.50
CA PHE C 493 -28.23 19.10 -44.93
C PHE C 493 -28.48 20.22 -45.93
N ARG C 494 -29.12 21.29 -45.46
CA ARG C 494 -29.38 22.47 -46.28
C ARG C 494 -29.08 23.71 -45.43
N PRO C 495 -28.63 24.81 -46.07
CA PRO C 495 -28.21 25.99 -45.30
C PRO C 495 -29.31 26.67 -44.50
N THR C 496 -30.57 26.53 -44.92
CA THR C 496 -31.67 27.25 -44.32
C THR C 496 -32.37 26.48 -43.19
N TYR C 497 -31.81 25.35 -42.78
CA TYR C 497 -32.40 24.55 -41.72
C TYR C 497 -32.30 25.26 -40.37
N GLY C 498 -33.16 24.85 -39.45
CA GLY C 498 -33.12 25.38 -38.10
C GLY C 498 -31.90 24.88 -37.38
N VAL C 499 -31.52 25.59 -36.30
CA VAL C 499 -30.27 25.36 -35.57
C VAL C 499 -30.18 23.94 -35.03
N GLY C 500 -31.32 23.36 -34.65
CA GLY C 500 -31.35 21.98 -34.20
C GLY C 500 -30.91 20.99 -35.28
N HIS C 501 -31.24 21.28 -36.54
CA HIS C 501 -30.95 20.39 -37.65
C HIS C 501 -29.72 20.77 -38.50
N GLN C 502 -29.00 21.85 -38.18
CA GLN C 502 -27.82 22.19 -38.98
C GLN C 502 -26.70 21.19 -38.70
N PRO C 503 -25.83 20.92 -39.69
CA PRO C 503 -24.74 19.96 -39.45
C PRO C 503 -23.74 20.48 -38.43
N TYR C 504 -23.36 19.59 -37.50
CA TYR C 504 -22.37 19.88 -36.48
C TYR C 504 -21.27 18.83 -36.55
N ARG C 505 -20.01 19.28 -36.53
CA ARG C 505 -18.89 18.35 -36.54
C ARG C 505 -18.49 18.07 -35.10
N VAL C 506 -18.40 16.78 -34.75
CA VAL C 506 -18.10 16.32 -33.40
C VAL C 506 -16.81 15.51 -33.42
N VAL C 507 -15.90 15.84 -32.52
CA VAL C 507 -14.70 15.07 -32.26
C VAL C 507 -14.75 14.62 -30.80
N VAL C 508 -14.60 13.32 -30.59
CA VAL C 508 -14.60 12.73 -29.25
C VAL C 508 -13.19 12.28 -28.94
N LEU C 509 -12.64 12.79 -27.84
CA LEU C 509 -11.31 12.42 -27.40
C LEU C 509 -11.46 11.45 -26.24
N SER C 510 -10.92 10.24 -26.40
CA SER C 510 -10.98 9.22 -25.37
C SER C 510 -9.57 8.94 -24.87
N PHE C 511 -9.36 9.05 -23.57
CA PHE C 511 -8.03 8.88 -23.01
C PHE C 511 -7.99 7.55 -22.29
N GLU C 512 -6.99 6.73 -22.60
CA GLU C 512 -6.86 5.46 -21.89
C GLU C 512 -5.46 5.30 -21.33
N LEU C 513 -5.39 4.71 -20.14
CA LEU C 513 -4.14 4.38 -19.48
C LEU C 513 -4.01 2.87 -19.42
N LEU C 514 -2.82 2.36 -19.74
CA LEU C 514 -2.55 0.93 -19.77
C LEU C 514 -1.26 0.69 -19.01
N HIS C 515 -0.96 -0.60 -18.76
CA HIS C 515 0.23 -0.98 -18.00
C HIS C 515 1.52 -0.55 -18.71
N ALA C 516 1.48 -0.37 -20.03
CA ALA C 516 2.61 0.12 -20.79
C ALA C 516 2.92 1.56 -20.37
N PRO C 517 4.18 2.00 -20.48
CA PRO C 517 4.50 3.39 -20.10
C PRO C 517 3.77 4.42 -20.95
N ALA C 518 3.28 5.46 -20.29
CA ALA C 518 2.47 6.47 -20.98
C ALA C 518 3.38 7.37 -21.81
N THR C 519 3.09 7.47 -23.11
CA THR C 519 3.93 8.21 -24.04
C THR C 519 3.24 9.44 -24.65
N VAL C 520 2.03 9.79 -24.21
CA VAL C 520 1.38 11.01 -24.67
C VAL C 520 1.16 11.93 -23.47
N CYS C 521 1.91 13.01 -23.41
CA CYS C 521 1.86 13.93 -22.28
C CYS C 521 1.91 15.36 -22.82
N GLY C 522 1.47 16.30 -21.97
CA GLY C 522 1.35 17.69 -22.35
C GLY C 522 2.69 18.38 -22.50
N PRO C 523 2.69 19.59 -23.08
CA PRO C 523 3.94 20.29 -23.41
C PRO C 523 4.80 20.58 -22.18
N LYS C 524 6.11 20.55 -22.39
CA LYS C 524 7.10 20.76 -21.35
C LYS C 524 7.64 22.18 -21.44
N LYS C 525 7.63 22.92 -20.33
CA LYS C 525 7.99 24.33 -20.40
C LYS C 525 9.51 24.45 -20.38
N SER C 526 10.05 25.15 -21.39
CA SER C 526 11.48 25.43 -21.44
C SER C 526 11.92 26.32 -20.29
N THR C 527 11.10 27.33 -19.94
CA THR C 527 11.39 28.38 -18.94
C THR C 527 12.64 29.09 -19.44
N ASN C 528 13.68 29.25 -18.61
CA ASN C 528 14.89 29.96 -18.97
C ASN C 528 16.00 29.47 -18.04
N LEU C 529 17.25 29.73 -18.42
CA LEU C 529 18.39 29.26 -17.64
C LEU C 529 19.11 30.45 -17.02
N VAL C 530 19.27 30.40 -15.70
CA VAL C 530 20.00 31.42 -14.95
C VAL C 530 21.22 30.75 -14.33
N LYS C 531 22.39 31.36 -14.48
CA LYS C 531 23.64 30.78 -14.01
C LYS C 531 24.26 31.70 -12.98
N ASN C 532 25.18 31.12 -12.19
CA ASN C 532 26.04 31.77 -11.20
C ASN C 532 25.28 32.22 -9.96
N LYS C 533 24.06 31.72 -9.75
CA LYS C 533 23.30 32.03 -8.55
C LYS C 533 22.65 30.76 -8.03
N CYS C 534 22.24 30.79 -6.77
CA CYS C 534 21.63 29.64 -6.11
C CYS C 534 20.15 29.56 -6.49
N VAL C 535 19.84 28.66 -7.43
CA VAL C 535 18.49 28.52 -7.97
C VAL C 535 18.07 27.05 -7.88
N ASN C 536 16.80 26.83 -7.51
CA ASN C 536 16.28 25.46 -7.49
C ASN C 536 16.21 24.92 -8.91
N PHE C 537 16.83 23.78 -9.16
CA PHE C 537 16.95 23.28 -10.53
C PHE C 537 16.12 22.01 -10.70
N ASN C 538 15.35 21.95 -11.79
CA ASN C 538 14.62 20.75 -12.18
C ASN C 538 15.08 20.42 -13.59
N PHE C 539 16.01 19.48 -13.73
CA PHE C 539 16.54 19.08 -15.03
C PHE C 539 16.07 17.66 -15.30
N ASN C 540 15.13 17.51 -16.25
CA ASN C 540 14.60 16.21 -16.71
C ASN C 540 14.08 15.37 -15.55
N GLY C 541 13.42 16.03 -14.59
CA GLY C 541 12.86 15.36 -13.45
C GLY C 541 13.82 15.14 -12.30
N LEU C 542 15.07 15.59 -12.43
CA LEU C 542 16.05 15.54 -11.34
C LEU C 542 16.04 16.89 -10.65
N THR C 543 15.77 16.89 -9.35
CA THR C 543 15.56 18.13 -8.61
C THR C 543 16.63 18.34 -7.54
N GLY C 544 16.80 19.59 -7.17
CA GLY C 544 17.78 19.97 -6.15
C GLY C 544 17.79 21.47 -6.00
N THR C 545 18.78 21.95 -5.25
CA THR C 545 19.07 23.38 -5.18
C THR C 545 20.57 23.61 -5.33
N GLY C 546 20.97 24.35 -6.37
CA GLY C 546 22.38 24.64 -6.52
C GLY C 546 22.66 25.73 -7.53
N VAL C 547 23.87 26.29 -7.40
CA VAL C 547 24.44 27.19 -8.38
C VAL C 547 24.81 26.35 -9.61
N LEU C 548 24.66 26.94 -10.80
CA LEU C 548 25.05 26.26 -12.03
C LEU C 548 26.19 27.01 -12.71
N THR C 549 27.42 26.57 -12.49
CA THR C 549 28.57 27.26 -13.07
C THR C 549 28.94 26.60 -14.40
N GLU C 550 29.79 27.27 -15.16
CA GLU C 550 30.28 26.67 -16.40
C GLU C 550 31.16 25.45 -16.10
N SER C 551 31.12 24.46 -16.99
CA SER C 551 31.84 23.21 -16.78
C SER C 551 32.87 22.96 -17.85
N ASN C 552 34.04 22.48 -17.45
CA ASN C 552 35.09 22.11 -18.39
C ASN C 552 35.05 20.63 -18.73
N LYS C 553 34.09 19.89 -18.19
CA LYS C 553 34.03 18.44 -18.36
C LYS C 553 33.42 18.09 -19.70
N LYS C 554 34.08 17.21 -20.45
CA LYS C 554 33.61 16.82 -21.77
C LYS C 554 32.83 15.52 -21.62
N PHE C 555 31.50 15.63 -21.69
CA PHE C 555 30.63 14.48 -21.56
C PHE C 555 30.61 13.71 -22.88
N LEU C 556 30.36 12.41 -22.78
CA LEU C 556 30.10 11.66 -24.00
C LEU C 556 28.67 11.97 -24.42
N PRO C 557 28.31 11.76 -25.70
CA PRO C 557 26.95 12.18 -26.14
C PRO C 557 25.78 11.50 -25.43
N PHE C 558 25.88 10.22 -25.11
CA PHE C 558 24.81 9.56 -24.35
C PHE C 558 24.65 10.14 -22.94
N GLN C 559 25.75 10.49 -22.26
CA GLN C 559 25.69 10.88 -20.85
C GLN C 559 24.88 12.16 -20.66
N GLN C 560 24.07 12.18 -19.61
CA GLN C 560 23.23 13.32 -19.30
C GLN C 560 23.58 13.99 -17.98
N PHE C 561 23.97 13.21 -16.96
CA PHE C 561 24.23 13.71 -15.62
C PHE C 561 25.60 13.22 -15.18
N GLY C 562 26.18 13.92 -14.21
CA GLY C 562 27.51 13.59 -13.73
C GLY C 562 27.46 13.38 -12.24
N ARG C 563 28.35 12.53 -11.75
CA ARG C 563 28.35 12.17 -10.33
C ARG C 563 29.74 12.25 -9.73
N ASP C 564 29.78 12.45 -8.41
CA ASP C 564 30.99 12.57 -7.62
C ASP C 564 31.52 11.17 -7.32
N ILE C 565 32.69 11.13 -6.67
CA ILE C 565 33.24 9.87 -6.18
C ILE C 565 32.26 9.25 -5.19
N ALA C 566 31.60 10.10 -4.40
CA ALA C 566 30.70 9.71 -3.33
C ALA C 566 29.25 9.61 -3.79
N ASP C 567 29.02 9.50 -5.11
CA ASP C 567 27.71 9.33 -5.75
C ASP C 567 26.76 10.50 -5.48
N THR C 568 27.29 11.72 -5.55
CA THR C 568 26.50 12.94 -5.46
C THR C 568 26.67 13.72 -6.76
N THR C 569 25.58 14.27 -7.30
CA THR C 569 25.65 14.93 -8.60
C THR C 569 26.55 16.16 -8.57
N ASP C 570 27.49 16.23 -9.52
CA ASP C 570 28.41 17.36 -9.60
C ASP C 570 28.33 18.06 -10.95
N ALA C 571 27.56 17.53 -11.90
CA ALA C 571 27.51 18.08 -13.24
C ALA C 571 26.20 17.68 -13.87
N VAL C 572 25.81 18.39 -14.92
CA VAL C 572 24.61 18.08 -15.67
C VAL C 572 24.74 18.64 -17.08
N ARG C 573 23.96 18.08 -18.00
CA ARG C 573 23.89 18.57 -19.37
C ARG C 573 22.53 19.23 -19.52
N ASP C 574 22.50 20.44 -20.04
CA ASP C 574 21.24 21.14 -20.22
C ASP C 574 20.46 20.50 -21.36
N PRO C 575 19.16 20.22 -21.17
CA PRO C 575 18.37 19.66 -22.27
C PRO C 575 18.15 20.60 -23.43
N GLN C 576 17.88 21.90 -23.17
CA GLN C 576 17.59 22.85 -24.25
C GLN C 576 18.81 23.08 -25.13
N THR C 577 19.97 23.30 -24.53
CA THR C 577 21.20 23.54 -25.26
C THR C 577 22.23 22.52 -24.79
N LEU C 578 22.91 21.86 -25.72
CA LEU C 578 23.77 20.75 -25.31
C LEU C 578 25.08 21.32 -24.79
N GLU C 579 25.03 21.77 -23.54
CA GLU C 579 26.16 22.32 -22.82
C GLU C 579 26.23 21.66 -21.46
N ILE C 580 27.42 21.64 -20.88
CA ILE C 580 27.66 20.98 -19.60
C ILE C 580 27.78 22.04 -18.52
N LEU C 581 27.07 21.85 -17.41
CA LEU C 581 27.11 22.79 -16.30
C LEU C 581 27.55 22.07 -15.04
N ASP C 582 28.38 22.73 -14.24
CA ASP C 582 28.85 22.20 -12.96
C ASP C 582 27.90 22.62 -11.85
N ILE C 583 27.14 21.66 -11.32
CA ILE C 583 26.18 21.95 -10.27
C ILE C 583 26.94 22.00 -8.95
N THR C 584 26.88 23.14 -8.27
CA THR C 584 27.54 23.27 -6.99
C THR C 584 26.52 23.74 -5.97
N PRO C 585 26.37 23.08 -4.82
CA PRO C 585 25.34 23.48 -3.85
C PRO C 585 25.64 24.84 -3.24
N CYS C 586 24.56 25.53 -2.84
CA CYS C 586 24.67 26.86 -2.28
C CYS C 586 25.41 26.81 -0.95
N SER C 587 26.09 27.92 -0.62
CA SER C 587 26.96 27.95 0.54
C SER C 587 26.20 27.73 1.84
N PHE C 588 26.83 26.98 2.73
CA PHE C 588 26.31 26.69 4.06
C PHE C 588 27.45 26.89 5.05
N GLY C 589 27.11 27.18 6.29
CA GLY C 589 28.15 27.31 7.30
C GLY C 589 27.64 27.00 8.69
N GLY C 590 28.55 26.65 9.57
CA GLY C 590 28.13 26.46 10.94
C GLY C 590 28.25 27.73 11.76
N VAL C 591 27.11 28.31 12.13
CA VAL C 591 27.10 29.56 12.88
C VAL C 591 27.44 29.23 14.33
N SER C 592 28.52 29.83 14.82
CA SER C 592 29.00 29.67 16.18
C SER C 592 28.99 31.02 16.88
N VAL C 593 28.58 31.05 18.14
CA VAL C 593 28.48 32.31 18.86
C VAL C 593 29.58 32.32 19.91
N ILE C 594 30.43 33.35 19.87
CA ILE C 594 31.52 33.52 20.81
C ILE C 594 31.07 34.56 21.80
N THR C 595 30.98 34.18 23.07
CA THR C 595 30.52 35.14 24.05
C THR C 595 31.26 34.96 25.36
N PRO C 596 31.48 36.05 26.10
CA PRO C 596 31.97 35.91 27.47
C PRO C 596 30.78 35.63 28.38
N GLY C 597 30.98 35.59 29.69
CA GLY C 597 29.85 35.37 30.59
C GLY C 597 28.84 36.50 30.46
N THR C 598 27.55 36.15 30.58
CA THR C 598 26.48 37.12 30.37
C THR C 598 26.55 38.26 31.37
N ASN C 599 26.88 37.92 32.63
CA ASN C 599 26.92 38.91 33.69
C ASN C 599 28.00 39.96 33.41
N THR C 600 29.17 39.52 32.94
CA THR C 600 30.24 40.44 32.58
C THR C 600 29.86 41.35 31.41
N SER C 601 29.29 40.77 30.34
CA SER C 601 28.84 41.57 29.20
C SER C 601 27.86 40.77 28.36
N ASN C 602 27.11 41.49 27.52
CA ASN C 602 26.17 40.89 26.58
C ASN C 602 26.65 40.95 25.13
N GLN C 603 27.87 41.42 24.89
CA GLN C 603 28.43 41.45 23.55
C GLN C 603 28.72 40.04 23.05
N VAL C 604 28.47 39.81 21.76
CA VAL C 604 28.72 38.52 21.14
C VAL C 604 29.43 38.72 19.82
N ALA C 605 30.13 37.68 19.37
CA ALA C 605 30.75 37.65 18.06
C ALA C 605 30.26 36.40 17.36
N VAL C 606 30.19 36.45 16.03
CA VAL C 606 29.65 35.34 15.26
C VAL C 606 30.74 34.79 14.35
N LEU C 607 30.95 33.48 14.39
CA LEU C 607 31.87 32.82 13.49
C LEU C 607 31.07 31.97 12.52
N TYR C 608 31.26 32.22 11.24
CA TYR C 608 30.65 31.41 10.20
C TYR C 608 31.73 30.43 9.79
N GLN C 609 31.54 29.15 10.11
CA GLN C 609 32.60 28.17 9.88
C GLN C 609 32.65 27.75 8.42
N GLY C 610 33.83 27.88 7.82
CA GLY C 610 34.05 27.44 6.46
C GLY C 610 33.58 28.39 5.40
N VAL C 611 33.07 29.56 5.77
CA VAL C 611 32.48 30.52 4.85
C VAL C 611 33.42 31.70 4.67
N ASN C 612 33.74 32.02 3.43
CA ASN C 612 34.56 33.20 3.16
C ASN C 612 33.74 34.44 3.52
N CYS C 613 34.45 35.51 3.90
CA CYS C 613 33.77 36.72 4.38
C CYS C 613 32.94 37.41 3.31
N THR C 614 33.25 37.21 2.04
CA THR C 614 32.54 37.92 0.98
C THR C 614 31.23 37.25 0.58
N GLU C 615 30.93 36.07 1.13
CA GLU C 615 29.76 35.30 0.73
C GLU C 615 28.68 35.27 1.80
N VAL C 616 28.75 36.13 2.82
CA VAL C 616 27.76 36.13 3.88
C VAL C 616 26.93 37.41 3.84
N ASN C 637 34.02 45.41 11.75
CA ASN C 637 34.57 44.36 12.59
C ASN C 637 34.41 42.99 11.95
N VAL C 638 34.80 42.87 10.68
CA VAL C 638 34.76 41.61 9.96
C VAL C 638 36.20 41.20 9.65
N PHE C 639 36.57 39.99 10.08
CA PHE C 639 37.92 39.48 9.91
C PHE C 639 37.82 38.10 9.28
N GLN C 640 38.78 37.76 8.43
CA GLN C 640 38.78 36.47 7.76
C GLN C 640 39.83 35.56 8.40
N THR C 641 39.40 34.37 8.80
CA THR C 641 40.24 33.37 9.42
C THR C 641 40.13 32.08 8.61
N ARG C 642 41.11 31.18 8.81
CA ARG C 642 41.04 29.87 8.17
C ARG C 642 39.81 29.11 8.62
N ALA C 643 39.45 29.26 9.91
CA ALA C 643 38.28 28.59 10.46
C ALA C 643 37.01 29.04 9.76
N GLY C 644 36.93 30.33 9.44
CA GLY C 644 35.77 30.92 8.82
C GLY C 644 35.81 32.43 8.97
N CYS C 645 34.64 33.05 8.77
CA CYS C 645 34.55 34.50 8.87
C CYS C 645 34.10 34.88 10.28
N LEU C 646 34.86 35.76 10.94
CA LEU C 646 34.53 36.21 12.29
C LEU C 646 34.02 37.64 12.21
N ILE C 647 32.79 37.85 12.68
CA ILE C 647 32.14 39.16 12.66
C ILE C 647 31.89 39.60 14.09
N GLY C 648 32.17 40.87 14.38
CA GLY C 648 32.00 41.40 15.71
C GLY C 648 33.23 41.38 16.59
N ALA C 649 34.37 40.91 16.08
CA ALA C 649 35.62 40.97 16.83
C ALA C 649 36.68 41.67 15.99
N GLU C 650 37.51 42.46 16.67
CA GLU C 650 38.55 43.25 16.01
C GLU C 650 39.90 42.56 16.19
N TYR C 651 40.59 42.32 15.07
CA TYR C 651 41.90 41.68 15.11
C TYR C 651 42.92 42.61 15.78
N VAL C 652 43.71 42.06 16.70
CA VAL C 652 44.77 42.79 17.37
C VAL C 652 46.09 42.10 17.11
N ASN C 653 47.12 42.87 16.74
CA ASN C 653 48.43 42.29 16.44
C ASN C 653 49.11 41.71 17.68
N ASN C 654 48.70 42.11 18.88
CA ASN C 654 49.28 41.59 20.10
C ASN C 654 48.90 40.12 20.29
N SER C 655 49.76 39.39 20.99
CA SER C 655 49.54 37.98 21.28
C SER C 655 49.35 37.79 22.77
N TYR C 656 48.32 37.05 23.15
CA TYR C 656 48.01 36.73 24.54
C TYR C 656 47.70 35.25 24.63
N GLU C 657 47.50 34.76 25.86
CA GLU C 657 47.10 33.38 26.04
C GLU C 657 45.67 33.18 25.54
N CYS C 658 45.35 31.93 25.18
CA CYS C 658 44.04 31.64 24.62
C CYS C 658 42.97 31.71 25.71
N ASP C 659 41.90 32.45 25.43
CA ASP C 659 40.77 32.52 26.35
C ASP C 659 39.57 31.79 25.78
N ILE C 660 39.14 32.14 24.57
CA ILE C 660 38.08 31.43 23.85
C ILE C 660 38.70 30.94 22.56
N PRO C 661 38.74 29.62 22.31
CA PRO C 661 39.39 29.13 21.08
C PRO C 661 38.53 29.35 19.85
N ILE C 662 39.12 29.94 18.81
CA ILE C 662 38.43 30.11 17.54
C ILE C 662 38.93 29.02 16.60
N GLY C 663 40.19 28.66 16.74
CA GLY C 663 40.76 27.70 15.82
C GLY C 663 41.73 28.34 14.85
N ALA C 664 42.58 27.47 14.27
CA ALA C 664 43.64 27.83 13.32
C ALA C 664 44.61 28.84 13.92
N GLY C 665 44.86 28.71 15.23
CA GLY C 665 45.77 29.57 15.93
C GLY C 665 45.14 30.85 16.40
N ILE C 666 43.85 31.05 16.14
CA ILE C 666 43.14 32.27 16.48
C ILE C 666 42.35 32.01 17.76
N CYS C 667 42.43 32.94 18.71
CA CYS C 667 41.70 32.87 19.96
C CYS C 667 41.04 34.22 20.20
N ALA C 668 39.98 34.22 21.01
CA ALA C 668 39.24 35.44 21.28
C ALA C 668 39.20 35.71 22.78
N SER C 669 39.11 36.99 23.13
CA SER C 669 39.05 37.39 24.53
C SER C 669 38.21 38.66 24.63
N TYR C 670 37.77 38.95 25.84
CA TYR C 670 37.02 40.17 26.13
C TYR C 670 37.90 41.10 26.95
N GLN C 671 38.02 42.35 26.52
CA GLN C 671 38.79 43.33 27.26
C GLN C 671 38.02 44.65 27.41
N SER C 687 35.20 45.49 24.54
CA SER C 687 34.91 44.82 23.27
C SER C 687 35.60 43.47 23.19
N ILE C 688 35.23 42.68 22.19
CA ILE C 688 35.79 41.35 21.99
C ILE C 688 36.88 41.44 20.92
N ILE C 689 38.06 40.93 21.24
CA ILE C 689 39.22 40.98 20.36
C ILE C 689 39.62 39.56 19.96
N ALA C 690 40.17 39.45 18.75
CA ALA C 690 40.66 38.18 18.22
C ALA C 690 42.14 38.34 17.95
N TYR C 691 42.93 37.33 18.29
CA TYR C 691 44.36 37.44 18.16
C TYR C 691 44.98 36.06 17.91
N THR C 692 46.22 36.06 17.44
CA THR C 692 46.96 34.82 17.32
C THR C 692 47.57 34.55 18.69
N MET C 693 47.29 33.38 19.27
CA MET C 693 47.71 33.12 20.64
C MET C 693 49.21 32.95 20.78
N SER C 694 49.75 33.43 21.89
CA SER C 694 51.17 33.30 22.18
C SER C 694 51.39 31.93 22.78
N LEU C 695 52.32 31.16 22.19
CA LEU C 695 52.67 29.86 22.74
C LEU C 695 53.33 29.98 24.11
N GLY C 696 54.27 30.90 24.26
CA GLY C 696 55.03 31.02 25.49
C GLY C 696 55.82 32.31 25.48
N ALA C 697 56.36 32.64 26.65
CA ALA C 697 57.31 33.74 26.70
C ALA C 697 58.61 33.31 26.02
N GLU C 698 59.25 34.25 25.34
CA GLU C 698 60.45 33.91 24.59
C GLU C 698 61.67 33.96 25.50
N ASN C 699 62.41 32.86 25.56
CA ASN C 699 63.62 32.77 26.37
C ASN C 699 64.75 32.22 25.50
N SER C 700 65.91 32.87 25.53
CA SER C 700 67.08 32.35 24.82
C SER C 700 68.10 31.89 25.85
N VAL C 701 68.47 30.61 25.78
CA VAL C 701 69.39 30.03 26.75
C VAL C 701 70.81 30.36 26.33
N ALA C 702 71.63 30.79 27.29
CA ALA C 702 72.99 31.23 26.98
C ALA C 702 73.94 30.03 26.91
N TYR C 703 73.81 29.25 25.84
CA TYR C 703 74.66 28.09 25.66
C TYR C 703 76.06 28.50 25.21
N SER C 704 77.07 27.88 25.82
CA SER C 704 78.46 28.10 25.45
C SER C 704 79.21 26.80 25.71
N ASN C 705 80.40 26.69 25.10
CA ASN C 705 81.17 25.46 25.23
C ASN C 705 81.62 25.19 26.67
N ASN C 706 81.94 26.23 27.44
CA ASN C 706 82.46 25.97 28.79
C ASN C 706 81.77 26.71 29.93
N SER C 707 80.46 26.97 29.86
CA SER C 707 79.75 27.61 30.96
C SER C 707 78.59 26.74 31.45
N ILE C 708 78.42 26.66 32.77
CA ILE C 708 77.34 25.90 33.37
C ILE C 708 76.61 26.82 34.34
N ALA C 709 75.33 26.51 34.59
CA ALA C 709 74.52 27.24 35.55
C ALA C 709 74.19 26.29 36.69
N ILE C 710 74.50 26.68 37.92
CA ILE C 710 74.31 25.84 39.09
C ILE C 710 73.29 26.53 39.98
N PRO C 711 72.25 25.83 40.44
CA PRO C 711 71.31 26.43 41.38
C PRO C 711 71.94 26.71 42.74
N THR C 712 71.59 27.87 43.30
CA THR C 712 72.09 28.25 44.61
C THR C 712 70.98 28.26 45.66
N ASN C 713 69.76 27.89 45.29
CA ASN C 713 68.63 27.93 46.21
C ASN C 713 67.54 27.03 45.65
N PHE C 714 66.50 26.84 46.46
CA PHE C 714 65.41 25.96 46.04
C PHE C 714 64.07 26.48 46.53
N THR C 715 63.02 26.03 45.87
CA THR C 715 61.64 26.32 46.23
C THR C 715 60.93 24.99 46.41
N ILE C 716 60.22 24.83 47.53
CA ILE C 716 59.42 23.64 47.75
C ILE C 716 58.04 23.94 47.17
N SER C 717 57.68 23.25 46.09
CA SER C 717 56.44 23.55 45.38
C SER C 717 55.45 22.43 45.58
N VAL C 718 54.23 22.78 46.00
CA VAL C 718 53.14 21.83 46.13
C VAL C 718 52.14 22.12 45.03
N THR C 719 51.79 21.10 44.25
CA THR C 719 50.89 21.27 43.12
C THR C 719 49.74 20.27 43.24
N THR C 720 48.61 20.61 42.62
CA THR C 720 47.41 19.78 42.74
C THR C 720 47.16 19.03 41.45
N GLU C 721 46.86 17.74 41.57
CA GLU C 721 46.44 16.93 40.44
C GLU C 721 45.09 16.31 40.78
N ILE C 722 44.08 16.55 39.95
CA ILE C 722 42.73 16.08 40.22
C ILE C 722 42.41 14.95 39.24
N LEU C 723 42.07 13.77 39.76
CA LEU C 723 41.76 12.64 38.91
C LEU C 723 40.40 12.04 39.25
N PRO C 724 39.51 11.89 38.27
CA PRO C 724 38.25 11.17 38.52
C PRO C 724 38.51 9.68 38.73
N VAL C 725 37.83 9.11 39.71
CA VAL C 725 37.99 7.70 40.04
C VAL C 725 36.74 6.88 39.72
N SER C 726 35.55 7.41 40.02
CA SER C 726 34.33 6.64 39.86
C SER C 726 33.22 7.52 39.32
N MET C 727 32.15 6.88 38.86
CA MET C 727 30.98 7.56 38.35
C MET C 727 29.77 7.21 39.21
N THR C 728 28.67 7.90 38.94
CA THR C 728 27.40 7.55 39.56
C THR C 728 26.98 6.16 39.07
N LYS C 729 26.52 5.32 39.99
CA LYS C 729 26.11 3.97 39.65
C LYS C 729 24.64 4.01 39.29
N THR C 730 24.29 3.62 38.07
CA THR C 730 22.92 3.74 37.60
C THR C 730 22.36 2.38 37.23
N SER C 731 21.10 2.15 37.60
CA SER C 731 20.39 0.93 37.26
C SER C 731 19.11 1.34 36.56
N VAL C 732 18.75 0.66 35.50
CA VAL C 732 17.56 0.98 34.73
C VAL C 732 16.64 -0.23 34.70
N ASP C 733 15.37 -0.02 35.03
CA ASP C 733 14.37 -1.07 34.91
C ASP C 733 13.90 -0.96 33.46
N CYS C 734 14.28 -1.94 32.64
CA CYS C 734 14.01 -1.88 31.20
C CYS C 734 12.53 -1.92 30.90
N THR C 735 11.81 -2.82 31.59
CA THR C 735 10.37 -2.99 31.37
C THR C 735 9.60 -1.75 31.79
N MET C 736 9.91 -1.20 32.98
CA MET C 736 9.19 -0.03 33.46
C MET C 736 9.49 1.19 32.60
N TYR C 737 10.75 1.36 32.19
CA TYR C 737 11.12 2.53 31.39
C TYR C 737 10.43 2.50 30.03
N ILE C 738 10.49 1.37 29.35
CA ILE C 738 9.89 1.30 28.02
C ILE C 738 8.36 1.29 28.11
N CYS C 739 7.80 0.52 29.04
CA CYS C 739 6.36 0.29 29.05
C CYS C 739 5.58 0.77 30.27
N GLY C 740 6.22 1.09 31.38
CA GLY C 740 5.49 1.45 32.59
C GLY C 740 4.59 0.34 33.11
N ASP C 741 3.33 0.68 33.35
CA ASP C 741 2.36 -0.21 33.96
C ASP C 741 1.57 -1.03 32.96
N SER C 742 1.86 -0.92 31.67
CA SER C 742 1.06 -1.57 30.63
C SER C 742 1.50 -3.02 30.45
N THR C 743 0.56 -3.95 30.69
CA THR C 743 0.83 -5.36 30.44
C THR C 743 0.99 -5.66 28.96
N GLU C 744 0.16 -5.01 28.12
CA GLU C 744 0.18 -5.27 26.68
C GLU C 744 1.52 -4.84 26.07
N CYS C 745 2.05 -3.71 26.55
CA CYS C 745 3.33 -3.23 26.09
C CYS C 745 4.44 -4.20 26.45
N SER C 746 4.40 -4.77 27.67
CA SER C 746 5.41 -5.74 28.09
C SER C 746 5.33 -6.99 27.22
N ASN C 747 4.11 -7.42 26.90
CA ASN C 747 3.92 -8.61 26.07
C ASN C 747 4.50 -8.38 24.68
N LEU C 748 4.26 -7.18 24.11
CA LEU C 748 4.86 -6.84 22.83
C LEU C 748 6.38 -6.73 22.94
N LEU C 749 6.87 -6.20 24.07
CA LEU C 749 8.30 -6.04 24.31
C LEU C 749 9.02 -7.38 24.34
N LEU C 750 8.34 -8.43 24.83
CA LEU C 750 8.97 -9.75 24.96
C LEU C 750 9.37 -10.33 23.60
N GLN C 751 8.69 -9.91 22.53
CA GLN C 751 9.00 -10.39 21.18
C GLN C 751 10.40 -10.00 20.75
N TYR C 752 10.90 -8.85 21.23
CA TYR C 752 12.23 -8.38 20.87
C TYR C 752 13.35 -9.18 21.53
N GLY C 753 13.05 -9.99 22.55
CA GLY C 753 14.09 -10.84 23.08
C GLY C 753 14.81 -10.34 24.31
N SER C 754 16.10 -10.65 24.39
CA SER C 754 16.92 -10.41 25.57
C SER C 754 17.66 -9.08 25.54
N PHE C 755 17.10 -8.05 24.89
CA PHE C 755 17.69 -6.72 24.94
C PHE C 755 17.74 -6.17 26.36
N CYS C 756 16.64 -6.38 27.11
CA CYS C 756 16.55 -5.86 28.48
C CYS C 756 17.59 -6.50 29.38
N THR C 757 17.80 -7.81 29.22
CA THR C 757 18.79 -8.53 30.02
C THR C 757 20.18 -8.02 29.71
N GLN C 758 20.46 -7.74 28.43
CA GLN C 758 21.78 -7.23 28.02
C GLN C 758 22.04 -5.86 28.64
N LEU C 759 21.03 -4.98 28.61
CA LEU C 759 21.22 -3.63 29.15
C LEU C 759 21.43 -3.70 30.66
N LYS C 760 20.65 -4.53 31.35
CA LYS C 760 20.77 -4.65 32.80
C LYS C 760 22.13 -5.22 33.17
N ARG C 761 22.60 -6.21 32.41
CA ARG C 761 23.90 -6.84 32.67
C ARG C 761 25.03 -5.84 32.48
N ALA C 762 24.94 -5.02 31.42
CA ALA C 762 25.98 -4.02 31.15
C ALA C 762 26.02 -2.97 32.26
N LEU C 763 24.83 -2.51 32.69
CA LEU C 763 24.77 -1.52 33.76
C LEU C 763 25.30 -2.09 35.07
N THR C 764 24.99 -3.36 35.34
CA THR C 764 25.48 -4.02 36.55
C THR C 764 27.00 -4.12 36.51
N GLY C 765 27.56 -4.41 35.33
CA GLY C 765 29.01 -4.47 35.19
C GLY C 765 29.66 -3.13 35.46
N ILE C 766 29.04 -2.05 34.95
CA ILE C 766 29.56 -0.71 35.20
C ILE C 766 29.47 -0.38 36.70
N ALA C 767 28.36 -0.76 37.33
CA ALA C 767 28.15 -0.46 38.75
C ALA C 767 29.16 -1.17 39.65
N VAL C 768 29.45 -2.44 39.37
CA VAL C 768 30.49 -3.15 40.13
C VAL C 768 31.86 -2.55 39.82
N GLU C 769 32.06 -2.13 38.55
CA GLU C 769 33.35 -1.58 38.11
C GLU C 769 33.69 -0.32 38.89
N GLN C 770 32.69 0.53 39.18
CA GLN C 770 32.96 1.77 39.90
C GLN C 770 33.47 1.49 41.31
N ASP C 771 32.86 0.51 41.99
CA ASP C 771 33.30 0.11 43.32
C ASP C 771 34.70 -0.47 43.26
N LYS C 772 34.98 -1.25 42.19
CA LYS C 772 36.31 -1.82 42.01
C LYS C 772 37.34 -0.71 41.82
N ASN C 773 36.96 0.35 41.09
CA ASN C 773 37.86 1.47 40.84
C ASN C 773 38.19 2.18 42.15
N THR C 774 37.17 2.37 42.99
CA THR C 774 37.39 3.02 44.29
C THR C 774 38.28 2.16 45.19
N GLN C 775 38.07 0.84 45.16
CA GLN C 775 38.90 -0.08 45.94
C GLN C 775 40.34 -0.04 45.48
N GLU C 776 40.54 -0.02 44.16
CA GLU C 776 41.89 -0.03 43.59
C GLU C 776 42.64 1.24 43.93
N VAL C 777 41.98 2.40 43.81
CA VAL C 777 42.64 3.66 44.11
C VAL C 777 42.91 3.82 45.61
N PHE C 778 41.91 3.56 46.45
CA PHE C 778 42.08 3.89 47.86
C PHE C 778 42.45 2.73 48.78
N ALA C 779 41.95 1.53 48.54
CA ALA C 779 42.19 0.41 49.46
C ALA C 779 43.49 -0.31 49.09
N GLN C 780 44.60 0.41 49.25
CA GLN C 780 45.91 -0.15 48.92
C GLN C 780 46.72 -0.50 50.15
N VAL C 781 46.20 -0.24 51.35
CA VAL C 781 46.85 -0.60 52.60
C VAL C 781 45.88 -1.45 53.41
N LYS C 782 46.36 -2.55 53.98
CA LYS C 782 45.51 -3.39 54.80
C LYS C 782 45.62 -3.05 56.27
N GLN C 783 46.46 -2.06 56.62
CA GLN C 783 46.60 -1.58 57.98
C GLN C 783 46.13 -0.12 58.00
N ILE C 784 45.26 0.21 58.96
CA ILE C 784 44.79 1.58 59.11
C ILE C 784 45.75 2.30 60.05
N TYR C 785 46.66 3.07 59.47
CA TYR C 785 47.65 3.79 60.27
C TYR C 785 47.04 5.02 60.90
N LYS C 786 47.57 5.39 62.07
CA LYS C 786 47.13 6.56 62.79
C LYS C 786 48.34 7.42 63.16
N THR C 787 48.13 8.73 63.14
CA THR C 787 49.18 9.67 63.48
C THR C 787 49.46 9.65 64.98
N PRO C 788 50.68 9.99 65.40
CA PRO C 788 50.95 10.11 66.84
C PRO C 788 50.19 11.26 67.45
N PRO C 789 49.88 11.20 68.75
CA PRO C 789 49.12 12.30 69.38
C PRO C 789 49.81 13.65 69.36
N ILE C 790 51.13 13.69 69.48
CA ILE C 790 51.87 14.96 69.41
C ILE C 790 52.21 15.20 67.94
N LYS C 791 51.58 16.20 67.34
CA LYS C 791 51.77 16.49 65.92
C LYS C 791 52.95 17.45 65.73
N TYR C 792 54.15 16.95 66.04
CA TYR C 792 55.37 17.70 65.73
C TYR C 792 56.21 16.87 64.78
N PHE C 793 56.54 17.43 63.62
CA PHE C 793 57.28 16.70 62.60
C PHE C 793 58.53 17.46 62.16
N GLY C 794 59.24 18.07 63.10
CA GLY C 794 60.41 18.84 62.76
C GLY C 794 60.10 20.16 62.08
N GLY C 795 58.96 20.76 62.41
CA GLY C 795 58.57 22.06 61.91
C GLY C 795 57.66 21.98 60.71
N PHE C 796 57.43 20.78 60.19
CA PHE C 796 56.49 20.58 59.10
C PHE C 796 55.07 20.53 59.66
N ASN C 797 54.17 21.25 59.03
CA ASN C 797 52.79 21.37 59.49
C ASN C 797 51.90 20.62 58.51
N PHE C 798 51.13 19.66 59.02
CA PHE C 798 50.23 18.86 58.21
C PHE C 798 48.77 19.01 58.60
N SER C 799 48.42 20.12 59.28
CA SER C 799 47.07 20.31 59.80
C SER C 799 46.04 20.35 58.68
N GLN C 800 46.38 20.97 57.55
CA GLN C 800 45.46 21.11 56.43
C GLN C 800 45.11 19.77 55.81
N ILE C 801 46.02 18.80 55.85
CA ILE C 801 45.78 17.51 55.22
C ILE C 801 45.43 16.40 56.22
N LEU C 802 45.75 16.56 57.50
CA LEU C 802 45.37 15.56 58.47
C LEU C 802 43.88 15.73 58.83
N PRO C 803 43.22 14.66 59.30
CA PRO C 803 41.81 14.77 59.69
C PRO C 803 41.56 15.71 60.85
N ASP C 804 40.44 16.43 60.78
CA ASP C 804 40.07 17.39 61.81
C ASP C 804 39.20 16.69 62.85
N PRO C 805 39.60 16.65 64.12
CA PRO C 805 38.73 16.07 65.15
C PRO C 805 37.40 16.79 65.34
N SER C 806 37.42 18.12 65.20
CA SER C 806 36.23 18.95 65.42
C SER C 806 35.09 18.61 64.46
N LYS C 807 35.42 18.34 63.20
CA LYS C 807 34.38 18.08 62.22
C LYS C 807 33.76 16.69 62.44
N PRO C 808 32.43 16.57 62.30
CA PRO C 808 31.80 15.24 62.38
C PRO C 808 32.23 14.28 61.29
N SER C 809 32.47 14.80 60.09
CA SER C 809 32.86 13.97 58.95
C SER C 809 34.26 13.37 59.08
N LYS C 810 35.07 13.91 60.00
CA LYS C 810 36.47 13.48 60.23
C LYS C 810 37.33 13.65 58.98
N ARG C 811 37.09 14.73 58.26
CA ARG C 811 37.83 15.03 57.04
C ARG C 811 38.81 16.17 57.30
N SER C 812 39.81 16.25 56.43
CA SER C 812 40.79 17.32 56.50
C SER C 812 40.16 18.62 56.02
N PRO C 813 40.76 19.78 56.36
CA PRO C 813 40.25 21.04 55.81
C PRO C 813 40.28 21.11 54.30
N ILE C 814 41.34 20.59 53.67
CA ILE C 814 41.39 20.52 52.21
C ILE C 814 40.31 19.60 51.69
N GLU C 815 40.11 18.44 52.33
CA GLU C 815 39.08 17.50 51.88
C GLU C 815 37.69 18.10 52.06
N ASP C 816 37.49 18.83 53.17
CA ASP C 816 36.20 19.47 53.43
C ASP C 816 35.93 20.51 52.36
N LEU C 817 36.96 21.27 51.97
CA LEU C 817 36.83 22.27 50.92
C LEU C 817 36.51 21.60 49.58
N LEU C 818 37.15 20.45 49.32
CA LEU C 818 36.93 19.72 48.07
C LEU C 818 35.49 19.22 47.99
N PHE C 819 34.98 18.70 49.10
CA PHE C 819 33.60 18.21 49.16
C PHE C 819 32.61 19.35 48.98
N ASN C 820 32.89 20.50 49.60
CA ASN C 820 32.01 21.66 49.45
C ASN C 820 31.99 22.17 48.02
N LYS C 821 33.15 22.17 47.35
CA LYS C 821 33.23 22.77 46.03
C LYS C 821 32.71 21.87 44.92
N VAL C 822 32.48 20.59 45.18
CA VAL C 822 31.92 19.66 44.20
C VAL C 822 30.48 19.34 44.62
N THR C 823 29.53 19.56 43.71
CA THR C 823 28.12 19.36 44.03
C THR C 823 27.46 18.42 43.02
N ASP C 844 12.74 19.01 41.23
CA ASP C 844 12.10 17.71 41.14
C ASP C 844 12.70 16.85 40.03
N LEU C 845 13.93 17.17 39.64
CA LEU C 845 14.62 16.37 38.62
C LEU C 845 14.86 14.95 39.11
N ILE C 846 15.33 14.81 40.36
CA ILE C 846 15.64 13.51 40.94
C ILE C 846 14.38 12.67 41.07
N CYS C 847 13.26 13.30 41.47
CA CYS C 847 12.01 12.57 41.65
C CYS C 847 11.52 12.01 40.33
N ALA C 848 11.58 12.81 39.26
CA ALA C 848 11.12 12.36 37.94
C ALA C 848 12.00 11.22 37.44
N GLN C 849 13.32 11.33 37.64
CA GLN C 849 14.25 10.29 37.21
C GLN C 849 13.95 9.00 37.94
N LYS C 850 13.69 9.09 39.25
CA LYS C 850 13.36 7.89 40.02
C LYS C 850 12.04 7.30 39.51
N PHE C 851 11.04 8.16 39.25
CA PHE C 851 9.70 7.71 38.86
C PHE C 851 9.68 7.06 37.48
N ASN C 852 10.72 7.27 36.66
CA ASN C 852 10.75 6.72 35.32
C ASN C 852 11.53 5.42 35.25
N GLY C 853 11.78 4.80 36.42
CA GLY C 853 12.42 3.51 36.52
C GLY C 853 13.93 3.53 36.49
N LEU C 854 14.55 4.69 36.63
CA LEU C 854 16.00 4.81 36.72
C LEU C 854 16.37 5.08 38.17
N THR C 855 17.27 4.27 38.73
CA THR C 855 17.62 4.37 40.13
C THR C 855 19.13 4.54 40.27
N VAL C 856 19.53 5.49 41.11
CA VAL C 856 20.93 5.69 41.44
C VAL C 856 21.27 4.79 42.62
N LEU C 857 22.39 4.07 42.52
CA LEU C 857 22.82 3.13 43.54
C LEU C 857 23.93 3.77 44.38
N PRO C 858 23.87 3.59 45.69
CA PRO C 858 24.87 4.21 46.56
C PRO C 858 26.24 3.60 46.36
N PRO C 859 27.31 4.39 46.49
CA PRO C 859 28.66 3.85 46.44
C PRO C 859 28.90 2.89 47.61
N LEU C 860 29.64 1.81 47.33
CA LEU C 860 29.92 0.83 48.37
C LEU C 860 30.76 1.43 49.49
N LEU C 861 31.77 2.23 49.14
CA LEU C 861 32.55 2.91 50.16
C LEU C 861 31.93 4.27 50.42
N THR C 862 31.61 4.54 51.68
CA THR C 862 31.08 5.86 52.02
C THR C 862 32.22 6.87 52.07
N ASP C 863 31.85 8.15 52.03
CA ASP C 863 32.83 9.23 52.00
C ASP C 863 33.72 9.23 53.23
N GLU C 864 33.14 8.93 54.40
CA GLU C 864 33.94 8.85 55.63
C GLU C 864 34.98 7.72 55.56
N MET C 865 34.60 6.56 55.02
CA MET C 865 35.56 5.46 54.85
C MET C 865 36.66 5.80 53.83
N ILE C 866 36.31 6.47 52.73
CA ILE C 866 37.34 6.90 51.77
C ILE C 866 38.28 7.90 52.43
N ALA C 867 37.73 8.79 53.25
CA ALA C 867 38.54 9.74 54.01
C ALA C 867 39.44 9.00 54.99
N GLN C 868 38.91 7.93 55.60
CA GLN C 868 39.69 7.12 56.53
C GLN C 868 40.84 6.43 55.82
N TYR C 869 40.61 5.95 54.59
CA TYR C 869 41.67 5.34 53.80
C TYR C 869 42.75 6.37 53.46
N THR C 870 42.34 7.58 53.09
CA THR C 870 43.31 8.64 52.81
C THR C 870 44.09 8.99 54.07
N SER C 871 43.41 9.00 55.22
CA SER C 871 44.06 9.28 56.50
C SER C 871 45.09 8.22 56.82
N ALA C 872 44.77 6.95 56.55
CA ALA C 872 45.71 5.87 56.79
C ALA C 872 46.92 6.00 55.90
N LEU C 873 46.71 6.36 54.63
CA LEU C 873 47.82 6.56 53.70
C LEU C 873 48.69 7.74 54.13
N LEU C 874 48.07 8.83 54.58
CA LEU C 874 48.80 10.00 55.06
C LEU C 874 49.62 9.66 56.30
N ALA C 875 49.02 8.92 57.23
CA ALA C 875 49.72 8.54 58.46
C ALA C 875 50.89 7.63 58.16
N GLY C 876 50.70 6.68 57.23
CA GLY C 876 51.79 5.81 56.85
C GLY C 876 52.92 6.56 56.17
N THR C 877 52.59 7.47 55.25
CA THR C 877 53.65 8.18 54.54
C THR C 877 54.41 9.12 55.49
N ILE C 878 53.69 9.84 56.36
CA ILE C 878 54.34 10.81 57.24
C ILE C 878 55.18 10.11 58.31
N THR C 879 54.63 9.12 59.00
CA THR C 879 55.40 8.41 60.02
C THR C 879 56.46 7.48 59.45
N SER C 880 56.18 6.77 58.36
CA SER C 880 57.06 5.72 57.88
C SER C 880 57.72 5.95 56.52
N GLY C 881 57.47 7.06 55.84
CA GLY C 881 57.99 7.25 54.49
C GLY C 881 57.44 6.24 53.50
N TRP C 882 58.33 5.61 52.74
CA TRP C 882 57.91 4.64 51.73
C TRP C 882 57.97 3.20 52.21
N THR C 883 58.37 2.98 53.47
CA THR C 883 58.54 1.62 53.98
C THR C 883 57.20 0.87 54.06
N PHE C 884 56.13 1.57 54.46
CA PHE C 884 54.83 0.91 54.65
C PHE C 884 54.28 0.38 53.33
N GLY C 885 54.54 1.10 52.23
CA GLY C 885 54.12 0.62 50.92
C GLY C 885 54.79 -0.69 50.52
N ALA C 886 56.07 -0.84 50.83
CA ALA C 886 56.83 -2.00 50.39
C ALA C 886 56.88 -3.14 51.41
N GLY C 887 56.20 -3.00 52.54
CA GLY C 887 56.31 -3.98 53.60
C GLY C 887 55.75 -3.46 54.91
N PRO C 888 56.27 -3.97 56.03
CA PRO C 888 55.86 -3.44 57.34
C PRO C 888 56.26 -1.99 57.49
N ALA C 889 55.45 -1.24 58.23
CA ALA C 889 55.72 0.19 58.41
C ALA C 889 56.86 0.34 59.40
N LEU C 890 57.94 0.99 58.97
CA LEU C 890 59.10 1.21 59.81
C LEU C 890 59.14 2.70 60.13
N GLN C 891 59.14 3.03 61.41
CA GLN C 891 59.10 4.44 61.78
C GLN C 891 60.43 5.11 61.45
N ILE C 892 60.34 6.35 60.97
CA ILE C 892 61.50 7.17 60.72
C ILE C 892 61.14 8.61 61.03
N PRO C 893 62.08 9.38 61.58
CA PRO C 893 61.82 10.81 61.80
C PRO C 893 61.59 11.52 60.48
N PHE C 894 60.67 12.48 60.49
CA PHE C 894 60.31 13.15 59.24
C PHE C 894 61.47 13.94 58.63
N PRO C 895 62.33 14.67 59.38
CA PRO C 895 63.49 15.27 58.73
C PRO C 895 64.42 14.24 58.08
N MET C 896 64.65 13.09 58.73
CA MET C 896 65.47 12.06 58.12
C MET C 896 64.81 11.50 56.86
N GLN C 897 63.49 11.35 56.88
CA GLN C 897 62.76 10.90 55.70
C GLN C 897 62.90 11.90 54.56
N MET C 898 62.80 13.20 54.89
CA MET C 898 62.95 14.25 53.89
C MET C 898 64.37 14.27 53.34
N ALA C 899 65.36 13.99 54.21
CA ALA C 899 66.75 13.88 53.78
C ALA C 899 66.93 12.71 52.81
N TYR C 900 66.25 11.59 53.07
CA TYR C 900 66.29 10.44 52.16
C TYR C 900 65.70 10.83 50.81
N ARG C 901 64.59 11.58 50.83
CA ARG C 901 63.96 12.04 49.60
C ARG C 901 64.87 13.00 48.86
N PHE C 902 65.59 13.85 49.60
CA PHE C 902 66.55 14.76 48.99
C PHE C 902 67.68 13.99 48.33
N ASN C 903 68.12 12.89 48.97
CA ASN C 903 69.13 12.03 48.36
C ASN C 903 68.59 11.39 47.09
N GLY C 904 67.29 11.08 47.07
CA GLY C 904 66.69 10.45 45.91
C GLY C 904 66.79 11.31 44.66
N ILE C 905 66.66 12.62 44.82
CA ILE C 905 66.68 13.54 43.69
C ILE C 905 68.09 14.09 43.47
N GLY C 906 69.08 13.52 44.14
CA GLY C 906 70.46 13.91 43.91
C GLY C 906 71.01 15.05 44.72
N VAL C 907 70.36 15.43 45.82
CA VAL C 907 70.86 16.48 46.71
C VAL C 907 71.30 15.84 48.02
N THR C 908 72.43 16.29 48.56
CA THR C 908 73.01 15.68 49.75
C THR C 908 72.16 15.98 50.99
N GLN C 909 72.33 15.13 52.02
CA GLN C 909 71.57 15.24 53.27
C GLN C 909 71.83 16.56 53.99
N ASN C 910 73.07 17.06 53.91
CA ASN C 910 73.46 18.27 54.65
C ASN C 910 72.63 19.47 54.22
N VAL C 911 72.27 19.53 52.94
CA VAL C 911 71.50 20.65 52.41
C VAL C 911 70.13 20.70 53.07
N LEU C 912 69.49 19.53 53.24
CA LEU C 912 68.23 19.46 53.97
C LEU C 912 68.40 19.80 55.44
N TYR C 913 69.42 19.25 56.10
CA TYR C 913 69.56 19.45 57.55
C TYR C 913 69.90 20.91 57.90
N GLU C 914 70.79 21.53 57.14
CA GLU C 914 71.18 22.91 57.38
C GLU C 914 70.03 23.87 57.16
N ASN C 915 69.20 23.61 56.15
CA ASN C 915 68.12 24.49 55.75
C ASN C 915 66.74 23.96 56.16
N GLN C 916 66.68 23.20 57.26
CA GLN C 916 65.44 22.54 57.69
C GLN C 916 64.33 23.53 57.99
N LYS C 917 64.64 24.62 58.68
CA LYS C 917 63.62 25.61 59.04
C LYS C 917 63.06 26.29 57.79
N LEU C 918 63.94 26.65 56.85
CA LEU C 918 63.52 27.28 55.61
C LEU C 918 62.63 26.35 54.79
N ILE C 919 63.01 25.08 54.70
CA ILE C 919 62.26 24.09 53.94
C ILE C 919 60.88 23.87 54.57
N ALA C 920 60.84 23.81 55.90
CA ALA C 920 59.56 23.63 56.60
C ALA C 920 58.65 24.84 56.37
N ASN C 921 59.23 26.05 56.42
CA ASN C 921 58.44 27.26 56.19
C ASN C 921 57.91 27.30 54.76
N GLN C 922 58.75 26.91 53.80
CA GLN C 922 58.35 26.90 52.39
C GLN C 922 57.23 25.89 52.16
N PHE C 923 57.34 24.71 52.78
CA PHE C 923 56.32 23.67 52.63
C PHE C 923 54.99 24.13 53.22
N ASN C 924 55.04 24.75 54.41
CA ASN C 924 53.81 25.23 55.05
C ASN C 924 53.16 26.33 54.21
N SER C 925 53.99 27.23 53.65
CA SER C 925 53.48 28.32 52.83
C SER C 925 52.83 27.75 51.57
N ALA C 926 53.46 26.73 50.97
CA ALA C 926 52.94 26.12 49.76
C ALA C 926 51.60 25.45 50.02
N ILE C 927 51.47 24.77 51.17
CA ILE C 927 50.22 24.10 51.52
C ILE C 927 49.11 25.13 51.73
N GLY C 928 49.44 26.25 52.39
CA GLY C 928 48.48 27.32 52.57
C GLY C 928 48.05 27.93 51.24
N LYS C 929 49.01 28.11 50.33
CA LYS C 929 48.72 28.66 49.01
C LYS C 929 47.80 27.72 48.24
N ILE C 930 48.01 26.41 48.39
CA ILE C 930 47.19 25.41 47.71
C ILE C 930 45.76 25.49 48.19
N GLN C 931 45.58 25.63 49.51
CA GLN C 931 44.23 25.75 50.07
C GLN C 931 43.54 27.02 49.58
N ASP C 932 44.29 28.14 49.57
CA ASP C 932 43.73 29.41 49.10
C ASP C 932 43.37 29.33 47.62
N SER C 933 44.23 28.70 46.82
CA SER C 933 44.03 28.58 45.39
C SER C 933 42.78 27.75 45.08
N LEU C 934 42.61 26.64 45.80
CA LEU C 934 41.41 25.83 45.61
C LEU C 934 40.15 26.58 46.03
N SER C 935 40.23 27.29 47.17
CA SER C 935 39.07 28.02 47.67
C SER C 935 38.67 29.17 46.75
N SER C 936 39.64 29.84 46.13
CA SER C 936 39.38 31.03 45.33
C SER C 936 39.13 30.75 43.85
N THR C 937 39.25 29.51 43.38
CA THR C 937 39.07 29.26 41.95
C THR C 937 37.89 28.35 41.72
N PRO C 938 36.88 28.78 40.94
CA PRO C 938 35.74 27.90 40.63
C PRO C 938 36.09 26.70 39.76
N SER C 939 37.01 26.87 38.81
CA SER C 939 37.29 25.85 37.80
C SER C 939 38.40 24.89 38.20
N ALA C 940 38.88 24.96 39.45
CA ALA C 940 39.90 24.02 39.91
C ALA C 940 39.38 22.59 39.90
N LEU C 941 38.13 22.39 40.31
CA LEU C 941 37.54 21.07 40.47
C LEU C 941 36.61 20.75 39.31
N GLY C 942 36.90 21.33 38.14
CA GLY C 942 36.04 21.18 36.98
C GLY C 942 35.86 19.76 36.47
N LYS C 943 36.94 18.95 36.53
CA LYS C 943 36.90 17.60 35.96
C LYS C 943 35.90 16.69 36.66
N LEU C 944 35.89 16.69 38.00
CA LEU C 944 34.97 15.84 38.76
C LEU C 944 33.54 16.26 38.56
N GLN C 945 33.31 17.58 38.57
CA GLN C 945 31.98 18.13 38.39
C GLN C 945 31.48 17.79 37.00
N ASP C 946 32.40 17.80 36.02
CA ASP C 946 32.04 17.50 34.63
C ASP C 946 31.50 16.09 34.53
N VAL C 947 32.15 15.15 35.24
CA VAL C 947 31.72 13.77 35.22
C VAL C 947 30.34 13.64 35.82
N VAL C 948 30.11 14.36 36.94
CA VAL C 948 28.81 14.36 37.60
C VAL C 948 27.76 14.95 36.68
N ASN C 949 28.15 16.02 35.98
CA ASN C 949 27.24 16.71 35.06
C ASN C 949 26.83 15.78 33.93
N HIS C 950 27.79 15.01 33.41
CA HIS C 950 27.50 14.13 32.28
C HIS C 950 26.50 13.07 32.68
N ASN C 951 26.68 12.51 33.90
CA ASN C 951 25.80 11.45 34.34
C ASN C 951 24.38 11.97 34.50
N ALA C 952 24.25 13.16 35.10
CA ALA C 952 22.94 13.75 35.31
C ALA C 952 22.32 14.11 33.97
N GLN C 953 23.14 14.65 33.07
CA GLN C 953 22.67 15.06 31.76
C GLN C 953 22.19 13.85 30.97
N ALA C 954 22.93 12.73 31.09
CA ALA C 954 22.55 11.52 30.36
C ALA C 954 21.20 11.01 30.86
N LEU C 955 21.01 11.03 32.18
CA LEU C 955 19.75 10.58 32.75
C LEU C 955 18.62 11.51 32.32
N ASN C 956 18.90 12.82 32.29
CA ASN C 956 17.88 13.79 31.90
C ASN C 956 17.48 13.57 30.46
N THR C 957 18.47 13.29 29.59
CA THR C 957 18.17 13.05 28.18
C THR C 957 17.33 11.81 28.04
N LEU C 958 17.65 10.76 28.80
CA LEU C 958 16.92 9.51 28.73
C LEU C 958 15.49 9.72 29.21
N VAL C 959 15.34 10.52 30.27
CA VAL C 959 14.03 10.89 30.80
C VAL C 959 13.28 11.71 29.76
N LYS C 960 14.01 12.60 29.08
CA LYS C 960 13.41 13.47 28.07
C LYS C 960 12.85 12.64 26.93
N GLN C 961 13.54 11.51 26.63
CA GLN C 961 13.13 10.66 25.51
C GLN C 961 11.74 10.05 25.73
N LEU C 962 11.26 9.98 26.99
CA LEU C 962 9.91 9.48 27.21
C LEU C 962 8.84 10.40 26.62
N SER C 963 9.16 11.67 26.37
CA SER C 963 8.17 12.61 25.87
C SER C 963 8.15 12.67 24.35
N SER C 964 8.80 11.72 23.69
CA SER C 964 8.91 11.67 22.23
C SER C 964 7.89 10.70 21.65
N LYS C 965 7.12 11.18 20.66
CA LYS C 965 6.09 10.37 20.01
C LYS C 965 6.70 9.19 19.26
N PHE C 966 7.88 9.40 18.65
CA PHE C 966 8.59 8.40 17.83
C PHE C 966 7.77 7.96 16.63
N GLY C 967 7.04 8.90 16.03
CA GLY C 967 6.23 8.58 14.86
C GLY C 967 4.88 7.97 15.17
N ALA C 968 4.44 8.01 16.42
CA ALA C 968 3.16 7.50 16.85
C ALA C 968 2.22 8.65 17.12
N ILE C 969 0.93 8.32 17.25
CA ILE C 969 -0.11 9.32 17.49
C ILE C 969 0.12 10.05 18.81
N SER C 970 0.57 9.34 19.85
CA SER C 970 0.76 9.95 21.16
C SER C 970 2.00 9.34 21.80
N SER C 971 2.58 10.07 22.75
CA SER C 971 3.73 9.58 23.50
C SER C 971 3.31 8.89 24.79
N VAL C 972 2.03 8.86 25.10
CA VAL C 972 1.52 8.27 26.33
C VAL C 972 0.89 6.92 25.98
N LEU C 973 1.37 5.86 26.63
CA LEU C 973 0.85 4.52 26.36
C LEU C 973 -0.61 4.38 26.78
N ASN C 974 -0.96 5.00 27.92
CA ASN C 974 -2.33 4.91 28.44
C ASN C 974 -3.33 5.51 27.47
N ASP C 975 -2.97 6.63 26.84
CA ASP C 975 -3.84 7.24 25.83
C ASP C 975 -4.01 6.32 24.63
N ILE C 976 -2.93 5.67 24.20
CA ILE C 976 -2.97 4.75 23.06
C ILE C 976 -3.88 3.56 23.36
N LEU C 977 -3.78 2.99 24.57
CA LEU C 977 -4.66 1.91 24.96
C LEU C 977 -6.11 2.38 25.07
N SER C 978 -6.33 3.56 25.66
CA SER C 978 -7.66 4.09 25.87
C SER C 978 -8.35 4.50 24.56
N ARG C 979 -7.58 4.78 23.51
CA ARG C 979 -8.16 5.29 22.28
C ARG C 979 -8.22 4.32 21.12
N LEU C 980 -7.48 3.23 21.12
CA LEU C 980 -7.44 2.38 19.94
C LEU C 980 -7.70 0.91 20.26
N ASP C 981 -8.16 0.21 19.22
CA ASP C 981 -8.35 -1.23 19.30
C ASP C 981 -6.99 -1.90 19.27
N PRO C 982 -6.87 -3.15 19.75
CA PRO C 982 -5.54 -3.83 19.83
C PRO C 982 -4.80 -4.00 18.50
N PRO C 983 -5.45 -4.26 17.34
CA PRO C 983 -4.64 -4.34 16.09
C PRO C 983 -3.86 -3.09 15.72
N GLU C 984 -4.43 -1.89 15.88
CA GLU C 984 -3.66 -0.67 15.64
C GLU C 984 -2.92 -0.17 16.87
N ALA C 985 -3.45 -0.45 18.08
CA ALA C 985 -2.73 -0.08 19.30
C ALA C 985 -1.40 -0.80 19.37
N GLU C 986 -1.37 -2.06 18.90
CA GLU C 986 -0.14 -2.83 18.90
C GLU C 986 0.92 -2.15 18.03
N VAL C 987 0.49 -1.62 16.88
CA VAL C 987 1.41 -0.89 15.98
C VAL C 987 1.94 0.36 16.66
N GLN C 988 1.06 1.12 17.33
CA GLN C 988 1.48 2.36 17.99
C GLN C 988 2.44 2.06 19.15
N ILE C 989 2.12 1.02 19.93
CA ILE C 989 2.97 0.62 21.05
C ILE C 989 4.31 0.15 20.52
N ASP C 990 4.31 -0.53 19.36
CA ASP C 990 5.54 -0.99 18.72
C ASP C 990 6.43 0.17 18.36
N ARG C 991 5.84 1.25 17.83
CA ARG C 991 6.61 2.45 17.46
C ARG C 991 7.23 3.06 18.70
N LEU C 992 6.45 3.15 19.78
CA LEU C 992 6.98 3.69 21.03
C LEU C 992 8.08 2.80 21.60
N ILE C 993 7.90 1.48 21.52
CA ILE C 993 8.86 0.53 22.08
C ILE C 993 10.18 0.62 21.32
N THR C 994 10.12 0.69 19.98
CA THR C 994 11.36 0.75 19.21
C THR C 994 12.11 2.05 19.48
N GLY C 995 11.39 3.18 19.57
CA GLY C 995 12.06 4.45 19.86
C GLY C 995 12.69 4.47 21.24
N ARG C 996 11.95 4.02 22.26
CA ARG C 996 12.45 4.00 23.62
C ARG C 996 13.61 3.02 23.78
N LEU C 997 13.51 1.85 23.13
CA LEU C 997 14.57 0.86 23.19
C LEU C 997 15.85 1.39 22.55
N GLN C 998 15.70 2.11 21.43
CA GLN C 998 16.86 2.71 20.77
C GLN C 998 17.51 3.75 21.68
N SER C 999 16.68 4.53 22.38
CA SER C 999 17.19 5.55 23.30
C SER C 999 17.95 4.90 24.45
N LEU C 1000 17.39 3.82 24.99
CA LEU C 1000 18.02 3.13 26.12
C LEU C 1000 19.34 2.48 25.70
N GLN C 1001 19.38 1.89 24.49
CA GLN C 1001 20.61 1.30 24.00
C GLN C 1001 21.68 2.36 23.78
N THR C 1002 21.27 3.53 23.27
CA THR C 1002 22.20 4.62 23.05
C THR C 1002 22.80 5.08 24.38
N TYR C 1003 21.94 5.18 25.41
CA TYR C 1003 22.37 5.59 26.74
C TYR C 1003 23.35 4.60 27.33
N VAL C 1004 23.07 3.31 27.18
CA VAL C 1004 23.95 2.27 27.70
C VAL C 1004 25.30 2.30 26.97
N THR C 1005 25.29 2.53 25.65
CA THR C 1005 26.53 2.59 24.89
C THR C 1005 27.41 3.76 25.35
N GLN C 1006 26.81 4.94 25.56
CA GLN C 1006 27.59 6.07 26.07
C GLN C 1006 28.09 5.78 27.48
N GLN C 1007 27.26 5.10 28.30
CA GLN C 1007 27.66 4.78 29.66
C GLN C 1007 28.87 3.87 29.66
N LEU C 1008 28.88 2.88 28.75
CA LEU C 1008 30.00 1.95 28.64
C LEU C 1008 31.27 2.67 28.21
N ILE C 1009 31.17 3.58 27.24
CA ILE C 1009 32.35 4.34 26.79
C ILE C 1009 32.89 5.20 27.93
N ARG C 1010 31.98 5.88 28.66
CA ARG C 1010 32.38 6.69 29.79
C ARG C 1010 32.99 5.82 30.89
N ALA C 1011 32.44 4.62 31.08
CA ALA C 1011 32.95 3.70 32.09
C ALA C 1011 34.37 3.30 31.76
N ALA C 1012 34.65 3.07 30.47
CA ALA C 1012 36.00 2.74 30.04
C ALA C 1012 36.95 3.91 30.32
N GLU C 1013 36.49 5.13 30.05
CA GLU C 1013 37.33 6.31 30.28
C GLU C 1013 37.61 6.50 31.76
N ILE C 1014 36.59 6.34 32.60
CA ILE C 1014 36.74 6.47 34.05
C ILE C 1014 37.62 5.35 34.58
N ARG C 1015 37.51 4.14 34.02
CA ARG C 1015 38.35 3.02 34.44
C ARG C 1015 39.81 3.31 34.13
N ALA C 1016 40.08 3.91 32.96
CA ALA C 1016 41.45 4.28 32.60
C ALA C 1016 41.98 5.36 33.56
N SER C 1017 41.12 6.33 33.89
CA SER C 1017 41.51 7.39 34.82
C SER C 1017 41.78 6.83 36.22
N ALA C 1018 40.94 5.88 36.64
CA ALA C 1018 41.11 5.23 37.94
C ALA C 1018 42.40 4.41 37.97
N ASN C 1019 42.72 3.73 36.87
CA ASN C 1019 43.97 2.96 36.79
C ASN C 1019 45.15 3.90 36.89
N LEU C 1020 45.07 5.06 36.23
CA LEU C 1020 46.12 6.06 36.34
C LEU C 1020 46.23 6.58 37.76
N ALA C 1021 45.09 6.81 38.42
CA ALA C 1021 45.08 7.31 39.80
C ALA C 1021 45.68 6.29 40.75
N ALA C 1022 45.38 5.01 40.53
CA ALA C 1022 45.97 3.94 41.35
C ALA C 1022 47.48 3.87 41.15
N THR C 1023 47.92 4.05 39.90
CA THR C 1023 49.35 4.06 39.60
C THR C 1023 50.04 5.24 40.27
N LYS C 1024 49.40 6.40 40.27
CA LYS C 1024 49.94 7.58 40.97
C LYS C 1024 49.98 7.34 42.46
N MET C 1025 48.94 6.71 43.02
CA MET C 1025 48.91 6.44 44.45
C MET C 1025 50.03 5.50 44.86
N SER C 1026 50.25 4.45 44.06
CA SER C 1026 51.35 3.53 44.33
C SER C 1026 52.71 4.20 44.16
N GLU C 1027 52.90 4.96 43.09
CA GLU C 1027 54.23 5.49 42.78
C GLU C 1027 54.54 6.85 43.37
N CYS C 1028 53.55 7.72 43.58
CA CYS C 1028 53.85 9.05 44.11
C CYS C 1028 53.66 9.12 45.62
N VAL C 1029 52.63 8.47 46.15
CA VAL C 1029 52.34 8.54 47.58
C VAL C 1029 53.10 7.48 48.36
N LEU C 1030 53.17 6.25 47.84
CA LEU C 1030 53.77 5.15 48.57
C LEU C 1030 55.25 5.01 48.28
N GLY C 1031 55.79 5.86 47.42
CA GLY C 1031 57.17 5.79 47.00
C GLY C 1031 57.59 7.13 46.45
N GLN C 1032 58.88 7.28 46.22
CA GLN C 1032 59.40 8.45 45.54
C GLN C 1032 59.66 8.06 44.09
N SER C 1033 59.16 8.87 43.17
CA SER C 1033 59.19 8.55 41.75
C SER C 1033 60.24 9.35 41.02
N LYS C 1034 61.02 8.69 40.18
CA LYS C 1034 62.01 9.36 39.36
C LYS C 1034 61.46 9.71 37.98
N ARG C 1035 60.22 9.32 37.70
CA ARG C 1035 59.59 9.66 36.43
C ARG C 1035 59.34 11.16 36.36
N VAL C 1036 59.63 11.77 35.23
CA VAL C 1036 59.54 13.23 35.10
C VAL C 1036 58.10 13.59 34.77
N ASP C 1037 57.51 14.48 35.58
CA ASP C 1037 56.18 15.10 35.45
C ASP C 1037 55.06 14.14 35.84
N PHE C 1038 55.38 12.92 36.23
CA PHE C 1038 54.38 11.98 36.70
C PHE C 1038 53.79 12.42 38.03
N CYS C 1039 54.61 12.98 38.92
CA CYS C 1039 54.17 13.34 40.26
C CYS C 1039 54.49 14.81 40.53
N GLY C 1040 53.89 15.68 39.74
CA GLY C 1040 54.11 17.11 39.84
C GLY C 1040 55.22 17.62 38.94
N LYS C 1041 55.25 18.94 38.80
CA LYS C 1041 56.29 19.60 38.02
C LYS C 1041 57.51 19.82 38.92
N GLY C 1042 58.69 19.49 38.41
CA GLY C 1042 59.89 19.58 39.21
C GLY C 1042 60.30 18.21 39.72
N TYR C 1043 61.37 18.18 40.50
CA TYR C 1043 61.90 16.91 40.98
C TYR C 1043 61.01 16.46 42.13
N HIS C 1044 60.41 15.28 42.00
CA HIS C 1044 59.41 14.85 42.95
C HIS C 1044 60.01 14.41 44.28
N LEU C 1045 59.44 14.91 45.37
CA LEU C 1045 59.85 14.51 46.71
C LEU C 1045 58.84 13.56 47.33
N MET C 1046 57.57 13.98 47.44
CA MET C 1046 56.56 13.13 48.05
C MET C 1046 55.19 13.61 47.63
N SER C 1047 54.16 12.81 47.91
CA SER C 1047 52.81 13.17 47.52
C SER C 1047 51.83 12.84 48.64
N PHE C 1048 50.73 13.58 48.68
CA PHE C 1048 49.71 13.39 49.69
C PHE C 1048 48.36 13.15 49.03
N PRO C 1049 47.65 12.08 49.38
CA PRO C 1049 46.31 11.85 48.82
C PRO C 1049 45.20 12.53 49.60
N GLN C 1050 44.26 13.13 48.88
CA GLN C 1050 43.08 13.72 49.49
C GLN C 1050 41.84 13.19 48.77
N SER C 1051 40.85 12.74 49.54
CA SER C 1051 39.61 12.26 48.96
C SER C 1051 38.81 13.43 48.41
N ALA C 1052 38.13 13.20 47.30
CA ALA C 1052 37.23 14.18 46.70
C ALA C 1052 36.03 13.41 46.17
N PRO C 1053 34.88 14.06 46.01
CA PRO C 1053 33.72 13.34 45.48
C PRO C 1053 34.01 12.82 44.09
N HIS C 1054 33.85 11.50 43.93
CA HIS C 1054 34.13 10.75 42.70
C HIS C 1054 35.59 10.92 42.26
N GLY C 1055 36.52 11.18 43.19
CA GLY C 1055 37.85 11.53 42.73
C GLY C 1055 38.91 11.52 43.81
N VAL C 1056 40.14 11.66 43.36
CA VAL C 1056 41.27 11.82 44.26
C VAL C 1056 42.05 13.07 43.84
N VAL C 1057 42.54 13.81 44.83
CA VAL C 1057 43.39 14.97 44.58
C VAL C 1057 44.75 14.68 45.18
N PHE C 1058 45.79 14.78 44.37
CA PHE C 1058 47.14 14.52 44.81
C PHE C 1058 47.85 15.84 45.04
N LEU C 1059 48.41 16.03 46.23
CA LEU C 1059 49.23 17.19 46.51
C LEU C 1059 50.66 16.74 46.32
N HIS C 1060 51.29 17.21 45.24
CA HIS C 1060 52.64 16.78 44.91
C HIS C 1060 53.63 17.78 45.49
N VAL C 1061 54.50 17.32 46.37
CA VAL C 1061 55.56 18.13 46.94
C VAL C 1061 56.80 17.84 46.13
N THR C 1062 57.33 18.87 45.48
CA THR C 1062 58.44 18.78 44.55
C THR C 1062 59.49 19.82 44.90
N TYR C 1063 60.71 19.56 44.44
CA TYR C 1063 61.85 20.44 44.65
C TYR C 1063 62.11 21.17 43.35
N VAL C 1064 62.07 22.50 43.38
CA VAL C 1064 62.31 23.30 42.18
C VAL C 1064 63.61 24.09 42.40
N PRO C 1065 64.60 23.95 41.52
CA PRO C 1065 65.81 24.78 41.65
C PRO C 1065 65.53 26.24 41.40
N ALA C 1066 66.27 27.11 42.10
CA ALA C 1066 66.09 28.54 41.94
C ALA C 1066 67.41 29.26 42.21
N GLN C 1067 67.47 30.53 41.79
CA GLN C 1067 68.61 31.42 41.98
C GLN C 1067 69.90 30.86 41.38
N GLU C 1068 69.80 30.37 40.14
CA GLU C 1068 70.95 29.80 39.44
C GLU C 1068 72.00 30.87 39.16
N LYS C 1069 73.27 30.43 39.17
CA LYS C 1069 74.40 31.31 38.94
C LYS C 1069 75.33 30.70 37.90
N ASN C 1070 75.89 31.54 37.03
CA ASN C 1070 76.83 31.10 36.01
C ASN C 1070 78.18 30.76 36.62
N PHE C 1071 78.83 29.73 36.06
CA PHE C 1071 80.18 29.35 36.43
C PHE C 1071 80.88 28.84 35.19
N THR C 1072 82.22 28.90 35.18
CA THR C 1072 82.98 28.34 34.08
C THR C 1072 83.23 26.86 34.38
N THR C 1073 82.95 25.99 33.42
CA THR C 1073 83.04 24.56 33.70
C THR C 1073 84.05 23.86 32.80
N ALA C 1074 84.58 22.76 33.29
CA ALA C 1074 85.51 21.91 32.56
C ALA C 1074 85.12 20.45 32.72
N PRO C 1075 85.35 19.62 31.69
CA PRO C 1075 85.11 18.18 31.85
C PRO C 1075 86.03 17.49 32.85
N ALA C 1076 87.32 17.83 32.87
CA ALA C 1076 88.27 17.16 33.75
C ALA C 1076 89.34 18.14 34.20
N ILE C 1077 90.06 17.76 35.25
CA ILE C 1077 91.18 18.55 35.77
C ILE C 1077 92.47 17.78 35.53
N CYS C 1078 93.46 18.44 34.94
CA CYS C 1078 94.74 17.80 34.67
C CYS C 1078 95.70 18.12 35.81
N HIS C 1079 96.11 17.08 36.53
CA HIS C 1079 97.10 17.22 37.59
C HIS C 1079 98.11 16.10 37.46
N ASP C 1080 99.40 16.44 37.46
CA ASP C 1080 100.53 15.49 37.42
C ASP C 1080 100.43 14.56 36.21
N GLY C 1081 99.93 15.10 35.10
CA GLY C 1081 99.85 14.34 33.88
C GLY C 1081 98.71 13.34 33.88
N LYS C 1082 97.77 13.48 34.82
CA LYS C 1082 96.63 12.58 34.96
C LYS C 1082 95.34 13.38 34.92
N ALA C 1083 94.30 12.77 34.37
CA ALA C 1083 92.99 13.40 34.26
C ALA C 1083 92.13 12.99 35.45
N HIS C 1084 91.57 13.98 36.14
CA HIS C 1084 90.71 13.76 37.30
C HIS C 1084 89.28 14.12 36.90
N PHE C 1085 88.35 13.23 37.22
CA PHE C 1085 86.95 13.41 36.92
C PHE C 1085 86.14 13.40 38.21
N PRO C 1086 85.04 14.14 38.28
CA PRO C 1086 84.26 14.18 39.51
C PRO C 1086 83.56 12.85 39.76
N ARG C 1087 83.61 12.38 41.01
CA ARG C 1087 82.88 11.16 41.35
C ARG C 1087 81.38 11.36 41.25
N GLU C 1088 80.88 12.46 41.83
CA GLU C 1088 79.45 12.70 41.88
C GLU C 1088 79.04 14.10 41.44
N GLY C 1089 79.99 15.00 41.23
CA GLY C 1089 79.63 16.39 40.99
C GLY C 1089 80.07 16.92 39.65
N VAL C 1090 80.30 18.23 39.59
CA VAL C 1090 80.76 18.91 38.40
C VAL C 1090 81.80 19.94 38.81
N PHE C 1091 82.79 20.17 37.95
CA PHE C 1091 83.83 21.16 38.21
C PHE C 1091 83.29 22.53 37.81
N VAL C 1092 83.44 23.51 38.70
CA VAL C 1092 82.99 24.87 38.45
C VAL C 1092 84.11 25.83 38.81
N SER C 1093 84.12 26.98 38.16
CA SER C 1093 85.07 28.04 38.44
C SER C 1093 84.32 29.35 38.59
N ASN C 1094 84.66 30.10 39.63
CA ASN C 1094 84.07 31.41 39.88
C ASN C 1094 84.84 32.52 39.21
N GLY C 1095 85.92 32.19 38.51
CA GLY C 1095 86.72 33.15 37.77
C GLY C 1095 88.19 32.88 37.96
N THR C 1096 88.61 32.56 39.18
CA THR C 1096 90.01 32.32 39.47
C THR C 1096 90.29 30.96 40.08
N HIS C 1097 89.35 30.38 40.81
CA HIS C 1097 89.57 29.13 41.53
C HIS C 1097 88.62 28.05 41.04
N TRP C 1098 89.08 26.81 41.05
CA TRP C 1098 88.27 25.67 40.63
C TRP C 1098 87.78 24.90 41.84
N PHE C 1099 86.52 24.49 41.82
CA PHE C 1099 85.91 23.71 42.88
C PHE C 1099 85.05 22.62 42.26
N VAL C 1100 84.67 21.62 43.06
CA VAL C 1100 83.74 20.60 42.62
C VAL C 1100 82.47 20.71 43.47
N THR C 1101 81.32 20.72 42.83
CA THR C 1101 80.06 20.88 43.55
C THR C 1101 79.02 19.89 43.03
N GLN C 1102 78.01 19.63 43.87
CA GLN C 1102 76.91 18.77 43.45
C GLN C 1102 76.10 19.49 42.37
N ARG C 1103 75.55 18.70 41.44
CA ARG C 1103 74.88 19.26 40.26
C ARG C 1103 73.64 20.09 40.59
N ASN C 1104 72.82 19.67 41.55
CA ASN C 1104 71.54 20.35 41.76
C ASN C 1104 71.56 21.42 42.84
N PHE C 1105 72.68 21.63 43.53
CA PHE C 1105 72.78 22.71 44.51
C PHE C 1105 74.20 23.23 44.50
N TYR C 1106 74.41 24.51 44.74
CA TYR C 1106 75.76 25.05 44.68
C TYR C 1106 76.39 24.91 46.06
N GLU C 1107 77.36 24.01 46.16
CA GLU C 1107 78.12 23.82 47.39
C GLU C 1107 79.57 23.58 47.00
N PRO C 1108 80.36 24.63 46.81
CA PRO C 1108 81.73 24.45 46.32
C PRO C 1108 82.62 23.78 47.36
N GLN C 1109 83.41 22.81 46.89
CA GLN C 1109 84.37 22.11 47.73
C GLN C 1109 85.70 22.03 47.02
N ILE C 1110 86.78 21.92 47.81
CA ILE C 1110 88.12 21.85 47.25
C ILE C 1110 88.27 20.54 46.47
N ILE C 1111 88.98 20.60 45.34
CA ILE C 1111 89.13 19.42 44.49
C ILE C 1111 90.20 18.55 45.12
N THR C 1112 89.84 17.31 45.46
CA THR C 1112 90.71 16.39 46.17
C THR C 1112 90.66 15.01 45.51
N THR C 1113 91.59 14.15 45.93
CA THR C 1113 91.57 12.77 45.48
C THR C 1113 90.33 12.03 45.97
N ASP C 1114 89.77 12.46 47.11
CA ASP C 1114 88.61 11.79 47.69
C ASP C 1114 87.37 11.90 46.79
N ASN C 1115 87.15 13.05 46.17
CA ASN C 1115 85.94 13.26 45.38
C ASN C 1115 86.20 13.21 43.88
N THR C 1116 87.40 12.84 43.45
CA THR C 1116 87.70 12.68 42.03
C THR C 1116 88.35 11.32 41.80
N PHE C 1117 88.23 10.83 40.56
CA PHE C 1117 88.86 9.57 40.19
C PHE C 1117 89.71 9.82 38.95
N VAL C 1118 90.80 9.06 38.84
CA VAL C 1118 91.77 9.24 37.77
C VAL C 1118 91.55 8.17 36.70
N SER C 1119 91.32 8.59 35.47
CA SER C 1119 91.30 7.68 34.33
C SER C 1119 92.11 8.28 33.18
N GLY C 1120 93.29 7.72 32.90
CA GLY C 1120 94.05 8.14 31.74
C GLY C 1120 94.85 9.42 31.92
N ASN C 1121 95.54 9.78 30.84
CA ASN C 1121 96.26 11.04 30.75
C ASN C 1121 95.34 12.18 30.32
N CYS C 1122 95.83 13.40 30.53
CA CYS C 1122 95.09 14.62 30.21
C CYS C 1122 94.81 14.77 28.72
N ASP C 1123 95.76 14.36 27.86
CA ASP C 1123 95.72 14.69 26.43
C ASP C 1123 94.47 14.20 25.71
N VAL C 1124 93.99 13.01 26.05
CA VAL C 1124 92.84 12.42 25.35
C VAL C 1124 91.58 13.27 25.53
N VAL C 1125 91.35 13.78 26.75
CA VAL C 1125 90.13 14.51 27.06
C VAL C 1125 90.14 15.87 26.36
N ILE C 1126 89.01 16.22 25.72
CA ILE C 1126 88.90 17.49 25.02
C ILE C 1126 88.36 18.54 25.97
N GLY C 1127 89.02 19.68 26.07
CA GLY C 1127 88.63 20.73 26.97
C GLY C 1127 89.14 20.64 28.39
N ILE C 1128 90.06 19.73 28.69
CA ILE C 1128 90.62 19.62 30.03
C ILE C 1128 91.43 20.87 30.37
N VAL C 1129 91.34 21.31 31.63
CA VAL C 1129 92.05 22.49 32.10
C VAL C 1129 93.01 22.06 33.20
N ASN C 1130 94.03 22.89 33.42
CA ASN C 1130 95.08 22.59 34.38
C ASN C 1130 94.73 23.22 35.72
N ASN C 1131 94.69 22.41 36.77
CA ASN C 1131 94.48 22.90 38.12
C ASN C 1131 95.09 21.91 39.09
N THR C 1132 95.43 22.39 40.29
CA THR C 1132 95.96 21.51 41.31
C THR C 1132 94.85 20.64 41.90
N VAL C 1133 95.21 19.43 42.30
CA VAL C 1133 94.31 18.53 43.01
C VAL C 1133 94.92 18.26 44.36
N TYR C 1134 94.22 18.63 45.43
CA TYR C 1134 94.75 18.50 46.77
C TYR C 1134 94.80 17.04 47.20
N ASP C 1135 95.78 16.71 48.04
CA ASP C 1135 95.87 15.37 48.59
C ASP C 1135 95.65 15.44 50.10
N PRO C 1136 94.67 14.72 50.64
CA PRO C 1136 94.50 14.70 52.11
C PRO C 1136 95.68 14.09 52.86
N LEU C 1137 96.28 13.04 52.30
CA LEU C 1137 97.41 12.36 52.94
C LEU C 1137 98.66 13.23 53.02
N GLN C 1138 98.79 14.23 52.13
CA GLN C 1138 100.04 14.98 52.04
C GLN C 1138 100.39 15.76 53.31
N PRO C 1139 99.48 16.48 54.01
CA PRO C 1139 99.87 17.06 55.30
C PRO C 1139 100.18 16.01 56.35
N GLU C 1140 99.43 14.91 56.35
CA GLU C 1140 99.58 13.90 57.39
C GLU C 1140 100.95 13.25 57.34
N LEU C 1141 101.40 12.82 56.16
CA LEU C 1141 102.74 12.24 56.09
C LEU C 1141 103.79 13.33 56.29
N ASP C 1142 103.53 14.55 55.77
CA ASP C 1142 104.46 15.65 55.90
C ASP C 1142 104.71 16.04 57.35
N SER C 1143 103.67 16.07 58.17
CA SER C 1143 103.82 16.48 59.55
C SER C 1143 104.20 15.30 60.45
N LEU D 20 -56.97 -19.23 -6.65
CA LEU D 20 -57.51 -18.72 -7.90
C LEU D 20 -57.59 -19.89 -8.89
N THR D 21 -58.52 -19.78 -9.84
CA THR D 21 -58.80 -20.87 -10.78
C THR D 21 -57.59 -21.22 -11.66
N GLU D 22 -56.88 -20.19 -12.13
CA GLU D 22 -55.72 -20.42 -13.01
C GLU D 22 -54.60 -21.18 -12.29
N GLU D 23 -54.33 -20.80 -11.04
CA GLU D 23 -53.33 -21.50 -10.24
C GLU D 23 -53.75 -22.95 -9.97
N ASN D 24 -55.05 -23.16 -9.71
CA ASN D 24 -55.57 -24.50 -9.49
C ASN D 24 -55.41 -25.36 -10.74
N ALA D 25 -55.67 -24.76 -11.91
CA ALA D 25 -55.49 -25.47 -13.17
C ALA D 25 -54.02 -25.79 -13.41
N LYS D 26 -53.12 -24.87 -13.06
CA LYS D 26 -51.69 -25.10 -13.21
C LYS D 26 -51.21 -26.26 -12.33
N THR D 27 -51.65 -26.30 -11.07
CA THR D 27 -51.29 -27.42 -10.19
C THR D 27 -51.89 -28.73 -10.68
N PHE D 28 -53.13 -28.68 -11.17
CA PHE D 28 -53.80 -29.88 -11.70
C PHE D 28 -53.06 -30.43 -12.91
N LEU D 29 -52.64 -29.53 -13.82
CA LEU D 29 -51.86 -29.92 -14.98
C LEU D 29 -50.50 -30.47 -14.58
N ASN D 30 -49.87 -29.87 -13.55
CA ASN D 30 -48.57 -30.35 -13.09
C ASN D 30 -48.67 -31.77 -12.55
N ASN D 31 -49.72 -32.05 -11.76
CA ASN D 31 -49.97 -33.41 -11.26
C ASN D 31 -50.28 -34.39 -12.39
N PHE D 32 -51.08 -33.91 -13.36
CA PHE D 32 -51.49 -34.71 -14.49
C PHE D 32 -50.32 -35.10 -15.37
N ASN D 33 -49.38 -34.17 -15.64
CA ASN D 33 -48.31 -34.49 -16.59
C ASN D 33 -47.44 -35.64 -16.06
N GLN D 34 -47.11 -35.60 -14.76
CA GLN D 34 -46.28 -36.65 -14.17
C GLN D 34 -47.00 -38.00 -14.16
N GLU D 35 -48.28 -38.01 -13.77
CA GLU D 35 -49.02 -39.28 -13.80
C GLU D 35 -49.25 -39.79 -15.23
N ALA D 36 -49.61 -38.86 -16.13
CA ALA D 36 -49.95 -39.20 -17.50
C ALA D 36 -48.76 -39.77 -18.25
N GLU D 37 -47.57 -39.16 -18.09
CA GLU D 37 -46.42 -39.54 -18.90
C GLU D 37 -46.04 -40.99 -18.62
N ASP D 38 -46.10 -41.37 -17.34
CA ASP D 38 -45.82 -42.75 -16.92
C ASP D 38 -46.86 -43.71 -17.47
N LEU D 39 -48.15 -43.36 -17.35
CA LEU D 39 -49.19 -44.27 -17.86
C LEU D 39 -49.16 -44.37 -19.39
N SER D 40 -48.93 -43.25 -20.07
CA SER D 40 -48.83 -43.24 -21.52
C SER D 40 -47.63 -44.04 -22.00
N TYR D 41 -46.51 -43.94 -21.28
CA TYR D 41 -45.35 -44.76 -21.63
C TYR D 41 -45.64 -46.24 -21.45
N GLN D 42 -46.36 -46.61 -20.38
CA GLN D 42 -46.71 -48.01 -20.19
C GLN D 42 -47.60 -48.52 -21.31
N SER D 43 -48.58 -47.71 -21.72
CA SER D 43 -49.49 -48.08 -22.80
C SER D 43 -48.73 -48.20 -24.13
N SER D 44 -47.85 -47.23 -24.41
CA SER D 44 -47.07 -47.22 -25.65
C SER D 44 -46.09 -48.39 -25.69
N LEU D 45 -45.45 -48.69 -24.56
CA LEU D 45 -44.53 -49.82 -24.50
C LEU D 45 -45.25 -51.15 -24.71
N ALA D 46 -46.44 -51.30 -24.11
CA ALA D 46 -47.22 -52.52 -24.33
C ALA D 46 -47.66 -52.65 -25.77
N SER D 47 -48.07 -51.53 -26.39
CA SER D 47 -48.46 -51.53 -27.80
C SER D 47 -47.27 -51.88 -28.70
N TRP D 48 -46.08 -51.35 -28.38
CA TRP D 48 -44.87 -51.70 -29.14
C TRP D 48 -44.54 -53.16 -28.99
N ASN D 49 -44.66 -53.70 -27.77
CA ASN D 49 -44.34 -55.10 -27.49
C ASN D 49 -45.29 -56.03 -28.24
N TYR D 50 -46.58 -55.66 -28.32
CA TYR D 50 -47.49 -56.42 -29.16
C TYR D 50 -47.14 -56.30 -30.63
N ASN D 51 -46.83 -55.08 -31.12
CA ASN D 51 -46.63 -54.89 -32.56
C ASN D 51 -45.40 -55.66 -33.05
N THR D 52 -44.29 -55.58 -32.31
CA THR D 52 -43.08 -56.31 -32.69
C THR D 52 -43.22 -57.82 -32.48
N ASN D 53 -43.90 -58.26 -31.41
CA ASN D 53 -43.93 -59.68 -31.04
C ASN D 53 -45.40 -60.11 -30.86
N ILE D 54 -46.11 -60.26 -31.98
CA ILE D 54 -47.56 -60.51 -31.94
C ILE D 54 -47.87 -61.85 -31.28
N THR D 55 -48.72 -61.80 -30.25
CA THR D 55 -49.13 -62.97 -29.47
C THR D 55 -50.39 -62.60 -28.71
N GLU D 56 -51.05 -63.61 -28.13
CA GLU D 56 -52.19 -63.36 -27.26
C GLU D 56 -51.81 -62.62 -25.95
N GLU D 57 -50.70 -63.01 -25.29
CA GLU D 57 -50.34 -62.39 -24.01
C GLU D 57 -49.95 -60.92 -24.16
N ASN D 58 -49.19 -60.57 -25.21
CA ASN D 58 -48.86 -59.17 -25.43
C ASN D 58 -50.12 -58.36 -25.76
N ALA D 59 -51.06 -58.96 -26.49
CA ALA D 59 -52.34 -58.31 -26.78
C ALA D 59 -53.14 -58.06 -25.51
N GLN D 60 -53.24 -59.04 -24.61
CA GLN D 60 -53.98 -58.81 -23.37
C GLN D 60 -53.28 -57.77 -22.50
N LYS D 61 -51.93 -57.79 -22.45
CA LYS D 61 -51.19 -56.79 -21.69
C LYS D 61 -51.43 -55.40 -22.25
N MET D 62 -51.46 -55.29 -23.58
CA MET D 62 -51.77 -54.03 -24.26
C MET D 62 -53.17 -53.58 -23.92
N SER D 63 -54.11 -54.54 -23.86
CA SER D 63 -55.51 -54.23 -23.54
C SER D 63 -55.64 -53.65 -22.13
N GLU D 64 -54.96 -54.27 -21.15
CA GLU D 64 -55.02 -53.73 -19.79
C GLU D 64 -54.35 -52.36 -19.71
N ALA D 65 -53.21 -52.19 -20.38
CA ALA D 65 -52.48 -50.92 -20.31
C ALA D 65 -53.31 -49.80 -20.93
N ALA D 66 -53.92 -50.07 -22.09
CA ALA D 66 -54.79 -49.10 -22.74
C ALA D 66 -56.02 -48.82 -21.90
N ALA D 67 -56.59 -49.85 -21.25
CA ALA D 67 -57.78 -49.67 -20.43
C ALA D 67 -57.48 -48.76 -19.23
N LYS D 68 -56.34 -48.99 -18.57
CA LYS D 68 -55.96 -48.16 -17.43
C LYS D 68 -55.67 -46.73 -17.86
N TRP D 69 -54.97 -46.56 -18.99
CA TRP D 69 -54.64 -45.23 -19.49
C TRP D 69 -55.90 -44.47 -19.89
N SER D 70 -56.84 -45.15 -20.57
CA SER D 70 -58.09 -44.52 -20.99
C SER D 70 -58.95 -44.16 -19.78
N ALA D 71 -59.01 -45.05 -18.77
CA ALA D 71 -59.80 -44.77 -17.57
C ALA D 71 -59.26 -43.57 -16.82
N PHE D 72 -57.92 -43.51 -16.70
CA PHE D 72 -57.27 -42.38 -16.05
C PHE D 72 -57.51 -41.10 -16.82
N TYR D 73 -57.43 -41.17 -18.15
CA TYR D 73 -57.62 -40.00 -19.00
C TYR D 73 -59.04 -39.47 -18.89
N GLU D 74 -60.04 -40.36 -18.90
CA GLU D 74 -61.43 -39.93 -18.72
C GLU D 74 -61.65 -39.35 -17.33
N GLU D 75 -61.07 -39.94 -16.29
CA GLU D 75 -61.26 -39.44 -14.93
C GLU D 75 -60.69 -38.04 -14.77
N GLN D 76 -59.49 -37.82 -15.33
CA GLN D 76 -58.90 -36.49 -15.34
C GLN D 76 -59.71 -35.53 -16.18
N SER D 77 -60.25 -35.99 -17.32
CA SER D 77 -61.04 -35.11 -18.18
C SER D 77 -62.30 -34.65 -17.46
N LYS D 78 -62.94 -35.56 -16.70
CA LYS D 78 -64.14 -35.21 -15.93
C LYS D 78 -63.80 -34.18 -14.85
N THR D 79 -62.66 -34.36 -14.16
CA THR D 79 -62.24 -33.33 -13.21
C THR D 79 -61.90 -32.01 -13.90
N ALA D 80 -61.25 -32.08 -15.07
CA ALA D 80 -60.84 -30.91 -15.83
C ALA D 80 -62.02 -30.08 -16.32
N GLN D 81 -63.14 -30.73 -16.65
CA GLN D 81 -64.33 -30.03 -17.13
C GLN D 81 -64.93 -29.08 -16.10
N SER D 82 -64.68 -29.32 -14.81
CA SER D 82 -65.18 -28.43 -13.75
C SER D 82 -64.61 -27.02 -13.89
N PHE D 83 -63.34 -26.90 -14.30
CA PHE D 83 -62.70 -25.61 -14.51
C PHE D 83 -63.39 -24.84 -15.64
N SER D 84 -63.53 -23.53 -15.45
CA SER D 84 -64.11 -22.66 -16.47
C SER D 84 -63.03 -21.87 -17.19
N LEU D 85 -63.05 -21.93 -18.51
CA LEU D 85 -62.01 -21.33 -19.35
C LEU D 85 -62.07 -19.81 -19.41
N GLN D 86 -63.16 -19.19 -18.96
CA GLN D 86 -63.34 -17.75 -19.07
C GLN D 86 -62.29 -16.97 -18.27
N GLU D 87 -61.91 -17.48 -17.10
CA GLU D 87 -61.02 -16.76 -16.19
C GLU D 87 -59.57 -17.22 -16.30
N ILE D 88 -59.23 -17.95 -17.35
CA ILE D 88 -57.85 -18.34 -17.61
C ILE D 88 -57.29 -17.45 -18.72
N GLN D 89 -56.23 -16.72 -18.40
CA GLN D 89 -55.65 -15.74 -19.31
C GLN D 89 -54.48 -16.30 -20.14
N THR D 90 -53.67 -17.16 -19.55
CA THR D 90 -52.45 -17.64 -20.22
C THR D 90 -52.81 -18.65 -21.30
N PRO D 91 -52.34 -18.46 -22.54
CA PRO D 91 -52.76 -19.35 -23.65
C PRO D 91 -52.34 -20.82 -23.52
N ILE D 92 -51.13 -21.10 -23.01
CA ILE D 92 -50.65 -22.48 -22.92
C ILE D 92 -51.48 -23.33 -21.97
N ILE D 93 -51.83 -22.79 -20.79
CA ILE D 93 -52.70 -23.52 -19.85
C ILE D 93 -54.09 -23.72 -20.44
N LYS D 94 -54.61 -22.70 -21.12
CA LYS D 94 -55.94 -22.80 -21.73
C LYS D 94 -55.96 -23.86 -22.83
N ARG D 95 -54.90 -23.90 -23.65
CA ARG D 95 -54.79 -24.91 -24.70
C ARG D 95 -54.67 -26.32 -24.13
N GLN D 96 -53.90 -26.48 -23.05
CA GLN D 96 -53.76 -27.78 -22.40
C GLN D 96 -55.10 -28.25 -21.84
N LEU D 97 -55.84 -27.34 -21.20
CA LEU D 97 -57.15 -27.67 -20.66
C LEU D 97 -58.13 -28.00 -21.78
N GLN D 98 -58.04 -27.28 -22.90
CA GLN D 98 -58.89 -27.56 -24.06
C GLN D 98 -58.63 -28.96 -24.60
N ALA D 99 -57.35 -29.34 -24.68
CA ALA D 99 -57.00 -30.68 -25.16
C ALA D 99 -57.50 -31.75 -24.19
N LEU D 100 -57.36 -31.49 -22.88
CA LEU D 100 -57.81 -32.43 -21.86
C LEU D 100 -59.34 -32.56 -21.83
N GLN D 101 -60.06 -31.48 -22.08
CA GLN D 101 -61.51 -31.47 -21.90
C GLN D 101 -62.28 -32.13 -23.03
N GLN D 102 -61.61 -32.63 -24.06
CA GLN D 102 -62.32 -33.23 -25.19
C GLN D 102 -62.75 -34.63 -24.77
N SER D 103 -64.04 -34.75 -24.43
CA SER D 103 -64.61 -36.03 -24.03
C SER D 103 -64.61 -37.04 -25.19
N GLY D 104 -64.86 -36.56 -26.40
CA GLY D 104 -65.01 -37.46 -27.54
C GLY D 104 -66.26 -38.32 -27.39
N SER D 105 -66.10 -39.63 -27.53
CA SER D 105 -67.23 -40.55 -27.54
C SER D 105 -67.87 -40.74 -26.18
N SER D 106 -67.22 -40.33 -25.09
CA SER D 106 -67.76 -40.53 -23.75
C SER D 106 -68.97 -39.65 -23.43
N ALA D 107 -69.25 -38.62 -24.25
CA ALA D 107 -70.35 -37.70 -24.00
C ALA D 107 -71.71 -38.40 -24.01
N LEU D 108 -71.89 -39.38 -24.89
CA LEU D 108 -73.16 -40.07 -25.03
C LEU D 108 -73.42 -40.98 -23.84
N SER D 109 -74.67 -41.41 -23.72
CA SER D 109 -75.06 -42.37 -22.70
C SER D 109 -74.48 -43.74 -23.02
N ALA D 110 -74.47 -44.62 -22.02
CA ALA D 110 -73.85 -45.94 -22.15
C ALA D 110 -74.51 -46.77 -23.25
N ASP D 111 -75.83 -46.71 -23.37
CA ASP D 111 -76.54 -47.49 -24.39
C ASP D 111 -76.16 -47.01 -25.79
N LYS D 112 -76.15 -45.69 -25.99
CA LYS D 112 -75.79 -45.11 -27.28
C LYS D 112 -74.33 -45.35 -27.61
N ASN D 113 -73.44 -45.22 -26.60
CA ASN D 113 -72.02 -45.46 -26.81
C ASN D 113 -71.75 -46.91 -27.17
N LYS D 114 -72.43 -47.83 -26.50
CA LYS D 114 -72.29 -49.25 -26.80
C LYS D 114 -72.80 -49.58 -28.20
N GLN D 115 -73.93 -48.97 -28.61
CA GLN D 115 -74.46 -49.18 -29.94
C GLN D 115 -73.50 -48.66 -31.01
N LEU D 116 -72.93 -47.47 -30.78
CA LEU D 116 -71.97 -46.89 -31.72
C LEU D 116 -70.70 -47.74 -31.81
N ASN D 117 -70.22 -48.23 -30.66
CA ASN D 117 -69.04 -49.10 -30.65
C ASN D 117 -69.31 -50.40 -31.38
N THR D 118 -70.52 -50.97 -31.20
CA THR D 118 -70.90 -52.19 -31.89
C THR D 118 -70.94 -51.99 -33.39
N ILE D 119 -71.49 -50.85 -33.83
CA ILE D 119 -71.54 -50.52 -35.26
C ILE D 119 -70.13 -50.36 -35.82
N LEU D 120 -69.26 -49.68 -35.07
CA LEU D 120 -67.88 -49.50 -35.52
C LEU D 120 -67.14 -50.84 -35.62
N ASN D 121 -67.31 -51.71 -34.61
CA ASN D 121 -66.61 -52.99 -34.60
C ASN D 121 -67.11 -53.90 -35.73
N THR D 122 -68.44 -53.94 -35.94
CA THR D 122 -68.98 -54.76 -37.02
C THR D 122 -68.54 -54.21 -38.38
N MET D 123 -68.47 -52.88 -38.53
CA MET D 123 -67.99 -52.28 -39.77
C MET D 123 -66.53 -52.65 -40.03
N SER D 124 -65.69 -52.61 -38.98
CA SER D 124 -64.28 -52.94 -39.13
C SER D 124 -64.10 -54.40 -39.52
N THR D 125 -64.82 -55.31 -38.83
CA THR D 125 -64.67 -56.73 -39.12
C THR D 125 -65.20 -57.05 -40.52
N ILE D 126 -66.34 -56.48 -40.90
CA ILE D 126 -66.95 -56.76 -42.19
C ILE D 126 -66.05 -56.24 -43.32
N TYR D 127 -65.45 -55.05 -43.15
CA TYR D 127 -64.51 -54.53 -44.13
C TYR D 127 -63.27 -55.42 -44.22
N SER D 128 -62.77 -55.88 -43.07
CA SER D 128 -61.60 -56.75 -43.04
C SER D 128 -61.87 -58.07 -43.74
N THR D 129 -63.08 -58.60 -43.59
CA THR D 129 -63.45 -59.91 -44.10
C THR D 129 -64.24 -59.83 -45.41
N GLY D 130 -64.23 -58.65 -46.06
CA GLY D 130 -65.05 -58.46 -47.26
C GLY D 130 -64.70 -59.44 -48.36
N LYS D 131 -65.73 -60.03 -48.96
CA LYS D 131 -65.60 -61.11 -49.92
C LYS D 131 -66.39 -60.84 -51.19
N VAL D 132 -65.74 -60.92 -52.34
CA VAL D 132 -66.43 -60.87 -53.63
C VAL D 132 -65.98 -62.09 -54.42
N CYS D 133 -66.92 -62.80 -55.05
CA CYS D 133 -66.53 -64.07 -55.64
C CYS D 133 -66.93 -64.13 -57.11
N ASN D 134 -66.16 -64.90 -57.87
CA ASN D 134 -66.30 -64.97 -59.33
C ASN D 134 -67.63 -65.61 -59.74
N PRO D 135 -68.41 -64.98 -60.62
CA PRO D 135 -69.63 -65.62 -61.12
C PRO D 135 -69.27 -66.73 -62.10
N LYS D 136 -69.87 -67.92 -61.90
CA LYS D 136 -69.78 -69.16 -62.70
C LYS D 136 -68.49 -69.91 -62.34
N ASN D 137 -67.65 -69.34 -61.47
CA ASN D 137 -66.41 -69.95 -61.01
C ASN D 137 -66.42 -69.85 -59.49
N PRO D 138 -67.18 -70.72 -58.81
CA PRO D 138 -67.36 -70.60 -57.35
C PRO D 138 -66.09 -70.69 -56.53
N GLN D 139 -65.13 -71.54 -56.91
CA GLN D 139 -63.92 -71.73 -56.10
C GLN D 139 -63.08 -70.44 -55.99
N GLU D 140 -63.10 -69.59 -57.00
CA GLU D 140 -62.28 -68.37 -57.03
C GLU D 140 -62.95 -67.17 -56.33
N CYS D 141 -62.99 -67.24 -55.00
CA CYS D 141 -63.57 -66.17 -54.19
C CYS D 141 -62.42 -65.33 -53.66
N LEU D 142 -62.47 -64.01 -53.87
CA LEU D 142 -61.36 -63.12 -53.57
C LEU D 142 -61.68 -62.07 -52.51
N LEU D 143 -60.76 -61.97 -51.54
CA LEU D 143 -60.73 -60.92 -50.55
C LEU D 143 -60.10 -59.68 -51.20
N LEU D 144 -60.42 -58.49 -50.69
CA LEU D 144 -59.80 -57.28 -51.21
C LEU D 144 -58.29 -57.20 -50.95
N GLU D 145 -57.85 -57.49 -49.72
CA GLU D 145 -56.44 -57.25 -49.37
C GLU D 145 -55.41 -58.14 -50.08
N PRO D 146 -55.56 -59.50 -50.15
CA PRO D 146 -54.60 -60.26 -50.96
C PRO D 146 -54.66 -60.11 -52.48
N GLY D 147 -55.84 -60.14 -53.09
CA GLY D 147 -55.89 -60.21 -54.54
C GLY D 147 -56.62 -59.15 -55.35
N LEU D 148 -57.71 -58.58 -54.82
CA LEU D 148 -58.48 -57.62 -55.60
C LEU D 148 -57.67 -56.34 -55.87
N ASP D 149 -56.89 -55.91 -54.88
CA ASP D 149 -56.02 -54.73 -55.04
C ASP D 149 -54.99 -54.98 -56.14
N GLU D 150 -54.49 -56.22 -56.22
CA GLU D 150 -53.55 -56.61 -57.27
C GLU D 150 -54.21 -56.50 -58.64
N ILE D 151 -55.48 -56.90 -58.73
CA ILE D 151 -56.26 -56.79 -59.96
C ILE D 151 -56.43 -55.32 -60.36
N MET D 152 -56.73 -54.46 -59.39
CA MET D 152 -56.84 -53.03 -59.67
C MET D 152 -55.51 -52.40 -60.08
N ALA D 153 -54.42 -52.79 -59.42
CA ALA D 153 -53.10 -52.27 -59.79
C ALA D 153 -52.60 -52.76 -61.14
N THR D 154 -52.75 -54.05 -61.45
CA THR D 154 -52.07 -54.59 -62.64
C THR D 154 -52.95 -54.94 -63.83
N SER D 155 -54.18 -55.42 -63.64
CA SER D 155 -54.97 -55.94 -64.75
C SER D 155 -55.35 -54.85 -65.74
N THR D 156 -55.31 -55.18 -67.03
CA THR D 156 -55.67 -54.25 -68.10
C THR D 156 -57.02 -54.60 -68.70
N ASP D 157 -57.62 -55.73 -68.32
CA ASP D 157 -58.87 -56.18 -68.91
C ASP D 157 -60.03 -55.35 -68.36
N TYR D 158 -60.84 -54.80 -69.27
CA TYR D 158 -61.96 -53.94 -68.87
C TYR D 158 -63.01 -54.71 -68.09
N ASN D 159 -63.37 -55.91 -68.57
CA ASN D 159 -64.45 -56.68 -67.95
C ASN D 159 -64.09 -57.16 -66.54
N SER D 160 -62.85 -57.61 -66.35
CA SER D 160 -62.42 -58.09 -65.03
C SER D 160 -62.41 -56.95 -64.00
N ARG D 161 -61.94 -55.77 -64.40
CA ARG D 161 -61.98 -54.61 -63.52
C ARG D 161 -63.41 -54.18 -63.23
N LEU D 162 -64.28 -54.25 -64.25
CA LEU D 162 -65.69 -53.89 -64.09
C LEU D 162 -66.35 -54.84 -63.09
N TRP D 163 -66.02 -56.14 -63.19
CA TRP D 163 -66.54 -57.13 -62.27
C TRP D 163 -66.08 -56.86 -60.85
N ALA D 164 -64.78 -56.59 -60.68
CA ALA D 164 -64.24 -56.42 -59.33
C ALA D 164 -64.83 -55.19 -58.67
N TRP D 165 -64.91 -54.07 -59.42
CA TRP D 165 -65.43 -52.83 -58.89
C TRP D 165 -66.91 -52.96 -58.56
N GLU D 166 -67.70 -53.52 -59.48
CA GLU D 166 -69.14 -53.63 -59.27
C GLU D 166 -69.46 -54.62 -58.15
N GLY D 167 -68.75 -55.75 -58.11
CA GLY D 167 -69.03 -56.75 -57.09
C GLY D 167 -68.69 -56.27 -55.68
N TRP D 168 -67.52 -55.64 -55.51
CA TRP D 168 -67.18 -55.11 -54.19
C TRP D 168 -68.11 -53.97 -53.81
N ARG D 169 -68.47 -53.12 -54.78
CA ARG D 169 -69.42 -52.04 -54.53
C ARG D 169 -70.78 -52.56 -54.12
N ALA D 170 -71.28 -53.61 -54.80
CA ALA D 170 -72.60 -54.16 -54.48
C ALA D 170 -72.61 -54.81 -53.11
N GLU D 171 -71.62 -55.67 -52.82
CA GLU D 171 -71.65 -56.40 -51.54
C GLU D 171 -71.46 -55.45 -50.35
N VAL D 172 -70.47 -54.55 -50.46
CA VAL D 172 -70.19 -53.64 -49.36
C VAL D 172 -71.32 -52.63 -49.20
N GLY D 173 -71.81 -52.05 -50.30
CA GLY D 173 -72.84 -51.04 -50.20
C GLY D 173 -74.14 -51.59 -49.64
N LYS D 174 -74.58 -52.77 -50.12
CA LYS D 174 -75.84 -53.33 -49.63
C LYS D 174 -75.75 -53.68 -48.15
N GLN D 175 -74.64 -54.31 -47.73
CA GLN D 175 -74.47 -54.62 -46.31
C GLN D 175 -74.31 -53.36 -45.44
N LEU D 176 -73.55 -52.36 -45.90
CA LEU D 176 -73.21 -51.21 -45.08
C LEU D 176 -74.15 -50.02 -45.17
N ARG D 177 -75.17 -50.03 -46.05
CA ARG D 177 -76.05 -48.87 -46.13
C ARG D 177 -76.88 -48.63 -44.86
N PRO D 178 -77.53 -49.63 -44.23
CA PRO D 178 -78.22 -49.33 -42.96
C PRO D 178 -77.26 -48.95 -41.85
N LEU D 179 -76.10 -49.61 -41.80
CA LEU D 179 -75.12 -49.35 -40.76
C LEU D 179 -74.64 -47.91 -40.84
N TYR D 180 -74.42 -47.41 -42.07
CA TYR D 180 -74.09 -46.00 -42.25
C TYR D 180 -75.26 -45.10 -41.85
N GLU D 181 -76.50 -45.54 -42.13
CA GLU D 181 -77.68 -44.71 -41.86
C GLU D 181 -77.82 -44.42 -40.37
N GLU D 182 -77.65 -45.45 -39.52
CA GLU D 182 -77.67 -45.16 -38.08
C GLU D 182 -76.32 -44.63 -37.56
N TYR D 183 -75.21 -44.91 -38.27
CA TYR D 183 -73.89 -44.42 -37.88
C TYR D 183 -73.85 -42.89 -37.92
N VAL D 184 -74.46 -42.32 -38.97
CA VAL D 184 -74.51 -40.86 -39.14
C VAL D 184 -75.29 -40.23 -37.99
N VAL D 185 -76.42 -40.84 -37.62
CA VAL D 185 -77.28 -40.32 -36.56
C VAL D 185 -76.56 -40.37 -35.22
N LEU D 186 -75.88 -41.49 -34.92
CA LEU D 186 -75.15 -41.61 -33.66
C LEU D 186 -73.98 -40.63 -33.58
N LYS D 187 -73.24 -40.46 -34.69
CA LYS D 187 -72.14 -39.49 -34.72
C LYS D 187 -72.67 -38.07 -34.55
N ASN D 188 -73.82 -37.77 -35.17
CA ASN D 188 -74.44 -36.46 -35.04
C ASN D 188 -74.85 -36.20 -33.59
N GLU D 189 -75.40 -37.22 -32.92
CA GLU D 189 -75.76 -37.09 -31.51
C GLU D 189 -74.53 -36.84 -30.65
N MET D 190 -73.44 -37.56 -30.91
CA MET D 190 -72.20 -37.39 -30.14
C MET D 190 -71.62 -35.99 -30.33
N ALA D 191 -71.61 -35.51 -31.59
CA ALA D 191 -71.10 -34.18 -31.89
C ALA D 191 -71.97 -33.10 -31.24
N ARG D 192 -73.29 -33.25 -31.31
CA ARG D 192 -74.17 -32.27 -30.68
C ARG D 192 -73.98 -32.30 -29.18
N ALA D 193 -73.75 -33.50 -28.61
CA ALA D 193 -73.50 -33.64 -27.18
C ALA D 193 -72.20 -32.94 -26.77
N ASN D 194 -71.28 -32.74 -27.72
CA ASN D 194 -70.01 -32.08 -27.46
C ASN D 194 -70.00 -30.63 -27.94
N ASN D 195 -71.19 -30.02 -28.10
CA ASN D 195 -71.38 -28.63 -28.53
C ASN D 195 -70.83 -28.36 -29.93
N TYR D 196 -71.03 -29.31 -30.85
CA TYR D 196 -70.68 -29.13 -32.25
C TYR D 196 -71.96 -29.21 -33.07
N ASN D 197 -71.98 -28.49 -34.21
CA ASN D 197 -73.16 -28.49 -35.07
C ASN D 197 -73.44 -29.87 -35.66
N ASP D 198 -72.40 -30.57 -36.08
CA ASP D 198 -72.52 -31.88 -36.71
C ASP D 198 -71.16 -32.56 -36.55
N TYR D 199 -71.11 -33.84 -36.95
CA TYR D 199 -69.85 -34.59 -36.92
C TYR D 199 -68.79 -33.97 -37.82
N GLY D 200 -69.22 -33.39 -38.94
CA GLY D 200 -68.28 -32.67 -39.81
C GLY D 200 -67.62 -31.51 -39.12
N ASP D 201 -68.39 -30.76 -38.32
CA ASP D 201 -67.81 -29.68 -37.51
C ASP D 201 -66.85 -30.24 -36.47
N TYR D 202 -67.17 -31.40 -35.90
CA TYR D 202 -66.29 -32.04 -34.94
C TYR D 202 -64.94 -32.39 -35.58
N TRP D 203 -64.97 -32.92 -36.81
CA TRP D 203 -63.71 -33.15 -37.53
C TRP D 203 -63.00 -31.83 -37.85
N ARG D 204 -63.76 -30.80 -38.24
CA ARG D 204 -63.16 -29.52 -38.60
C ARG D 204 -62.63 -28.77 -37.37
N GLY D 205 -63.01 -29.22 -36.16
CA GLY D 205 -62.50 -28.63 -34.93
C GLY D 205 -61.00 -28.78 -34.79
N ASP D 206 -60.42 -29.84 -35.37
CA ASP D 206 -59.00 -30.12 -35.23
C ASP D 206 -58.15 -29.01 -35.82
N TYR D 207 -58.65 -28.29 -36.81
CA TYR D 207 -57.94 -27.17 -37.40
C TYR D 207 -58.27 -25.84 -36.73
N GLU D 208 -59.15 -25.83 -35.72
CA GLU D 208 -59.52 -24.59 -35.05
C GLU D 208 -58.35 -24.10 -34.21
N ALA D 209 -58.02 -22.82 -34.37
CA ALA D 209 -56.98 -22.20 -33.57
C ALA D 209 -57.51 -20.97 -32.85
N GLU D 210 -57.35 -20.93 -31.54
CA GLU D 210 -57.70 -19.76 -30.76
C GLU D 210 -56.42 -19.13 -30.21
N GLY D 211 -56.23 -17.86 -30.50
CA GLY D 211 -54.97 -17.22 -30.19
C GLY D 211 -55.10 -15.72 -30.31
N ALA D 212 -53.93 -15.08 -30.42
CA ALA D 212 -53.83 -13.63 -30.54
C ALA D 212 -54.44 -13.19 -31.88
N ASP D 213 -54.76 -11.89 -31.98
CA ASP D 213 -55.49 -11.35 -33.12
C ASP D 213 -54.77 -11.62 -34.44
N GLY D 214 -55.55 -12.00 -35.45
CA GLY D 214 -55.04 -12.26 -36.77
C GLY D 214 -54.59 -13.69 -36.96
N TYR D 215 -54.46 -14.46 -35.87
CA TYR D 215 -54.17 -15.88 -35.90
C TYR D 215 -55.40 -16.74 -35.67
N ASN D 216 -56.59 -16.12 -35.55
CA ASN D 216 -57.79 -16.87 -35.26
C ASN D 216 -58.25 -17.64 -36.50
N TYR D 217 -58.51 -18.92 -36.34
CA TYR D 217 -59.03 -19.75 -37.41
C TYR D 217 -60.30 -20.42 -36.93
N ASN D 218 -61.28 -20.51 -37.82
CA ASN D 218 -62.60 -21.04 -37.51
C ASN D 218 -62.87 -22.30 -38.34
N ARG D 219 -63.74 -23.15 -37.80
CA ARG D 219 -64.08 -24.41 -38.48
C ARG D 219 -64.76 -24.13 -39.81
N ASN D 220 -65.67 -23.15 -39.84
CA ASN D 220 -66.44 -22.81 -41.03
C ASN D 220 -65.51 -22.32 -42.15
N GLN D 221 -64.45 -21.61 -41.76
CA GLN D 221 -63.48 -21.03 -42.69
C GLN D 221 -62.80 -22.10 -43.54
N LEU D 222 -62.57 -23.28 -42.94
CA LEU D 222 -61.76 -24.33 -43.57
C LEU D 222 -62.34 -24.77 -44.91
N ILE D 223 -63.69 -24.90 -44.98
CA ILE D 223 -64.34 -25.37 -46.20
C ILE D 223 -64.08 -24.41 -47.34
N GLU D 224 -64.25 -23.11 -47.07
CA GLU D 224 -64.06 -22.08 -48.09
C GLU D 224 -62.59 -22.04 -48.50
N ASP D 225 -61.67 -22.21 -47.54
CA ASP D 225 -60.24 -22.22 -47.83
C ASP D 225 -59.88 -23.38 -48.74
N VAL D 226 -60.46 -24.56 -48.48
CA VAL D 226 -60.23 -25.74 -49.30
C VAL D 226 -60.77 -25.51 -50.71
N GLU D 227 -61.96 -24.90 -50.82
CA GLU D 227 -62.54 -24.61 -52.13
C GLU D 227 -61.68 -23.62 -52.91
N ARG D 228 -61.15 -22.60 -52.20
CA ARG D 228 -60.31 -21.58 -52.82
C ARG D 228 -59.03 -22.22 -53.35
N THR D 229 -58.43 -23.12 -52.57
CA THR D 229 -57.23 -23.81 -53.02
C THR D 229 -57.55 -24.69 -54.23
N PHE D 230 -58.73 -25.34 -54.17
CA PHE D 230 -59.14 -26.29 -55.20
C PHE D 230 -59.27 -25.62 -56.55
N ALA D 231 -59.81 -24.39 -56.57
CA ALA D 231 -60.05 -23.70 -57.85
C ALA D 231 -58.72 -23.47 -58.57
N GLU D 232 -57.69 -23.07 -57.83
CA GLU D 232 -56.36 -22.87 -58.40
C GLU D 232 -55.77 -24.20 -58.89
N ILE D 233 -55.97 -25.27 -58.11
CA ILE D 233 -55.47 -26.60 -58.48
C ILE D 233 -56.19 -27.14 -59.73
N LYS D 234 -57.44 -26.71 -59.95
CA LYS D 234 -58.29 -27.30 -60.99
C LYS D 234 -57.78 -27.25 -62.44
N PRO D 235 -57.13 -26.17 -62.96
CA PRO D 235 -56.56 -26.26 -64.33
C PRO D 235 -55.48 -27.33 -64.50
N LEU D 236 -54.57 -27.47 -63.53
CA LEU D 236 -53.53 -28.50 -63.61
C LEU D 236 -54.16 -29.89 -63.59
N TYR D 237 -55.16 -30.08 -62.72
CA TYR D 237 -55.85 -31.36 -62.66
C TYR D 237 -56.59 -31.64 -63.97
N GLU D 238 -57.19 -30.60 -64.56
CA GLU D 238 -57.93 -30.77 -65.82
C GLU D 238 -57.00 -31.20 -66.95
N HIS D 239 -55.81 -30.57 -67.03
CA HIS D 239 -54.81 -30.97 -68.03
C HIS D 239 -54.32 -32.39 -67.79
N LEU D 240 -54.08 -32.74 -66.52
CA LEU D 240 -53.65 -34.11 -66.17
C LEU D 240 -54.74 -35.12 -66.53
N HIS D 241 -56.00 -34.77 -66.25
CA HIS D 241 -57.13 -35.65 -66.54
C HIS D 241 -57.27 -35.86 -68.04
N ALA D 242 -57.08 -34.79 -68.82
CA ALA D 242 -57.16 -34.92 -70.28
C ALA D 242 -56.05 -35.82 -70.82
N TYR D 243 -54.82 -35.65 -70.30
CA TYR D 243 -53.70 -36.48 -70.74
C TYR D 243 -53.91 -37.95 -70.36
N VAL D 244 -54.38 -38.19 -69.12
CA VAL D 244 -54.64 -39.54 -68.64
C VAL D 244 -55.76 -40.16 -69.46
N ARG D 245 -56.79 -39.38 -69.78
CA ARG D 245 -57.92 -39.86 -70.57
C ARG D 245 -57.48 -40.25 -71.97
N ARG D 246 -56.59 -39.44 -72.59
CA ARG D 246 -56.07 -39.78 -73.91
C ARG D 246 -55.24 -41.06 -73.88
N LYS D 247 -54.38 -41.19 -72.85
CA LYS D 247 -53.56 -42.40 -72.74
C LYS D 247 -54.41 -43.64 -72.49
N LEU D 248 -55.44 -43.51 -71.64
CA LEU D 248 -56.36 -44.62 -71.39
C LEU D 248 -57.16 -44.95 -72.66
N MET D 249 -57.52 -43.92 -73.44
CA MET D 249 -58.20 -44.13 -74.71
C MET D 249 -57.32 -44.91 -75.67
N ASP D 250 -56.00 -44.63 -75.64
CA ASP D 250 -55.06 -45.43 -76.40
C ASP D 250 -55.07 -46.87 -75.89
N THR D 251 -55.08 -47.04 -74.56
CA THR D 251 -55.20 -48.37 -73.96
C THR D 251 -56.57 -49.01 -74.23
N TYR D 252 -57.66 -48.26 -74.02
CA TYR D 252 -59.00 -48.78 -74.27
C TYR D 252 -59.59 -48.06 -75.47
N PRO D 253 -59.67 -48.71 -76.65
CA PRO D 253 -60.07 -47.98 -77.88
C PRO D 253 -61.48 -47.42 -77.93
N SER D 254 -62.50 -48.19 -77.56
CA SER D 254 -63.87 -47.73 -77.72
C SER D 254 -64.64 -47.51 -76.43
N TYR D 255 -64.06 -47.82 -75.27
CA TYR D 255 -64.81 -47.76 -74.03
C TYR D 255 -64.71 -46.41 -73.33
N ILE D 256 -63.86 -45.51 -73.80
CA ILE D 256 -63.69 -44.17 -73.23
C ILE D 256 -63.94 -43.13 -74.32
N SER D 257 -64.79 -42.12 -74.01
CA SER D 257 -65.17 -41.00 -74.86
C SER D 257 -64.14 -39.87 -74.74
N PRO D 258 -63.89 -39.14 -75.84
CA PRO D 258 -62.97 -37.98 -75.74
C PRO D 258 -63.48 -36.86 -74.85
N THR D 259 -64.77 -36.55 -74.90
CA THR D 259 -65.32 -35.45 -74.13
C THR D 259 -65.90 -35.90 -72.79
N GLY D 260 -65.90 -37.21 -72.52
CA GLY D 260 -66.54 -37.74 -71.33
C GLY D 260 -65.60 -37.85 -70.14
N CYS D 261 -66.19 -38.24 -69.02
CA CYS D 261 -65.45 -38.54 -67.80
C CYS D 261 -64.79 -39.91 -67.90
N LEU D 262 -63.77 -40.11 -67.05
CA LEU D 262 -63.12 -41.41 -66.95
C LEU D 262 -64.00 -42.43 -66.22
N PRO D 263 -63.97 -43.69 -66.65
CA PRO D 263 -64.66 -44.75 -65.89
C PRO D 263 -64.03 -44.95 -64.52
N ALA D 264 -64.88 -45.30 -63.55
CA ALA D 264 -64.45 -45.44 -62.16
C ALA D 264 -63.45 -46.59 -61.95
N HIS D 265 -63.53 -47.64 -62.75
CA HIS D 265 -62.72 -48.83 -62.50
C HIS D 265 -61.42 -48.86 -63.30
N LEU D 266 -61.10 -47.78 -64.03
CA LEU D 266 -59.89 -47.74 -64.86
C LEU D 266 -58.81 -46.83 -64.29
N LEU D 267 -58.90 -46.47 -63.00
CA LEU D 267 -58.00 -45.48 -62.42
C LEU D 267 -56.82 -46.10 -61.69
N GLY D 268 -56.65 -47.42 -61.74
CA GLY D 268 -55.50 -48.08 -61.18
C GLY D 268 -55.63 -48.43 -59.71
N ASP D 269 -56.73 -48.04 -59.07
CA ASP D 269 -57.02 -48.30 -57.66
C ASP D 269 -58.45 -48.79 -57.56
N MET D 270 -58.76 -49.37 -56.40
CA MET D 270 -60.14 -49.82 -56.15
C MET D 270 -61.11 -48.65 -56.14
N TRP D 271 -60.72 -47.53 -55.53
CA TRP D 271 -61.61 -46.37 -55.41
C TRP D 271 -61.17 -45.20 -56.25
N GLY D 272 -60.05 -45.29 -56.97
CA GLY D 272 -59.54 -44.14 -57.68
C GLY D 272 -58.78 -43.16 -56.80
N ARG D 273 -58.43 -43.56 -55.58
CA ARG D 273 -57.74 -42.67 -54.64
C ARG D 273 -56.36 -42.26 -55.14
N PHE D 274 -55.60 -43.19 -55.69
CA PHE D 274 -54.27 -42.89 -56.23
C PHE D 274 -54.20 -43.32 -57.68
N TRP D 275 -53.63 -42.44 -58.51
CA TRP D 275 -53.47 -42.72 -59.93
C TRP D 275 -52.09 -43.27 -60.25
N THR D 276 -51.31 -43.62 -59.21
CA THR D 276 -49.92 -44.05 -59.37
C THR D 276 -49.77 -45.34 -60.16
N ASN D 277 -50.80 -46.19 -60.19
CA ASN D 277 -50.72 -47.46 -60.90
C ASN D 277 -50.97 -47.31 -62.40
N LEU D 278 -51.31 -46.10 -62.86
CA LEU D 278 -51.52 -45.83 -64.27
C LEU D 278 -50.25 -45.39 -64.96
N TYR D 279 -49.13 -45.34 -64.23
CA TYR D 279 -47.88 -44.83 -64.80
C TYR D 279 -47.31 -45.64 -65.98
N PRO D 280 -47.33 -46.99 -66.00
CA PRO D 280 -46.89 -47.67 -67.25
C PRO D 280 -47.76 -47.36 -68.45
N LEU D 281 -49.08 -47.30 -68.26
CA LEU D 281 -50.00 -46.92 -69.33
C LEU D 281 -49.80 -45.46 -69.75
N THR D 282 -49.52 -44.57 -68.81
CA THR D 282 -49.49 -43.14 -69.08
C THR D 282 -48.06 -42.57 -69.08
N VAL D 283 -47.05 -43.41 -69.29
CA VAL D 283 -45.65 -42.94 -69.26
C VAL D 283 -45.40 -41.96 -70.40
N PRO D 284 -44.77 -40.80 -70.15
CA PRO D 284 -44.42 -39.91 -71.26
C PRO D 284 -43.36 -40.46 -72.20
N PHE D 285 -42.29 -40.99 -71.61
CA PHE D 285 -41.16 -41.55 -72.36
C PHE D 285 -40.88 -42.97 -71.87
N ALA D 286 -41.36 -43.96 -72.64
CA ALA D 286 -41.14 -45.36 -72.29
C ALA D 286 -39.66 -45.72 -72.33
N GLN D 287 -38.93 -45.17 -73.31
CA GLN D 287 -37.52 -45.51 -73.53
C GLN D 287 -36.64 -45.13 -72.35
N LYS D 288 -36.90 -43.98 -71.73
CA LYS D 288 -36.03 -43.51 -70.65
C LYS D 288 -36.31 -44.29 -69.37
N PRO D 289 -35.26 -44.80 -68.70
CA PRO D 289 -35.44 -45.55 -67.45
C PRO D 289 -35.79 -44.63 -66.30
N ASN D 290 -36.29 -45.24 -65.23
CA ASN D 290 -36.60 -44.52 -64.01
C ASN D 290 -35.32 -44.21 -63.25
N ILE D 291 -35.44 -43.43 -62.17
CA ILE D 291 -34.30 -42.93 -61.42
C ILE D 291 -33.96 -43.92 -60.28
N ASP D 292 -34.54 -45.12 -60.37
CA ASP D 292 -34.40 -46.16 -59.33
C ASP D 292 -32.94 -46.53 -59.11
N VAL D 293 -32.55 -46.60 -57.83
CA VAL D 293 -31.16 -46.87 -57.48
C VAL D 293 -31.02 -48.15 -56.66
N THR D 294 -32.01 -49.05 -56.75
CA THR D 294 -32.00 -50.29 -55.97
C THR D 294 -30.81 -51.16 -56.34
N ASP D 295 -30.51 -51.25 -57.64
CA ASP D 295 -29.41 -52.07 -58.13
C ASP D 295 -28.06 -51.56 -57.61
N ALA D 296 -27.91 -50.23 -57.54
CA ALA D 296 -26.69 -49.63 -57.00
C ALA D 296 -26.52 -49.97 -55.52
N MET D 297 -27.63 -50.00 -54.76
CA MET D 297 -27.58 -50.42 -53.37
C MET D 297 -27.18 -51.89 -53.26
N MET D 298 -27.71 -52.72 -54.18
CA MET D 298 -27.35 -54.14 -54.19
C MET D 298 -25.87 -54.35 -54.49
N ASN D 299 -25.33 -53.60 -55.44
CA ASN D 299 -23.92 -53.74 -55.82
C ASN D 299 -22.99 -53.33 -54.69
N GLN D 300 -23.34 -52.28 -53.94
CA GLN D 300 -22.46 -51.75 -52.91
C GLN D 300 -22.69 -52.38 -51.54
N GLY D 301 -23.54 -53.39 -51.46
CA GLY D 301 -23.82 -54.08 -50.21
C GLY D 301 -24.44 -53.22 -49.13
N TRP D 302 -25.34 -52.32 -49.50
CA TRP D 302 -26.06 -51.53 -48.51
C TRP D 302 -27.06 -52.40 -47.74
N ASP D 303 -27.33 -51.99 -46.51
CA ASP D 303 -28.29 -52.66 -45.64
C ASP D 303 -29.13 -51.59 -44.95
N ALA D 304 -30.12 -52.06 -44.18
CA ALA D 304 -31.07 -51.16 -43.52
C ALA D 304 -30.37 -50.20 -42.55
N GLU D 305 -29.34 -50.71 -41.86
CA GLU D 305 -28.58 -49.89 -40.92
C GLU D 305 -27.90 -48.74 -41.65
N ARG D 306 -27.35 -49.03 -42.84
CA ARG D 306 -26.75 -47.98 -43.66
C ARG D 306 -27.80 -46.99 -44.14
N ILE D 307 -29.00 -47.46 -44.47
CA ILE D 307 -30.07 -46.58 -44.94
C ILE D 307 -30.45 -45.57 -43.86
N PHE D 308 -30.62 -46.06 -42.63
CA PHE D 308 -30.94 -45.18 -41.51
C PHE D 308 -29.75 -44.27 -41.18
N GLN D 309 -28.52 -44.78 -41.29
CA GLN D 309 -27.34 -43.95 -41.04
C GLN D 309 -27.23 -42.82 -42.06
N GLU D 310 -27.54 -43.10 -43.33
CA GLU D 310 -27.55 -42.06 -44.36
C GLU D 310 -28.63 -41.02 -44.08
N ALA D 311 -29.81 -41.49 -43.62
CA ALA D 311 -30.88 -40.58 -43.25
C ALA D 311 -30.44 -39.69 -42.08
N GLU D 312 -29.75 -40.30 -41.10
CA GLU D 312 -29.22 -39.56 -39.96
C GLU D 312 -28.20 -38.53 -40.42
N LYS D 313 -27.36 -38.90 -41.40
CA LYS D 313 -26.36 -37.99 -41.93
C LYS D 313 -27.02 -36.80 -42.59
N PHE D 314 -28.14 -37.04 -43.30
CA PHE D 314 -28.88 -35.94 -43.92
C PHE D 314 -29.46 -35.02 -42.85
N PHE D 315 -30.04 -35.60 -41.79
CA PHE D 315 -30.65 -34.80 -40.72
C PHE D 315 -29.62 -33.99 -39.94
N VAL D 316 -28.46 -34.58 -39.63
CA VAL D 316 -27.42 -33.79 -38.98
C VAL D 316 -26.90 -32.70 -39.93
N SER D 317 -26.77 -33.02 -41.23
CA SER D 317 -26.25 -32.06 -42.20
C SER D 317 -27.16 -30.85 -42.33
N VAL D 318 -28.49 -31.07 -42.29
CA VAL D 318 -29.44 -29.96 -42.33
C VAL D 318 -29.45 -29.20 -41.01
N GLY D 319 -28.85 -29.75 -39.96
CA GLY D 319 -28.77 -29.13 -38.65
C GLY D 319 -29.72 -29.63 -37.58
N LEU D 320 -30.60 -30.58 -37.89
CA LEU D 320 -31.41 -31.20 -36.84
C LEU D 320 -30.53 -32.12 -35.98
N PRO D 321 -30.92 -32.39 -34.74
CA PRO D 321 -30.08 -33.19 -33.84
C PRO D 321 -29.92 -34.65 -34.26
N HIS D 322 -28.87 -35.27 -33.72
CA HIS D 322 -28.56 -36.67 -33.99
C HIS D 322 -29.61 -37.58 -33.35
N MET D 323 -29.69 -38.80 -33.88
CA MET D 323 -30.59 -39.80 -33.31
C MET D 323 -30.08 -40.27 -31.95
N THR D 324 -31.01 -40.65 -31.08
CA THR D 324 -30.63 -41.09 -29.74
C THR D 324 -30.02 -42.50 -29.80
N GLN D 325 -29.26 -42.82 -28.74
CA GLN D 325 -28.71 -44.17 -28.59
C GLN D 325 -29.84 -45.19 -28.42
N GLY D 326 -30.89 -44.79 -27.70
CA GLY D 326 -32.05 -45.65 -27.51
C GLY D 326 -32.74 -46.03 -28.80
N PHE D 327 -32.78 -45.08 -29.75
CA PHE D 327 -33.38 -45.34 -31.05
C PHE D 327 -32.65 -46.45 -31.79
N TRP D 328 -31.32 -46.41 -31.81
CA TRP D 328 -30.56 -47.48 -32.44
C TRP D 328 -30.69 -48.80 -31.67
N ALA D 329 -30.62 -48.74 -30.34
CA ALA D 329 -30.66 -49.95 -29.53
C ALA D 329 -32.02 -50.67 -29.59
N ASN D 330 -33.12 -49.95 -29.49
CA ASN D 330 -34.41 -50.60 -29.32
C ASN D 330 -35.22 -50.83 -30.60
N SER D 331 -34.98 -50.07 -31.65
CA SER D 331 -35.82 -50.19 -32.84
C SER D 331 -35.51 -51.46 -33.60
N MET D 332 -36.48 -51.89 -34.40
CA MET D 332 -36.27 -52.98 -35.35
C MET D 332 -36.25 -52.35 -36.75
N LEU D 333 -35.17 -52.57 -37.48
CA LEU D 333 -35.06 -52.08 -38.84
C LEU D 333 -35.01 -53.21 -39.86
N THR D 334 -35.23 -54.45 -39.43
CA THR D 334 -35.12 -55.62 -40.29
C THR D 334 -36.19 -56.60 -39.81
N GLU D 335 -36.61 -57.51 -40.71
CA GLU D 335 -37.48 -58.60 -40.30
C GLU D 335 -36.73 -59.46 -39.28
N PRO D 336 -37.33 -59.76 -38.12
CA PRO D 336 -36.58 -60.49 -37.08
C PRO D 336 -36.20 -61.91 -37.45
N ALA D 337 -37.11 -62.65 -38.10
CA ALA D 337 -36.89 -64.02 -38.60
C ALA D 337 -36.56 -65.00 -37.48
N ASP D 338 -37.03 -64.72 -36.27
CA ASP D 338 -36.85 -65.61 -35.12
C ASP D 338 -38.15 -66.23 -34.64
N GLY D 339 -39.18 -66.23 -35.50
CA GLY D 339 -40.46 -66.80 -35.14
C GLY D 339 -41.49 -65.87 -34.54
N ARG D 340 -41.25 -64.56 -34.50
CA ARG D 340 -42.26 -63.63 -34.02
C ARG D 340 -42.91 -62.92 -35.20
N LYS D 341 -44.24 -62.88 -35.21
CA LYS D 341 -44.99 -62.17 -36.23
C LYS D 341 -44.88 -60.66 -36.04
N VAL D 342 -44.82 -59.93 -37.15
CA VAL D 342 -44.67 -58.48 -37.12
C VAL D 342 -45.65 -57.85 -38.11
N VAL D 343 -45.87 -56.56 -37.92
CA VAL D 343 -46.68 -55.77 -38.84
C VAL D 343 -45.76 -55.20 -39.91
N CYS D 344 -46.10 -55.40 -41.18
CA CYS D 344 -45.25 -54.95 -42.28
C CYS D 344 -45.13 -53.43 -42.32
N HIS D 345 -46.22 -52.72 -42.01
CA HIS D 345 -46.31 -51.27 -42.20
C HIS D 345 -45.27 -50.52 -41.36
N PRO D 346 -44.55 -49.57 -41.94
CA PRO D 346 -43.61 -48.74 -41.15
C PRO D 346 -44.37 -47.77 -40.26
N THR D 347 -43.98 -47.70 -38.99
CA THR D 347 -44.63 -46.79 -38.06
C THR D 347 -43.56 -46.16 -37.17
N ALA D 348 -43.70 -44.86 -36.89
CA ALA D 348 -42.80 -44.17 -35.97
C ALA D 348 -43.50 -44.00 -34.62
N TRP D 349 -42.84 -44.43 -33.56
CA TRP D 349 -43.42 -44.46 -32.23
C TRP D 349 -42.70 -43.46 -31.32
N ASP D 350 -43.47 -42.59 -30.68
CA ASP D 350 -42.96 -41.72 -29.63
C ASP D 350 -43.53 -42.31 -28.35
N LEU D 351 -42.75 -43.17 -27.69
CA LEU D 351 -43.24 -43.85 -26.51
C LEU D 351 -43.39 -42.90 -25.32
N GLY D 352 -42.61 -41.84 -25.29
CA GLY D 352 -42.57 -40.94 -24.16
C GLY D 352 -41.28 -41.13 -23.36
N HIS D 353 -40.98 -40.10 -22.54
CA HIS D 353 -39.78 -40.08 -21.68
C HIS D 353 -38.52 -40.21 -22.52
N GLY D 354 -38.52 -39.56 -23.69
CA GLY D 354 -37.35 -39.54 -24.54
C GLY D 354 -37.08 -40.83 -25.28
N ASP D 355 -38.08 -41.71 -25.38
CA ASP D 355 -37.95 -42.96 -26.12
C ASP D 355 -38.63 -42.79 -27.49
N PHE D 356 -37.81 -42.87 -28.54
CA PHE D 356 -38.26 -42.72 -29.92
C PHE D 356 -37.83 -43.96 -30.71
N ARG D 357 -38.77 -44.63 -31.36
CA ARG D 357 -38.48 -45.87 -32.06
C ARG D 357 -39.13 -45.87 -33.44
N ILE D 358 -38.57 -46.68 -34.34
CA ILE D 358 -39.17 -46.91 -35.66
C ILE D 358 -39.36 -48.41 -35.86
N LYS D 359 -40.57 -48.82 -36.22
CA LYS D 359 -40.82 -50.21 -36.60
C LYS D 359 -40.99 -50.22 -38.11
N MET D 360 -39.97 -50.69 -38.83
CA MET D 360 -40.08 -50.86 -40.26
C MET D 360 -39.33 -52.11 -40.68
N CYS D 361 -39.96 -52.95 -41.50
CA CYS D 361 -39.30 -54.13 -42.05
C CYS D 361 -38.62 -53.65 -43.33
N THR D 362 -37.40 -53.14 -43.19
CA THR D 362 -36.75 -52.46 -44.31
C THR D 362 -36.05 -53.44 -45.24
N LYS D 363 -36.47 -53.44 -46.50
CA LYS D 363 -35.77 -54.15 -47.56
C LYS D 363 -34.86 -53.13 -48.23
N VAL D 364 -33.83 -53.60 -48.93
CA VAL D 364 -32.86 -52.69 -49.52
C VAL D 364 -33.38 -52.23 -50.89
N THR D 365 -34.24 -51.20 -50.86
CA THR D 365 -34.85 -50.60 -52.03
C THR D 365 -34.85 -49.08 -51.90
N MET D 366 -35.05 -48.40 -53.04
CA MET D 366 -35.17 -46.94 -53.03
C MET D 366 -36.42 -46.49 -52.24
N ASP D 367 -37.53 -47.21 -52.42
CA ASP D 367 -38.79 -46.83 -51.78
C ASP D 367 -38.68 -46.91 -50.27
N ASN D 368 -38.03 -47.95 -49.77
CA ASN D 368 -37.79 -48.10 -48.34
C ASN D 368 -36.87 -47.01 -47.83
N PHE D 369 -35.90 -46.60 -48.66
CA PHE D 369 -34.99 -45.52 -48.29
C PHE D 369 -35.75 -44.21 -48.10
N LEU D 370 -36.68 -43.91 -49.02
CA LEU D 370 -37.54 -42.73 -48.88
C LEU D 370 -38.45 -42.86 -47.67
N THR D 371 -38.98 -44.08 -47.44
CA THR D 371 -39.84 -44.34 -46.29
C THR D 371 -39.08 -44.13 -44.99
N ALA D 372 -37.80 -44.55 -44.96
CA ALA D 372 -36.95 -44.35 -43.79
C ALA D 372 -36.75 -42.88 -43.52
N HIS D 373 -36.55 -42.08 -44.58
CA HIS D 373 -36.45 -40.63 -44.41
C HIS D 373 -37.74 -40.05 -43.85
N HIS D 374 -38.89 -40.53 -44.34
CA HIS D 374 -40.19 -40.04 -43.88
C HIS D 374 -40.41 -40.38 -42.39
N GLU D 375 -40.13 -41.62 -42.00
CA GLU D 375 -40.31 -42.03 -40.60
C GLU D 375 -39.32 -41.32 -39.69
N MET D 376 -38.07 -41.14 -40.15
CA MET D 376 -37.10 -40.39 -39.34
C MET D 376 -37.55 -38.95 -39.19
N GLY D 377 -38.19 -38.38 -40.23
CA GLY D 377 -38.76 -37.06 -40.12
C GLY D 377 -39.85 -37.00 -39.06
N HIS D 378 -40.66 -38.07 -38.98
CA HIS D 378 -41.68 -38.17 -37.94
C HIS D 378 -41.03 -38.20 -36.56
N ILE D 379 -39.94 -38.97 -36.43
CA ILE D 379 -39.24 -39.10 -35.15
C ILE D 379 -38.62 -37.77 -34.75
N GLN D 380 -38.03 -37.05 -35.72
CA GLN D 380 -37.43 -35.74 -35.45
C GLN D 380 -38.49 -34.74 -35.01
N TYR D 381 -39.67 -34.81 -35.64
CA TYR D 381 -40.78 -33.95 -35.26
C TYR D 381 -41.22 -34.26 -33.83
N ASP D 382 -41.27 -35.54 -33.47
CA ASP D 382 -41.62 -35.95 -32.11
C ASP D 382 -40.56 -35.48 -31.10
N MET D 383 -39.28 -35.61 -31.47
CA MET D 383 -38.17 -35.25 -30.60
C MET D 383 -38.14 -33.75 -30.30
N ALA D 384 -38.45 -32.92 -31.29
CA ALA D 384 -38.33 -31.47 -31.13
C ALA D 384 -39.29 -30.93 -30.06
N TYR D 385 -40.50 -31.46 -29.98
CA TYR D 385 -41.49 -30.91 -29.06
C TYR D 385 -41.52 -31.68 -27.74
N ALA D 386 -40.50 -32.50 -27.46
CA ALA D 386 -40.41 -33.22 -26.19
C ALA D 386 -40.31 -32.26 -25.00
N ARG D 387 -39.71 -31.08 -25.19
CA ARG D 387 -39.62 -30.08 -24.13
C ARG D 387 -41.01 -29.61 -23.67
N GLN D 388 -41.98 -29.60 -24.58
CA GLN D 388 -43.32 -29.09 -24.31
C GLN D 388 -44.05 -29.98 -23.29
N PRO D 389 -45.09 -29.47 -22.64
CA PRO D 389 -45.87 -30.31 -21.72
C PRO D 389 -46.59 -31.43 -22.47
N PHE D 390 -47.03 -32.43 -21.69
CA PHE D 390 -47.52 -33.69 -22.24
C PHE D 390 -48.74 -33.51 -23.15
N LEU D 391 -49.68 -32.64 -22.77
CA LEU D 391 -50.86 -32.45 -23.61
C LEU D 391 -50.53 -31.76 -24.93
N LEU D 392 -49.43 -31.00 -24.97
CA LEU D 392 -49.02 -30.28 -26.16
C LEU D 392 -47.91 -30.98 -26.93
N ARG D 393 -47.61 -32.23 -26.59
CA ARG D 393 -46.63 -32.98 -27.37
C ARG D 393 -47.33 -33.68 -28.54
N ASN D 394 -47.76 -32.86 -29.49
CA ASN D 394 -48.48 -33.33 -30.68
C ASN D 394 -48.15 -32.39 -31.82
N GLY D 395 -48.62 -32.75 -33.02
CA GLY D 395 -48.49 -31.85 -34.15
C GLY D 395 -49.41 -30.67 -34.03
N ALA D 396 -49.12 -29.60 -34.79
CA ALA D 396 -49.96 -28.41 -34.78
C ALA D 396 -51.36 -28.76 -35.26
N ASN D 397 -51.45 -29.60 -36.28
CA ASN D 397 -52.68 -30.20 -36.76
C ASN D 397 -52.29 -31.52 -37.40
N GLU D 398 -53.29 -32.27 -37.87
CA GLU D 398 -53.06 -33.60 -38.43
C GLU D 398 -52.15 -33.56 -39.66
N GLY D 399 -52.32 -32.54 -40.50
CA GLY D 399 -51.50 -32.40 -41.71
C GLY D 399 -50.01 -32.20 -41.46
N PHE D 400 -49.66 -31.43 -40.41
CA PHE D 400 -48.26 -31.03 -40.17
C PHE D 400 -47.35 -32.23 -39.94
N HIS D 401 -47.84 -33.22 -39.18
CA HIS D 401 -47.02 -34.38 -38.80
C HIS D 401 -46.64 -35.20 -40.03
N GLU D 402 -47.59 -35.43 -40.93
CA GLU D 402 -47.30 -36.10 -42.19
C GLU D 402 -46.43 -35.25 -43.11
N ALA D 403 -46.69 -33.93 -43.15
CA ALA D 403 -45.98 -33.03 -44.05
C ALA D 403 -44.48 -32.96 -43.76
N VAL D 404 -44.11 -32.93 -42.47
CA VAL D 404 -42.69 -32.82 -42.12
C VAL D 404 -41.92 -34.05 -42.60
N GLY D 405 -42.52 -35.25 -42.49
CA GLY D 405 -41.90 -36.43 -43.08
C GLY D 405 -41.85 -36.36 -44.59
N GLU D 406 -42.93 -35.87 -45.22
CA GLU D 406 -43.01 -35.80 -46.68
C GLU D 406 -41.96 -34.89 -47.31
N ILE D 407 -41.65 -33.75 -46.66
CA ILE D 407 -40.62 -32.87 -47.22
C ILE D 407 -39.25 -33.57 -47.26
N MET D 408 -38.93 -34.34 -46.21
CA MET D 408 -37.69 -35.11 -46.20
C MET D 408 -37.71 -36.18 -47.28
N SER D 409 -38.87 -36.81 -47.49
CA SER D 409 -38.99 -37.79 -48.58
C SER D 409 -38.78 -37.14 -49.93
N LEU D 410 -39.28 -35.91 -50.11
CA LEU D 410 -39.08 -35.15 -51.35
C LEU D 410 -37.61 -34.84 -51.56
N SER D 411 -36.93 -34.37 -50.51
CA SER D 411 -35.52 -34.00 -50.61
C SER D 411 -34.63 -35.22 -50.85
N ALA D 412 -34.94 -36.35 -50.22
CA ALA D 412 -34.12 -37.55 -50.35
C ALA D 412 -34.11 -38.09 -51.77
N ALA D 413 -35.22 -37.96 -52.50
CA ALA D 413 -35.35 -38.59 -53.81
C ALA D 413 -34.70 -37.80 -54.95
N THR D 414 -34.19 -36.59 -54.69
CA THR D 414 -33.64 -35.77 -55.75
C THR D 414 -32.34 -36.38 -56.30
N PRO D 415 -32.06 -36.18 -57.60
CA PRO D 415 -30.79 -36.67 -58.18
C PRO D 415 -29.53 -36.10 -57.56
N LYS D 416 -29.57 -34.83 -57.11
CA LYS D 416 -28.43 -34.22 -56.43
C LYS D 416 -28.08 -34.97 -55.14
N HIS D 417 -29.10 -35.33 -54.36
CA HIS D 417 -28.88 -36.07 -53.12
C HIS D 417 -28.32 -37.46 -53.38
N LEU D 418 -28.85 -38.15 -54.40
CA LEU D 418 -28.35 -39.47 -54.75
C LEU D 418 -26.91 -39.43 -55.27
N LYS D 419 -26.58 -38.42 -56.09
CA LYS D 419 -25.20 -38.25 -56.53
C LYS D 419 -24.26 -37.93 -55.37
N SER D 420 -24.72 -37.10 -54.42
CA SER D 420 -23.87 -36.65 -53.31
C SER D 420 -23.44 -37.82 -52.43
N ILE D 421 -24.35 -38.78 -52.21
CA ILE D 421 -24.10 -39.90 -51.32
C ILE D 421 -23.58 -41.12 -52.07
N GLY D 422 -23.35 -41.00 -53.38
CA GLY D 422 -22.73 -42.06 -54.15
C GLY D 422 -23.67 -43.14 -54.65
N LEU D 423 -24.96 -43.04 -54.38
CA LEU D 423 -25.92 -43.97 -54.96
C LEU D 423 -25.98 -43.85 -56.48
N LEU D 424 -25.91 -42.63 -56.98
CA LEU D 424 -26.00 -42.34 -58.39
C LEU D 424 -24.65 -41.85 -58.90
N PRO D 425 -24.22 -42.28 -60.10
CA PRO D 425 -22.87 -41.96 -60.58
C PRO D 425 -22.66 -40.46 -60.79
N SER D 426 -21.40 -40.04 -60.61
CA SER D 426 -21.02 -38.63 -60.68
C SER D 426 -21.28 -38.03 -62.06
N ASP D 427 -21.18 -38.85 -63.12
CA ASP D 427 -21.29 -38.35 -64.48
C ASP D 427 -22.73 -38.39 -65.01
N PHE D 428 -23.70 -38.62 -64.13
CA PHE D 428 -25.10 -38.76 -64.54
C PHE D 428 -25.63 -37.47 -65.18
N GLN D 429 -26.34 -37.62 -66.29
CA GLN D 429 -26.90 -36.49 -67.02
C GLN D 429 -28.39 -36.43 -66.76
N GLU D 430 -28.88 -35.27 -66.32
CA GLU D 430 -30.31 -35.07 -66.07
C GLU D 430 -30.93 -34.38 -67.28
N ASP D 431 -31.55 -35.17 -68.14
CA ASP D 431 -32.27 -34.61 -69.27
C ASP D 431 -33.68 -34.19 -68.83
N SER D 432 -34.34 -33.40 -69.69
CA SER D 432 -35.69 -32.93 -69.41
C SER D 432 -36.69 -34.08 -69.30
N GLU D 433 -36.51 -35.13 -70.11
CA GLU D 433 -37.48 -36.23 -70.20
C GLU D 433 -37.64 -36.99 -68.88
N THR D 434 -36.54 -37.28 -68.18
CA THR D 434 -36.63 -37.93 -66.87
C THR D 434 -37.32 -37.03 -65.86
N GLU D 435 -37.07 -35.72 -65.91
CA GLU D 435 -37.75 -34.79 -65.01
C GLU D 435 -39.25 -34.81 -65.28
N ILE D 436 -39.63 -34.84 -66.57
CA ILE D 436 -41.04 -34.83 -66.95
C ILE D 436 -41.76 -36.10 -66.49
N ASN D 437 -41.15 -37.28 -66.72
CA ASN D 437 -41.85 -38.52 -66.32
C ASN D 437 -41.91 -38.65 -64.81
N PHE D 438 -40.84 -38.25 -64.10
CA PHE D 438 -40.84 -38.28 -62.65
C PHE D 438 -41.91 -37.34 -62.08
N LEU D 439 -42.03 -36.13 -62.66
CA LEU D 439 -43.04 -35.18 -62.23
C LEU D 439 -44.45 -35.70 -62.51
N LEU D 440 -44.64 -36.38 -63.65
CA LEU D 440 -45.94 -36.97 -63.94
C LEU D 440 -46.29 -38.07 -62.94
N LYS D 441 -45.33 -38.91 -62.56
CA LYS D 441 -45.57 -39.93 -61.55
C LYS D 441 -45.94 -39.31 -60.21
N GLN D 442 -45.22 -38.23 -59.85
CA GLN D 442 -45.51 -37.50 -58.61
C GLN D 442 -46.90 -36.89 -58.66
N ALA D 443 -47.29 -36.36 -59.83
CA ALA D 443 -48.61 -35.78 -60.00
C ALA D 443 -49.70 -36.83 -59.87
N LEU D 444 -49.49 -38.01 -60.46
CA LEU D 444 -50.47 -39.08 -60.39
C LEU D 444 -50.67 -39.55 -58.95
N THR D 445 -49.58 -39.68 -58.20
CA THR D 445 -49.70 -39.99 -56.78
C THR D 445 -50.30 -38.83 -55.97
N ILE D 446 -49.88 -37.60 -56.23
CA ILE D 446 -50.16 -36.45 -55.36
C ILE D 446 -51.29 -35.55 -55.88
N VAL D 447 -51.22 -35.08 -57.13
CA VAL D 447 -52.28 -34.21 -57.67
C VAL D 447 -53.59 -34.97 -57.83
N GLY D 448 -53.52 -36.23 -58.27
CA GLY D 448 -54.71 -37.02 -58.56
C GLY D 448 -55.58 -37.26 -57.34
N THR D 449 -54.95 -37.51 -56.20
CA THR D 449 -55.68 -37.80 -54.96
C THR D 449 -56.50 -36.60 -54.48
N LEU D 450 -56.09 -35.37 -54.82
CA LEU D 450 -56.74 -34.17 -54.30
C LEU D 450 -58.21 -33.97 -54.68
N PRO D 451 -58.67 -34.16 -55.94
CA PRO D 451 -60.13 -34.06 -56.19
C PRO D 451 -60.93 -35.13 -55.47
N PHE D 452 -60.41 -36.36 -55.40
CA PHE D 452 -61.08 -37.43 -54.69
C PHE D 452 -61.21 -37.10 -53.22
N THR D 453 -60.13 -36.58 -52.62
CA THR D 453 -60.13 -36.21 -51.21
C THR D 453 -61.11 -35.08 -50.93
N TYR D 454 -61.11 -34.04 -51.78
CA TYR D 454 -62.00 -32.90 -51.58
C TYR D 454 -63.46 -33.31 -51.74
N MET D 455 -63.75 -34.11 -52.78
CA MET D 455 -65.13 -34.53 -53.04
C MET D 455 -65.64 -35.43 -51.92
N LEU D 456 -64.80 -36.37 -51.45
CA LEU D 456 -65.21 -37.28 -50.38
C LEU D 456 -65.46 -36.54 -49.08
N GLU D 457 -64.56 -35.61 -48.73
CA GLU D 457 -64.72 -34.84 -47.50
C GLU D 457 -65.94 -33.93 -47.58
N LYS D 458 -66.16 -33.31 -48.75
CA LYS D 458 -67.33 -32.45 -48.95
C LYS D 458 -68.61 -33.24 -48.82
N TRP D 459 -68.64 -34.45 -49.39
CA TRP D 459 -69.81 -35.32 -49.28
C TRP D 459 -70.08 -35.71 -47.84
N ARG D 460 -69.02 -36.07 -47.11
CA ARG D 460 -69.19 -36.46 -45.71
C ARG D 460 -69.68 -35.29 -44.86
N TRP D 461 -69.14 -34.09 -45.10
CA TRP D 461 -69.52 -32.90 -44.35
C TRP D 461 -70.99 -32.54 -44.61
N MET D 462 -71.40 -32.57 -45.88
CA MET D 462 -72.79 -32.28 -46.24
C MET D 462 -73.76 -33.35 -45.73
N VAL D 463 -73.36 -34.62 -45.74
CA VAL D 463 -74.19 -35.69 -45.19
C VAL D 463 -74.37 -35.51 -43.68
N PHE D 464 -73.28 -35.20 -42.96
CA PHE D 464 -73.40 -34.96 -41.53
C PHE D 464 -74.24 -33.73 -41.23
N ARG D 465 -74.07 -32.68 -42.04
CA ARG D 465 -74.85 -31.46 -41.91
C ARG D 465 -76.33 -31.69 -42.19
N GLY D 466 -76.66 -32.60 -43.11
CA GLY D 466 -78.02 -32.76 -43.57
C GLY D 466 -78.37 -31.94 -44.79
N GLU D 467 -77.38 -31.29 -45.41
CA GLU D 467 -77.58 -30.57 -46.66
C GLU D 467 -78.00 -31.51 -47.79
N ILE D 468 -77.43 -32.71 -47.82
CA ILE D 468 -77.84 -33.74 -48.78
C ILE D 468 -79.02 -34.49 -48.18
N PRO D 469 -80.13 -34.66 -48.91
CA PRO D 469 -81.27 -35.39 -48.35
C PRO D 469 -80.92 -36.85 -48.17
N LYS D 470 -81.57 -37.48 -47.19
CA LYS D 470 -81.24 -38.86 -46.79
C LYS D 470 -81.45 -39.87 -47.91
N GLU D 471 -82.54 -39.72 -48.68
CA GLU D 471 -82.87 -40.70 -49.71
C GLU D 471 -82.22 -40.42 -51.06
N GLN D 472 -81.48 -39.32 -51.20
CA GLN D 472 -80.85 -38.93 -52.46
C GLN D 472 -79.33 -39.00 -52.44
N TRP D 473 -78.75 -39.75 -51.50
CA TRP D 473 -77.31 -39.72 -51.22
C TRP D 473 -76.48 -40.11 -52.44
N MET D 474 -76.84 -41.23 -53.06
CA MET D 474 -76.07 -41.77 -54.18
C MET D 474 -76.16 -40.81 -55.36
N LYS D 475 -77.36 -40.26 -55.57
CA LYS D 475 -77.61 -39.37 -56.69
C LYS D 475 -76.76 -38.12 -56.56
N LYS D 476 -76.59 -37.62 -55.33
CA LYS D 476 -75.68 -36.49 -55.13
C LYS D 476 -74.23 -36.86 -55.39
N TRP D 477 -73.78 -38.03 -54.87
CA TRP D 477 -72.35 -38.36 -54.90
C TRP D 477 -71.78 -38.50 -56.30
N TRP D 478 -72.50 -39.22 -57.17
CA TRP D 478 -72.02 -39.42 -58.53
C TRP D 478 -71.97 -38.09 -59.26
N GLU D 479 -72.96 -37.22 -58.99
CA GLU D 479 -73.01 -35.91 -59.64
C GLU D 479 -71.78 -35.12 -59.29
N MET D 480 -71.41 -35.15 -57.99
CA MET D 480 -70.24 -34.43 -57.54
C MET D 480 -68.98 -35.03 -58.14
N LYS D 481 -68.95 -36.37 -58.24
CA LYS D 481 -67.83 -37.05 -58.90
C LYS D 481 -67.77 -36.63 -60.36
N ARG D 482 -68.94 -36.49 -60.98
CA ARG D 482 -69.00 -35.93 -62.32
C ARG D 482 -68.57 -34.46 -62.32
N GLU D 483 -69.04 -33.68 -61.34
CA GLU D 483 -68.64 -32.27 -61.23
C GLU D 483 -67.20 -32.07 -60.78
N ILE D 484 -66.75 -32.76 -59.74
CA ILE D 484 -65.46 -32.45 -59.15
C ILE D 484 -64.33 -33.37 -59.61
N VAL D 485 -64.48 -34.68 -59.40
CA VAL D 485 -63.44 -35.62 -59.81
C VAL D 485 -63.39 -35.73 -61.33
N GLY D 486 -64.52 -35.58 -62.00
CA GLY D 486 -64.54 -35.82 -63.43
C GLY D 486 -64.47 -37.29 -63.75
N VAL D 487 -64.98 -38.14 -62.87
CA VAL D 487 -65.04 -39.58 -63.07
C VAL D 487 -66.50 -40.03 -63.04
N VAL D 488 -66.93 -40.79 -64.04
CA VAL D 488 -68.31 -41.20 -64.21
C VAL D 488 -68.45 -42.65 -63.72
N GLU D 489 -69.64 -42.99 -63.24
CA GLU D 489 -69.91 -44.38 -62.87
C GLU D 489 -69.98 -45.25 -64.13
N PRO D 490 -69.42 -46.47 -64.08
CA PRO D 490 -69.61 -47.39 -65.21
C PRO D 490 -71.04 -47.87 -65.36
N LEU D 491 -71.70 -48.16 -64.24
CA LEU D 491 -73.07 -48.66 -64.25
C LEU D 491 -73.90 -47.80 -63.32
N PRO D 492 -75.18 -47.58 -63.65
CA PRO D 492 -76.04 -46.78 -62.77
C PRO D 492 -76.25 -47.46 -61.42
N HIS D 493 -76.17 -46.67 -60.35
CA HIS D 493 -76.36 -47.15 -58.99
C HIS D 493 -77.57 -46.44 -58.37
N ASP D 494 -78.47 -47.21 -57.78
CA ASP D 494 -79.59 -46.61 -57.07
C ASP D 494 -79.19 -46.36 -55.61
N GLU D 495 -80.14 -45.87 -54.82
CA GLU D 495 -79.85 -45.45 -53.45
C GLU D 495 -79.67 -46.59 -52.46
N THR D 496 -79.98 -47.83 -52.84
CA THR D 496 -79.70 -48.97 -51.97
C THR D 496 -78.20 -49.21 -51.79
N TYR D 497 -77.38 -48.74 -52.73
CA TYR D 497 -75.92 -48.82 -52.64
C TYR D 497 -75.38 -47.80 -51.65
N CYS D 498 -74.21 -48.10 -51.09
CA CYS D 498 -73.47 -47.14 -50.27
C CYS D 498 -72.04 -47.14 -50.83
N ASP D 499 -71.89 -46.44 -51.96
CA ASP D 499 -70.63 -46.42 -52.70
C ASP D 499 -69.44 -45.80 -51.97
N PRO D 500 -69.57 -44.68 -51.20
CA PRO D 500 -68.41 -44.22 -50.43
C PRO D 500 -67.89 -45.21 -49.41
N ALA D 501 -68.78 -45.95 -48.75
CA ALA D 501 -68.46 -46.81 -47.61
C ALA D 501 -67.48 -47.93 -47.94
N SER D 502 -67.30 -48.26 -49.21
CA SER D 502 -66.31 -49.24 -49.62
C SER D 502 -64.89 -48.83 -49.27
N LEU D 503 -64.61 -47.53 -49.14
CA LEU D 503 -63.29 -47.06 -48.74
C LEU D 503 -63.00 -47.37 -47.27
N PHE D 504 -61.73 -47.65 -47.00
CA PHE D 504 -61.25 -48.04 -45.67
C PHE D 504 -61.42 -46.93 -44.63
N HIS D 505 -61.09 -45.69 -45.00
CA HIS D 505 -61.08 -44.57 -44.06
C HIS D 505 -62.48 -44.21 -43.54
N VAL D 506 -63.46 -44.18 -44.44
CA VAL D 506 -64.84 -43.89 -44.05
C VAL D 506 -65.47 -45.02 -43.22
N SER D 507 -65.20 -46.29 -43.56
CA SER D 507 -65.78 -47.39 -42.79
C SER D 507 -65.20 -47.51 -41.39
N ASN D 508 -63.99 -46.99 -41.16
CA ASN D 508 -63.31 -47.11 -39.88
C ASN D 508 -63.21 -45.77 -39.13
N ASP D 509 -64.06 -44.80 -39.50
CA ASP D 509 -64.18 -43.49 -38.82
C ASP D 509 -62.85 -42.72 -38.81
N TYR D 510 -62.31 -42.48 -40.01
CA TYR D 510 -61.08 -41.71 -40.13
C TYR D 510 -61.31 -40.45 -40.96
N SER D 511 -60.75 -39.34 -40.49
CA SER D 511 -60.77 -38.08 -41.22
C SER D 511 -59.93 -38.18 -42.48
N PHE D 512 -60.41 -37.58 -43.58
CA PHE D 512 -59.74 -37.69 -44.86
C PHE D 512 -59.13 -36.39 -45.34
N ILE D 513 -59.45 -35.25 -44.71
CA ILE D 513 -58.96 -33.95 -45.17
C ILE D 513 -57.49 -33.74 -44.85
N ARG D 514 -56.93 -34.59 -43.99
CA ARG D 514 -55.54 -34.50 -43.58
C ARG D 514 -54.59 -34.67 -44.77
N TYR D 515 -54.94 -35.56 -45.70
CA TYR D 515 -54.14 -35.75 -46.91
C TYR D 515 -54.10 -34.49 -47.78
N TYR D 516 -55.25 -33.81 -47.92
CA TYR D 516 -55.32 -32.56 -48.70
C TYR D 516 -54.47 -31.47 -48.04
N THR D 517 -54.60 -31.33 -46.71
CA THR D 517 -53.80 -30.34 -45.99
C THR D 517 -52.32 -30.71 -46.04
N ARG D 518 -52.02 -32.02 -45.97
CA ARG D 518 -50.66 -32.52 -46.03
C ARG D 518 -50.03 -32.15 -47.36
N THR D 519 -50.80 -32.31 -48.43
CA THR D 519 -50.33 -32.04 -49.78
C THR D 519 -50.01 -30.55 -49.95
N ILE D 520 -50.88 -29.67 -49.44
CA ILE D 520 -50.59 -28.24 -49.52
C ILE D 520 -49.38 -27.85 -48.67
N TYR D 521 -49.33 -28.37 -47.42
CA TYR D 521 -48.25 -28.02 -46.49
C TYR D 521 -46.90 -28.52 -46.99
N GLN D 522 -46.88 -29.69 -47.62
CA GLN D 522 -45.62 -30.30 -48.06
C GLN D 522 -44.89 -29.42 -49.07
N PHE D 523 -45.62 -28.95 -50.08
CA PHE D 523 -45.02 -28.05 -51.07
C PHE D 523 -44.71 -26.68 -50.47
N GLN D 524 -45.59 -26.16 -49.58
CA GLN D 524 -45.31 -24.86 -48.96
C GLN D 524 -44.04 -24.91 -48.12
N PHE D 525 -43.87 -25.98 -47.33
CA PHE D 525 -42.67 -26.16 -46.52
C PHE D 525 -41.46 -26.33 -47.41
N GLN D 526 -41.60 -27.09 -48.51
CA GLN D 526 -40.47 -27.35 -49.39
C GLN D 526 -39.98 -26.05 -50.04
N GLU D 527 -40.92 -25.20 -50.51
CA GLU D 527 -40.52 -23.93 -51.10
C GLU D 527 -39.87 -23.02 -50.07
N ALA D 528 -40.41 -23.00 -48.83
CA ALA D 528 -39.86 -22.14 -47.79
C ALA D 528 -38.43 -22.56 -47.44
N LEU D 529 -38.19 -23.88 -47.31
CA LEU D 529 -36.84 -24.37 -47.03
C LEU D 529 -35.89 -24.09 -48.19
N CYS D 530 -36.35 -24.27 -49.43
CA CYS D 530 -35.50 -24.00 -50.60
C CYS D 530 -35.15 -22.51 -50.71
N GLN D 531 -36.10 -21.62 -50.42
CA GLN D 531 -35.79 -20.19 -50.35
C GLN D 531 -34.80 -19.91 -49.22
N ALA D 532 -34.98 -20.59 -48.08
CA ALA D 532 -34.07 -20.44 -46.95
C ALA D 532 -32.67 -20.91 -47.33
N ALA D 533 -32.58 -21.99 -48.12
CA ALA D 533 -31.30 -22.58 -48.50
C ALA D 533 -30.66 -21.89 -49.69
N LYS D 534 -31.32 -20.87 -50.25
CA LYS D 534 -30.86 -20.09 -51.41
C LYS D 534 -30.64 -20.96 -52.64
N TYR D 535 -31.55 -21.89 -52.89
CA TYR D 535 -31.53 -22.65 -54.13
C TYR D 535 -32.04 -21.79 -55.27
N ASN D 536 -31.35 -21.81 -56.40
CA ASN D 536 -31.66 -20.94 -57.53
C ASN D 536 -32.31 -21.67 -58.70
N GLY D 537 -32.70 -22.93 -58.52
CA GLY D 537 -33.20 -23.71 -59.64
C GLY D 537 -34.65 -24.10 -59.50
N SER D 538 -35.09 -25.07 -60.30
CA SER D 538 -36.45 -25.58 -60.24
C SER D 538 -36.73 -26.24 -58.89
N LEU D 539 -37.97 -26.09 -58.41
CA LEU D 539 -38.33 -26.55 -57.07
C LEU D 539 -38.19 -28.06 -56.93
N HIS D 540 -38.55 -28.82 -57.98
CA HIS D 540 -38.53 -30.28 -57.89
C HIS D 540 -37.11 -30.83 -57.73
N LYS D 541 -36.10 -30.11 -58.22
CA LYS D 541 -34.71 -30.55 -58.13
C LYS D 541 -34.03 -30.10 -56.84
N CYS D 542 -34.74 -29.36 -55.98
CA CYS D 542 -34.15 -28.76 -54.80
C CYS D 542 -33.80 -29.80 -53.72
N ASP D 543 -32.63 -29.61 -53.10
CA ASP D 543 -32.16 -30.41 -51.99
C ASP D 543 -31.83 -29.46 -50.84
N ILE D 544 -32.24 -29.83 -49.63
CA ILE D 544 -32.02 -28.98 -48.47
C ILE D 544 -30.79 -29.41 -47.65
N SER D 545 -29.98 -30.32 -48.18
CA SER D 545 -28.79 -30.79 -47.48
C SER D 545 -27.78 -29.65 -47.29
N ASN D 546 -27.09 -29.66 -46.14
CA ASN D 546 -26.02 -28.72 -45.81
C ASN D 546 -26.50 -27.27 -45.77
N SER D 547 -27.71 -27.05 -45.25
CA SER D 547 -28.28 -25.71 -45.10
C SER D 547 -28.80 -25.50 -43.67
N THR D 548 -27.88 -25.20 -42.75
CA THR D 548 -28.20 -25.15 -41.32
C THR D 548 -29.29 -24.12 -41.01
N GLU D 549 -29.29 -23.01 -41.74
CA GLU D 549 -30.29 -21.96 -41.54
C GLU D 549 -31.70 -22.47 -41.83
N ALA D 550 -31.84 -23.30 -42.89
CA ALA D 550 -33.12 -23.93 -43.20
C ALA D 550 -33.54 -24.89 -42.09
N GLY D 551 -32.56 -25.63 -41.53
CA GLY D 551 -32.86 -26.52 -40.43
C GLY D 551 -33.34 -25.77 -39.19
N GLN D 552 -32.72 -24.63 -38.89
CA GLN D 552 -33.18 -23.80 -37.77
C GLN D 552 -34.58 -23.25 -38.03
N LYS D 553 -34.83 -22.82 -39.28
CA LYS D 553 -36.11 -22.24 -39.66
C LYS D 553 -37.23 -23.28 -39.51
N LEU D 554 -36.94 -24.52 -39.92
CA LEU D 554 -37.84 -25.64 -39.74
C LEU D 554 -38.01 -25.97 -38.26
N LEU D 555 -36.88 -25.99 -37.52
CA LEU D 555 -36.84 -26.43 -36.13
C LEU D 555 -37.64 -25.50 -35.22
N LYS D 556 -37.76 -24.22 -35.60
CA LYS D 556 -38.59 -23.30 -34.83
C LYS D 556 -40.04 -23.76 -34.80
N MET D 557 -40.56 -24.20 -35.95
CA MET D 557 -41.89 -24.80 -36.01
C MET D 557 -41.95 -26.14 -35.30
N LEU D 558 -40.91 -26.98 -35.49
CA LEU D 558 -40.91 -28.32 -34.90
C LEU D 558 -40.92 -28.29 -33.38
N SER D 559 -40.18 -27.36 -32.78
CA SER D 559 -40.11 -27.25 -31.32
C SER D 559 -41.47 -26.89 -30.72
N LEU D 560 -42.24 -26.05 -31.41
CA LEU D 560 -43.51 -25.52 -30.89
C LEU D 560 -44.54 -26.61 -30.60
N GLY D 561 -44.63 -27.62 -31.47
CA GLY D 561 -45.74 -28.56 -31.37
C GLY D 561 -47.05 -27.84 -31.61
N ASN D 562 -48.06 -28.14 -30.78
CA ASN D 562 -49.34 -27.44 -30.84
C ASN D 562 -49.52 -26.47 -29.69
N SER D 563 -48.41 -26.01 -29.09
CA SER D 563 -48.45 -25.01 -28.03
C SER D 563 -49.03 -23.70 -28.56
N GLU D 564 -48.71 -23.36 -29.79
CA GLU D 564 -49.13 -22.15 -30.47
C GLU D 564 -50.14 -22.52 -31.55
N PRO D 565 -50.94 -21.56 -32.03
CA PRO D 565 -51.83 -21.83 -33.16
C PRO D 565 -51.07 -22.24 -34.41
N TRP D 566 -51.68 -23.14 -35.19
CA TRP D 566 -51.03 -23.70 -36.38
C TRP D 566 -50.75 -22.63 -37.42
N THR D 567 -51.56 -21.56 -37.44
CA THR D 567 -51.31 -20.43 -38.33
C THR D 567 -49.98 -19.76 -38.00
N LYS D 568 -49.66 -19.63 -36.71
CA LYS D 568 -48.38 -19.06 -36.30
C LYS D 568 -47.21 -19.93 -36.74
N ALA D 569 -47.35 -21.25 -36.61
CA ALA D 569 -46.31 -22.18 -37.07
C ALA D 569 -46.15 -22.11 -38.59
N LEU D 570 -47.27 -22.02 -39.31
CA LEU D 570 -47.22 -21.89 -40.76
C LEU D 570 -46.54 -20.59 -41.16
N GLU D 571 -46.83 -19.50 -40.43
CA GLU D 571 -46.15 -18.23 -40.67
C GLU D 571 -44.65 -18.36 -40.36
N ASN D 572 -44.33 -19.13 -39.32
CA ASN D 572 -42.94 -19.32 -38.93
C ASN D 572 -42.14 -20.00 -40.04
N VAL D 573 -42.73 -20.97 -40.74
CA VAL D 573 -41.99 -21.58 -41.85
C VAL D 573 -42.14 -20.80 -43.16
N VAL D 574 -43.37 -20.53 -43.63
CA VAL D 574 -43.54 -19.98 -44.98
C VAL D 574 -43.85 -18.49 -45.00
N GLY D 575 -44.08 -17.86 -43.86
CA GLY D 575 -44.49 -16.46 -43.87
C GLY D 575 -45.93 -16.20 -44.25
N ALA D 576 -46.78 -17.21 -44.25
CA ALA D 576 -48.21 -17.05 -44.54
C ALA D 576 -49.03 -17.75 -43.48
N ARG D 577 -50.26 -17.27 -43.28
CA ARG D 577 -51.14 -17.77 -42.24
C ARG D 577 -52.25 -18.67 -42.75
N ASN D 578 -52.16 -19.12 -44.00
CA ASN D 578 -53.24 -19.89 -44.60
C ASN D 578 -52.64 -20.80 -45.66
N MET D 579 -53.46 -21.77 -46.10
CA MET D 579 -53.03 -22.70 -47.14
C MET D 579 -52.80 -21.98 -48.45
N ASP D 580 -51.68 -22.29 -49.11
CA ASP D 580 -51.35 -21.71 -50.41
C ASP D 580 -50.94 -22.83 -51.35
N VAL D 581 -51.50 -22.84 -52.56
CA VAL D 581 -51.16 -23.86 -53.55
C VAL D 581 -50.24 -23.32 -54.63
N LYS D 582 -49.76 -22.09 -54.49
CA LYS D 582 -48.75 -21.58 -55.40
C LYS D 582 -47.45 -22.40 -55.34
N PRO D 583 -46.97 -22.88 -54.16
CA PRO D 583 -45.84 -23.82 -54.21
C PRO D 583 -46.14 -25.11 -54.95
N LEU D 584 -47.36 -25.64 -54.83
CA LEU D 584 -47.74 -26.85 -55.56
C LEU D 584 -47.70 -26.62 -57.07
N LEU D 585 -48.21 -25.48 -57.53
CA LEU D 585 -48.13 -25.15 -58.96
C LEU D 585 -46.68 -24.93 -59.39
N ASN D 586 -45.88 -24.30 -58.52
CA ASN D 586 -44.47 -24.06 -58.81
C ASN D 586 -43.68 -25.36 -58.93
N TYR D 587 -43.99 -26.35 -58.09
CA TYR D 587 -43.34 -27.65 -58.17
C TYR D 587 -43.64 -28.34 -59.50
N PHE D 588 -44.88 -28.25 -59.98
CA PHE D 588 -45.32 -28.97 -61.15
C PHE D 588 -45.30 -28.11 -62.41
N GLN D 589 -44.64 -26.94 -62.37
CA GLN D 589 -44.68 -26.00 -63.49
C GLN D 589 -44.07 -26.55 -64.80
N PRO D 590 -42.91 -27.26 -64.82
CA PRO D 590 -42.46 -27.82 -66.11
C PRO D 590 -43.43 -28.85 -66.66
N LEU D 591 -43.98 -29.69 -65.78
CA LEU D 591 -44.97 -30.69 -66.16
C LEU D 591 -46.24 -30.01 -66.66
N PHE D 592 -46.64 -28.91 -65.99
CA PHE D 592 -47.84 -28.18 -66.40
C PHE D 592 -47.66 -27.59 -67.78
N ASP D 593 -46.47 -27.04 -68.06
CA ASP D 593 -46.16 -26.50 -69.38
C ASP D 593 -46.18 -27.60 -70.42
N TRP D 594 -45.61 -28.77 -70.09
CA TRP D 594 -45.59 -29.90 -71.01
C TRP D 594 -47.00 -30.40 -71.31
N LEU D 595 -47.85 -30.48 -70.27
CA LEU D 595 -49.23 -30.91 -70.44
C LEU D 595 -50.01 -29.91 -71.28
N LYS D 596 -49.77 -28.61 -71.09
CA LYS D 596 -50.39 -27.61 -71.94
C LYS D 596 -49.94 -27.75 -73.39
N GLU D 597 -48.64 -28.04 -73.58
CA GLU D 597 -48.09 -28.18 -74.93
C GLU D 597 -48.71 -29.37 -75.67
N GLN D 598 -48.97 -30.47 -74.97
CA GLN D 598 -49.47 -31.65 -75.66
C GLN D 598 -50.99 -31.77 -75.70
N ASN D 599 -51.74 -30.86 -75.08
CA ASN D 599 -53.19 -30.94 -75.03
C ASN D 599 -53.86 -29.97 -76.00
N ARG D 600 -53.08 -29.32 -76.87
CA ARG D 600 -53.60 -28.26 -77.74
C ARG D 600 -54.65 -28.79 -78.72
N ASN D 601 -54.37 -29.94 -79.35
CA ASN D 601 -55.36 -30.56 -80.21
C ASN D 601 -56.56 -31.08 -79.43
N SER D 602 -56.32 -31.67 -78.26
CA SER D 602 -57.38 -32.32 -77.51
C SER D 602 -58.24 -31.30 -76.77
N PHE D 603 -59.36 -31.77 -76.25
CA PHE D 603 -60.29 -30.97 -75.48
C PHE D 603 -60.02 -31.18 -73.99
N VAL D 604 -59.72 -30.09 -73.28
CA VAL D 604 -59.44 -30.16 -71.85
C VAL D 604 -60.75 -29.93 -71.11
N GLY D 605 -61.08 -30.83 -70.20
CA GLY D 605 -62.34 -30.77 -69.49
C GLY D 605 -63.23 -31.97 -69.78
N TRP D 606 -64.29 -32.07 -69.00
CA TRP D 606 -65.21 -33.19 -69.08
C TRP D 606 -66.64 -32.68 -69.10
N ASN D 607 -67.54 -33.52 -69.60
CA ASN D 607 -68.96 -33.23 -69.70
C ASN D 607 -69.68 -34.05 -68.64
N THR D 608 -70.62 -33.41 -67.93
CA THR D 608 -71.28 -34.05 -66.79
C THR D 608 -72.10 -35.28 -67.22
N GLU D 609 -72.79 -35.20 -68.36
CA GLU D 609 -73.63 -36.30 -68.79
C GLU D 609 -72.79 -37.52 -69.18
N TRP D 610 -73.37 -38.71 -69.01
CA TRP D 610 -72.60 -39.94 -69.17
C TRP D 610 -72.27 -40.17 -70.64
N SER D 611 -70.97 -40.18 -70.95
CA SER D 611 -70.45 -40.39 -72.28
C SER D 611 -69.60 -41.65 -72.29
N PRO D 612 -69.77 -42.56 -73.27
CA PRO D 612 -69.10 -43.87 -73.32
C PRO D 612 -67.57 -43.78 -73.41
N LEU E 20 -44.79 -8.31 -35.36
CA LEU E 20 -46.11 -7.89 -34.90
C LEU E 20 -46.51 -6.63 -35.67
N THR E 21 -47.83 -6.43 -35.82
CA THR E 21 -48.35 -5.33 -36.64
C THR E 21 -47.96 -3.95 -36.09
N GLU E 22 -48.01 -3.79 -34.76
CA GLU E 22 -47.70 -2.50 -34.14
C GLU E 22 -46.23 -2.12 -34.36
N GLU E 23 -45.32 -3.10 -34.20
CA GLU E 23 -43.90 -2.86 -34.44
C GLU E 23 -43.64 -2.53 -35.91
N ASN E 24 -44.35 -3.22 -36.81
CA ASN E 24 -44.21 -2.95 -38.25
C ASN E 24 -44.67 -1.53 -38.57
N ALA E 25 -45.77 -1.10 -37.95
CA ALA E 25 -46.26 0.26 -38.14
C ALA E 25 -45.29 1.28 -37.59
N LYS E 26 -44.67 0.99 -36.44
CA LYS E 26 -43.68 1.89 -35.85
C LYS E 26 -42.45 2.06 -36.75
N THR E 27 -41.94 0.95 -37.30
CA THR E 27 -40.81 1.05 -38.24
C THR E 27 -41.21 1.77 -39.52
N PHE E 28 -42.43 1.52 -40.02
CA PHE E 28 -42.91 2.17 -41.23
C PHE E 28 -43.02 3.67 -41.03
N LEU E 29 -43.56 4.09 -39.87
CA LEU E 29 -43.65 5.50 -39.54
C LEU E 29 -42.27 6.13 -39.37
N ASN E 30 -41.34 5.39 -38.76
CA ASN E 30 -39.97 5.91 -38.60
C ASN E 30 -39.30 6.16 -39.94
N ASN E 31 -39.46 5.23 -40.89
CA ASN E 31 -38.92 5.41 -42.25
C ASN E 31 -39.61 6.57 -42.97
N PHE E 32 -40.94 6.65 -42.80
CA PHE E 32 -41.75 7.67 -43.43
C PHE E 32 -41.37 9.07 -42.95
N ASN E 33 -41.15 9.26 -41.64
CA ASN E 33 -40.91 10.62 -41.13
C ASN E 33 -39.64 11.20 -41.74
N GLN E 34 -38.57 10.40 -41.82
CA GLN E 34 -37.30 10.88 -42.37
C GLN E 34 -37.43 11.19 -43.86
N GLU E 35 -38.09 10.29 -44.63
CA GLU E 35 -38.27 10.59 -46.05
C GLU E 35 -39.22 11.76 -46.28
N ALA E 36 -40.31 11.81 -45.52
CA ALA E 36 -41.35 12.81 -45.69
C ALA E 36 -40.83 14.20 -45.36
N GLU E 37 -40.07 14.35 -44.27
CA GLU E 37 -39.67 15.68 -43.82
C GLU E 37 -38.81 16.36 -44.89
N ASP E 38 -37.91 15.60 -45.50
CA ASP E 38 -37.06 16.09 -46.58
C ASP E 38 -37.89 16.48 -47.80
N LEU E 39 -38.82 15.59 -48.22
CA LEU E 39 -39.62 15.90 -49.40
C LEU E 39 -40.57 17.08 -49.16
N SER E 40 -41.16 17.14 -47.96
CA SER E 40 -42.05 18.25 -47.59
C SER E 40 -41.29 19.56 -47.53
N TYR E 41 -40.05 19.53 -47.01
CA TYR E 41 -39.23 20.73 -47.00
C TYR E 41 -38.90 21.18 -48.41
N GLN E 42 -38.60 20.24 -49.32
CA GLN E 42 -38.32 20.62 -50.70
C GLN E 42 -39.54 21.26 -51.36
N SER E 43 -40.72 20.67 -51.14
CA SER E 43 -41.96 21.21 -51.69
C SER E 43 -42.27 22.60 -51.11
N SER E 44 -42.12 22.75 -49.80
CA SER E 44 -42.38 24.01 -49.12
C SER E 44 -41.40 25.10 -49.57
N LEU E 45 -40.13 24.73 -49.73
CA LEU E 45 -39.12 25.68 -50.19
C LEU E 45 -39.40 26.13 -51.62
N ALA E 46 -39.80 25.20 -52.50
CA ALA E 46 -40.17 25.56 -53.86
C ALA E 46 -41.39 26.47 -53.89
N SER E 47 -42.38 26.18 -53.04
CA SER E 47 -43.57 27.02 -52.94
C SER E 47 -43.23 28.42 -52.43
N TRP E 48 -42.31 28.50 -51.46
CA TRP E 48 -41.85 29.79 -50.95
C TRP E 48 -41.12 30.57 -52.04
N ASN E 49 -40.28 29.87 -52.81
CA ASN E 49 -39.50 30.51 -53.88
C ASN E 49 -40.41 31.06 -54.96
N TYR E 50 -41.48 30.32 -55.29
CA TYR E 50 -42.48 30.86 -56.20
C TYR E 50 -43.22 32.04 -55.60
N ASN E 51 -43.63 31.94 -54.33
CA ASN E 51 -44.47 32.99 -53.75
C ASN E 51 -43.73 34.31 -53.63
N THR E 52 -42.49 34.28 -53.15
CA THR E 52 -41.67 35.48 -53.05
C THR E 52 -41.22 36.01 -54.42
N ASN E 53 -40.89 35.12 -55.36
CA ASN E 53 -40.27 35.51 -56.62
C ASN E 53 -41.07 34.90 -57.78
N ILE E 54 -42.26 35.45 -58.05
CA ILE E 54 -43.18 34.87 -59.02
C ILE E 54 -42.58 34.88 -60.43
N THR E 55 -42.52 33.71 -61.06
CA THR E 55 -41.97 33.53 -62.40
C THR E 55 -42.47 32.19 -62.92
N GLU E 56 -42.28 31.96 -64.22
CA GLU E 56 -42.59 30.64 -64.79
C GLU E 56 -41.67 29.52 -64.27
N GLU E 57 -40.35 29.75 -64.16
CA GLU E 57 -39.44 28.69 -63.72
C GLU E 57 -39.67 28.26 -62.27
N ASN E 58 -39.91 29.21 -61.37
CA ASN E 58 -40.22 28.85 -59.99
C ASN E 58 -41.55 28.10 -59.90
N ALA E 59 -42.53 28.49 -60.73
CA ALA E 59 -43.80 27.77 -60.80
C ALA E 59 -43.63 26.33 -61.27
N GLN E 60 -42.84 26.12 -62.34
CA GLN E 60 -42.63 24.74 -62.81
C GLN E 60 -41.85 23.92 -61.77
N LYS E 61 -40.86 24.55 -61.11
CA LYS E 61 -40.09 23.86 -60.06
C LYS E 61 -41.01 23.47 -58.90
N MET E 62 -41.93 24.37 -58.54
CA MET E 62 -42.91 24.11 -57.51
C MET E 62 -43.82 22.96 -57.93
N SER E 63 -44.18 22.94 -59.22
CA SER E 63 -45.05 21.90 -59.74
C SER E 63 -44.39 20.53 -59.63
N GLU E 64 -43.11 20.43 -60.01
CA GLU E 64 -42.41 19.14 -59.88
C GLU E 64 -42.25 18.75 -58.41
N ALA E 65 -41.93 19.71 -57.53
CA ALA E 65 -41.72 19.41 -56.13
C ALA E 65 -43.01 18.91 -55.48
N ALA E 66 -44.12 19.58 -55.79
CA ALA E 66 -45.43 19.17 -55.30
C ALA E 66 -45.83 17.81 -55.87
N ALA E 67 -45.51 17.58 -57.15
CA ALA E 67 -45.85 16.31 -57.79
C ALA E 67 -45.11 15.15 -57.12
N LYS E 68 -43.81 15.33 -56.85
CA LYS E 68 -43.03 14.30 -56.19
C LYS E 68 -43.53 14.05 -54.77
N TRP E 69 -43.82 15.14 -54.03
CA TRP E 69 -44.31 15.00 -52.67
C TRP E 69 -45.67 14.31 -52.63
N SER E 70 -46.58 14.69 -53.53
CA SER E 70 -47.90 14.09 -53.60
C SER E 70 -47.81 12.62 -53.99
N ALA E 71 -46.95 12.29 -54.97
CA ALA E 71 -46.80 10.90 -55.40
C ALA E 71 -46.26 10.04 -54.28
N PHE E 72 -45.27 10.56 -53.55
CA PHE E 72 -44.70 9.83 -52.41
C PHE E 72 -45.75 9.66 -51.31
N TYR E 73 -46.54 10.70 -51.05
CA TYR E 73 -47.55 10.65 -50.00
C TYR E 73 -48.64 9.63 -50.33
N GLU E 74 -49.10 9.61 -51.60
CA GLU E 74 -50.08 8.61 -52.00
C GLU E 74 -49.52 7.20 -51.95
N GLU E 75 -48.26 7.00 -52.37
CA GLU E 75 -47.67 5.67 -52.35
C GLU E 75 -47.55 5.14 -50.91
N GLN E 76 -47.12 6.02 -49.99
CA GLN E 76 -47.08 5.66 -48.58
C GLN E 76 -48.47 5.43 -48.03
N SER E 77 -49.46 6.23 -48.45
CA SER E 77 -50.82 6.05 -47.95
C SER E 77 -51.38 4.69 -48.38
N LYS E 78 -51.09 4.28 -49.62
CA LYS E 78 -51.53 2.97 -50.10
C LYS E 78 -50.88 1.85 -49.32
N THR E 79 -49.58 1.98 -49.02
CA THR E 79 -48.94 0.98 -48.15
C THR E 79 -49.51 1.01 -46.73
N ALA E 80 -49.80 2.21 -46.21
CA ALA E 80 -50.33 2.39 -44.86
C ALA E 80 -51.71 1.77 -44.69
N GLN E 81 -52.53 1.78 -45.75
CA GLN E 81 -53.87 1.19 -45.68
C GLN E 81 -53.85 -0.31 -45.44
N SER E 82 -52.76 -1.00 -45.78
CA SER E 82 -52.64 -2.44 -45.54
C SER E 82 -52.73 -2.77 -44.05
N PHE E 83 -52.16 -1.92 -43.19
CA PHE E 83 -52.22 -2.11 -41.74
C PHE E 83 -53.66 -2.02 -41.25
N SER E 84 -54.01 -2.88 -40.29
CA SER E 84 -55.33 -2.87 -39.69
C SER E 84 -55.26 -2.22 -38.31
N LEU E 85 -56.12 -1.24 -38.08
CA LEU E 85 -56.09 -0.44 -36.87
C LEU E 85 -56.59 -1.18 -35.63
N GLN E 86 -57.26 -2.34 -35.79
CA GLN E 86 -57.86 -3.05 -34.66
C GLN E 86 -56.80 -3.54 -33.66
N GLU E 87 -55.65 -3.97 -34.16
CA GLU E 87 -54.63 -4.58 -33.31
C GLU E 87 -53.53 -3.59 -32.91
N ILE E 88 -53.75 -2.30 -33.12
CA ILE E 88 -52.84 -1.26 -32.67
C ILE E 88 -53.41 -0.62 -31.41
N GLN E 89 -52.65 -0.69 -30.32
CA GLN E 89 -53.11 -0.22 -29.02
C GLN E 89 -52.68 1.20 -28.70
N THR E 90 -51.47 1.60 -29.10
CA THR E 90 -50.92 2.89 -28.71
C THR E 90 -51.60 4.01 -29.50
N PRO E 91 -52.12 5.04 -28.83
CA PRO E 91 -52.88 6.10 -29.55
C PRO E 91 -52.09 6.93 -30.55
N ILE E 92 -50.83 7.28 -30.25
CA ILE E 92 -50.03 8.12 -31.14
C ILE E 92 -49.75 7.45 -32.49
N ILE E 93 -49.40 6.16 -32.48
CA ILE E 93 -49.18 5.42 -33.74
C ILE E 93 -50.49 5.29 -34.51
N LYS E 94 -51.59 5.03 -33.80
CA LYS E 94 -52.89 4.89 -34.45
C LYS E 94 -53.32 6.20 -35.10
N ARG E 95 -53.11 7.33 -34.39
CA ARG E 95 -53.44 8.64 -34.93
C ARG E 95 -52.58 8.98 -36.15
N GLN E 96 -51.29 8.64 -36.10
CA GLN E 96 -50.40 8.88 -37.25
C GLN E 96 -50.85 8.07 -38.46
N LEU E 97 -51.20 6.80 -38.23
CA LEU E 97 -51.69 5.96 -39.32
C LEU E 97 -53.01 6.47 -39.86
N GLN E 98 -53.88 6.99 -38.97
CA GLN E 98 -55.15 7.57 -39.40
C GLN E 98 -54.92 8.77 -40.29
N ALA E 99 -53.97 9.63 -39.92
CA ALA E 99 -53.66 10.80 -40.73
C ALA E 99 -53.09 10.39 -42.08
N LEU E 100 -52.21 9.38 -42.09
CA LEU E 100 -51.61 8.90 -43.33
C LEU E 100 -52.64 8.22 -44.24
N GLN E 101 -53.61 7.51 -43.67
CA GLN E 101 -54.53 6.68 -44.45
C GLN E 101 -55.64 7.47 -45.14
N GLN E 102 -55.70 8.78 -44.98
CA GLN E 102 -56.79 9.56 -45.58
C GLN E 102 -56.45 9.73 -47.05
N SER E 103 -57.11 8.94 -47.90
CA SER E 103 -56.92 9.02 -49.35
C SER E 103 -57.41 10.35 -49.91
N GLY E 104 -58.51 10.87 -49.38
CA GLY E 104 -59.12 12.06 -49.94
C GLY E 104 -59.69 11.79 -51.32
N SER E 105 -59.33 12.63 -52.28
CA SER E 105 -59.89 12.56 -53.63
C SER E 105 -59.37 11.37 -54.44
N SER E 106 -58.31 10.70 -53.99
CA SER E 106 -57.72 9.59 -54.73
C SER E 106 -58.58 8.32 -54.71
N ALA E 107 -59.59 8.27 -53.84
CA ALA E 107 -60.44 7.08 -53.70
C ALA E 107 -61.20 6.76 -54.98
N LEU E 108 -61.65 7.80 -55.70
CA LEU E 108 -62.43 7.60 -56.91
C LEU E 108 -61.57 7.07 -58.04
N SER E 109 -62.25 6.59 -59.09
CA SER E 109 -61.58 6.12 -60.29
C SER E 109 -61.01 7.32 -61.04
N ALA E 110 -60.09 7.02 -61.99
CA ALA E 110 -59.38 8.08 -62.71
C ALA E 110 -60.33 8.96 -63.51
N ASP E 111 -61.35 8.37 -64.14
CA ASP E 111 -62.29 9.15 -64.95
C ASP E 111 -63.08 10.11 -64.06
N LYS E 112 -63.58 9.62 -62.93
CA LYS E 112 -64.34 10.45 -62.00
C LYS E 112 -63.46 11.52 -61.36
N ASN E 113 -62.23 11.14 -60.99
CA ASN E 113 -61.30 12.10 -60.38
C ASN E 113 -60.94 13.20 -61.36
N LYS E 114 -60.71 12.84 -62.62
CA LYS E 114 -60.39 13.81 -63.66
C LYS E 114 -61.58 14.74 -63.91
N GLN E 115 -62.80 14.19 -63.93
CA GLN E 115 -64.00 15.02 -64.12
C GLN E 115 -64.18 15.99 -62.96
N LEU E 116 -63.97 15.52 -61.72
CA LEU E 116 -64.09 16.38 -60.54
C LEU E 116 -63.03 17.48 -60.55
N ASN E 117 -61.79 17.12 -60.92
CA ASN E 117 -60.71 18.09 -61.01
C ASN E 117 -60.99 19.14 -62.08
N THR E 118 -61.55 18.69 -63.22
CA THR E 118 -61.92 19.60 -64.31
C THR E 118 -63.00 20.58 -63.84
N ILE E 119 -64.00 20.07 -63.11
CA ILE E 119 -65.07 20.91 -62.58
C ILE E 119 -64.52 21.93 -61.58
N LEU E 120 -63.60 21.49 -60.71
CA LEU E 120 -63.00 22.40 -59.73
C LEU E 120 -62.17 23.48 -60.43
N ASN E 121 -61.37 23.09 -61.42
CA ASN E 121 -60.52 24.04 -62.13
C ASN E 121 -61.34 25.06 -62.91
N THR E 122 -62.40 24.59 -63.60
CA THR E 122 -63.25 25.51 -64.34
C THR E 122 -63.99 26.45 -63.39
N MET E 123 -64.42 25.94 -62.21
CA MET E 123 -65.06 26.78 -61.22
C MET E 123 -64.09 27.86 -60.71
N SER E 124 -62.83 27.48 -60.45
CA SER E 124 -61.85 28.44 -59.96
C SER E 124 -61.57 29.51 -61.00
N THR E 125 -61.37 29.11 -62.26
CA THR E 125 -61.04 30.09 -63.30
C THR E 125 -62.23 31.01 -63.56
N ILE E 126 -63.46 30.45 -63.61
CA ILE E 126 -64.65 31.24 -63.88
C ILE E 126 -64.90 32.23 -62.75
N TYR E 127 -64.70 31.80 -61.49
CA TYR E 127 -64.82 32.71 -60.35
C TYR E 127 -63.78 33.81 -60.40
N SER E 128 -62.54 33.45 -60.77
CA SER E 128 -61.45 34.43 -60.87
C SER E 128 -61.74 35.47 -61.95
N THR E 129 -62.34 35.04 -63.05
CA THR E 129 -62.58 35.88 -64.21
C THR E 129 -64.00 36.41 -64.28
N GLY E 130 -64.76 36.32 -63.19
CA GLY E 130 -66.16 36.69 -63.21
C GLY E 130 -66.36 38.15 -63.60
N LYS E 131 -67.32 38.38 -64.50
CA LYS E 131 -67.55 39.67 -65.12
C LYS E 131 -69.01 40.08 -65.04
N VAL E 132 -69.29 41.27 -64.52
CA VAL E 132 -70.63 41.86 -64.57
C VAL E 132 -70.47 43.24 -65.17
N CYS E 133 -71.35 43.60 -66.11
CA CYS E 133 -71.10 44.85 -66.83
C CYS E 133 -72.32 45.76 -66.76
N ASN E 134 -72.04 47.07 -66.84
CA ASN E 134 -73.06 48.10 -66.64
C ASN E 134 -74.12 48.09 -67.75
N PRO E 135 -75.41 48.05 -67.41
CA PRO E 135 -76.45 48.16 -68.46
C PRO E 135 -76.51 49.60 -68.95
N LYS E 136 -76.52 49.77 -70.28
CA LYS E 136 -76.62 51.01 -71.07
C LYS E 136 -75.26 51.71 -71.12
N ASN E 137 -74.26 51.16 -70.42
CA ASN E 137 -72.90 51.69 -70.39
C ASN E 137 -71.96 50.52 -70.66
N PRO E 138 -71.84 50.10 -71.93
CA PRO E 138 -71.06 48.88 -72.25
C PRO E 138 -69.60 48.94 -71.86
N GLN E 139 -68.94 50.09 -71.98
CA GLN E 139 -67.51 50.18 -71.68
C GLN E 139 -67.18 49.86 -70.22
N GLU E 140 -68.10 50.16 -69.29
CA GLU E 140 -67.88 49.97 -67.85
C GLU E 140 -68.20 48.54 -67.38
N CYS E 141 -67.33 47.61 -67.75
CA CYS E 141 -67.48 46.21 -67.34
C CYS E 141 -66.56 45.97 -66.15
N LEU E 142 -67.10 45.44 -65.06
CA LEU E 142 -66.37 45.31 -63.81
C LEU E 142 -66.19 43.87 -63.34
N LEU E 143 -64.94 43.56 -62.97
CA LEU E 143 -64.55 42.33 -62.30
C LEU E 143 -64.87 42.50 -60.81
N LEU E 144 -65.08 41.38 -60.10
CA LEU E 144 -65.31 41.48 -58.66
C LEU E 144 -64.09 41.97 -57.87
N GLU E 145 -62.90 41.42 -58.16
CA GLU E 145 -61.73 41.72 -57.31
C GLU E 145 -61.22 43.17 -57.39
N PRO E 146 -61.02 43.80 -58.55
CA PRO E 146 -60.65 45.24 -58.50
C PRO E 146 -61.74 46.21 -58.08
N GLY E 147 -62.96 46.08 -58.59
CA GLY E 147 -63.94 47.14 -58.34
C GLY E 147 -65.27 46.86 -57.67
N LEU E 148 -65.86 45.67 -57.87
CA LEU E 148 -67.18 45.41 -57.30
C LEU E 148 -67.14 45.36 -55.78
N ASP E 149 -66.04 44.81 -55.22
CA ASP E 149 -65.87 44.77 -53.77
C ASP E 149 -65.78 46.18 -53.20
N GLU E 150 -65.13 47.10 -53.95
CA GLU E 150 -65.05 48.50 -53.55
C GLU E 150 -66.44 49.14 -53.51
N ILE E 151 -67.29 48.78 -54.48
CA ILE E 151 -68.67 49.27 -54.52
C ILE E 151 -69.45 48.76 -53.31
N MET E 152 -69.28 47.48 -52.97
CA MET E 152 -69.93 46.91 -51.79
C MET E 152 -69.43 47.54 -50.49
N ALA E 153 -68.13 47.76 -50.37
CA ALA E 153 -67.57 48.40 -49.17
C ALA E 153 -67.96 49.88 -49.03
N THR E 154 -67.91 50.66 -50.12
CA THR E 154 -68.03 52.11 -49.97
C THR E 154 -69.33 52.74 -50.47
N SER E 155 -69.94 52.25 -51.54
CA SER E 155 -71.08 52.94 -52.15
C SER E 155 -72.29 52.96 -51.22
N THR E 156 -73.00 54.08 -51.21
CA THR E 156 -74.20 54.24 -50.40
C THR E 156 -75.46 54.22 -51.26
N ASP E 157 -75.32 54.20 -52.59
CA ASP E 157 -76.46 54.26 -53.49
C ASP E 157 -77.17 52.91 -53.51
N TYR E 158 -78.49 52.92 -53.30
CA TYR E 158 -79.26 51.68 -53.25
C TYR E 158 -79.30 50.98 -54.61
N ASN E 159 -79.53 51.74 -55.69
CA ASN E 159 -79.67 51.15 -57.02
C ASN E 159 -78.37 50.52 -57.52
N SER E 160 -77.23 51.19 -57.30
CA SER E 160 -75.94 50.66 -57.73
C SER E 160 -75.60 49.36 -57.01
N ARG E 161 -75.84 49.31 -55.70
CA ARG E 161 -75.62 48.09 -54.93
C ARG E 161 -76.57 46.98 -55.39
N LEU E 162 -77.83 47.34 -55.67
CA LEU E 162 -78.81 46.36 -56.14
C LEU E 162 -78.37 45.78 -57.47
N TRP E 163 -77.85 46.64 -58.36
CA TRP E 163 -77.35 46.20 -59.66
C TRP E 163 -76.17 45.27 -59.50
N ALA E 164 -75.21 45.63 -58.63
CA ALA E 164 -74.00 44.84 -58.50
C ALA E 164 -74.32 43.46 -57.93
N TRP E 165 -75.18 43.43 -56.90
CA TRP E 165 -75.54 42.17 -56.25
C TRP E 165 -76.32 41.28 -57.20
N GLU E 166 -77.33 41.85 -57.88
CA GLU E 166 -78.17 41.06 -58.77
C GLU E 166 -77.39 40.59 -59.99
N GLY E 167 -76.55 41.45 -60.57
CA GLY E 167 -75.79 41.07 -61.75
C GLY E 167 -74.78 39.98 -61.48
N TRP E 168 -74.02 40.10 -60.38
CA TRP E 168 -73.07 39.03 -60.04
C TRP E 168 -73.80 37.74 -59.68
N ARG E 169 -74.93 37.87 -58.97
CA ARG E 169 -75.74 36.71 -58.64
C ARG E 169 -76.27 36.01 -59.88
N ALA E 170 -76.76 36.78 -60.87
CA ALA E 170 -77.30 36.20 -62.08
C ALA E 170 -76.23 35.51 -62.90
N GLU E 171 -75.10 36.17 -63.14
CA GLU E 171 -74.07 35.59 -64.00
C GLU E 171 -73.45 34.35 -63.36
N VAL E 172 -73.09 34.45 -62.07
CA VAL E 172 -72.44 33.32 -61.40
C VAL E 172 -73.43 32.18 -61.21
N GLY E 173 -74.66 32.47 -60.77
CA GLY E 173 -75.61 31.41 -60.51
C GLY E 173 -76.00 30.65 -61.77
N LYS E 174 -76.27 31.38 -62.87
CA LYS E 174 -76.68 30.70 -64.10
C LYS E 174 -75.55 29.83 -64.65
N GLN E 175 -74.32 30.37 -64.66
CA GLN E 175 -73.19 29.56 -65.12
C GLN E 175 -72.86 28.39 -64.19
N LEU E 176 -72.92 28.59 -62.88
CA LEU E 176 -72.47 27.58 -61.92
C LEU E 176 -73.53 26.61 -61.41
N ARG E 177 -74.82 26.77 -61.76
CA ARG E 177 -75.82 25.83 -61.25
C ARG E 177 -75.65 24.39 -61.74
N PRO E 178 -75.42 24.10 -63.05
CA PRO E 178 -75.17 22.70 -63.43
C PRO E 178 -73.89 22.17 -62.84
N LEU E 179 -72.85 23.02 -62.78
CA LEU E 179 -71.56 22.62 -62.28
C LEU E 179 -71.68 22.20 -60.82
N TYR E 180 -72.47 22.96 -60.03
CA TYR E 180 -72.74 22.56 -58.65
C TYR E 180 -73.54 21.26 -58.61
N GLU E 181 -74.47 21.08 -59.57
CA GLU E 181 -75.34 19.90 -59.57
C GLU E 181 -74.55 18.61 -59.72
N GLU E 182 -73.59 18.59 -60.64
CA GLU E 182 -72.73 17.40 -60.71
C GLU E 182 -71.60 17.42 -59.69
N TYR E 183 -71.20 18.60 -59.18
CA TYR E 183 -70.16 18.70 -58.17
C TYR E 183 -70.59 18.01 -56.88
N VAL E 184 -71.85 18.20 -56.49
CA VAL E 184 -72.39 17.58 -55.29
C VAL E 184 -72.37 16.05 -55.42
N VAL E 185 -72.78 15.54 -56.60
CA VAL E 185 -72.83 14.11 -56.83
C VAL E 185 -71.44 13.49 -56.80
N LEU E 186 -70.45 14.15 -57.45
CA LEU E 186 -69.08 13.63 -57.44
C LEU E 186 -68.48 13.66 -56.05
N LYS E 187 -68.71 14.73 -55.28
CA LYS E 187 -68.22 14.80 -53.91
C LYS E 187 -68.87 13.73 -53.04
N ASN E 188 -70.17 13.49 -53.26
CA ASN E 188 -70.89 12.43 -52.54
C ASN E 188 -70.30 11.07 -52.85
N GLU E 189 -69.95 10.83 -54.12
CA GLU E 189 -69.32 9.57 -54.51
C GLU E 189 -67.96 9.42 -53.85
N MET E 190 -67.18 10.49 -53.79
CA MET E 190 -65.85 10.45 -53.17
C MET E 190 -65.95 10.17 -51.68
N ALA E 191 -66.91 10.84 -51.02
CA ALA E 191 -67.12 10.65 -49.59
C ALA E 191 -67.60 9.23 -49.29
N ARG E 192 -68.53 8.70 -50.10
CA ARG E 192 -69.00 7.34 -49.90
C ARG E 192 -67.85 6.36 -50.13
N ALA E 193 -66.98 6.67 -51.11
CA ALA E 193 -65.82 5.84 -51.40
C ALA E 193 -64.85 5.83 -50.22
N ASN E 194 -64.90 6.86 -49.37
CA ASN E 194 -64.02 6.97 -48.20
C ASN E 194 -64.74 6.58 -46.91
N ASN E 195 -65.84 5.82 -47.02
CA ASN E 195 -66.65 5.33 -45.90
C ASN E 195 -67.28 6.46 -45.08
N TYR E 196 -67.75 7.50 -45.77
CA TYR E 196 -68.48 8.60 -45.14
C TYR E 196 -69.89 8.62 -45.71
N ASN E 197 -70.85 9.07 -44.89
CA ASN E 197 -72.25 9.14 -45.33
C ASN E 197 -72.44 10.12 -46.49
N ASP E 198 -71.80 11.27 -46.41
CA ASP E 198 -71.92 12.33 -47.41
C ASP E 198 -70.67 13.20 -47.29
N TYR E 199 -70.55 14.14 -48.22
CA TYR E 199 -69.43 15.09 -48.20
C TYR E 199 -69.44 15.95 -46.93
N GLY E 200 -70.63 16.27 -46.42
CA GLY E 200 -70.72 17.01 -45.16
C GLY E 200 -70.12 16.25 -44.00
N ASP E 201 -70.37 14.93 -43.94
CA ASP E 201 -69.75 14.08 -42.92
C ASP E 201 -68.24 14.05 -43.10
N TYR E 202 -67.77 14.04 -44.36
CA TYR E 202 -66.35 14.06 -44.64
C TYR E 202 -65.70 15.32 -44.10
N TRP E 203 -66.35 16.48 -44.28
CA TRP E 203 -65.86 17.71 -43.67
C TRP E 203 -65.94 17.65 -42.15
N ARG E 204 -67.01 17.07 -41.60
CA ARG E 204 -67.18 17.02 -40.15
C ARG E 204 -66.23 16.01 -39.51
N GLY E 205 -65.59 15.15 -40.31
CA GLY E 205 -64.60 14.22 -39.80
C GLY E 205 -63.40 14.90 -39.18
N ASP E 206 -63.07 16.11 -39.65
CA ASP E 206 -61.90 16.85 -39.18
C ASP E 206 -61.98 17.16 -37.69
N TYR E 207 -63.19 17.30 -37.15
CA TYR E 207 -63.38 17.55 -35.73
C TYR E 207 -63.55 16.25 -34.93
N GLU E 208 -63.53 15.09 -35.58
CA GLU E 208 -63.73 13.83 -34.87
C GLU E 208 -62.50 13.53 -34.04
N ALA E 209 -62.71 13.19 -32.78
CA ALA E 209 -61.62 12.79 -31.90
C ALA E 209 -61.90 11.42 -31.31
N GLU E 210 -60.95 10.51 -31.47
CA GLU E 210 -61.03 9.19 -30.85
C GLU E 210 -59.92 9.08 -29.81
N GLY E 211 -60.30 8.77 -28.58
CA GLY E 211 -59.37 8.83 -27.48
C GLY E 211 -59.94 8.12 -26.27
N ALA E 212 -59.34 8.43 -25.12
CA ALA E 212 -59.74 7.86 -23.85
C ALA E 212 -61.15 8.36 -23.50
N ASP E 213 -61.80 7.64 -22.56
CA ASP E 213 -63.21 7.89 -22.24
C ASP E 213 -63.47 9.32 -21.79
N GLY E 214 -64.57 9.88 -22.30
CA GLY E 214 -64.99 11.22 -21.98
C GLY E 214 -64.40 12.27 -22.89
N TYR E 215 -63.39 11.91 -23.68
CA TYR E 215 -62.81 12.79 -24.69
C TYR E 215 -63.30 12.45 -26.10
N ASN E 216 -64.21 11.49 -26.24
CA ASN E 216 -64.66 11.07 -27.56
C ASN E 216 -65.59 12.10 -28.16
N TYR E 217 -65.31 12.50 -29.39
CA TYR E 217 -66.16 13.44 -30.11
C TYR E 217 -66.56 12.81 -31.44
N ASN E 218 -67.81 13.04 -31.83
CA ASN E 218 -68.40 12.45 -33.01
C ASN E 218 -68.79 13.54 -34.01
N ARG E 219 -68.83 13.16 -35.29
CA ARG E 219 -69.17 14.09 -36.35
C ARG E 219 -70.60 14.61 -36.18
N ASN E 220 -71.52 13.70 -35.82
CA ASN E 220 -72.93 14.05 -35.67
C ASN E 220 -73.14 15.06 -34.56
N GLN E 221 -72.32 14.94 -33.50
CA GLN E 221 -72.39 15.81 -32.33
C GLN E 221 -72.17 17.27 -32.69
N LEU E 222 -71.30 17.52 -33.68
CA LEU E 222 -70.85 18.87 -34.02
C LEU E 222 -72.02 19.76 -34.40
N ILE E 223 -72.99 19.23 -35.18
CA ILE E 223 -74.11 20.02 -35.66
C ILE E 223 -74.94 20.52 -34.48
N GLU E 224 -75.23 19.61 -33.54
CA GLU E 224 -76.04 19.95 -32.37
C GLU E 224 -75.28 20.94 -31.50
N ASP E 225 -73.95 20.76 -31.38
CA ASP E 225 -73.13 21.68 -30.59
C ASP E 225 -73.15 23.08 -31.18
N VAL E 226 -73.07 23.18 -32.52
CA VAL E 226 -73.13 24.47 -33.20
C VAL E 226 -74.49 25.11 -32.98
N GLU E 227 -75.57 24.33 -33.07
CA GLU E 227 -76.92 24.86 -32.84
C GLU E 227 -77.08 25.34 -31.40
N ARG E 228 -76.53 24.58 -30.46
CA ARG E 228 -76.61 24.93 -29.04
C ARG E 228 -75.88 26.25 -28.78
N THR E 229 -74.70 26.41 -29.38
CA THR E 229 -73.96 27.66 -29.23
C THR E 229 -74.73 28.81 -29.86
N PHE E 230 -75.36 28.52 -31.02
CA PHE E 230 -76.05 29.54 -31.80
C PHE E 230 -77.21 30.12 -31.02
N ALA E 231 -77.93 29.27 -30.28
CA ALA E 231 -79.12 29.74 -29.57
C ALA E 231 -78.73 30.80 -28.53
N GLU E 232 -77.62 30.57 -27.82
CA GLU E 232 -77.11 31.53 -26.85
C GLU E 232 -76.65 32.81 -27.54
N ILE E 233 -75.98 32.67 -28.70
CA ILE E 233 -75.52 33.84 -29.46
C ILE E 233 -76.70 34.65 -30.03
N LYS E 234 -77.84 34.00 -30.26
CA LYS E 234 -78.97 34.62 -30.97
C LYS E 234 -79.56 35.90 -30.36
N PRO E 235 -79.73 36.06 -29.02
CA PRO E 235 -80.19 37.38 -28.51
C PRO E 235 -79.24 38.54 -28.80
N LEU E 236 -77.92 38.32 -28.64
CA LEU E 236 -76.95 39.36 -28.94
C LEU E 236 -76.98 39.73 -30.42
N TYR E 237 -77.08 38.72 -31.29
CA TYR E 237 -77.18 38.97 -32.72
C TYR E 237 -78.47 39.72 -33.06
N GLU E 238 -79.56 39.37 -32.39
CA GLU E 238 -80.84 40.03 -32.64
C GLU E 238 -80.79 41.50 -32.26
N HIS E 239 -80.17 41.82 -31.11
CA HIS E 239 -79.99 43.21 -30.71
C HIS E 239 -79.08 43.97 -31.67
N LEU E 240 -77.99 43.32 -32.12
CA LEU E 240 -77.10 43.94 -33.09
C LEU E 240 -77.81 44.17 -34.42
N HIS E 241 -78.63 43.20 -34.85
CA HIS E 241 -79.38 43.30 -36.09
C HIS E 241 -80.38 44.44 -36.02
N ALA E 242 -81.06 44.59 -34.88
CA ALA E 242 -82.03 45.68 -34.71
C ALA E 242 -81.33 47.04 -34.74
N TYR E 243 -80.17 47.16 -34.08
CA TYR E 243 -79.44 48.43 -34.08
C TYR E 243 -78.94 48.77 -35.48
N VAL E 244 -78.40 47.77 -36.19
CA VAL E 244 -77.88 47.97 -37.55
C VAL E 244 -79.04 48.33 -38.47
N ARG E 245 -80.19 47.68 -38.29
CA ARG E 245 -81.37 47.95 -39.10
C ARG E 245 -81.86 49.38 -38.89
N ARG E 246 -81.86 49.85 -37.64
CA ARG E 246 -82.26 51.23 -37.35
C ARG E 246 -81.30 52.23 -37.99
N LYS E 247 -79.98 51.97 -37.88
CA LYS E 247 -79.00 52.87 -38.48
C LYS E 247 -79.10 52.89 -40.00
N LEU E 248 -79.31 51.71 -40.61
CA LEU E 248 -79.51 51.63 -42.05
C LEU E 248 -80.80 52.33 -42.46
N MET E 249 -81.85 52.23 -41.63
CA MET E 249 -83.10 52.93 -41.87
C MET E 249 -82.87 54.44 -41.85
N ASP E 250 -82.00 54.90 -40.95
CA ASP E 250 -81.60 56.30 -40.96
C ASP E 250 -80.88 56.63 -42.27
N THR E 251 -79.99 55.73 -42.71
CA THR E 251 -79.34 55.90 -44.01
C THR E 251 -80.32 55.75 -45.18
N TYR E 252 -81.15 54.71 -45.16
CA TYR E 252 -82.14 54.50 -46.23
C TYR E 252 -83.53 54.72 -45.66
N PRO E 253 -84.17 55.87 -45.97
CA PRO E 253 -85.44 56.21 -45.29
C PRO E 253 -86.64 55.29 -45.56
N SER E 254 -86.91 54.92 -46.81
CA SER E 254 -88.12 54.15 -47.09
C SER E 254 -87.88 52.74 -47.62
N TYR E 255 -86.63 52.33 -47.83
CA TYR E 255 -86.38 51.04 -48.45
C TYR E 255 -86.21 49.90 -47.46
N ILE E 256 -86.17 50.20 -46.15
CA ILE E 256 -86.03 49.19 -45.10
C ILE E 256 -87.21 49.34 -44.13
N SER E 257 -87.87 48.19 -43.81
CA SER E 257 -88.99 48.10 -42.89
C SER E 257 -88.49 47.94 -41.46
N PRO E 258 -89.20 48.52 -40.48
CA PRO E 258 -88.81 48.32 -39.07
C PRO E 258 -88.90 46.88 -38.61
N THR E 259 -89.95 46.16 -39.00
CA THR E 259 -90.15 44.79 -38.55
C THR E 259 -89.57 43.77 -39.51
N GLY E 260 -89.03 44.21 -40.66
CA GLY E 260 -88.58 43.31 -41.68
C GLY E 260 -87.12 42.94 -41.55
N CYS E 261 -86.70 42.03 -42.42
CA CYS E 261 -85.30 41.65 -42.54
C CYS E 261 -84.50 42.71 -43.31
N LEU E 262 -83.18 42.66 -43.13
CA LEU E 262 -82.28 43.54 -43.87
C LEU E 262 -82.17 43.10 -45.34
N PRO E 263 -82.05 44.05 -46.27
CA PRO E 263 -81.77 43.69 -47.67
C PRO E 263 -80.38 43.10 -47.81
N ALA E 264 -80.25 42.15 -48.75
CA ALA E 264 -79.00 41.42 -48.93
C ALA E 264 -77.85 42.31 -49.39
N HIS E 265 -78.13 43.38 -50.13
CA HIS E 265 -77.07 44.18 -50.73
C HIS E 265 -76.67 45.39 -49.90
N LEU E 266 -77.21 45.55 -48.69
CA LEU E 266 -76.92 46.70 -47.85
C LEU E 266 -76.03 46.35 -46.65
N LEU E 267 -75.36 45.21 -46.68
CA LEU E 267 -74.63 44.71 -45.53
C LEU E 267 -73.14 45.04 -45.57
N GLY E 268 -72.69 45.81 -46.56
CA GLY E 268 -71.32 46.27 -46.63
C GLY E 268 -70.36 45.31 -47.30
N ASP E 269 -70.85 44.12 -47.69
CA ASP E 269 -70.06 43.10 -48.37
C ASP E 269 -70.85 42.59 -49.55
N MET E 270 -70.16 41.87 -50.45
CA MET E 270 -70.82 41.26 -51.58
C MET E 270 -71.84 40.20 -51.15
N TRP E 271 -71.49 39.40 -50.16
CA TRP E 271 -72.36 38.32 -49.72
C TRP E 271 -72.96 38.54 -48.34
N GLY E 272 -72.61 39.64 -47.67
CA GLY E 272 -73.04 39.82 -46.31
C GLY E 272 -72.22 39.06 -45.29
N ARG E 273 -71.05 38.54 -45.70
CA ARG E 273 -70.22 37.74 -44.82
C ARG E 273 -69.68 38.55 -43.63
N PHE E 274 -69.23 39.77 -43.88
CA PHE E 274 -68.74 40.63 -42.81
C PHE E 274 -69.50 41.96 -42.80
N TRP E 275 -69.89 42.40 -41.60
CA TRP E 275 -70.62 43.64 -41.44
C TRP E 275 -69.68 44.80 -41.10
N THR E 276 -68.36 44.58 -41.20
CA THR E 276 -67.35 45.55 -40.78
C THR E 276 -67.39 46.84 -41.59
N ASN E 277 -67.92 46.80 -42.82
CA ASN E 277 -67.97 47.99 -43.67
C ASN E 277 -69.15 48.89 -43.33
N LEU E 278 -70.01 48.47 -42.41
CA LEU E 278 -71.15 49.26 -41.98
C LEU E 278 -70.81 50.17 -40.81
N TYR E 279 -69.55 50.16 -40.36
CA TYR E 279 -69.15 50.93 -39.19
C TYR E 279 -69.31 52.46 -39.32
N PRO E 280 -68.99 53.13 -40.45
CA PRO E 280 -69.30 54.57 -40.51
C PRO E 280 -70.79 54.89 -40.43
N LEU E 281 -71.62 54.09 -41.10
CA LEU E 281 -73.07 54.25 -41.00
C LEU E 281 -73.60 53.95 -39.60
N THR E 282 -73.02 52.95 -38.93
CA THR E 282 -73.57 52.47 -37.66
C THR E 282 -72.72 52.88 -36.45
N VAL E 283 -71.90 53.92 -36.59
CA VAL E 283 -71.02 54.34 -35.47
C VAL E 283 -71.87 54.83 -34.30
N PRO E 284 -71.59 54.39 -33.07
CA PRO E 284 -72.32 54.93 -31.91
C PRO E 284 -72.03 56.39 -31.62
N PHE E 285 -70.75 56.74 -31.61
CA PHE E 285 -70.29 58.10 -31.33
C PHE E 285 -69.38 58.60 -32.45
N ALA E 286 -69.93 59.42 -33.33
CA ALA E 286 -69.17 59.97 -34.45
C ALA E 286 -68.06 60.89 -33.96
N GLN E 287 -68.34 61.67 -32.91
CA GLN E 287 -67.39 62.66 -32.39
C GLN E 287 -66.11 62.03 -31.87
N LYS E 288 -66.22 60.88 -31.20
CA LYS E 288 -65.04 60.27 -30.59
C LYS E 288 -64.17 59.60 -31.66
N PRO E 289 -62.86 59.87 -31.66
CA PRO E 289 -61.98 59.25 -32.64
C PRO E 289 -61.73 57.79 -32.33
N ASN E 290 -61.21 57.08 -33.34
CA ASN E 290 -60.85 55.68 -33.19
C ASN E 290 -59.52 55.58 -32.43
N ILE E 291 -59.13 54.34 -32.10
CA ILE E 291 -57.97 54.09 -31.25
C ILE E 291 -56.73 53.92 -32.13
N ASP E 292 -56.85 54.29 -33.41
CA ASP E 292 -55.79 54.12 -34.41
C ASP E 292 -54.50 54.82 -34.01
N VAL E 293 -53.37 54.10 -34.14
CA VAL E 293 -52.07 54.62 -33.74
C VAL E 293 -51.09 54.70 -34.91
N THR E 294 -51.61 54.73 -36.15
CA THR E 294 -50.74 54.76 -37.33
C THR E 294 -49.89 56.03 -37.37
N ASP E 295 -50.49 57.17 -37.01
CA ASP E 295 -49.79 58.44 -37.02
C ASP E 295 -48.65 58.47 -36.01
N ALA E 296 -48.86 57.86 -34.84
CA ALA E 296 -47.82 57.75 -33.82
C ALA E 296 -46.64 56.94 -34.34
N MET E 297 -46.92 55.85 -35.06
CA MET E 297 -45.87 55.06 -35.69
C MET E 297 -45.11 55.88 -36.73
N MET E 298 -45.85 56.70 -37.50
CA MET E 298 -45.22 57.56 -38.51
C MET E 298 -44.30 58.60 -37.87
N ASN E 299 -44.73 59.20 -36.76
CA ASN E 299 -43.95 60.23 -36.08
C ASN E 299 -42.65 59.68 -35.51
N GLN E 300 -42.68 58.48 -34.97
CA GLN E 300 -41.52 57.91 -34.28
C GLN E 300 -40.62 57.11 -35.22
N GLY E 301 -40.91 57.12 -36.52
CA GLY E 301 -40.11 56.41 -37.51
C GLY E 301 -40.07 54.91 -37.32
N TRP E 302 -41.20 54.30 -36.95
CA TRP E 302 -41.28 52.85 -36.87
C TRP E 302 -41.25 52.25 -38.27
N ASP E 303 -40.76 51.00 -38.34
CA ASP E 303 -40.69 50.25 -39.58
C ASP E 303 -41.13 48.83 -39.28
N ALA E 304 -41.20 48.01 -40.35
CA ALA E 304 -41.69 46.63 -40.23
C ALA E 304 -40.83 45.80 -39.29
N GLU E 305 -39.51 46.03 -39.33
CA GLU E 305 -38.58 45.32 -38.45
C GLU E 305 -38.90 45.61 -36.99
N ARG E 306 -39.19 46.88 -36.69
CA ARG E 306 -39.58 47.27 -35.34
C ARG E 306 -40.91 46.63 -34.95
N ILE E 307 -41.85 46.52 -35.90
CA ILE E 307 -43.17 45.93 -35.62
C ILE E 307 -43.02 44.47 -35.22
N PHE E 308 -42.21 43.73 -35.99
CA PHE E 308 -41.96 42.33 -35.66
C PHE E 308 -41.16 42.19 -34.37
N GLN E 309 -40.21 43.10 -34.13
CA GLN E 309 -39.45 43.08 -32.88
C GLN E 309 -40.35 43.31 -31.67
N GLU E 310 -41.30 44.24 -31.79
CA GLU E 310 -42.28 44.48 -30.72
C GLU E 310 -43.16 43.25 -30.49
N ALA E 311 -43.56 42.59 -31.59
CA ALA E 311 -44.34 41.35 -31.48
C ALA E 311 -43.52 40.28 -30.77
N GLU E 312 -42.24 40.19 -31.11
CA GLU E 312 -41.32 39.24 -30.47
C GLU E 312 -41.19 39.58 -28.99
N LYS E 313 -41.14 40.87 -28.66
CA LYS E 313 -41.04 41.31 -27.27
C LYS E 313 -42.27 40.87 -26.50
N PHE E 314 -43.45 40.97 -27.13
CA PHE E 314 -44.68 40.52 -26.50
C PHE E 314 -44.64 39.01 -26.24
N PHE E 315 -44.17 38.25 -27.24
CA PHE E 315 -44.12 36.80 -27.11
C PHE E 315 -43.11 36.35 -26.06
N VAL E 316 -41.94 36.97 -26.00
CA VAL E 316 -41.00 36.63 -24.92
C VAL E 316 -41.56 37.04 -23.57
N SER E 317 -42.25 38.20 -23.51
CA SER E 317 -42.80 38.70 -22.24
C SER E 317 -43.85 37.76 -21.68
N VAL E 318 -44.69 37.19 -22.57
CA VAL E 318 -45.70 36.22 -22.15
C VAL E 318 -45.06 34.88 -21.82
N GLY E 319 -43.78 34.68 -22.18
CA GLY E 319 -43.04 33.47 -21.90
C GLY E 319 -42.87 32.48 -23.04
N LEU E 320 -43.43 32.74 -24.21
CA LEU E 320 -43.14 31.89 -25.36
C LEU E 320 -41.71 32.13 -25.85
N PRO E 321 -41.11 31.16 -26.56
CA PRO E 321 -39.69 31.29 -26.96
C PRO E 321 -39.45 32.37 -27.99
N HIS E 322 -38.18 32.78 -28.08
CA HIS E 322 -37.75 33.80 -29.03
C HIS E 322 -37.81 33.27 -30.46
N MET E 323 -37.87 34.21 -31.41
CA MET E 323 -37.84 33.85 -32.81
C MET E 323 -36.46 33.34 -33.21
N THR E 324 -36.44 32.45 -34.20
CA THR E 324 -35.17 31.88 -34.64
C THR E 324 -34.38 32.89 -35.46
N GLN E 325 -33.07 32.65 -35.56
CA GLN E 325 -32.20 33.46 -36.42
C GLN E 325 -32.59 33.30 -37.89
N GLY E 326 -32.98 32.08 -38.27
CA GLY E 326 -33.42 31.81 -39.64
C GLY E 326 -34.64 32.61 -40.03
N PHE E 327 -35.55 32.83 -39.07
CA PHE E 327 -36.75 33.62 -39.31
C PHE E 327 -36.39 35.05 -39.70
N TRP E 328 -35.46 35.66 -38.97
CA TRP E 328 -35.02 37.02 -39.31
C TRP E 328 -34.27 37.03 -40.64
N ALA E 329 -33.37 36.06 -40.84
CA ALA E 329 -32.55 36.05 -42.04
C ALA E 329 -33.34 35.81 -43.32
N ASN E 330 -34.29 34.86 -43.32
CA ASN E 330 -34.90 34.45 -44.58
C ASN E 330 -36.24 35.10 -44.89
N SER E 331 -36.97 35.62 -43.90
CA SER E 331 -38.30 36.13 -44.18
C SER E 331 -38.24 37.47 -44.92
N MET E 332 -39.34 37.79 -45.59
CA MET E 332 -39.53 39.11 -46.16
C MET E 332 -40.61 39.80 -45.33
N LEU E 333 -40.28 40.97 -44.78
CA LEU E 333 -41.23 41.76 -44.02
C LEU E 333 -41.56 43.07 -44.70
N THR E 334 -41.09 43.27 -45.93
CA THR E 334 -41.26 44.51 -46.65
C THR E 334 -41.43 44.15 -48.12
N GLU E 335 -42.06 45.04 -48.90
CA GLU E 335 -42.12 44.87 -50.34
C GLU E 335 -40.68 44.90 -50.87
N PRO E 336 -40.27 43.92 -51.68
CA PRO E 336 -38.86 43.87 -52.11
C PRO E 336 -38.43 45.02 -53.01
N ALA E 337 -39.29 45.41 -53.97
CA ALA E 337 -39.09 46.55 -54.88
C ALA E 337 -37.84 46.37 -55.75
N ASP E 338 -37.45 45.12 -56.02
CA ASP E 338 -36.32 44.82 -56.88
C ASP E 338 -36.75 44.13 -58.18
N GLY E 339 -38.03 44.25 -58.54
CA GLY E 339 -38.54 43.64 -59.76
C GLY E 339 -39.11 42.25 -59.64
N ARG E 340 -39.29 41.70 -58.44
CA ARG E 340 -39.94 40.40 -58.30
C ARG E 340 -41.38 40.58 -57.81
N LYS E 341 -42.31 39.91 -58.47
CA LYS E 341 -43.71 39.94 -58.07
C LYS E 341 -43.93 39.10 -56.82
N VAL E 342 -44.83 39.57 -55.95
CA VAL E 342 -45.12 38.90 -54.68
C VAL E 342 -46.61 38.81 -54.48
N VAL E 343 -47.01 37.93 -53.56
CA VAL E 343 -48.40 37.80 -53.16
C VAL E 343 -48.63 38.75 -51.98
N CYS E 344 -49.68 39.57 -52.08
CA CYS E 344 -49.97 40.56 -51.05
C CYS E 344 -50.32 39.92 -49.71
N HIS E 345 -51.04 38.79 -49.75
CA HIS E 345 -51.61 38.16 -48.56
C HIS E 345 -50.53 37.75 -47.56
N PRO E 346 -50.70 38.08 -46.27
CA PRO E 346 -49.73 37.61 -45.27
C PRO E 346 -49.90 36.11 -45.03
N THR E 347 -48.78 35.38 -45.03
CA THR E 347 -48.84 33.95 -44.80
C THR E 347 -47.69 33.54 -43.89
N ALA E 348 -47.95 32.61 -42.97
CA ALA E 348 -46.92 32.07 -42.12
C ALA E 348 -46.55 30.68 -42.64
N TRP E 349 -45.26 30.46 -42.86
CA TRP E 349 -44.78 29.24 -43.49
C TRP E 349 -43.97 28.43 -42.48
N ASP E 350 -44.33 27.16 -42.32
CA ASP E 350 -43.55 26.20 -41.56
C ASP E 350 -42.95 25.29 -42.62
N LEU E 351 -41.72 25.60 -43.06
CA LEU E 351 -41.11 24.83 -44.14
C LEU E 351 -40.72 23.43 -43.68
N GLY E 352 -40.44 23.26 -42.40
CA GLY E 352 -39.93 22.02 -41.88
C GLY E 352 -38.46 22.14 -41.52
N HIS E 353 -37.98 21.19 -40.70
CA HIS E 353 -36.59 21.12 -40.23
C HIS E 353 -36.22 22.41 -39.49
N GLY E 354 -37.17 22.93 -38.72
CA GLY E 354 -36.89 24.10 -37.90
C GLY E 354 -36.83 25.40 -38.67
N ASP E 355 -37.35 25.43 -39.90
CA ASP E 355 -37.39 26.64 -40.71
C ASP E 355 -38.80 27.25 -40.62
N PHE E 356 -38.88 28.44 -40.05
CA PHE E 356 -40.13 29.17 -39.87
C PHE E 356 -40.00 30.55 -40.50
N ARG E 357 -40.90 30.90 -41.41
CA ARG E 357 -40.80 32.15 -42.14
C ARG E 357 -42.16 32.83 -42.18
N ILE E 358 -42.15 34.16 -42.37
CA ILE E 358 -43.39 34.92 -42.59
C ILE E 358 -43.24 35.70 -43.89
N LYS E 359 -44.21 35.55 -44.80
CA LYS E 359 -44.26 36.39 -46.00
C LYS E 359 -45.39 37.39 -45.80
N MET E 360 -45.04 38.64 -45.49
CA MET E 360 -46.04 39.69 -45.40
C MET E 360 -45.43 40.97 -45.95
N CYS E 361 -46.16 41.67 -46.81
CA CYS E 361 -45.69 42.97 -47.29
C CYS E 361 -46.20 43.99 -46.29
N THR E 362 -45.42 44.22 -45.24
CA THR E 362 -45.88 45.02 -44.11
C THR E 362 -45.69 46.51 -44.33
N LYS E 363 -46.78 47.26 -44.32
CA LYS E 363 -46.76 48.70 -44.31
C LYS E 363 -46.86 49.14 -42.85
N VAL E 364 -46.45 50.37 -42.56
CA VAL E 364 -46.42 50.81 -41.16
C VAL E 364 -47.81 51.34 -40.79
N THR E 365 -48.69 50.41 -40.40
CA THR E 365 -50.06 50.70 -39.99
C THR E 365 -50.41 49.87 -38.76
N MET E 366 -51.48 50.26 -38.07
CA MET E 366 -51.97 49.48 -36.92
C MET E 366 -52.47 48.11 -37.34
N ASP E 367 -53.16 48.03 -38.49
CA ASP E 367 -53.73 46.77 -38.96
C ASP E 367 -52.64 45.76 -39.27
N ASN E 368 -51.56 46.24 -39.92
CA ASN E 368 -50.42 45.39 -40.20
C ASN E 368 -49.73 44.94 -38.92
N PHE E 369 -49.71 45.81 -37.91
CA PHE E 369 -49.13 45.46 -36.61
C PHE E 369 -49.90 44.31 -35.96
N LEU E 370 -51.24 44.38 -36.01
CA LEU E 370 -52.07 43.28 -35.50
C LEU E 370 -51.88 42.03 -36.34
N THR E 371 -51.76 42.21 -37.67
CA THR E 371 -51.55 41.09 -38.58
C THR E 371 -50.20 40.41 -38.30
N ALA E 372 -49.18 41.20 -37.98
CA ALA E 372 -47.87 40.67 -37.63
C ALA E 372 -47.96 39.84 -36.36
N HIS E 373 -48.74 40.32 -35.38
CA HIS E 373 -48.95 39.53 -34.16
C HIS E 373 -49.67 38.22 -34.47
N HIS E 374 -50.66 38.26 -35.37
CA HIS E 374 -51.41 37.06 -35.75
C HIS E 374 -50.51 36.03 -36.44
N GLU E 375 -49.70 36.48 -37.41
CA GLU E 375 -48.80 35.58 -38.13
C GLU E 375 -47.71 35.04 -37.23
N MET E 376 -47.18 35.89 -36.33
CA MET E 376 -46.18 35.41 -35.37
C MET E 376 -46.80 34.37 -34.44
N GLY E 377 -48.08 34.55 -34.09
CA GLY E 377 -48.78 33.54 -33.30
C GLY E 377 -48.87 32.22 -34.05
N HIS E 378 -49.11 32.29 -35.38
CA HIS E 378 -49.11 31.09 -36.21
C HIS E 378 -47.74 30.42 -36.20
N ILE E 379 -46.68 31.23 -36.30
CA ILE E 379 -45.33 30.69 -36.31
C ILE E 379 -44.98 30.04 -34.96
N GLN E 380 -45.39 30.68 -33.86
CA GLN E 380 -45.16 30.13 -32.53
C GLN E 380 -45.89 28.81 -32.34
N TYR E 381 -47.13 28.73 -32.87
CA TYR E 381 -47.90 27.50 -32.82
C TYR E 381 -47.20 26.40 -33.60
N ASP E 382 -46.65 26.75 -34.77
CA ASP E 382 -45.90 25.78 -35.57
C ASP E 382 -44.62 25.33 -34.86
N MET E 383 -43.92 26.27 -34.22
CA MET E 383 -42.67 26.00 -33.53
C MET E 383 -42.86 25.06 -32.35
N ALA E 384 -43.96 25.22 -31.60
CA ALA E 384 -44.16 24.43 -30.38
C ALA E 384 -44.28 22.94 -30.66
N TYR E 385 -44.95 22.55 -31.75
CA TYR E 385 -45.18 21.15 -32.01
C TYR E 385 -44.14 20.54 -32.94
N ALA E 386 -43.02 21.23 -33.17
CA ALA E 386 -41.93 20.71 -33.99
C ALA E 386 -41.33 19.43 -33.42
N ARG E 387 -41.36 19.27 -32.09
CA ARG E 387 -40.87 18.05 -31.45
C ARG E 387 -41.67 16.82 -31.87
N GLN E 388 -42.96 17.00 -32.16
CA GLN E 388 -43.86 15.92 -32.49
C GLN E 388 -43.49 15.27 -33.83
N PRO E 389 -43.93 14.04 -34.09
CA PRO E 389 -43.68 13.42 -35.39
C PRO E 389 -44.38 14.17 -36.53
N PHE E 390 -43.91 13.89 -37.76
CA PHE E 390 -44.28 14.67 -38.94
C PHE E 390 -45.78 14.66 -39.21
N LEU E 391 -46.45 13.52 -39.05
CA LEU E 391 -47.89 13.46 -39.32
C LEU E 391 -48.69 14.24 -38.30
N LEU E 392 -48.16 14.43 -37.09
CA LEU E 392 -48.85 15.12 -36.02
C LEU E 392 -48.38 16.56 -35.86
N ARG E 393 -47.60 17.09 -36.81
CA ARG E 393 -47.22 18.50 -36.77
C ARG E 393 -48.29 19.35 -37.45
N ASN E 394 -49.44 19.44 -36.79
CA ASN E 394 -50.58 20.20 -37.30
C ASN E 394 -51.36 20.74 -36.11
N GLY E 395 -52.35 21.56 -36.41
CA GLY E 395 -53.25 22.02 -35.37
C GLY E 395 -54.17 20.90 -34.89
N ALA E 396 -54.75 21.10 -33.70
CA ALA E 396 -55.68 20.11 -33.15
C ALA E 396 -56.89 19.95 -34.07
N ASN E 397 -57.38 21.06 -34.61
CA ASN E 397 -58.39 21.09 -35.64
C ASN E 397 -58.17 22.39 -36.41
N GLU E 398 -58.99 22.61 -37.44
CA GLU E 398 -58.81 23.77 -38.32
C GLU E 398 -58.99 25.08 -37.56
N GLY E 399 -59.94 25.12 -36.63
CA GLY E 399 -60.20 26.32 -35.83
C GLY E 399 -59.04 26.75 -34.93
N PHE E 400 -58.32 25.78 -34.33
CA PHE E 400 -57.30 26.08 -33.32
C PHE E 400 -56.17 26.93 -33.89
N HIS E 401 -55.73 26.61 -35.11
CA HIS E 401 -54.59 27.28 -35.72
C HIS E 401 -54.87 28.77 -35.94
N GLU E 402 -56.06 29.08 -36.44
CA GLU E 402 -56.47 30.46 -36.60
C GLU E 402 -56.71 31.14 -35.24
N ALA E 403 -57.28 30.40 -34.28
CA ALA E 403 -57.62 30.97 -32.97
C ALA E 403 -56.39 31.43 -32.19
N VAL E 404 -55.30 30.64 -32.25
CA VAL E 404 -54.10 31.00 -31.49
C VAL E 404 -53.52 32.32 -32.00
N GLY E 405 -53.53 32.54 -33.32
CA GLY E 405 -53.14 33.84 -33.86
C GLY E 405 -54.10 34.95 -33.46
N GLU E 406 -55.40 34.65 -33.49
CA GLU E 406 -56.42 35.65 -33.17
C GLU E 406 -56.34 36.16 -31.72
N ILE E 407 -56.02 35.29 -30.76
CA ILE E 407 -55.91 35.76 -29.37
C ILE E 407 -54.76 36.78 -29.25
N MET E 408 -53.63 36.53 -29.93
CA MET E 408 -52.52 37.49 -29.94
C MET E 408 -52.95 38.80 -30.59
N SER E 409 -53.73 38.71 -31.68
CA SER E 409 -54.25 39.92 -32.31
C SER E 409 -55.16 40.70 -31.37
N LEU E 410 -55.97 39.98 -30.59
CA LEU E 410 -56.84 40.61 -29.60
C LEU E 410 -56.03 41.31 -28.52
N SER E 411 -55.00 40.64 -28.00
CA SER E 411 -54.17 41.19 -26.94
C SER E 411 -53.36 42.40 -27.40
N ALA E 412 -52.86 42.34 -28.64
CA ALA E 412 -52.02 43.42 -29.18
C ALA E 412 -52.78 44.74 -29.31
N ALA E 413 -54.07 44.68 -29.63
CA ALA E 413 -54.85 45.88 -29.92
C ALA E 413 -55.37 46.63 -28.70
N THR E 414 -55.17 46.09 -27.49
CA THR E 414 -55.72 46.72 -26.29
C THR E 414 -55.02 48.04 -26.00
N PRO E 415 -55.73 49.01 -25.39
CA PRO E 415 -55.09 50.29 -25.01
C PRO E 415 -53.97 50.17 -24.00
N LYS E 416 -54.04 49.18 -23.08
CA LYS E 416 -52.97 48.94 -22.12
C LYS E 416 -51.67 48.56 -22.83
N HIS E 417 -51.77 47.69 -23.83
CA HIS E 417 -50.59 47.26 -24.59
C HIS E 417 -49.99 48.42 -25.39
N LEU E 418 -50.85 49.25 -26.01
CA LEU E 418 -50.36 50.41 -26.75
C LEU E 418 -49.73 51.46 -25.85
N LYS E 419 -50.30 51.70 -24.66
CA LYS E 419 -49.67 52.60 -23.70
C LYS E 419 -48.33 52.07 -23.20
N SER E 420 -48.26 50.75 -22.95
CA SER E 420 -47.07 50.14 -22.37
C SER E 420 -45.86 50.30 -23.29
N ILE E 421 -46.07 50.17 -24.61
CA ILE E 421 -44.99 50.23 -25.58
C ILE E 421 -44.80 51.62 -26.15
N GLY E 422 -45.53 52.62 -25.64
CA GLY E 422 -45.33 54.01 -26.00
C GLY E 422 -46.01 54.47 -27.27
N LEU E 423 -46.77 53.59 -27.94
CA LEU E 423 -47.56 54.02 -29.10
C LEU E 423 -48.64 55.01 -28.69
N LEU E 424 -49.26 54.80 -27.54
CA LEU E 424 -50.36 55.60 -27.04
C LEU E 424 -49.88 56.37 -25.81
N PRO E 425 -50.27 57.64 -25.65
CA PRO E 425 -49.73 58.46 -24.55
C PRO E 425 -50.10 57.94 -23.16
N SER E 426 -49.20 58.20 -22.20
CA SER E 426 -49.36 57.71 -20.84
C SER E 426 -50.60 58.29 -20.16
N ASP E 427 -50.99 59.50 -20.51
CA ASP E 427 -52.09 60.20 -19.85
C ASP E 427 -53.44 59.92 -20.50
N PHE E 428 -53.50 58.95 -21.42
CA PHE E 428 -54.71 58.65 -22.18
C PHE E 428 -55.85 58.22 -21.27
N GLN E 429 -57.03 58.76 -21.51
CA GLN E 429 -58.21 58.46 -20.71
C GLN E 429 -59.11 57.53 -21.52
N GLU E 430 -59.48 56.40 -20.92
CA GLU E 430 -60.37 55.45 -21.57
C GLU E 430 -61.79 55.67 -21.07
N ASP E 431 -62.58 56.40 -21.85
CA ASP E 431 -63.98 56.59 -21.53
C ASP E 431 -64.78 55.39 -22.02
N SER E 432 -66.02 55.29 -21.53
CA SER E 432 -66.92 54.20 -21.91
C SER E 432 -67.25 54.23 -23.41
N GLU E 433 -67.38 55.43 -23.99
CA GLU E 433 -67.82 55.57 -25.38
C GLU E 433 -66.86 54.94 -26.40
N THR E 434 -65.55 55.11 -26.21
CA THR E 434 -64.58 54.47 -27.10
C THR E 434 -64.63 52.95 -26.96
N GLU E 435 -64.84 52.44 -25.74
CA GLU E 435 -64.97 51.00 -25.54
C GLU E 435 -66.21 50.49 -26.27
N ILE E 436 -67.32 51.23 -26.20
CA ILE E 436 -68.57 50.83 -26.84
C ILE E 436 -68.43 50.82 -28.36
N ASN E 437 -67.84 51.88 -28.96
CA ASN E 437 -67.76 51.89 -30.43
C ASN E 437 -66.76 50.85 -30.93
N PHE E 438 -65.64 50.65 -30.20
CA PHE E 438 -64.67 49.62 -30.56
C PHE E 438 -65.30 48.23 -30.48
N LEU E 439 -66.08 47.98 -29.42
CA LEU E 439 -66.78 46.70 -29.27
C LEU E 439 -67.80 46.49 -30.36
N LEU E 440 -68.50 47.55 -30.77
CA LEU E 440 -69.45 47.43 -31.88
C LEU E 440 -68.74 47.09 -33.19
N LYS E 441 -67.58 47.71 -33.44
CA LYS E 441 -66.81 47.38 -34.64
C LYS E 441 -66.35 45.92 -34.61
N GLN E 442 -65.92 45.47 -33.42
CA GLN E 442 -65.51 44.08 -33.24
C GLN E 442 -66.68 43.14 -33.47
N ALA E 443 -67.87 43.52 -32.98
CA ALA E 443 -69.08 42.73 -33.16
C ALA E 443 -69.46 42.63 -34.64
N LEU E 444 -69.37 43.75 -35.35
CA LEU E 444 -69.71 43.76 -36.78
C LEU E 444 -68.79 42.85 -37.58
N THR E 445 -67.49 42.90 -37.27
CA THR E 445 -66.56 41.95 -37.89
C THR E 445 -66.78 40.51 -37.43
N ILE E 446 -67.00 40.29 -36.13
CA ILE E 446 -66.95 38.96 -35.51
C ILE E 446 -68.33 38.34 -35.25
N VAL E 447 -69.24 39.05 -34.58
CA VAL E 447 -70.57 38.51 -34.28
C VAL E 447 -71.39 38.35 -35.57
N GLY E 448 -71.29 39.32 -36.48
CA GLY E 448 -72.12 39.33 -37.68
C GLY E 448 -71.88 38.14 -38.59
N THR E 449 -70.62 37.72 -38.72
CA THR E 449 -70.27 36.61 -39.60
C THR E 449 -70.87 35.28 -39.14
N LEU E 450 -71.13 35.13 -37.83
CA LEU E 450 -71.58 33.84 -37.29
C LEU E 450 -72.92 33.32 -37.81
N PRO E 451 -74.02 34.11 -37.92
CA PRO E 451 -75.24 33.54 -38.53
C PRO E 451 -75.06 33.16 -40.00
N PHE E 452 -74.31 33.97 -40.75
CA PHE E 452 -74.05 33.66 -42.15
C PHE E 452 -73.27 32.36 -42.27
N THR E 453 -72.26 32.19 -41.41
CA THR E 453 -71.44 30.98 -41.42
C THR E 453 -72.26 29.75 -41.06
N TYR E 454 -73.09 29.85 -40.01
CA TYR E 454 -73.91 28.72 -39.57
C TYR E 454 -74.94 28.35 -40.64
N MET E 455 -75.60 29.35 -41.23
CA MET E 455 -76.62 29.10 -42.24
C MET E 455 -76.00 28.47 -43.49
N LEU E 456 -74.84 28.98 -43.93
CA LEU E 456 -74.20 28.46 -45.13
C LEU E 456 -73.73 27.02 -44.92
N GLU E 457 -73.10 26.74 -43.76
CA GLU E 457 -72.64 25.40 -43.47
C GLU E 457 -73.81 24.43 -43.34
N LYS E 458 -74.90 24.88 -42.70
CA LYS E 458 -76.08 24.04 -42.55
C LYS E 458 -76.69 23.71 -43.91
N TRP E 459 -76.73 24.70 -44.81
CA TRP E 459 -77.25 24.49 -46.15
C TRP E 459 -76.39 23.49 -46.91
N ARG E 460 -75.06 23.63 -46.81
CA ARG E 460 -74.17 22.71 -47.51
C ARG E 460 -74.30 21.30 -46.97
N TRP E 461 -74.40 21.16 -45.63
CA TRP E 461 -74.53 19.85 -45.02
C TRP E 461 -75.83 19.17 -45.41
N MET E 462 -76.95 19.92 -45.39
CA MET E 462 -78.24 19.37 -45.79
C MET E 462 -78.29 19.03 -47.28
N VAL E 463 -77.67 19.85 -48.14
CA VAL E 463 -77.60 19.54 -49.57
C VAL E 463 -76.80 18.26 -49.81
N PHE E 464 -75.65 18.12 -49.14
CA PHE E 464 -74.85 16.89 -49.28
C PHE E 464 -75.60 15.68 -48.74
N ARG E 465 -76.30 15.87 -47.62
CA ARG E 465 -77.12 14.80 -47.02
C ARG E 465 -78.27 14.39 -47.92
N GLY E 466 -78.85 15.32 -48.67
CA GLY E 466 -80.05 15.06 -49.42
C GLY E 466 -81.33 15.41 -48.68
N GLU E 467 -81.20 16.04 -47.50
CA GLU E 467 -82.35 16.52 -46.75
C GLU E 467 -83.11 17.60 -47.53
N ILE E 468 -82.38 18.46 -48.23
CA ILE E 468 -83.01 19.45 -49.11
C ILE E 468 -83.26 18.80 -50.47
N PRO E 469 -84.47 18.88 -51.02
CA PRO E 469 -84.73 18.28 -52.33
C PRO E 469 -83.96 19.04 -53.41
N LYS E 470 -83.62 18.31 -54.48
CA LYS E 470 -82.76 18.85 -55.54
C LYS E 470 -83.37 20.06 -56.24
N GLU E 471 -84.68 20.03 -56.49
CA GLU E 471 -85.33 21.09 -57.25
C GLU E 471 -85.80 22.26 -56.38
N GLN E 472 -85.66 22.18 -55.06
CA GLN E 472 -86.12 23.22 -54.14
C GLN E 472 -84.99 23.97 -53.42
N TRP E 473 -83.76 23.92 -53.96
CA TRP E 473 -82.56 24.39 -53.26
C TRP E 473 -82.66 25.86 -52.89
N MET E 474 -83.01 26.69 -53.88
CA MET E 474 -83.04 28.14 -53.68
C MET E 474 -84.12 28.49 -52.68
N LYS E 475 -85.27 27.81 -52.79
CA LYS E 475 -86.41 28.08 -51.94
C LYS E 475 -86.07 27.79 -50.50
N LYS E 476 -85.29 26.73 -50.25
CA LYS E 476 -84.83 26.48 -48.89
C LYS E 476 -83.87 27.55 -48.39
N TRP E 477 -82.89 27.97 -49.23
CA TRP E 477 -81.81 28.83 -48.76
C TRP E 477 -82.28 30.20 -48.29
N TRP E 478 -83.15 30.85 -49.07
CA TRP E 478 -83.65 32.17 -48.69
C TRP E 478 -84.46 32.08 -47.41
N GLU E 479 -85.21 30.97 -47.25
CA GLU E 479 -86.04 30.78 -46.07
C GLU E 479 -85.15 30.76 -44.84
N MET E 480 -84.03 30.02 -44.93
CA MET E 480 -83.12 29.90 -43.82
C MET E 480 -82.46 31.24 -43.55
N LYS E 481 -82.13 31.99 -44.62
CA LYS E 481 -81.60 33.34 -44.44
C LYS E 481 -82.62 34.23 -43.76
N ARG E 482 -83.89 34.05 -44.13
CA ARG E 482 -84.97 34.71 -43.41
C ARG E 482 -85.07 34.21 -41.98
N GLU E 483 -84.98 32.88 -41.79
CA GLU E 483 -85.03 32.31 -40.44
C GLU E 483 -83.77 32.58 -39.61
N ILE E 484 -82.58 32.37 -40.17
CA ILE E 484 -81.38 32.40 -39.34
C ILE E 484 -80.63 33.73 -39.41
N VAL E 485 -80.23 34.14 -40.62
CA VAL E 485 -79.50 35.39 -40.77
C VAL E 485 -80.41 36.58 -40.51
N GLY E 486 -81.69 36.46 -40.84
CA GLY E 486 -82.57 37.61 -40.76
C GLY E 486 -82.32 38.60 -41.87
N VAL E 487 -81.86 38.13 -43.02
CA VAL E 487 -81.62 38.94 -44.20
C VAL E 487 -82.49 38.42 -45.34
N VAL E 488 -83.24 39.34 -45.98
CA VAL E 488 -84.21 38.98 -47.02
C VAL E 488 -83.59 39.26 -48.39
N GLU E 489 -84.01 38.49 -49.38
CA GLU E 489 -83.58 38.76 -50.75
C GLU E 489 -84.22 40.06 -51.24
N PRO E 490 -83.47 40.88 -51.98
CA PRO E 490 -84.11 42.06 -52.59
C PRO E 490 -85.09 41.69 -53.69
N LEU E 491 -84.75 40.71 -54.53
CA LEU E 491 -85.59 40.30 -55.63
C LEU E 491 -85.80 38.79 -55.54
N PRO E 492 -86.98 38.30 -55.93
CA PRO E 492 -87.22 36.85 -55.91
C PRO E 492 -86.32 36.12 -56.90
N HIS E 493 -85.77 34.99 -56.45
CA HIS E 493 -84.90 34.15 -57.26
C HIS E 493 -85.53 32.77 -57.41
N ASP E 494 -85.59 32.29 -58.66
CA ASP E 494 -86.09 30.94 -58.89
C ASP E 494 -84.91 29.96 -58.80
N GLU E 495 -85.19 28.69 -59.07
CA GLU E 495 -84.21 27.62 -58.88
C GLU E 495 -83.12 27.57 -59.95
N THR E 496 -83.25 28.31 -61.04
CA THR E 496 -82.17 28.38 -62.03
C THR E 496 -80.93 29.08 -61.49
N TYR E 497 -81.09 29.93 -60.47
CA TYR E 497 -79.99 30.60 -59.80
C TYR E 497 -79.24 29.64 -58.88
N CYS E 498 -77.97 29.94 -58.62
CA CYS E 498 -77.17 29.23 -57.61
C CYS E 498 -76.54 30.31 -56.75
N ASP E 499 -77.36 30.86 -55.84
CA ASP E 499 -76.96 32.00 -55.01
C ASP E 499 -75.82 31.72 -54.02
N PRO E 500 -75.73 30.55 -53.34
CA PRO E 500 -74.54 30.31 -52.49
C PRO E 500 -73.22 30.31 -53.24
N ALA E 501 -73.20 29.78 -54.46
CA ALA E 501 -71.98 29.51 -55.23
C ALA E 501 -71.18 30.76 -55.57
N SER E 502 -71.79 31.95 -55.48
CA SER E 502 -71.08 33.21 -55.67
C SER E 502 -69.97 33.42 -54.65
N LEU E 503 -70.08 32.82 -53.46
CA LEU E 503 -69.02 32.93 -52.46
C LEU E 503 -67.77 32.14 -52.88
N PHE E 504 -66.60 32.69 -52.50
CA PHE E 504 -65.30 32.13 -52.86
C PHE E 504 -65.05 30.74 -52.26
N HIS E 505 -65.40 30.55 -50.99
CA HIS E 505 -65.08 29.31 -50.28
C HIS E 505 -65.85 28.10 -50.84
N VAL E 506 -67.13 28.28 -51.12
CA VAL E 506 -67.95 27.21 -51.70
C VAL E 506 -67.55 26.89 -53.14
N SER E 507 -67.24 27.89 -53.96
CA SER E 507 -66.85 27.62 -55.34
C SER E 507 -65.49 26.95 -55.45
N ASN E 508 -64.63 27.09 -54.45
CA ASN E 508 -63.29 26.54 -54.48
C ASN E 508 -63.10 25.39 -53.49
N ASP E 509 -64.20 24.77 -53.04
CA ASP E 509 -64.20 23.58 -52.18
C ASP E 509 -63.47 23.82 -50.85
N TYR E 510 -63.91 24.83 -50.10
CA TYR E 510 -63.34 25.11 -48.80
C TYR E 510 -64.39 24.99 -47.70
N SER E 511 -64.00 24.38 -46.59
CA SER E 511 -64.85 24.30 -45.40
C SER E 511 -65.05 25.67 -44.78
N PHE E 512 -66.27 25.93 -44.31
CA PHE E 512 -66.61 27.24 -43.78
C PHE E 512 -66.85 27.25 -42.28
N ILE E 513 -66.98 26.09 -41.63
CA ILE E 513 -67.31 26.02 -40.21
C ILE E 513 -66.12 26.39 -39.33
N ARG E 514 -64.92 26.44 -39.93
CA ARG E 514 -63.70 26.75 -39.23
C ARG E 514 -63.74 28.16 -38.63
N TYR E 515 -64.35 29.11 -39.34
CA TYR E 515 -64.51 30.47 -38.84
C TYR E 515 -65.39 30.52 -37.59
N TYR E 516 -66.49 29.75 -37.59
CA TYR E 516 -67.38 29.68 -36.43
C TYR E 516 -66.66 29.08 -35.22
N THR E 517 -65.93 27.97 -35.45
CA THR E 517 -65.18 27.34 -34.37
C THR E 517 -64.06 28.27 -33.90
N ARG E 518 -63.43 28.99 -34.85
CA ARG E 518 -62.36 29.94 -34.54
C ARG E 518 -62.88 31.02 -33.62
N THR E 519 -64.08 31.52 -33.93
CA THR E 519 -64.68 32.59 -33.15
C THR E 519 -64.99 32.13 -31.73
N ILE E 520 -65.52 30.91 -31.57
CA ILE E 520 -65.77 30.40 -30.22
C ILE E 520 -64.47 30.16 -29.45
N TYR E 521 -63.49 29.53 -30.11
CA TYR E 521 -62.22 29.19 -29.46
C TYR E 521 -61.44 30.44 -29.06
N GLN E 522 -61.50 31.50 -29.87
CA GLN E 522 -60.72 32.70 -29.63
C GLN E 522 -61.11 33.36 -28.31
N PHE E 523 -62.42 33.52 -28.07
CA PHE E 523 -62.89 34.09 -26.82
C PHE E 523 -62.66 33.13 -25.65
N GLN E 524 -62.84 31.81 -25.87
CA GLN E 524 -62.60 30.85 -24.78
C GLN E 524 -61.14 30.88 -24.34
N PHE E 525 -60.22 30.90 -25.31
CA PHE E 525 -58.79 30.99 -25.01
C PHE E 525 -58.46 32.29 -24.31
N GLN E 526 -59.07 33.40 -24.78
CA GLN E 526 -58.78 34.71 -24.20
C GLN E 526 -59.22 34.78 -22.75
N GLU E 527 -60.43 34.27 -22.45
CA GLU E 527 -60.88 34.26 -21.05
C GLU E 527 -60.01 33.37 -20.19
N ALA E 528 -59.61 32.20 -20.71
CA ALA E 528 -58.77 31.29 -19.93
C ALA E 528 -57.42 31.93 -19.60
N LEU E 529 -56.80 32.58 -20.59
CA LEU E 529 -55.52 33.26 -20.35
C LEU E 529 -55.68 34.43 -19.38
N CYS E 530 -56.77 35.21 -19.51
CA CYS E 530 -57.00 36.33 -18.59
C CYS E 530 -57.25 35.85 -17.16
N GLN E 531 -57.99 34.75 -16.98
CA GLN E 531 -58.14 34.16 -15.65
C GLN E 531 -56.79 33.67 -15.13
N ALA E 532 -55.99 33.09 -16.02
CA ALA E 532 -54.65 32.62 -15.65
C ALA E 532 -53.77 33.79 -15.22
N ALA E 533 -53.90 34.93 -15.90
CA ALA E 533 -53.09 36.11 -15.65
C ALA E 533 -53.61 36.97 -14.51
N LYS E 534 -54.74 36.56 -13.89
CA LYS E 534 -55.38 37.25 -12.77
C LYS E 534 -55.78 38.68 -13.12
N TYR E 535 -56.33 38.87 -14.32
CA TYR E 535 -56.91 40.16 -14.67
C TYR E 535 -58.26 40.31 -13.99
N ASN E 536 -58.51 41.49 -13.40
CA ASN E 536 -59.71 41.71 -12.60
C ASN E 536 -60.74 42.60 -13.29
N GLY E 537 -60.56 42.91 -14.58
CA GLY E 537 -61.43 43.86 -15.24
C GLY E 537 -62.24 43.25 -16.36
N SER E 538 -62.81 44.10 -17.22
CA SER E 538 -63.60 43.64 -18.37
C SER E 538 -62.70 42.85 -19.34
N LEU E 539 -63.30 41.83 -19.97
CA LEU E 539 -62.54 40.92 -20.82
C LEU E 539 -61.93 41.62 -22.03
N HIS E 540 -62.66 42.57 -22.63
CA HIS E 540 -62.18 43.23 -23.84
C HIS E 540 -60.92 44.07 -23.59
N LYS E 541 -60.72 44.56 -22.37
CA LYS E 541 -59.55 45.38 -22.04
C LYS E 541 -58.36 44.55 -21.60
N CYS E 542 -58.51 43.23 -21.53
CA CYS E 542 -57.47 42.37 -20.97
C CYS E 542 -56.24 42.24 -21.87
N ASP E 543 -55.07 42.26 -21.23
CA ASP E 543 -53.78 42.06 -21.89
C ASP E 543 -53.07 40.93 -21.16
N ILE E 544 -52.46 40.03 -21.92
CA ILE E 544 -51.78 38.87 -21.33
C ILE E 544 -50.28 39.08 -21.22
N SER E 545 -49.79 40.30 -21.44
CA SER E 545 -48.36 40.61 -21.36
C SER E 545 -47.85 40.40 -19.94
N ASN E 546 -46.60 39.91 -19.83
CA ASN E 546 -45.88 39.73 -18.56
C ASN E 546 -46.60 38.76 -17.62
N SER E 547 -47.16 37.69 -18.18
CA SER E 547 -47.83 36.66 -17.40
C SER E 547 -47.32 35.28 -17.82
N THR E 548 -46.13 34.91 -17.32
CA THR E 548 -45.44 33.70 -17.77
C THR E 548 -46.28 32.44 -17.56
N GLU E 549 -47.04 32.40 -16.46
CA GLU E 549 -47.89 31.25 -16.15
C GLU E 549 -48.96 31.04 -17.22
N ALA E 550 -49.55 32.14 -17.72
CA ALA E 550 -50.50 32.07 -18.83
C ALA E 550 -49.83 31.56 -20.09
N GLY E 551 -48.59 31.99 -20.34
CA GLY E 551 -47.85 31.50 -21.48
C GLY E 551 -47.58 30.01 -21.40
N GLN E 552 -47.24 29.52 -20.20
CA GLN E 552 -47.05 28.09 -20.01
C GLN E 552 -48.35 27.33 -20.21
N LYS E 553 -49.46 27.89 -19.71
CA LYS E 553 -50.77 27.26 -19.81
C LYS E 553 -51.18 27.12 -21.27
N LEU E 554 -50.92 28.17 -22.06
CA LEU E 554 -51.14 28.15 -23.50
C LEU E 554 -50.19 27.16 -24.18
N LEU E 555 -48.91 27.18 -23.78
CA LEU E 555 -47.85 26.41 -24.41
C LEU E 555 -48.08 24.91 -24.25
N LYS E 556 -48.78 24.51 -23.17
CA LYS E 556 -49.14 23.11 -22.98
C LYS E 556 -50.01 22.61 -24.13
N MET E 557 -50.99 23.43 -24.54
CA MET E 557 -51.79 23.12 -25.72
C MET E 557 -50.97 23.22 -26.99
N LEU E 558 -50.12 24.25 -27.10
CA LEU E 558 -49.35 24.46 -28.33
C LEU E 558 -48.37 23.33 -28.63
N SER E 559 -47.72 22.79 -27.59
CA SER E 559 -46.77 21.69 -27.77
C SER E 559 -47.42 20.43 -28.31
N LEU E 560 -48.66 20.16 -27.87
CA LEU E 560 -49.37 18.92 -28.21
C LEU E 560 -49.61 18.75 -29.70
N GLY E 561 -49.95 19.83 -30.40
CA GLY E 561 -50.41 19.69 -31.79
C GLY E 561 -51.69 18.88 -31.83
N ASN E 562 -51.76 17.94 -32.78
CA ASN E 562 -52.90 17.04 -32.86
C ASN E 562 -52.55 15.62 -32.40
N SER E 563 -51.50 15.50 -31.57
CA SER E 563 -51.13 14.21 -31.00
C SER E 563 -52.24 13.68 -30.10
N GLU E 564 -52.91 14.57 -29.39
CA GLU E 564 -53.98 14.27 -28.46
C GLU E 564 -55.30 14.77 -29.06
N PRO E 565 -56.45 14.27 -28.58
CA PRO E 565 -57.73 14.82 -29.04
C PRO E 565 -57.89 16.29 -28.70
N TRP E 566 -58.59 17.01 -29.59
CA TRP E 566 -58.75 18.46 -29.46
C TRP E 566 -59.53 18.83 -28.20
N THR E 567 -60.41 17.93 -27.75
CA THR E 567 -61.14 18.13 -26.50
C THR E 567 -60.19 18.19 -25.31
N LYS E 568 -59.15 17.34 -25.31
CA LYS E 568 -58.15 17.36 -24.26
C LYS E 568 -57.38 18.67 -24.25
N ALA E 569 -57.01 19.18 -25.43
CA ALA E 569 -56.33 20.46 -25.54
C ALA E 569 -57.23 21.61 -25.07
N LEU E 570 -58.51 21.55 -25.44
CA LEU E 570 -59.47 22.55 -24.99
C LEU E 570 -59.63 22.51 -23.48
N GLU E 571 -59.66 21.31 -22.88
CA GLU E 571 -59.71 21.19 -21.43
C GLU E 571 -58.42 21.74 -20.81
N ASN E 572 -57.29 21.53 -21.49
CA ASN E 572 -56.01 21.99 -21.00
C ASN E 572 -55.98 23.51 -20.91
N VAL E 573 -56.57 24.21 -21.87
CA VAL E 573 -56.60 25.67 -21.77
C VAL E 573 -57.79 26.19 -20.94
N VAL E 574 -59.03 25.81 -21.24
CA VAL E 574 -60.19 26.46 -20.60
C VAL E 574 -60.85 25.63 -19.51
N GLY E 575 -60.45 24.37 -19.33
CA GLY E 575 -61.13 23.51 -18.39
C GLY E 575 -62.47 22.97 -18.83
N ALA E 576 -62.78 23.04 -20.12
CA ALA E 576 -64.01 22.48 -20.67
C ALA E 576 -63.70 21.64 -21.92
N ARG E 577 -64.55 20.67 -22.20
CA ARG E 577 -64.33 19.73 -23.29
C ARG E 577 -65.19 20.01 -24.52
N ASN E 578 -65.82 21.17 -24.60
CA ASN E 578 -66.76 21.45 -25.68
C ASN E 578 -66.78 22.95 -25.92
N MET E 579 -67.36 23.34 -27.04
CA MET E 579 -67.48 24.76 -27.38
C MET E 579 -68.38 25.49 -26.39
N ASP E 580 -67.93 26.65 -25.93
CA ASP E 580 -68.69 27.49 -25.02
C ASP E 580 -68.69 28.92 -25.53
N VAL E 581 -69.87 29.54 -25.57
CA VAL E 581 -69.99 30.92 -26.02
C VAL E 581 -70.21 31.90 -24.87
N LYS E 582 -70.11 31.41 -23.62
CA LYS E 582 -70.14 32.31 -22.48
C LYS E 582 -68.95 33.28 -22.50
N PRO E 583 -67.71 32.89 -22.89
CA PRO E 583 -66.67 33.92 -23.07
C PRO E 583 -67.01 34.95 -24.13
N LEU E 584 -67.65 34.54 -25.24
CA LEU E 584 -68.04 35.50 -26.28
C LEU E 584 -69.05 36.51 -25.73
N LEU E 585 -70.04 36.05 -24.95
CA LEU E 585 -70.99 36.96 -24.33
C LEU E 585 -70.30 37.85 -23.31
N ASN E 586 -69.34 37.29 -22.55
CA ASN E 586 -68.59 38.06 -21.57
C ASN E 586 -67.75 39.16 -22.20
N TYR E 587 -67.16 38.88 -23.38
CA TYR E 587 -66.39 39.89 -24.11
C TYR E 587 -67.28 41.05 -24.54
N PHE E 588 -68.49 40.75 -25.01
CA PHE E 588 -69.38 41.75 -25.57
C PHE E 588 -70.42 42.24 -24.58
N GLN E 589 -70.25 41.95 -23.28
CA GLN E 589 -71.26 42.28 -22.29
C GLN E 589 -71.55 43.78 -22.13
N PRO E 590 -70.56 44.71 -22.11
CA PRO E 590 -70.93 46.15 -22.06
C PRO E 590 -71.70 46.58 -23.29
N LEU E 591 -71.26 46.10 -24.46
CA LEU E 591 -71.96 46.39 -25.71
C LEU E 591 -73.36 45.79 -25.70
N PHE E 592 -73.51 44.58 -25.16
CA PHE E 592 -74.81 43.94 -25.09
C PHE E 592 -75.76 44.73 -24.21
N ASP E 593 -75.25 45.24 -23.08
CA ASP E 593 -76.05 46.08 -22.18
C ASP E 593 -76.44 47.37 -22.87
N TRP E 594 -75.51 47.98 -23.62
CA TRP E 594 -75.77 49.21 -24.35
C TRP E 594 -76.83 49.01 -25.43
N LEU E 595 -76.72 47.88 -26.15
CA LEU E 595 -77.70 47.56 -27.20
C LEU E 595 -79.07 47.30 -26.60
N LYS E 596 -79.12 46.64 -25.43
CA LYS E 596 -80.40 46.47 -24.74
C LYS E 596 -80.99 47.81 -24.32
N GLU E 597 -80.12 48.73 -23.85
CA GLU E 597 -80.57 50.04 -23.40
C GLU E 597 -81.15 50.86 -24.55
N GLN E 598 -80.57 50.77 -25.75
CA GLN E 598 -81.04 51.61 -26.85
C GLN E 598 -82.10 50.96 -27.73
N ASN E 599 -82.48 49.71 -27.50
CA ASN E 599 -83.44 49.02 -28.34
C ASN E 599 -84.82 48.94 -27.71
N ARG E 600 -85.02 49.63 -26.57
CA ARG E 600 -86.25 49.52 -25.80
C ARG E 600 -87.48 50.00 -26.58
N ASN E 601 -87.35 51.15 -27.26
CA ASN E 601 -88.45 51.62 -28.11
C ASN E 601 -88.63 50.72 -29.33
N SER E 602 -87.53 50.27 -29.93
CA SER E 602 -87.61 49.54 -31.18
C SER E 602 -88.01 48.09 -30.95
N PHE E 603 -88.33 47.40 -32.03
CA PHE E 603 -88.70 46.00 -32.00
C PHE E 603 -87.47 45.16 -32.34
N VAL E 604 -87.09 44.27 -31.43
CA VAL E 604 -85.94 43.40 -31.64
C VAL E 604 -86.43 42.12 -32.29
N GLY E 605 -85.82 41.74 -33.40
CA GLY E 605 -86.25 40.59 -34.16
C GLY E 605 -86.75 40.96 -35.54
N TRP E 606 -86.96 39.93 -36.35
CA TRP E 606 -87.35 40.10 -37.74
C TRP E 606 -88.52 39.17 -38.05
N ASN E 607 -89.26 39.53 -39.10
CA ASN E 607 -90.41 38.77 -39.56
C ASN E 607 -90.01 38.05 -40.83
N THR E 608 -90.38 36.76 -40.93
CA THR E 608 -89.92 35.94 -42.06
C THR E 608 -90.46 36.44 -43.40
N GLU E 609 -91.70 36.89 -43.44
CA GLU E 609 -92.30 37.33 -44.70
C GLU E 609 -91.63 38.61 -45.19
N TRP E 610 -91.62 38.80 -46.50
CA TRP E 610 -90.84 39.90 -47.09
C TRP E 610 -91.50 41.24 -46.79
N SER E 611 -90.78 42.09 -46.06
CA SER E 611 -91.24 43.42 -45.70
C SER E 611 -90.29 44.45 -46.30
N PRO E 612 -90.80 45.51 -46.95
CA PRO E 612 -89.99 46.50 -47.68
C PRO E 612 -89.01 47.27 -46.81
C1 NAG F . 15.30 2.24 -46.77
C2 NAG F . 14.70 2.35 -48.15
C3 NAG F . 14.02 3.71 -48.31
C4 NAG F . 12.99 3.91 -47.21
C5 NAG F . 13.60 3.65 -45.83
C6 NAG F . 12.59 3.63 -44.71
C7 NAG F . 15.85 1.02 -49.86
C8 NAG F . 16.95 1.00 -50.89
N2 NAG F . 15.71 2.16 -49.18
O3 NAG F . 13.39 3.79 -49.59
O4 NAG F . 12.52 5.26 -47.27
O5 NAG F . 14.27 2.37 -45.80
O6 NAG F . 11.77 2.47 -44.77
O7 NAG F . 15.13 0.05 -49.66
C1 NAG F . 11.09 5.33 -47.55
C2 NAG F . 10.61 6.74 -47.20
C3 NAG F . 9.12 6.88 -47.51
C4 NAG F . 8.86 6.55 -48.98
C5 NAG F . 9.38 5.16 -49.32
C6 NAG F . 9.30 4.83 -50.79
C7 NAG F . 11.95 7.68 -45.36
C8 NAG F . 12.04 7.90 -43.89
N2 NAG F . 10.85 7.04 -45.80
O3 NAG F . 8.69 8.20 -47.23
O4 NAG F . 7.46 6.60 -49.25
O5 NAG F . 10.78 5.03 -48.95
O6 NAG F . 8.09 4.16 -51.10
O7 NAG F . 12.83 8.05 -46.13
C1 NAG G . 84.53 0.37 18.89
C2 NAG G . 85.99 0.19 18.47
C3 NAG G . 86.38 1.30 17.49
C4 NAG G . 85.40 1.36 16.32
C5 NAG G . 83.97 1.51 16.86
C6 NAG G . 82.92 1.51 15.79
C7 NAG G . 87.29 -0.92 20.22
C8 NAG G . 88.18 -0.74 21.41
N2 NAG G . 86.86 0.19 19.63
O3 NAG G . 87.70 1.05 17.02
O4 NAG G . 85.72 2.46 15.48
O5 NAG G . 83.70 0.39 17.72
O6 NAG G . 81.62 1.33 16.35
O7 NAG G . 86.96 -2.04 19.82
C1 NAG G . 86.20 1.97 14.20
C2 NAG G . 85.87 3.00 13.13
C3 NAG G . 86.37 2.50 11.77
C4 NAG G . 87.86 2.14 11.85
C5 NAG G . 88.08 1.16 13.00
C6 NAG G . 89.54 0.82 13.21
C7 NAG G . 83.89 4.41 13.44
C8 NAG G . 82.40 4.51 13.31
N2 NAG G . 84.44 3.26 13.07
O3 NAG G . 86.17 3.51 10.79
O4 NAG G . 88.28 1.55 10.63
O5 NAG G . 87.62 1.75 14.22
O6 NAG G . 90.14 1.70 14.15
O7 NAG G . 84.57 5.35 13.86
C1 NAG H . 75.92 18.52 9.90
C2 NAG H . 77.20 19.01 9.23
C3 NAG H . 76.87 19.66 7.88
C4 NAG H . 76.04 18.72 7.02
C5 NAG H . 74.81 18.27 7.81
C6 NAG H . 73.96 17.26 7.08
C7 NAG H . 77.63 21.09 10.59
C8 NAG H . 78.67 21.77 11.44
N2 NAG H . 78.01 19.90 10.08
O3 NAG H . 78.10 20.00 7.22
O4 NAG H . 75.62 19.40 5.85
O5 NAG H . 75.24 17.64 9.03
O6 NAG H . 73.66 16.14 7.89
O7 NAG H . 76.53 21.60 10.38
C1 NAG H . 76.27 18.86 4.68
C2 NAG H . 75.31 18.97 3.50
C3 NAG H . 75.96 18.41 2.24
C4 NAG H . 77.30 19.09 1.99
C5 NAG H . 78.18 19.00 3.25
C6 NAG H . 79.48 19.75 3.13
C7 NAG H . 72.87 18.90 3.83
C8 NAG H . 71.69 18.02 4.13
N2 NAG H . 74.06 18.27 3.78
O3 NAG H . 75.10 18.61 1.13
O4 NAG H . 77.98 18.46 0.90
O5 NAG H . 77.47 19.57 4.36
O6 NAG H . 79.26 21.14 2.99
O7 NAG H . 72.76 20.10 3.64
C1 NAG I . 82.46 -17.39 25.83
C2 NAG I . 82.28 -17.00 24.38
C3 NAG I . 81.16 -17.85 23.78
C4 NAG I . 81.41 -19.34 24.02
C5 NAG I . 81.78 -19.61 25.49
C6 NAG I . 82.27 -21.02 25.73
C7 NAG I . 82.55 -14.79 23.34
C8 NAG I . 82.11 -13.36 23.35
N2 NAG I . 81.97 -15.58 24.25
O3 NAG I . 81.07 -17.58 22.39
O4 NAG I . 80.25 -20.09 23.66
O5 NAG I . 82.83 -18.73 25.90
O6 NAG I . 83.65 -21.03 26.05
O7 NAG I . 83.40 -15.21 22.56
C1 NAG I . 80.53 -20.88 22.49
C2 NAG I . 79.71 -22.17 22.55
C3 NAG I . 79.99 -23.02 21.31
C4 NAG I . 79.72 -22.20 20.05
C5 NAG I . 80.55 -20.91 20.08
C6 NAG I . 80.28 -20.00 18.91
C7 NAG I . 79.16 -23.06 24.77
C8 NAG I . 79.66 -23.87 25.94
N2 NAG I . 80.03 -22.93 23.75
O3 NAG I . 79.15 -24.16 21.33
O4 NAG I . 80.09 -22.96 18.90
O5 NAG I . 80.22 -20.17 21.26
O6 NAG I . 78.98 -19.44 18.98
O7 NAG I . 78.04 -22.58 24.74
C1 NAG J . 96.17 -10.03 31.93
C2 NAG J . 97.24 -10.61 31.03
C3 NAG J . 98.62 -10.26 31.57
C4 NAG J . 98.76 -8.75 31.75
C5 NAG J . 97.61 -8.22 32.62
C6 NAG J . 97.59 -6.71 32.72
C7 NAG J . 96.70 -12.64 29.76
C8 NAG J . 96.61 -14.14 29.80
N2 NAG J . 97.10 -12.05 30.90
O3 NAG J . 99.62 -10.73 30.68
O4 NAG J . 100.01 -8.45 32.37
O5 NAG J . 96.35 -8.61 32.05
O6 NAG J . 97.10 -6.11 31.53
O7 NAG J . 96.44 -12.00 28.76
C1 NAG J . 100.87 -7.72 31.45
C2 NAG J . 102.19 -7.42 32.17
C3 NAG J . 103.13 -6.67 31.23
C4 NAG J . 103.31 -7.43 29.91
C5 NAG J . 101.94 -7.73 29.30
C6 NAG J . 102.04 -8.59 28.06
C7 NAG J . 102.25 -7.17 34.60
C8 NAG J . 101.97 -6.25 35.76
N2 NAG J . 101.97 -6.67 33.39
O3 NAG J . 104.39 -6.49 31.86
O4 NAG J . 104.08 -6.67 29.01
O5 NAG J . 101.13 -8.45 30.24
O6 NAG J . 102.13 -9.97 28.39
O7 NAG J . 102.71 -8.29 34.76
C1 NAG K . 93.27 -19.06 50.16
C2 NAG K . 93.48 -20.55 49.92
C3 NAG K . 93.37 -21.31 51.23
C4 NAG K . 94.34 -20.77 52.26
C5 NAG K . 94.08 -19.26 52.45
C6 NAG K . 95.07 -18.59 53.36
C7 NAG K . 92.83 -21.29 47.67
C8 NAG K . 91.72 -21.80 46.81
N2 NAG K . 92.52 -21.05 48.94
O3 NAG K . 93.64 -22.70 50.98
O4 NAG K . 94.21 -21.45 53.49
O5 NAG K . 94.18 -18.60 51.18
O6 NAG K . 96.35 -18.44 52.75
O7 NAG K . 93.96 -21.09 47.22
C1 NAG K . 95.44 -22.20 53.73
C2 NAG K . 95.51 -22.58 55.21
C3 NAG K . 96.79 -23.38 55.49
C4 NAG K . 96.87 -24.58 54.55
C5 NAG K . 96.74 -24.14 53.09
C6 NAG K . 96.69 -25.30 52.12
C7 NAG K . 94.35 -21.01 56.70
C8 NAG K . 94.47 -19.76 57.52
N2 NAG K . 95.46 -21.40 56.06
O3 NAG K . 96.80 -23.81 56.84
O4 NAG K . 98.11 -25.24 54.72
O5 NAG K . 95.52 -23.40 52.92
O6 NAG K . 95.39 -25.88 52.10
O7 NAG K . 93.30 -21.63 56.60
C1 NAG L . -15.38 -51.54 27.22
C2 NAG L . -16.47 -52.58 27.05
C3 NAG L . -16.40 -53.16 25.64
C4 NAG L . -16.46 -52.06 24.59
C5 NAG L . -15.45 -50.95 24.91
C6 NAG L . -15.63 -49.72 24.04
C7 NAG L . -17.13 -53.65 29.15
C8 NAG L . -16.90 -54.80 30.08
N2 NAG L . -16.38 -53.63 28.04
O3 NAG L . -17.47 -54.08 25.45
O4 NAG L . -16.13 -52.61 23.32
O5 NAG L . -15.57 -50.50 26.27
O6 NAG L . -16.80 -49.00 24.41
O7 NAG L . -17.97 -52.78 29.38
C1 NAG L . -17.24 -52.57 22.39
C2 NAG L . -16.72 -52.91 20.98
C3 NAG L . -17.87 -52.96 19.98
C4 NAG L . -18.98 -53.87 20.46
C5 NAG L . -19.42 -53.44 21.86
C6 NAG L . -20.49 -54.34 22.45
C7 NAG L . -14.38 -52.19 20.68
C8 NAG L . -13.48 -51.11 20.18
N2 NAG L . -15.69 -51.96 20.56
O3 NAG L . -17.38 -53.41 18.72
O4 NAG L . -20.08 -53.81 19.58
O5 NAG L . -18.30 -53.49 22.75
O6 NAG L . -21.67 -53.60 22.75
O7 NAG L . -13.95 -53.23 21.17
C1 NAG M . 65.78 -14.73 59.10
C2 NAG M . 66.50 -15.46 60.24
C3 NAG M . 66.71 -16.93 59.86
C4 NAG M . 65.40 -17.56 59.42
C5 NAG M . 64.77 -16.72 58.29
C6 NAG M . 63.43 -17.23 57.82
C7 NAG M . 67.90 -13.88 61.48
C8 NAG M . 69.29 -13.34 61.67
N2 NAG M . 67.77 -14.82 60.55
O3 NAG M . 67.24 -17.63 60.99
O4 NAG M . 65.64 -18.89 58.95
O5 NAG M . 64.56 -15.39 58.79
O6 NAG M . 62.84 -16.33 56.89
O7 NAG M . 66.95 -13.48 62.15
C1 NAG M . 65.03 -19.84 59.84
C2 NAG M . 64.75 -21.13 59.07
C3 NAG M . 64.11 -22.16 60.00
C4 NAG M . 64.99 -22.40 61.21
C5 NAG M . 65.31 -21.08 61.91
C6 NAG M . 66.30 -21.22 63.04
C7 NAG M . 64.32 -20.96 56.66
C8 NAG M . 63.30 -20.67 55.59
N2 NAG M . 63.90 -20.87 57.92
O3 NAG M . 63.91 -23.38 59.29
O4 NAG M . 64.33 -23.26 62.13
O5 NAG M . 65.87 -20.14 60.97
O6 NAG M . 67.63 -21.04 62.58
O7 NAG M . 65.48 -21.26 56.39
C1 NAG N . 63.82 -28.69 42.31
C2 NAG N . 64.48 -29.82 43.09
C3 NAG N . 63.83 -31.16 42.74
C4 NAG N . 62.32 -31.10 42.93
C5 NAG N . 61.75 -29.93 42.13
C6 NAG N . 60.28 -29.71 42.35
C7 NAG N . 66.62 -30.05 41.80
C8 NAG N . 68.12 -30.05 41.95
N2 NAG N . 65.93 -29.87 42.94
O3 NAG N . 64.39 -32.19 43.56
O4 NAG N . 61.72 -32.31 42.50
O5 NAG N . 62.40 -28.71 42.51
O6 NAG N . 60.04 -28.57 43.17
O7 NAG N . 66.09 -30.22 40.71
C1 NAG N . 61.16 -33.02 43.64
C2 NAG N . 59.97 -33.84 43.15
C3 NAG N . 59.37 -34.63 44.32
C4 NAG N . 60.46 -35.45 45.02
C5 NAG N . 61.62 -34.55 45.42
C6 NAG N . 62.78 -35.30 46.03
C7 NAG N . 58.79 -32.90 41.22
C8 NAG N . 57.70 -31.98 40.77
N2 NAG N . 58.95 -33.00 42.54
O3 NAG N . 58.35 -35.49 43.84
O4 NAG N . 59.93 -36.07 46.18
O5 NAG N . 62.12 -33.89 44.25
O6 NAG N . 63.77 -35.59 45.05
O7 NAG N . 59.49 -33.52 40.44
C1 NAG O . 59.54 0.43 69.24
C2 NAG O . 58.75 -0.85 69.04
C3 NAG O . 57.25 -0.53 69.04
C4 NAG O . 56.87 0.26 70.29
C5 NAG O . 57.80 1.46 70.48
C6 NAG O . 57.59 2.19 71.79
C7 NAG O . 59.56 -2.77 67.75
C8 NAG O . 59.91 -3.30 66.38
N2 NAG O . 59.13 -1.51 67.80
O3 NAG O . 56.51 -1.74 68.98
O4 NAG O . 55.54 0.73 70.14
O5 NAG O . 59.17 1.02 70.47
O6 NAG O . 58.06 3.54 71.72
O7 NAG O . 59.67 -3.47 68.75
C1 NAG O . 54.65 0.14 71.11
C2 NAG O . 53.42 1.06 71.24
C3 NAG O . 52.44 0.49 72.26
C4 NAG O . 52.09 -0.95 71.91
C5 NAG O . 53.37 -1.79 71.75
C6 NAG O . 53.09 -3.20 71.30
C7 NAG O . 53.63 3.46 70.77
C8 NAG O . 54.09 4.79 71.30
N2 NAG O . 53.81 2.42 71.59
O3 NAG O . 51.26 1.28 72.28
O4 NAG O . 51.28 -1.53 72.94
O5 NAG O . 54.22 -1.19 70.77
O6 NAG O . 52.33 -3.23 70.10
O7 NAG O . 53.13 3.34 69.67
C1 NAG P . 75.77 -2.04 71.48
C2 NAG P . 75.85 -2.64 72.88
C3 NAG P . 77.29 -2.65 73.36
C4 NAG P . 78.19 -3.36 72.36
C5 NAG P . 78.00 -2.78 70.96
C6 NAG P . 78.74 -3.56 69.89
C7 NAG P . 73.85 -2.39 74.28
C8 NAG P . 73.10 -1.50 75.24
N2 NAG P . 75.00 -1.90 73.81
O3 NAG P . 77.36 -3.27 74.63
O4 NAG P . 79.54 -3.22 72.75
O5 NAG P . 76.62 -2.78 70.59
O6 NAG P . 77.96 -4.64 69.41
O7 NAG P . 73.43 -3.50 73.96
C1 NAG P . 80.15 -4.46 73.15
C2 NAG P . 81.55 -4.15 73.66
C3 NAG P . 82.24 -5.46 74.09
C4 NAG P . 81.36 -6.22 75.08
C5 NAG P . 79.96 -6.41 74.51
C6 NAG P . 79.00 -7.06 75.48
C7 NAG P . 82.93 -2.28 72.87
C8 NAG P . 83.71 -1.72 71.72
N2 NAG P . 82.34 -3.47 72.65
O3 NAG P . 83.50 -5.15 74.68
O4 NAG P . 81.93 -7.50 75.33
O5 NAG P . 79.40 -5.12 74.18
O6 NAG P . 78.53 -6.13 76.45
O7 NAG P . 82.85 -1.70 73.95
C1 NAG Q . 78.75 18.33 72.51
C2 NAG Q . 77.86 18.80 73.66
C3 NAG Q . 77.84 20.32 73.73
C4 NAG Q . 79.26 20.90 73.74
C5 NAG Q . 80.08 20.31 72.59
C6 NAG Q . 81.54 20.72 72.63
C7 NAG Q . 75.99 17.35 74.31
C8 NAG Q . 74.58 16.93 74.02
N2 NAG Q . 76.51 18.28 73.51
O3 NAG Q . 77.14 20.72 74.90
O4 NAG Q . 79.19 22.31 73.58
O5 NAG Q . 80.05 18.88 72.67
O6 NAG Q . 82.25 19.98 73.61
O7 NAG Q . 76.63 16.85 75.24
C1 NAG Q . 79.60 22.98 74.79
C2 NAG Q . 79.86 24.45 74.45
C3 NAG Q . 80.28 25.21 75.72
C4 NAG Q . 79.29 24.97 76.85
C5 NAG Q . 79.07 23.47 77.05
C6 NAG Q . 78.01 23.15 78.09
C7 NAG Q . 80.55 24.75 72.13
C8 NAG Q . 81.71 24.87 71.19
N2 NAG Q . 80.87 24.58 73.42
O3 NAG Q . 80.37 26.59 75.43
O4 NAG Q . 79.78 25.53 78.06
O5 NAG Q . 78.61 22.89 75.82
O6 NAG Q . 76.70 23.26 77.54
O7 NAG Q . 79.40 24.81 71.74
C1 NAG R . -24.70 46.91 29.58
C2 NAG R . -26.01 47.68 29.59
C3 NAG R . -27.13 46.77 30.10
C4 NAG R . -27.19 45.48 29.29
C5 NAG R . -25.81 44.83 29.19
C6 NAG R . -25.76 43.67 28.21
C7 NAG R . -25.84 50.11 29.91
C8 NAG R . -25.73 51.22 30.91
N2 NAG R . -25.91 48.88 30.42
O3 NAG R . -28.37 47.47 30.01
O4 NAG R . -28.10 44.59 29.94
O5 NAG R . -24.83 45.78 28.74
O6 NAG R . -25.85 44.13 26.87
O7 NAG R . -25.87 50.32 28.71
C1 NAG R . -29.22 44.19 29.10
C2 NAG R . -29.84 42.92 29.70
C3 NAG R . -31.05 42.48 28.88
C4 NAG R . -32.02 43.64 28.67
C5 NAG R . -31.28 44.84 28.09
C6 NAG R . -32.17 46.06 27.93
C7 NAG R . -28.13 41.58 30.87
C8 NAG R . -27.17 40.44 30.76
N2 NAG R . -28.85 41.85 29.77
O3 NAG R . -31.71 41.41 29.56
O4 NAG R . -33.05 43.24 27.77
O5 NAG R . -30.22 45.21 28.99
O6 NAG R . -32.61 46.18 26.58
O7 NAG R . -28.24 42.25 31.89
C1 NAG S . 66.93 31.14 49.47
C2 NAG S . 67.67 32.27 50.17
C3 NAG S . 66.97 32.63 51.47
C4 NAG S . 65.49 32.93 51.22
C5 NAG S . 64.86 31.74 50.49
C6 NAG S . 63.41 31.96 50.12
C7 NAG S . 70.08 32.30 49.65
C8 NAG S . 71.44 31.84 50.06
N2 NAG S . 69.06 31.91 50.43
O3 NAG S . 67.60 33.77 52.07
O4 NAG S . 64.81 33.16 52.45
O5 NAG S . 65.57 31.53 49.26
O6 NAG S . 62.94 30.92 49.26
O7 NAG S . 69.91 33.02 48.67
C1 NAG S . 64.41 34.54 52.53
C2 NAG S . 63.21 34.64 53.47
C3 NAG S . 62.77 36.10 53.59
C4 NAG S . 63.96 36.98 53.98
C5 NAG S . 65.12 36.76 53.01
C6 NAG S . 66.36 37.53 53.38
C7 NAG S . 61.73 32.69 53.63
C8 NAG S . 60.58 31.96 53.00
N2 NAG S . 62.11 33.81 53.01
O3 NAG S . 61.75 36.21 54.57
O4 NAG S . 63.57 38.35 53.96
O5 NAG S . 65.47 35.37 53.02
O6 NAG S . 67.27 36.72 54.11
O7 NAG S . 62.29 32.28 54.63
C1 NAG T . 49.89 24.58 61.72
C2 NAG T . 50.18 25.46 62.93
C3 NAG T . 48.88 25.95 63.56
C4 NAG T . 48.00 26.63 62.51
C5 NAG T . 47.82 25.67 61.32
C6 NAG T . 47.04 26.27 60.18
C7 NAG T . 50.79 23.67 64.61
C8 NAG T . 51.87 23.24 65.55
N2 NAG T . 51.04 24.81 63.92
O3 NAG T . 49.17 26.86 64.61
O4 NAG T . 46.73 26.96 63.04
O5 NAG T . 49.10 25.31 60.79
O6 NAG T . 47.85 26.41 59.02
O7 NAG T . 49.75 23.03 64.48
C1 NAG T . 46.61 28.40 63.16
C2 NAG T . 45.14 28.77 62.96
C3 NAG T . 44.98 30.28 63.09
C4 NAG T . 45.58 30.77 64.41
C5 NAG T . 47.02 30.28 64.55
C6 NAG T . 47.64 30.62 65.89
C7 NAG T . 43.77 27.31 61.54
C8 NAG T . 43.37 26.97 60.14
N2 NAG T . 44.64 28.31 61.68
O3 NAG T . 43.61 30.61 63.03
O4 NAG T . 45.56 32.20 64.45
O5 NAG T . 47.05 28.85 64.44
O6 NAG T . 47.39 29.60 66.85
O7 NAG T . 43.33 26.70 62.51
C1 NAG U . 74.95 33.80 32.22
C2 NAG U . 73.69 34.49 32.72
C3 NAG U . 72.79 34.81 31.53
C4 NAG U . 73.55 35.61 30.46
C5 NAG U . 74.88 34.92 30.12
C6 NAG U . 75.77 35.74 29.22
C7 NAG U . 72.78 34.05 34.95
C8 NAG U . 72.03 33.09 35.82
N2 NAG U . 72.98 33.67 33.69
O3 NAG U . 71.66 35.55 31.97
O4 NAG U . 72.76 35.69 29.28
O5 NAG U . 75.63 34.66 31.32
O6 NAG U . 76.99 36.09 29.88
O7 NAG U . 73.19 35.13 35.38
C1 NAG U . 72.33 37.04 29.03
C2 NAG U . 72.03 37.19 27.53
C3 NAG U . 71.56 38.60 27.23
C4 NAG U . 70.37 38.95 28.12
C5 NAG U . 70.72 38.74 29.59
C6 NAG U . 69.55 38.97 30.53
C7 NAG U . 73.25 35.85 25.88
C8 NAG U . 74.55 35.66 25.14
N2 NAG U . 73.21 36.87 26.74
O3 NAG U . 71.19 38.70 25.86
O4 NAG U . 69.99 40.31 27.91
O5 NAG U . 71.14 37.38 29.79
O6 NAG U . 68.46 38.12 30.21
O7 NAG U . 72.30 35.10 25.72
C1 NAG V . 86.51 32.33 44.07
C2 NAG V . 86.92 33.78 44.31
C3 NAG V . 88.14 33.84 45.21
C4 NAG V . 87.89 33.10 46.51
C5 NAG V . 87.43 31.67 46.21
C6 NAG V . 87.02 30.91 47.45
C7 NAG V . 86.37 35.42 42.56
C8 NAG V . 86.79 36.02 41.25
N2 NAG V . 87.17 34.47 43.04
O3 NAG V . 88.46 35.20 45.47
O4 NAG V . 89.08 33.07 47.29
O5 NAG V . 86.29 31.70 45.34
O6 NAG V . 85.88 31.49 48.06
O7 NAG V . 85.36 35.79 43.16
C1 NAG V . 88.92 33.84 48.50
C2 NAG V . 90.27 33.90 49.22
C3 NAG V . 90.14 34.72 50.50
C4 NAG V . 89.55 36.10 50.20
C5 NAG V . 88.23 35.95 49.44
C6 NAG V . 87.66 37.28 49.01
C7 NAG V . 91.90 32.08 48.99
C8 NAG V . 92.27 30.70 49.40
N2 NAG V . 90.77 32.56 49.51
O3 NAG V . 91.42 34.85 51.10
O4 NAG V . 89.32 36.80 51.41
O5 NAG V . 88.45 35.18 48.25
O6 NAG V . 88.26 37.74 47.80
O7 NAG V . 92.61 32.75 48.24
C1 NAG W . 98.84 22.19 31.15
C2 NAG W . 99.16 23.24 30.09
C3 NAG W . 100.07 22.64 29.02
C4 NAG W . 101.33 22.06 29.66
C5 NAG W . 100.93 21.02 30.71
C6 NAG W . 102.10 20.46 31.48
C7 NAG W . 97.46 24.97 29.73
C8 NAG W . 96.19 25.34 29.02
N2 NAG W . 97.95 23.75 29.48
O3 NAG W . 100.42 23.65 28.08
O4 NAG W . 102.14 21.44 28.66
O5 NAG W . 100.07 21.64 31.68
O6 NAG W . 102.41 21.25 32.61
O7 NAG W . 98.02 25.74 30.49
C1 NAG W . 103.36 22.19 28.49
C2 NAG W . 104.39 21.30 27.78
C3 NAG W . 105.68 22.08 27.57
C4 NAG W . 105.41 23.39 26.83
C5 NAG W . 104.34 24.19 27.55
C6 NAG W . 103.93 25.44 26.81
C7 NAG W . 104.02 18.93 28.28
C8 NAG W . 104.40 17.77 29.16
N2 NAG W . 104.64 20.09 28.54
O3 NAG W . 106.60 21.28 26.82
O4 NAG W . 106.60 24.15 26.75
O5 NAG W . 103.15 23.39 27.72
O6 NAG W . 103.00 25.14 25.79
O7 NAG W . 103.20 18.82 27.38
C1 NAG X . -41.80 -62.78 -27.63
C2 NAG X . -40.46 -62.71 -26.90
C3 NAG X . -40.28 -63.94 -26.01
C4 NAG X . -41.46 -64.08 -25.05
C5 NAG X . -42.75 -64.12 -25.86
C6 NAG X . -44.00 -64.16 -25.00
C7 NAG X . -38.64 -61.47 -27.98
C8 NAG X . -37.54 -61.52 -28.99
N2 NAG X . -39.35 -62.59 -27.83
O3 NAG X . -39.07 -63.83 -25.28
O4 NAG X . -41.31 -65.26 -24.27
O5 NAG X . -42.86 -62.95 -26.68
O6 NAG X . -44.67 -62.90 -25.00
O7 NAG X . -38.87 -60.45 -27.33
C1 NAG X . -41.15 -64.93 -22.87
C2 NAG X . -41.71 -66.06 -22.02
C3 NAG X . -41.62 -65.69 -20.55
C4 NAG X . -40.17 -65.37 -20.20
C5 NAG X . -39.65 -64.27 -21.12
C6 NAG X . -38.18 -63.96 -20.89
C7 NAG X . -43.46 -67.55 -22.90
C8 NAG X . -44.92 -67.69 -23.22
N2 NAG X . -43.08 -66.37 -22.40
O3 NAG X . -42.11 -66.75 -19.75
O4 NAG X . -40.09 -64.94 -18.84
O5 NAG X . -39.77 -64.69 -22.49
O6 NAG X . -37.35 -65.07 -21.17
O7 NAG X . -42.66 -68.46 -23.11
C1 NAG Y . -22.80 -31.88 -47.79
C2 NAG Y . -22.67 -32.37 -49.24
C3 NAG Y . -21.82 -33.65 -49.31
C4 NAG Y . -20.48 -33.44 -48.62
C5 NAG Y . -20.68 -32.93 -47.20
C6 NAG Y . -19.39 -32.55 -46.50
C7 NAG Y . -24.56 -31.72 -50.66
C8 NAG Y . -25.90 -32.11 -51.20
N2 NAG Y . -23.97 -32.60 -49.85
O3 NAG Y . -21.64 -34.02 -50.68
O4 NAG Y . -19.73 -34.65 -48.63
O5 NAG Y . -21.50 -31.75 -47.20
O6 NAG Y . -18.82 -31.38 -47.08
O7 NAG Y . -24.04 -30.64 -50.94
C1 NAG Y . -18.59 -34.46 -49.51
C2 NAG Y . -17.44 -35.35 -49.06
C3 NAG Y . -16.24 -35.13 -49.96
C4 NAG Y . -16.62 -35.37 -51.42
C5 NAG Y . -17.83 -34.50 -51.80
C6 NAG Y . -18.34 -34.77 -53.19
C7 NAG Y . -17.55 -35.82 -46.65
C8 NAG Y . -17.08 -35.41 -45.28
N2 NAG Y . -17.10 -35.09 -47.67
O3 NAG Y . -15.19 -36.02 -49.58
O4 NAG Y . -15.52 -35.03 -52.26
O5 NAG Y . -18.91 -34.75 -50.90
O6 NAG Y . -19.28 -35.84 -53.20
O7 NAG Y . -18.31 -36.77 -46.81
C1 BMA Y . -14.92 -36.19 -52.89
C2 BMA Y . -13.41 -35.91 -53.04
C3 BMA Y . -12.74 -37.10 -53.73
C4 BMA Y . -13.03 -38.40 -52.96
C5 BMA Y . -14.57 -38.58 -52.82
C6 BMA Y . -14.89 -39.83 -52.01
O2 BMA Y . -12.80 -35.80 -51.76
O3 BMA Y . -11.34 -36.93 -53.82
O4 BMA Y . -12.48 -39.51 -53.64
O5 BMA Y . -15.14 -37.42 -52.17
O6 BMA Y . -14.27 -39.70 -50.74
C1 NAG Z . -35.70 35.47 -58.80
C2 NAG Z . -34.29 35.63 -58.23
C3 NAG Z . -33.28 35.68 -59.38
C4 NAG Z . -33.41 34.45 -60.27
C5 NAG Z . -34.86 34.34 -60.76
C6 NAG Z . -35.13 33.09 -61.56
C7 NAG Z . -34.20 36.78 -56.07
C8 NAG Z . -34.08 38.11 -55.37
N2 NAG Z . -34.19 36.82 -57.41
O3 NAG Z . -31.96 35.76 -58.84
O4 NAG Z . -32.52 34.56 -61.37
O5 NAG Z . -35.76 34.31 -59.64
O6 NAG Z . -36.16 32.31 -60.95
O7 NAG Z . -34.28 35.72 -55.45
C1 NAG Z . -31.53 33.51 -61.35
C2 NAG Z . -31.04 33.26 -62.77
C3 NAG Z . -30.05 32.11 -62.77
C4 NAG Z . -28.90 32.44 -61.83
C5 NAG Z . -29.45 32.75 -60.43
C6 NAG Z . -28.38 33.16 -59.45
C7 NAG Z . -32.70 33.90 -64.48
C8 NAG Z . -33.83 33.44 -65.34
N2 NAG Z . -32.16 32.98 -63.67
O3 NAG Z . -29.57 31.90 -64.09
O4 NAG Z . -28.02 31.32 -61.75
O5 NAG Z . -30.39 33.83 -60.51
O6 NAG Z . -28.15 34.56 -59.50
O7 NAG Z . -32.27 35.05 -64.52
C1 NAG AA . -44.01 44.27 -19.08
C2 NAG AA . -44.75 45.62 -19.12
C3 NAG AA . -43.85 46.70 -19.72
C4 NAG AA . -42.51 46.76 -19.00
C5 NAG AA . -41.85 45.38 -18.98
C6 NAG AA . -40.59 45.33 -18.14
C7 NAG AA . -47.19 45.47 -19.26
C8 NAG AA . -48.37 45.37 -20.18
N2 NAG AA . -46.00 45.52 -19.86
O3 NAG AA . -44.51 47.96 -19.65
O4 NAG AA . -41.65 47.71 -19.64
O5 NAG AA . -42.75 44.41 -18.42
O6 NAG AA . -40.89 45.17 -16.76
O7 NAG AA . -47.32 45.50 -18.04
C1 NAG AA . -41.48 48.82 -18.74
C2 NAG AA . -40.09 49.46 -18.94
C3 NAG AA . -39.91 50.60 -17.96
C4 NAG AA . -41.04 51.62 -18.12
C5 NAG AA . -42.40 50.92 -17.98
C6 NAG AA . -43.58 51.84 -18.22
C7 NAG AA . -38.42 47.87 -19.79
C8 NAG AA . -37.35 46.89 -19.42
N2 NAG AA . -39.05 48.46 -18.77
O3 NAG AA . -38.65 51.23 -18.22
O4 NAG AA . -40.93 52.60 -17.09
O5 NAG AA . -42.50 49.84 -18.91
O6 NAG AA . -43.83 52.00 -19.61
O7 NAG AA . -38.70 48.12 -20.96
C1 BMA AA . -40.54 53.90 -17.59
C2 BMA AA . -39.79 54.60 -16.44
C3 BMA AA . -39.38 56.00 -16.90
C4 BMA AA . -38.53 55.91 -18.18
C5 BMA AA . -39.34 55.16 -19.27
C6 BMA AA . -38.52 54.99 -20.54
O2 BMA AA . -38.60 53.90 -16.13
O3 BMA AA . -38.62 56.65 -15.89
O4 BMA AA . -38.20 57.21 -18.64
O5 BMA AA . -39.72 53.84 -18.77
O6 BMA AA . -37.33 54.30 -20.22
C1 NAG BA . 29.74 -24.83 -24.43
C2 NAG BA . 30.83 -25.67 -23.75
C3 NAG BA . 30.91 -27.07 -24.38
C4 NAG BA . 29.55 -27.74 -24.39
C5 NAG BA . 28.53 -26.85 -25.10
C6 NAG BA . 27.13 -27.41 -25.07
C7 NAG BA . 32.98 -24.95 -22.81
C8 NAG BA . 34.25 -24.21 -23.06
N2 NAG BA . 32.11 -25.00 -23.83
O3 NAG BA . 31.84 -27.85 -23.64
O4 NAG BA . 29.62 -28.99 -25.07
O5 NAG BA . 28.48 -25.57 -24.44
O6 NAG BA . 26.32 -26.71 -24.12
O7 NAG BA . 32.73 -25.47 -21.72
C1 NAG CA . -6.53 -6.39 -33.40
C2 NAG CA . -7.50 -5.55 -32.59
C3 NAG CA . -8.84 -6.26 -32.52
C4 NAG CA . -9.38 -6.48 -33.94
C5 NAG CA . -8.35 -7.22 -34.80
C6 NAG CA . -8.74 -7.28 -36.26
C7 NAG CA . -6.41 -4.15 -30.90
C8 NAG CA . -5.93 -4.05 -29.48
N2 NAG CA . -6.99 -5.30 -31.25
O3 NAG CA . -9.76 -5.50 -31.76
O4 NAG CA . -10.58 -7.22 -33.89
O5 NAG CA . -7.06 -6.59 -34.74
O6 NAG CA . -7.73 -6.71 -37.09
O7 NAG CA . -6.25 -3.23 -31.69
C1 NAG DA . 5.75 -14.06 -21.76
C2 NAG DA . 4.83 -14.33 -20.56
C3 NAG DA . 5.07 -15.73 -19.99
C4 NAG DA . 4.92 -16.77 -21.09
C5 NAG DA . 5.86 -16.43 -22.24
C6 NAG DA . 5.73 -17.38 -23.42
C7 NAG DA . 4.04 -12.53 -19.07
C8 NAG DA . 4.41 -11.56 -18.00
N2 NAG DA . 5.02 -13.32 -19.52
O3 NAG DA . 4.15 -15.98 -18.94
O4 NAG DA . 5.24 -18.06 -20.59
O5 NAG DA . 5.56 -15.11 -22.74
O6 NAG DA . 4.52 -17.14 -24.14
O7 NAG DA . 2.89 -12.62 -19.49
C1 NAG EA . 41.20 12.19 -22.91
C2 NAG EA . 42.05 11.36 -23.88
C3 NAG EA . 43.36 12.08 -24.22
C4 NAG EA . 43.06 13.50 -24.70
C5 NAG EA . 42.23 14.24 -23.65
C6 NAG EA . 41.85 15.64 -24.08
C7 NAG EA . 42.93 9.61 -22.32
C8 NAG EA . 43.03 8.13 -22.11
N2 NAG EA . 42.29 9.99 -23.43
O3 NAG EA . 44.06 11.37 -25.22
O4 NAG EA . 44.29 14.21 -24.91
O5 NAG EA . 41.00 13.53 -23.42
O6 NAG EA . 41.00 15.62 -25.23
O7 NAG EA . 43.42 10.41 -21.51
C1 NAG FA . 4.38 -46.56 9.14
C2 NAG FA . 4.14 -47.47 10.36
C3 NAG FA . 5.43 -48.20 10.75
C4 NAG FA . 6.01 -48.94 9.55
C5 NAG FA . 6.22 -47.96 8.40
C6 NAG FA . 6.69 -48.64 7.13
C7 NAG FA . 4.07 -45.74 12.18
C8 NAG FA . 3.22 -45.21 13.30
N2 NAG FA . 3.55 -46.76 11.49
O3 NAG FA . 5.14 -49.14 11.79
O4 NAG FA . 7.25 -49.53 9.88
O5 NAG FA . 4.97 -47.33 8.07
O6 NAG FA . 5.61 -49.17 6.39
O7 NAG FA . 5.17 -45.25 11.94
C1 NAG GA . -17.99 -50.72 -5.95
C2 NAG GA . -17.29 -51.75 -5.04
C3 NAG GA . -17.02 -53.05 -5.81
C4 NAG GA . -18.29 -53.58 -6.46
C5 NAG GA . -18.96 -52.50 -7.31
C6 NAG GA . -20.31 -52.93 -7.85
C7 NAG GA . -15.94 -50.74 -3.26
C8 NAG GA . -14.58 -50.24 -2.88
N2 NAG GA . -16.06 -51.21 -4.50
O3 NAG GA . -16.49 -54.01 -4.91
O4 NAG GA . -17.97 -54.70 -7.27
O5 NAG GA . -19.18 -51.31 -6.55
O6 NAG GA . -20.48 -54.33 -7.81
O7 NAG GA . -16.89 -50.71 -2.48
C1 NAG HA . 79.47 -25.51 38.49
C2 NAG HA . 79.02 -26.45 39.63
C3 NAG HA . 79.01 -27.92 39.18
C4 NAG HA . 78.24 -28.10 37.88
C5 NAG HA . 78.75 -27.16 36.80
C6 NAG HA . 77.92 -27.20 35.54
C7 NAG HA . 79.42 -26.43 42.06
C8 NAG HA . 80.44 -26.23 43.13
N2 NAG HA . 79.87 -26.29 40.80
O3 NAG HA . 78.44 -28.73 40.21
O4 NAG HA . 78.37 -29.45 37.44
O5 NAG HA . 78.72 -25.81 37.27
O6 NAG HA . 77.83 -25.92 34.94
O7 NAG HA . 78.25 -26.70 42.31
C1 NAG IA . -6.97 -23.37 51.63
C2 NAG IA . -6.22 -22.68 52.77
C3 NAG IA . -7.10 -22.61 54.03
C4 NAG IA . -8.45 -22.00 53.71
C5 NAG IA . -9.12 -22.75 52.57
C6 NAG IA . -10.42 -22.13 52.12
C7 NAG IA . -3.82 -22.67 53.27
C8 NAG IA . -2.61 -23.52 53.56
N2 NAG IA . -4.96 -23.34 53.07
O3 NAG IA . -6.45 -21.85 55.03
O4 NAG IA . -9.30 -22.05 54.86
O5 NAG IA . -8.25 -22.75 51.42
O6 NAG IA . -10.43 -21.92 50.71
O7 NAG IA . -3.76 -21.45 53.23
C1 NAG JA . -29.13 -30.81 17.20
C2 NAG JA . -29.17 -30.26 15.77
C3 NAG JA . -30.49 -29.56 15.54
C4 NAG JA . -31.64 -30.54 15.78
C5 NAG JA . -31.54 -31.17 17.17
C6 NAG JA . -32.52 -32.30 17.38
C7 NAG JA . -26.93 -29.73 14.90
C8 NAG JA . -25.89 -28.67 14.72
N2 NAG JA . -28.05 -29.36 15.53
O3 NAG JA . -30.54 -29.06 14.20
O4 NAG JA . -32.88 -29.86 15.67
O5 NAG JA . -30.22 -31.73 17.39
O6 NAG JA . -31.92 -33.56 17.17
O7 NAG JA . -26.76 -30.88 14.49
C1 NAG KA . -17.80 -20.12 27.60
C2 NAG KA . -18.15 -18.80 26.89
C3 NAG KA . -18.46 -17.72 27.91
C4 NAG KA . -19.56 -18.19 28.86
C5 NAG KA . -19.14 -19.50 29.52
C6 NAG KA . -20.21 -20.08 30.41
C7 NAG KA . -17.25 -18.19 24.69
C8 NAG KA . -16.04 -17.75 23.93
N2 NAG KA . -17.08 -18.38 26.01
O3 NAG KA . -18.88 -16.53 27.24
O4 NAG KA . -19.80 -17.21 29.86
O5 NAG KA . -18.88 -20.48 28.50
O6 NAG KA . -21.45 -20.20 29.73
O7 NAG KA . -18.33 -18.37 24.15
C1 NAG LA . 20.11 -42.35 30.97
C2 NAG LA . 20.02 -43.02 32.35
C3 NAG LA . 21.26 -43.87 32.63
C4 NAG LA . 21.49 -44.85 31.47
C5 NAG LA . 21.59 -44.08 30.16
C6 NAG LA . 21.77 -44.99 28.96
C7 NAG LA . 20.54 -41.05 33.82
C8 NAG LA . 20.02 -40.24 34.97
N2 NAG LA . 19.76 -42.07 33.44
O3 NAG LA . 21.08 -44.60 33.84
O4 NAG LA . 22.71 -45.57 31.69
O5 NAG LA . 20.37 -43.35 29.95
O6 NAG LA . 20.74 -45.95 28.88
O7 NAG LA . 21.62 -40.78 33.28
C1 NAG MA . -20.81 20.27 38.30
C2 NAG MA . -20.79 20.85 39.71
C3 NAG MA . -20.68 22.37 39.67
C4 NAG MA . -19.51 22.82 38.81
C5 NAG MA . -19.59 22.17 37.42
C6 NAG MA . -18.39 22.47 36.56
C7 NAG MA . -21.91 19.77 41.60
C8 NAG MA . -23.23 19.43 42.25
N2 NAG MA . -21.97 20.45 40.45
O3 NAG MA . -20.53 22.88 40.99
O4 NAG MA . -19.51 24.23 38.66
O5 NAG MA . -19.66 20.74 37.56
O6 NAG MA . -18.25 21.52 35.51
O7 NAG MA . -20.85 19.44 42.11
C1 NAG NA . -36.26 10.55 12.42
C2 NAG NA . -37.05 10.34 13.71
C3 NAG NA . -38.34 9.58 13.41
C4 NAG NA . -39.12 10.27 12.28
C5 NAG NA . -38.21 10.50 11.07
C6 NAG NA . -38.90 11.29 9.98
C7 NAG NA . -35.62 10.26 15.71
C8 NAG NA . -34.86 9.37 16.64
N2 NAG NA . -36.26 9.64 14.70
O3 NAG NA . -39.14 9.53 14.59
O4 NAG NA . -40.23 9.46 11.90
O5 NAG NA . -37.07 11.25 11.48
O6 NAG NA . -37.95 11.80 9.05
O7 NAG NA . -35.65 11.48 15.84
C1 NAG OA . 59.79 15.88 69.75
C2 NAG OA . 59.06 15.21 70.93
C3 NAG OA . 57.94 16.12 71.43
C4 NAG OA . 58.46 17.52 71.77
C5 NAG OA . 59.25 18.11 70.61
C6 NAG OA . 59.97 19.39 70.99
C7 NAG OA . 58.49 12.87 71.41
C8 NAG OA . 57.91 11.60 70.87
N2 NAG OA . 58.54 13.91 70.57
O3 NAG OA . 57.31 15.56 72.57
O4 NAG OA . 57.38 18.38 72.07
O5 NAG OA . 60.26 17.19 70.15
O6 NAG OA . 60.78 19.87 69.92
O7 NAG OA . 58.90 12.97 72.57
C1 NAG PA . 8.80 51.54 12.16
C2 NAG PA . 10.29 51.91 12.07
C3 NAG PA . 10.48 53.23 11.33
C4 NAG PA . 9.78 53.19 9.97
C5 NAG PA . 8.32 52.83 10.16
C6 NAG PA . 7.57 52.67 8.86
C7 NAG PA . 12.05 51.38 13.71
C8 NAG PA . 12.51 51.56 15.12
N2 NAG PA . 10.88 51.97 13.40
O3 NAG PA . 11.87 53.47 11.15
O4 NAG PA . 9.87 54.45 9.34
O5 NAG PA . 8.22 51.57 10.84
O6 NAG PA . 6.75 51.51 8.87
O7 NAG PA . 12.67 50.72 12.90
C1 NAG QA . -28.99 35.74 5.61
C2 NAG QA . -29.53 34.37 5.21
C3 NAG QA . -30.20 34.47 3.86
C4 NAG QA . -31.31 35.51 3.91
C5 NAG QA . -30.79 36.86 4.43
C6 NAG QA . -31.90 37.85 4.71
C7 NAG QA . -28.31 32.48 6.19
C8 NAG QA . -27.17 31.51 6.02
N2 NAG QA . -28.49 33.37 5.20
O3 NAG QA . -30.73 33.21 3.49
O4 NAG QA . -31.85 35.71 2.60
O5 NAG QA . -30.08 36.69 5.67
O6 NAG QA . -31.89 38.26 6.07
O7 NAG QA . -29.02 32.47 7.19
C1 NAG RA . -10.19 34.84 4.47
C2 NAG RA . -9.75 33.71 3.52
C3 NAG RA . -8.79 34.22 2.43
C4 NAG RA . -9.36 35.45 1.73
C5 NAG RA . -9.74 36.55 2.71
C6 NAG RA . -10.43 37.71 2.05
C7 NAG RA . -9.29 31.34 3.91
C8 NAG RA . -8.59 30.34 4.79
N2 NAG RA . -9.15 32.61 4.25
O3 NAG RA . -8.57 33.19 1.48
O4 NAG RA . -8.41 35.97 0.80
O5 NAG RA . -10.64 36.02 3.70
O6 NAG RA . -11.74 37.36 1.64
O7 NAG RA . -9.94 30.99 2.93
C1 NAG SA . 5.25 33.33 45.75
C2 NAG SA . 5.77 34.78 45.90
C3 NAG SA . 6.27 35.03 47.33
C4 NAG SA . 5.20 34.65 48.35
C5 NAG SA . 4.75 33.21 48.11
C6 NAG SA . 3.62 32.79 49.02
C7 NAG SA . 7.98 34.57 44.72
C8 NAG SA . 8.80 35.16 43.61
N2 NAG SA . 6.77 35.14 44.90
O3 NAG SA . 6.61 36.41 47.48
O4 NAG SA . 5.72 34.76 49.67
O5 NAG SA . 4.26 33.07 46.77
O6 NAG SA . 2.53 33.71 48.96
O7 NAG SA . 8.40 33.64 45.40
C1 NAG TA . 16.59 22.99 -28.93
C2 NAG TA . 17.47 22.48 -30.09
C3 NAG TA . 18.84 23.20 -30.09
C4 NAG TA . 18.63 24.71 -30.08
C5 NAG TA . 17.75 25.12 -28.91
C6 NAG TA . 17.43 26.60 -28.90
C7 NAG TA . 18.17 20.25 -29.16
C8 NAG TA . 18.19 18.78 -29.45
N2 NAG TA . 17.63 21.03 -30.11
O3 NAG TA . 19.58 22.82 -31.24
O4 NAG TA . 19.90 25.36 -29.96
O5 NAG TA . 16.49 24.43 -28.99
O6 NAG TA . 16.65 26.97 -30.02
O7 NAG TA . 18.64 20.70 -28.11
C1 NAG UA . -8.02 25.38 -41.00
C2 NAG UA . -6.68 25.62 -41.71
C3 NAG UA . -6.69 26.97 -42.43
C4 NAG UA . -7.89 27.11 -43.35
C5 NAG UA . -9.18 26.82 -42.60
C6 NAG UA . -10.40 26.80 -43.50
C7 NAG UA . -4.75 24.49 -40.70
C8 NAG UA . -3.65 24.60 -39.68
N2 NAG UA . -5.57 25.54 -40.78
O3 NAG UA . -5.48 27.11 -43.17
O4 NAG UA . -7.93 28.43 -43.88
O5 NAG UA . -9.12 25.56 -41.94
O6 NAG UA . -10.22 27.60 -44.66
O7 NAG UA . -4.88 23.51 -41.41
C1 NAG VA . 83.20 27.51 21.17
C2 NAG VA . 83.75 26.97 19.84
C3 NAG VA . 83.80 28.07 18.76
C4 NAG VA . 82.46 28.77 18.63
C5 NAG VA . 81.95 29.27 19.97
C6 NAG VA . 80.54 29.80 19.91
C7 NAG VA . 85.45 25.26 19.37
C8 NAG VA . 86.83 24.78 19.69
N2 NAG VA . 85.06 26.37 20.01
O3 NAG VA . 84.21 27.51 17.52
O4 NAG VA . 82.57 29.88 17.74
O5 NAG VA . 81.94 28.20 20.94
O6 NAG VA . 79.68 29.13 20.82
O7 NAG VA . 84.73 24.67 18.58
#